data_8YHQ
#
_entry.id   8YHQ
#
_cell.length_a   1.00
_cell.length_b   1.00
_cell.length_c   1.00
_cell.angle_alpha   90.00
_cell.angle_beta   90.00
_cell.angle_gamma   90.00
#
_symmetry.space_group_name_H-M   'P 1'
#
loop_
_entity.id
_entity.type
_entity.pdbx_description
1 polymer 'COR1 isoform 1'
2 polymer 'Cytochrome b'
3 polymer 'Cytochrome b-c1 complex subunit 2, mitochondrial'
4 polymer 'quinol--cytochrome-c reductase'
5 polymer 'Cytochrome b-c1 complex subunit Rieske, mitochondrial'
6 polymer 'QCR6 isoform 1'
7 polymer 'Cytochrome b-c1 complex subunit 7'
8 polymer 'Cytochrome b-c1 complex subunit 8'
9 polymer 'Cytochrome b-c1 complex subunit 9, mitochondrial'
10 polymer 'Cytochrome b-c1 complex subunit 10, mitochondrial'
11 non-polymer '(1R)-2-(phosphonooxy)-1-[(tridecanoyloxy)methyl]ethyl pentadecanoate'
12 non-polymer '(1R)-2-{[(S)-(2-aminoethoxy)(hydroxy)phosphoryl]oxy}-1-[(heptanoyloxy)methyl]ethyl octadecanoate'
13 non-polymer 'PROTOPORPHYRIN IX CONTAINING FE'
14 non-polymer '(2R)-3-{[(S)-(2-aminoethoxy)(hydroxy)phosphoryl]oxy}-2-(tetradecanoyloxy)propyl octadecanoate'
15 non-polymer '(5S,11R)-5,8,11-trihydroxy-5,11-dioxido-17-oxo-4,6,10,12,16-pentaoxa-5,11-diphosphaoctadec-1-yl pentadecanoate'
16 non-polymer 5-(3,7,11,15,19,23-HEXAMETHYL-TETRACOSA-2,6,10,14,18,22-HEXAENYL)-2,3-DIMETHOXY-6-METHYL-BENZENE-1,4-DIOL
17 non-polymer 'methyl ~{N}-[2-[[1-(4-chlorophenyl)pyrazol-3-yl]oxymethyl]phenyl]-~{N}-methoxy-carbamate'
18 non-polymer '(1R)-2-(dodecanoyloxy)-1-[(phosphonooxy)methyl]ethyl tetradecanoate'
19 non-polymer '(2R,5S,11R,14R)-5,8,11-trihydroxy-2-(nonanoyloxy)-5,11-dioxido-16-oxo-14-[(propanoyloxy)methyl]-4,6,10,12,15-pentaoxa-5,11-diphosphanonadec-1-yl undecanoate'
#
loop_
_entity_poly.entity_id
_entity_poly.type
_entity_poly.pdbx_seq_one_letter_code
_entity_poly.pdbx_strand_id
1 'polypeptide(L)'
;AEVTQLSNGIVVATEHNPSAHTASVGVVFGSGAANENPYNNGVSNLWKNIFLSKENSAVAAKEGLALSSNISRDFQSYIV
SSLPGSTDKSLDFLNQSFIQQKANLLSSSNFEATKKSVLKQVQDFEENDHPNRVLEHLHSTAFQNTPLSLPTRGTLESLE
NLVVADLESFANNHFLNSNAVVVGTGNIKHEDLVNSIESKNLSLQTGTKPVLKKKAAFLGSEVRLRDDTLPKAWISLAVE
GEPVNSPNYFVAKLAAQIFGSYNAFEPASRLQGIKLLDNIQEYQLCDNFNHFSLSYKDSGLWGFSTATRNVTMIDDLIHF
TLKQWNRLTISVTDTEVERAKSLLKLQLGQLYESGNPVNDANLLGAEVLIKGSKLSLGEAFKKIDAITVKDVKAWAGKRL
WDQDIAIAGTGQIEGLLDYMRIRSDMSMMRW
;
A,J
2 'polypeptide(L)'
;MAFRKSNVYLSLVNSYIIDSPQPSSINYWWNMGSLLGLCLVIQIVTGIFMAMHYSSNIELAFSSVEHIMRDVHNGYILRY
LHANGASFFFMVMFMHMAKGLYYGSYRSPRVTLWNVGVIIFILTIATAFLGYCCVYGQMSHWGATVITNLFSAIPFVGND
IVSWLWGGFSVSNPTIQRFFALHYLVPFIIAAMVIMHLMALHIHGSSNPLGITGNLDRIPMHSYFIFKDLVTVFLFMLIL
ALFVFYSPNTLGHPDNYIPGNPLVTPASIVPEWYLLPFYAILRSIPDKLLGVITMFAAILVLLVLPFTDRSVVRGNTFKV
LSKFFFFIFVFNFVLLGQIGACHVEVPYVLMGQIATFIYFAYFLIIVPVISTIENVLFYIGRVNK
;
C,L
3 'polypeptide(L)'
;LTVSARDAPTKISTLAVKVHGGSRYATKDGVAHLLNRFNFQNTNTRSALKLVRESELLGGTFKSTLDREYITLKATFLKD
DLPYYVNALADVLYKTAFKPHELTESVLPAARYDYAVAEQCPVKSAEDQLYAITFRKGLGNPLLYDGVERVSLQDIKDFA
DKVYTKENLEVSGENVVEADLKRFVDESLLSTLPAGKSLVSKSEPKFFLGEENRVRFIGDSVAAIGIPVNKASLAQYEVL
ANYLTSALSELSGLISSAKLDKFTDGGLFTLFVRDQDSAVVSSNIKKIVADLKKGKDLSPAINYTKLKNAVQNESVSSPI
ELNFDAVKDFKLGKFNYVAVGDVSNLPYLDEL
;
B,K
4 'polypeptide(L)'
;MTAAEHGLHAPAYAWSHNGPFETFDHASIRRGYQVYREVCAACHSLDRVAWRTLVGVSHTNEEVRNMAEEFEYDDEPDEQ
GNPKKRPGKLSDYIPGPYPNEQAARAANQGALPPDLSLIVKARHGGCDYIFSLLTGYPDEPPAGVALPPGSNYNPYFPGG
SIAMARVLFDDMVEYEDGTPATTSQMAKDVTTFLNWCAEPEHDERKRLGLKTVIILSSLYLLSIWVKKFKWAGIKTRKFV
FNPPKPRK
;
D,M
5 'polypeptide(L)'
;KSTYRTPNFDDVLKENNDADKGRSYAYFMVGAMGLLSSAGAKSTVETFISSMTATADVLAMAKVEVNLAAIPLGKNVVVK
WQGKPVFIRHRTPHEIQEANSVDMSALKDPQTDADRVKDPQWLIMLGICTHLGCVPIGEAGDFGGWFCPCHGSHYDISGR
IRKGPAPLNLEIPAYEFDGDKVIVG
;
E,N
6 'polypeptide(L)' EVTDQLEDLREHFKNTEEGKALVHHYEECAERVKIQQQQPGYADLEHKEDCVEEFFHLQHYLDTATAPRLFDKLK F,O
7 'polypeptide(L)'
;PQSFTSIARIGDYILKSPVLSKLCVPVANQFINLAGYKKLGLKFDDLIAEENPIMQTALRRLPEDESYARAYRIIRAHQT
ELTHHLLPRNEWIKAQEDVPYLLPYILEAEAAAKEKDELDNIEVSK
;
G,P
8 'polypeptide(L)'
;GPPSGKTYMGWWGHMGGPKQKGITSYAVSPYAQKPLQGIFHNAVFNSFRRFKSQFLYVLIPAGIYWYWWKNGNEYNEFLY
SKAGREELERVNV
;
H,Q
9 'polypeptide(L)' SSLYKTFFKRNAVFVGTIFAGAFVFQTVFDTAITSWYENHNKGKLWKDVKARIAA I,R
10 'polypeptide(L)' KTGLHFGRLSLRSLTAYAPNLMLWGGASMLGLFVFTEGWPKFQDTLYKKIPL S,T
#
# COMPACT_ATOMS: atom_id res chain seq x y z
N ALA A 1 58.57 -21.32 -33.49
CA ALA A 1 57.12 -21.26 -33.30
C ALA A 1 56.42 -21.13 -34.65
N GLU A 2 56.47 -22.19 -35.44
CA GLU A 2 55.87 -22.19 -36.77
C GLU A 2 55.53 -23.62 -37.14
N VAL A 3 54.39 -23.79 -37.81
CA VAL A 3 53.91 -25.10 -38.20
C VAL A 3 54.23 -25.35 -39.67
N THR A 4 54.41 -26.63 -40.02
CA THR A 4 54.85 -27.06 -41.33
C THR A 4 53.91 -28.16 -41.82
N GLN A 5 53.28 -27.95 -42.97
CA GLN A 5 52.37 -28.90 -43.58
C GLN A 5 52.94 -29.43 -44.90
N LEU A 6 52.84 -30.74 -45.09
CA LEU A 6 53.11 -31.39 -46.35
C LEU A 6 51.94 -32.29 -46.73
N SER A 7 51.91 -32.70 -47.99
CA SER A 7 50.88 -33.58 -48.51
C SER A 7 51.50 -34.67 -49.37
N ASN A 8 51.01 -35.89 -49.18
CA ASN A 8 51.39 -37.06 -49.98
C ASN A 8 50.15 -37.83 -50.43
N GLY A 9 49.00 -37.17 -50.45
CA GLY A 9 47.74 -37.84 -50.23
C GLY A 9 47.35 -37.93 -48.77
N ILE A 10 48.31 -37.75 -47.86
CA ILE A 10 48.10 -37.72 -46.42
C ILE A 10 48.66 -36.41 -45.92
N VAL A 11 47.83 -35.62 -45.26
CA VAL A 11 48.27 -34.35 -44.71
C VAL A 11 48.98 -34.59 -43.38
N VAL A 12 50.10 -33.89 -43.20
CA VAL A 12 50.96 -34.07 -42.03
C VAL A 12 51.36 -32.70 -41.52
N ALA A 13 50.84 -32.34 -40.35
CA ALA A 13 51.12 -31.06 -39.69
C ALA A 13 51.93 -31.29 -38.43
N THR A 14 52.69 -30.27 -38.02
CA THR A 14 53.65 -30.43 -36.94
C THR A 14 54.03 -29.08 -36.36
N GLU A 15 54.01 -29.00 -35.02
CA GLU A 15 54.51 -27.85 -34.27
C GLU A 15 55.62 -28.36 -33.36
N HIS A 16 56.86 -28.29 -33.84
CA HIS A 16 58.00 -28.78 -33.07
C HIS A 16 58.37 -27.80 -31.96
N ASN A 17 58.63 -28.34 -30.78
CA ASN A 17 59.05 -27.58 -29.61
C ASN A 17 60.25 -28.29 -28.99
N PRO A 18 61.48 -27.79 -29.15
CA PRO A 18 62.64 -28.58 -28.70
C PRO A 18 62.80 -28.65 -27.19
N SER A 19 62.15 -27.76 -26.44
CA SER A 19 62.35 -27.65 -25.00
C SER A 19 61.31 -28.40 -24.18
N ALA A 20 60.56 -29.30 -24.80
CA ALA A 20 59.56 -30.10 -24.10
C ALA A 20 60.14 -31.48 -23.78
N HIS A 21 59.42 -32.21 -22.93
CA HIS A 21 59.85 -33.51 -22.43
C HIS A 21 58.97 -34.65 -22.87
N THR A 22 57.99 -34.40 -23.74
CA THR A 22 57.09 -35.44 -24.23
C THR A 22 56.78 -35.17 -25.70
N ALA A 23 56.06 -36.10 -26.31
CA ALA A 23 55.65 -35.99 -27.71
C ALA A 23 54.31 -36.66 -27.89
N SER A 24 53.43 -36.01 -28.66
CA SER A 24 52.10 -36.51 -28.94
C SER A 24 51.93 -36.69 -30.44
N VAL A 25 51.32 -37.81 -30.83
CA VAL A 25 51.09 -38.16 -32.22
C VAL A 25 49.68 -38.74 -32.34
N GLY A 26 48.95 -38.31 -33.35
CA GLY A 26 47.59 -38.77 -33.52
C GLY A 26 47.02 -38.47 -34.88
N VAL A 27 45.73 -38.79 -35.03
CA VAL A 27 44.97 -38.55 -36.24
C VAL A 27 43.67 -37.84 -35.87
N VAL A 28 43.34 -36.81 -36.62
CA VAL A 28 42.12 -36.02 -36.42
C VAL A 28 41.25 -36.15 -37.66
N PHE A 29 39.98 -36.44 -37.47
CA PHE A 29 39.00 -36.53 -38.54
C PHE A 29 38.08 -35.32 -38.53
N GLY A 30 37.54 -35.01 -39.71
CA GLY A 30 36.71 -33.83 -39.90
C GLY A 30 35.22 -34.12 -39.86
N SER A 31 34.82 -35.08 -39.04
CA SER A 31 33.42 -35.42 -38.81
C SER A 31 33.17 -35.48 -37.31
N GLY A 32 32.10 -34.83 -36.87
CA GLY A 32 31.72 -34.84 -35.47
C GLY A 32 30.29 -35.23 -35.22
N ALA A 33 29.70 -34.70 -34.15
CA ALA A 33 28.30 -34.94 -33.84
C ALA A 33 27.36 -34.27 -34.82
N ALA A 34 27.83 -33.24 -35.52
CA ALA A 34 27.10 -32.63 -36.63
C ALA A 34 27.32 -33.33 -37.97
N ASN A 35 27.67 -34.62 -37.95
CA ASN A 35 27.76 -35.45 -39.14
C ASN A 35 27.04 -36.78 -38.95
N GLU A 36 26.07 -36.82 -38.03
CA GLU A 36 25.25 -38.00 -37.79
C GLU A 36 23.80 -37.58 -37.69
N ASN A 37 22.91 -38.56 -37.56
CA ASN A 37 21.48 -38.39 -37.60
C ASN A 37 20.84 -38.78 -36.27
N PRO A 38 19.56 -38.46 -36.06
CA PRO A 38 18.93 -38.75 -34.77
C PRO A 38 18.84 -40.22 -34.42
N TYR A 39 19.03 -41.14 -35.37
CA TYR A 39 18.96 -42.56 -35.06
C TYR A 39 20.26 -43.11 -34.50
N ASN A 40 21.41 -42.70 -35.04
CA ASN A 40 22.71 -43.19 -34.63
C ASN A 40 23.48 -42.18 -33.79
N ASN A 41 22.77 -41.29 -33.09
CA ASN A 41 23.43 -40.26 -32.31
C ASN A 41 24.14 -40.88 -31.11
N GLY A 42 25.42 -40.55 -30.95
CA GLY A 42 26.28 -41.12 -29.94
C GLY A 42 27.22 -42.19 -30.43
N VAL A 43 27.18 -42.53 -31.72
CA VAL A 43 28.08 -43.55 -32.25
C VAL A 43 29.53 -43.10 -32.15
N SER A 44 29.79 -41.79 -32.18
CA SER A 44 31.16 -41.30 -32.04
C SER A 44 31.62 -41.37 -30.59
N ASN A 45 30.74 -41.08 -29.65
CA ASN A 45 31.08 -41.20 -28.24
C ASN A 45 31.41 -42.64 -27.87
N LEU A 46 30.76 -43.60 -28.52
CA LEU A 46 31.05 -45.01 -28.33
C LEU A 46 32.32 -45.45 -29.06
N TRP A 47 32.72 -44.75 -30.13
CA TRP A 47 34.01 -45.04 -30.76
C TRP A 47 35.17 -44.59 -29.89
N LYS A 48 35.03 -43.44 -29.22
CA LYS A 48 36.06 -42.95 -28.32
C LYS A 48 36.34 -43.94 -27.21
N ASN A 49 35.29 -44.53 -26.63
CA ASN A 49 35.44 -45.38 -25.46
C ASN A 49 35.94 -46.77 -25.80
N ILE A 50 35.70 -47.23 -27.03
CA ILE A 50 36.32 -48.46 -27.51
C ILE A 50 37.82 -48.28 -27.65
N PHE A 51 38.26 -47.09 -28.04
CA PHE A 51 39.68 -46.79 -28.13
C PHE A 51 40.34 -46.79 -26.77
N LEU A 52 39.64 -46.32 -25.73
CA LEU A 52 40.20 -46.15 -24.39
C LEU A 52 39.85 -47.31 -23.46
N SER A 53 39.38 -48.43 -23.99
CA SER A 53 39.04 -49.55 -23.14
C SER A 53 40.30 -50.22 -22.61
N LYS A 54 40.12 -51.27 -21.82
CA LYS A 54 41.21 -51.83 -21.02
C LYS A 54 42.26 -52.53 -21.86
N GLU A 55 41.86 -53.51 -22.66
CA GLU A 55 42.85 -54.37 -23.32
C GLU A 55 43.64 -53.62 -24.38
N ASN A 56 43.16 -52.46 -24.82
CA ASN A 56 43.93 -51.60 -25.70
C ASN A 56 44.82 -50.64 -24.92
N SER A 57 44.38 -50.20 -23.75
CA SER A 57 45.22 -49.37 -22.89
C SER A 57 46.26 -50.19 -22.15
N ALA A 58 45.97 -51.46 -21.87
CA ALA A 58 46.97 -52.36 -21.30
C ALA A 58 48.12 -52.59 -22.27
N VAL A 59 47.78 -52.86 -23.54
CA VAL A 59 48.80 -53.12 -24.55
C VAL A 59 49.68 -51.89 -24.77
N ALA A 60 49.12 -50.69 -24.60
CA ALA A 60 49.90 -49.47 -24.71
C ALA A 60 50.73 -49.21 -23.46
N ALA A 61 50.21 -49.56 -22.29
CA ALA A 61 50.92 -49.31 -21.04
C ALA A 61 52.17 -50.18 -20.91
N LYS A 62 52.13 -51.41 -21.42
CA LYS A 62 53.30 -52.26 -21.41
C LYS A 62 54.44 -51.69 -22.23
N GLU A 63 54.13 -50.85 -23.24
CA GLU A 63 55.14 -50.19 -24.05
C GLU A 63 55.47 -48.77 -23.59
N GLY A 64 54.73 -48.22 -22.64
CA GLY A 64 54.98 -46.87 -22.16
C GLY A 64 54.25 -45.80 -22.93
N LEU A 65 52.98 -46.06 -23.25
CA LEU A 65 52.17 -45.20 -24.12
C LEU A 65 50.86 -44.86 -23.43
N ALA A 66 50.50 -43.58 -23.45
CA ALA A 66 49.23 -43.09 -22.92
C ALA A 66 48.32 -42.69 -24.08
N LEU A 67 47.01 -42.78 -23.82
CA LEU A 67 45.98 -42.60 -24.83
C LEU A 67 45.03 -41.48 -24.45
N SER A 68 44.42 -40.86 -25.47
CA SER A 68 43.44 -39.79 -25.27
C SER A 68 42.54 -39.71 -26.49
N SER A 69 41.38 -39.08 -26.30
CA SER A 69 40.41 -38.91 -27.37
C SER A 69 39.43 -37.81 -26.98
N ASN A 70 38.78 -37.25 -27.99
CA ASN A 70 37.83 -36.15 -27.80
C ASN A 70 36.81 -36.12 -28.93
N ILE A 71 35.54 -35.90 -28.57
CA ILE A 71 34.45 -35.73 -29.52
C ILE A 71 33.98 -34.30 -29.45
N SER A 72 33.83 -33.67 -30.61
CA SER A 72 33.20 -32.35 -30.72
C SER A 72 32.14 -32.39 -31.83
N ARG A 73 31.63 -31.22 -32.21
CA ARG A 73 30.59 -31.15 -33.23
C ARG A 73 31.16 -31.21 -34.64
N ASP A 74 32.39 -30.72 -34.85
CA ASP A 74 33.02 -30.71 -36.16
C ASP A 74 34.18 -31.69 -36.34
N PHE A 75 34.66 -32.33 -35.27
CA PHE A 75 35.85 -33.15 -35.40
C PHE A 75 35.98 -34.14 -34.26
N GLN A 76 36.81 -35.15 -34.49
CA GLN A 76 37.16 -36.19 -33.51
C GLN A 76 38.67 -36.40 -33.53
N SER A 77 39.18 -36.96 -32.43
CA SER A 77 40.61 -37.12 -32.22
C SER A 77 40.91 -38.47 -31.58
N TYR A 78 42.07 -39.02 -31.93
CA TYR A 78 42.57 -40.27 -31.35
C TYR A 78 44.09 -40.15 -31.24
N ILE A 79 44.58 -39.89 -30.02
CA ILE A 79 45.94 -39.43 -29.79
C ILE A 79 46.72 -40.43 -28.94
N VAL A 80 48.02 -40.49 -29.19
CA VAL A 80 48.97 -41.33 -28.46
C VAL A 80 50.13 -40.46 -27.99
N SER A 81 50.56 -40.66 -26.74
CA SER A 81 51.63 -39.88 -26.14
C SER A 81 52.74 -40.82 -25.66
N SER A 82 53.95 -40.28 -25.61
CA SER A 82 55.15 -41.07 -25.32
C SER A 82 56.29 -40.14 -24.93
N LEU A 83 57.40 -40.72 -24.55
CA LEU A 83 58.64 -39.99 -24.38
C LEU A 83 59.25 -39.68 -25.74
N PRO A 84 60.10 -38.63 -25.84
CA PRO A 84 60.51 -38.15 -27.17
C PRO A 84 61.24 -39.17 -28.03
N GLY A 85 62.02 -40.07 -27.46
CA GLY A 85 62.70 -41.10 -28.23
C GLY A 85 61.91 -42.38 -28.37
N SER A 86 60.58 -42.28 -28.44
CA SER A 86 59.72 -43.45 -28.54
C SER A 86 58.55 -43.21 -29.52
N THR A 87 58.75 -42.35 -30.51
CA THR A 87 57.64 -41.92 -31.36
C THR A 87 57.33 -42.90 -32.48
N ASP A 88 58.30 -43.72 -32.88
CA ASP A 88 58.03 -44.70 -33.91
C ASP A 88 57.17 -45.84 -33.38
N LYS A 89 57.32 -46.17 -32.10
CA LYS A 89 56.42 -47.12 -31.46
C LYS A 89 55.01 -46.57 -31.33
N SER A 90 54.87 -45.26 -31.14
CA SER A 90 53.54 -44.64 -31.10
C SER A 90 52.83 -44.80 -32.43
N LEU A 91 53.53 -44.60 -33.54
CA LEU A 91 52.91 -44.70 -34.85
C LEU A 91 52.49 -46.14 -35.16
N ASP A 92 53.30 -47.11 -34.74
CA ASP A 92 52.97 -48.50 -35.01
C ASP A 92 51.69 -48.91 -34.29
N PHE A 93 51.57 -48.56 -33.00
CA PHE A 93 50.35 -48.85 -32.26
C PHE A 93 49.14 -48.20 -32.93
N LEU A 94 49.29 -46.94 -33.36
CA LEU A 94 48.20 -46.27 -34.05
C LEU A 94 47.86 -46.95 -35.37
N ASN A 95 48.87 -47.54 -36.02
CA ASN A 95 48.62 -48.28 -37.25
C ASN A 95 47.90 -49.59 -36.97
N GLN A 96 48.51 -50.44 -36.15
CA GLN A 96 47.96 -51.77 -35.95
C GLN A 96 46.56 -51.69 -35.35
N SER A 97 46.44 -51.20 -34.12
CA SER A 97 45.22 -51.40 -33.37
C SER A 97 44.03 -50.59 -33.88
N PHE A 98 44.25 -49.52 -34.65
CA PHE A 98 43.17 -48.60 -35.00
C PHE A 98 42.82 -48.62 -36.49
N ILE A 99 43.78 -48.34 -37.38
CA ILE A 99 43.39 -48.12 -38.77
C ILE A 99 43.23 -49.44 -39.51
N GLN A 100 44.08 -50.43 -39.23
CA GLN A 100 44.05 -51.71 -39.95
C GLN A 100 43.20 -52.78 -39.27
N GLN A 101 43.58 -53.22 -38.07
CA GLN A 101 42.79 -54.22 -37.34
C GLN A 101 41.92 -53.50 -36.32
N LYS A 102 40.65 -53.85 -36.28
CA LYS A 102 39.78 -53.46 -35.17
C LYS A 102 38.79 -54.56 -34.79
N ALA A 103 38.87 -55.74 -35.39
CA ALA A 103 38.01 -56.85 -35.00
C ALA A 103 38.28 -57.26 -33.55
N ASN A 104 39.52 -57.10 -33.13
CA ASN A 104 39.86 -57.28 -31.71
C ASN A 104 39.00 -56.35 -30.84
N LEU A 105 38.87 -55.04 -31.15
CA LEU A 105 38.17 -54.02 -30.35
C LEU A 105 36.65 -54.15 -30.41
N LEU A 106 36.04 -54.58 -31.52
CA LEU A 106 34.59 -54.64 -31.68
C LEU A 106 34.03 -56.01 -31.32
N SER A 107 34.70 -56.75 -30.43
CA SER A 107 34.23 -58.06 -30.01
C SER A 107 32.90 -57.93 -29.27
N SER A 108 32.29 -59.08 -28.98
CA SER A 108 30.97 -59.09 -28.37
C SER A 108 31.00 -58.77 -26.89
N SER A 109 32.12 -59.09 -26.22
CA SER A 109 32.26 -58.83 -24.80
C SER A 109 32.71 -57.40 -24.52
N ASN A 110 33.63 -56.88 -25.33
CA ASN A 110 34.13 -55.53 -25.12
C ASN A 110 33.07 -54.50 -25.49
N PHE A 111 32.20 -54.83 -26.43
CA PHE A 111 31.17 -53.89 -26.88
C PHE A 111 30.10 -53.70 -25.81
N GLU A 112 29.66 -54.79 -25.19
CA GLU A 112 28.63 -54.69 -24.15
C GLU A 112 29.17 -53.96 -22.91
N ALA A 113 30.40 -54.29 -22.51
CA ALA A 113 30.98 -53.64 -21.34
C ALA A 113 31.16 -52.15 -21.56
N THR A 114 31.49 -51.76 -22.80
CA THR A 114 31.67 -50.35 -23.12
C THR A 114 30.34 -49.62 -23.15
N LYS A 115 29.30 -50.26 -23.70
CA LYS A 115 27.99 -49.65 -23.76
C LYS A 115 27.41 -49.43 -22.37
N LYS A 116 27.65 -50.36 -21.45
CA LYS A 116 27.15 -50.23 -20.09
C LYS A 116 27.75 -49.02 -19.39
N SER A 117 29.05 -48.80 -19.57
CA SER A 117 29.71 -47.67 -18.91
C SER A 117 29.28 -46.35 -19.53
N VAL A 118 29.08 -46.32 -20.83
CA VAL A 118 28.74 -45.07 -21.49
C VAL A 118 27.31 -44.65 -21.13
N LEU A 119 26.41 -45.62 -20.99
CA LEU A 119 25.04 -45.30 -20.59
C LEU A 119 25.01 -44.73 -19.19
N LYS A 120 25.88 -45.22 -18.31
CA LYS A 120 25.95 -44.72 -16.95
C LYS A 120 26.56 -43.32 -16.90
N GLN A 121 27.52 -43.05 -17.80
CA GLN A 121 28.09 -41.71 -17.92
C GLN A 121 27.01 -40.69 -18.29
N VAL A 122 26.18 -41.03 -19.27
CA VAL A 122 25.22 -40.08 -19.82
C VAL A 122 24.06 -39.87 -18.85
N GLN A 123 23.61 -40.94 -18.19
CA GLN A 123 22.57 -40.82 -17.19
C GLN A 123 23.01 -39.97 -16.01
N ASP A 124 24.27 -40.08 -15.61
CA ASP A 124 24.80 -39.26 -14.53
C ASP A 124 24.88 -37.80 -14.93
N PHE A 125 25.23 -37.53 -16.19
CA PHE A 125 25.35 -36.16 -16.68
C PHE A 125 24.00 -35.45 -16.64
N GLU A 126 22.93 -36.15 -16.99
CA GLU A 126 21.63 -35.52 -17.13
C GLU A 126 20.94 -35.28 -15.79
N GLU A 127 21.47 -35.83 -14.69
CA GLU A 127 20.86 -35.69 -13.37
C GLU A 127 21.62 -34.77 -12.43
N ASN A 128 22.88 -34.42 -12.73
CA ASN A 128 23.75 -33.73 -11.79
C ASN A 128 24.51 -32.54 -12.36
N ASP A 129 24.76 -32.47 -13.65
CA ASP A 129 25.57 -31.41 -14.27
C ASP A 129 24.63 -30.42 -14.96
N HIS A 130 24.20 -29.42 -14.19
CA HIS A 130 23.13 -28.51 -14.60
C HIS A 130 23.59 -27.38 -15.52
N PRO A 131 24.73 -26.72 -15.28
CA PRO A 131 25.15 -25.68 -16.23
C PRO A 131 25.47 -26.20 -17.62
N ASN A 132 25.94 -27.44 -17.75
CA ASN A 132 26.37 -27.95 -19.05
C ASN A 132 25.22 -28.56 -19.83
N ARG A 133 24.20 -29.09 -19.15
CA ARG A 133 23.05 -29.64 -19.85
C ARG A 133 22.08 -28.56 -20.30
N VAL A 134 22.17 -27.36 -19.73
CA VAL A 134 21.34 -26.25 -20.18
C VAL A 134 21.93 -25.62 -21.44
N LEU A 135 23.26 -25.60 -21.54
CA LEU A 135 23.91 -25.12 -22.75
C LEU A 135 23.70 -26.09 -23.91
N GLU A 136 23.66 -27.41 -23.65
CA GLU A 136 23.32 -28.36 -24.70
C GLU A 136 21.89 -28.19 -25.17
N HIS A 137 20.98 -27.88 -24.24
CA HIS A 137 19.58 -27.64 -24.61
C HIS A 137 19.42 -26.35 -25.40
N LEU A 138 20.27 -25.37 -25.15
CA LEU A 138 20.28 -24.14 -25.93
C LEU A 138 20.60 -24.43 -27.39
N HIS A 139 21.61 -25.26 -27.64
CA HIS A 139 21.97 -25.63 -29.00
C HIS A 139 20.82 -26.33 -29.70
N SER A 140 20.01 -27.10 -28.95
CA SER A 140 18.96 -27.89 -29.57
C SER A 140 17.69 -27.11 -29.87
N THR A 141 17.44 -25.98 -29.20
CA THR A 141 16.32 -25.12 -29.56
C THR A 141 16.71 -24.07 -30.58
N ALA A 142 17.95 -23.58 -30.54
CA ALA A 142 18.42 -22.60 -31.51
C ALA A 142 18.52 -23.17 -32.91
N PHE A 143 18.99 -24.41 -33.06
CA PHE A 143 19.27 -25.02 -34.35
C PHE A 143 18.38 -26.23 -34.60
N GLN A 144 17.15 -26.20 -34.10
CA GLN A 144 16.23 -27.33 -34.19
C GLN A 144 16.00 -27.76 -35.64
N ASN A 145 15.95 -29.09 -35.83
CA ASN A 145 15.76 -29.72 -37.14
C ASN A 145 16.91 -29.41 -38.08
N THR A 146 18.12 -29.61 -37.68
CA THR A 146 19.33 -29.15 -38.39
C THR A 146 20.43 -29.97 -37.73
N PRO A 147 21.57 -30.22 -38.33
CA PRO A 147 22.60 -31.11 -37.76
C PRO A 147 23.34 -30.54 -36.56
N LEU A 148 23.38 -29.22 -36.39
CA LEU A 148 24.07 -28.59 -35.27
C LEU A 148 23.25 -28.61 -33.98
N SER A 149 22.15 -29.35 -33.94
CA SER A 149 21.29 -29.50 -32.78
C SER A 149 21.57 -30.74 -31.94
N LEU A 150 22.26 -31.72 -32.48
CA LEU A 150 22.38 -33.01 -31.84
C LEU A 150 23.42 -32.95 -30.72
N PRO A 151 23.16 -33.54 -29.55
CA PRO A 151 24.17 -33.51 -28.48
C PRO A 151 25.36 -34.41 -28.76
N THR A 152 26.52 -34.00 -28.24
CA THR A 152 27.77 -34.68 -28.55
C THR A 152 27.90 -36.01 -27.82
N ARG A 153 27.39 -36.10 -26.59
CA ARG A 153 27.44 -37.34 -25.84
C ARG A 153 26.43 -38.36 -26.34
N GLY A 154 25.44 -37.93 -27.10
CA GLY A 154 24.32 -38.77 -27.45
C GLY A 154 23.19 -38.65 -26.45
N THR A 155 22.09 -39.28 -26.81
CA THR A 155 20.88 -39.29 -25.99
C THR A 155 20.61 -40.70 -25.50
N LEU A 156 20.14 -40.79 -24.25
CA LEU A 156 19.97 -42.08 -23.58
C LEU A 156 19.04 -43.02 -24.32
N GLU A 157 18.13 -42.50 -25.14
CA GLU A 157 17.21 -43.34 -25.90
C GLU A 157 17.83 -43.85 -27.20
N SER A 158 18.50 -42.99 -27.95
CA SER A 158 19.18 -43.41 -29.17
C SER A 158 20.40 -44.27 -28.90
N LEU A 159 21.03 -44.11 -27.74
CA LEU A 159 22.22 -44.86 -27.39
C LEU A 159 21.93 -46.30 -27.03
N GLU A 160 20.66 -46.64 -26.78
CA GLU A 160 20.30 -47.99 -26.36
C GLU A 160 20.13 -48.95 -27.52
N ASN A 161 19.77 -48.44 -28.71
CA ASN A 161 19.49 -49.27 -29.88
C ASN A 161 20.68 -49.37 -30.83
N LEU A 162 21.90 -49.11 -30.37
CA LEU A 162 23.09 -49.24 -31.20
C LEU A 162 23.65 -50.65 -31.16
N VAL A 163 24.16 -51.11 -32.30
CA VAL A 163 24.83 -52.41 -32.42
C VAL A 163 26.18 -52.19 -33.08
N VAL A 164 26.97 -53.26 -33.23
CA VAL A 164 28.29 -53.13 -33.85
C VAL A 164 28.17 -52.70 -35.30
N ALA A 165 27.09 -53.09 -35.98
CA ALA A 165 26.91 -52.71 -37.38
C ALA A 165 26.85 -51.20 -37.55
N ASP A 166 26.28 -50.50 -36.56
CA ASP A 166 26.23 -49.03 -36.63
C ASP A 166 27.63 -48.45 -36.55
N LEU A 167 28.50 -49.05 -35.74
CA LEU A 167 29.89 -48.59 -35.65
C LEU A 167 30.63 -48.82 -36.97
N GLU A 168 30.49 -50.02 -37.53
CA GLU A 168 31.22 -50.36 -38.76
C GLU A 168 30.76 -49.51 -39.94
N SER A 169 29.45 -49.25 -40.03
CA SER A 169 28.93 -48.38 -41.08
C SER A 169 29.50 -46.97 -40.96
N PHE A 170 29.53 -46.42 -39.74
CA PHE A 170 30.01 -45.07 -39.55
C PHE A 170 31.50 -44.97 -39.84
N ALA A 171 32.25 -46.03 -39.57
CA ALA A 171 33.69 -46.03 -39.85
C ALA A 171 33.95 -46.00 -41.35
N ASN A 172 33.20 -46.80 -42.11
CA ASN A 172 33.40 -46.87 -43.55
C ASN A 172 33.06 -45.57 -44.27
N ASN A 173 32.27 -44.70 -43.64
CA ASN A 173 31.77 -43.49 -44.29
C ASN A 173 32.55 -42.24 -43.92
N HIS A 174 33.30 -42.25 -42.82
CA HIS A 174 33.91 -41.03 -42.27
C HIS A 174 35.38 -41.16 -41.89
N PHE A 175 35.89 -42.36 -41.62
CA PHE A 175 37.31 -42.54 -41.30
C PHE A 175 38.08 -42.82 -42.58
N LEU A 176 38.41 -41.74 -43.28
CA LEU A 176 38.91 -41.77 -44.64
C LEU A 176 40.06 -40.78 -44.81
N ASN A 177 40.99 -41.13 -45.71
CA ASN A 177 42.20 -40.34 -45.90
C ASN A 177 41.88 -38.93 -46.38
N SER A 178 40.85 -38.77 -47.19
CA SER A 178 40.41 -37.45 -47.62
C SER A 178 39.85 -36.60 -46.49
N ASN A 179 39.49 -37.22 -45.37
CA ASN A 179 38.88 -36.56 -44.22
C ASN A 179 39.74 -36.68 -42.97
N ALA A 180 41.06 -36.60 -43.11
CA ALA A 180 41.98 -36.93 -42.02
C ALA A 180 43.21 -36.04 -42.06
N VAL A 181 43.77 -35.83 -40.87
CA VAL A 181 45.00 -35.06 -40.68
C VAL A 181 45.84 -35.78 -39.64
N VAL A 182 47.12 -35.98 -39.94
CA VAL A 182 48.06 -36.58 -39.00
C VAL A 182 48.88 -35.47 -38.36
N VAL A 183 48.92 -35.46 -37.04
CA VAL A 183 49.48 -34.35 -36.28
C VAL A 183 50.66 -34.83 -35.45
N GLY A 184 51.46 -33.87 -35.00
CA GLY A 184 52.59 -34.13 -34.13
C GLY A 184 52.99 -32.89 -33.39
N THR A 185 53.08 -33.00 -32.06
CA THR A 185 53.37 -31.86 -31.21
C THR A 185 54.41 -32.25 -30.19
N GLY A 186 55.00 -31.24 -29.55
CA GLY A 186 56.07 -31.46 -28.60
C GLY A 186 57.43 -31.63 -29.26
N ASN A 187 58.28 -32.45 -28.64
CA ASN A 187 59.64 -32.68 -29.12
C ASN A 187 59.60 -33.75 -30.22
N ILE A 188 59.24 -33.29 -31.41
CA ILE A 188 59.19 -34.15 -32.59
C ILE A 188 59.47 -33.28 -33.82
N LYS A 189 60.36 -33.76 -34.68
CA LYS A 189 60.76 -33.03 -35.88
C LYS A 189 59.91 -33.48 -37.06
N HIS A 190 59.67 -32.53 -37.97
CA HIS A 190 58.78 -32.79 -39.10
C HIS A 190 59.34 -33.85 -40.02
N GLU A 191 60.65 -33.82 -40.26
CA GLU A 191 61.26 -34.75 -41.22
C GLU A 191 61.19 -36.17 -40.71
N ASP A 192 61.44 -36.37 -39.42
CA ASP A 192 61.39 -37.70 -38.83
C ASP A 192 60.00 -38.30 -38.92
N LEU A 193 58.96 -37.50 -38.68
CA LEU A 193 57.60 -38.00 -38.79
C LEU A 193 57.24 -38.32 -40.23
N VAL A 194 57.70 -37.48 -41.17
CA VAL A 194 57.48 -37.74 -42.59
C VAL A 194 58.21 -39.01 -43.01
N ASN A 195 59.45 -39.17 -42.56
CA ASN A 195 60.24 -40.35 -42.91
C ASN A 195 59.61 -41.62 -42.35
N SER A 196 59.13 -41.57 -41.11
CA SER A 196 58.55 -42.75 -40.49
C SER A 196 57.26 -43.18 -41.19
N ILE A 197 56.54 -42.23 -41.77
CA ILE A 197 55.28 -42.55 -42.44
C ILE A 197 55.53 -43.20 -43.80
N GLU A 198 56.47 -42.66 -44.58
CA GLU A 198 56.76 -43.24 -45.89
C GLU A 198 57.51 -44.55 -45.79
N SER A 199 58.17 -44.82 -44.67
CA SER A 199 58.76 -46.13 -44.46
C SER A 199 57.67 -47.20 -44.40
N LYS A 200 56.60 -46.90 -43.67
CA LYS A 200 55.33 -47.62 -43.78
C LYS A 200 54.61 -47.06 -45.01
N ASN A 201 53.32 -47.34 -45.14
CA ASN A 201 52.48 -46.70 -46.16
C ASN A 201 51.29 -45.93 -45.58
N LEU A 202 50.65 -46.45 -44.53
CA LEU A 202 49.79 -45.66 -43.64
C LEU A 202 48.66 -44.92 -44.37
N SER A 203 47.67 -45.68 -44.87
CA SER A 203 46.44 -45.06 -45.34
C SER A 203 45.24 -45.82 -44.77
N LEU A 204 44.23 -45.05 -44.34
CA LEU A 204 43.05 -45.59 -43.69
C LEU A 204 42.05 -46.11 -44.73
N GLN A 205 41.51 -45.21 -45.54
CA GLN A 205 40.51 -45.47 -46.55
C GLN A 205 40.67 -44.36 -47.58
N THR A 206 39.88 -44.42 -48.66
CA THR A 206 40.15 -43.49 -49.76
C THR A 206 39.49 -42.13 -49.54
N GLY A 207 38.16 -42.07 -49.49
CA GLY A 207 37.50 -40.79 -49.34
C GLY A 207 36.00 -40.91 -49.62
N THR A 208 35.48 -39.87 -50.28
CA THR A 208 34.06 -39.69 -50.60
C THR A 208 33.15 -39.91 -49.39
N LYS A 209 33.28 -39.01 -48.42
CA LYS A 209 32.30 -38.95 -47.33
C LYS A 209 30.99 -38.34 -47.84
N PRO A 210 29.88 -38.59 -47.15
CA PRO A 210 28.60 -38.04 -47.62
C PRO A 210 28.49 -36.53 -47.41
N VAL A 211 27.74 -35.89 -48.30
CA VAL A 211 27.38 -34.49 -48.19
C VAL A 211 26.11 -34.38 -47.36
N LEU A 212 25.99 -33.29 -46.60
CA LEU A 212 24.88 -33.14 -45.66
C LEU A 212 23.79 -32.29 -46.29
N LYS A 213 22.59 -32.85 -46.35
CA LYS A 213 21.48 -32.29 -47.10
C LYS A 213 21.12 -30.89 -46.60
N LYS A 214 20.98 -30.73 -45.30
CA LYS A 214 20.51 -29.50 -44.70
C LYS A 214 21.67 -28.67 -44.15
N LYS A 215 21.53 -27.36 -44.31
CA LYS A 215 22.43 -26.38 -43.75
C LYS A 215 21.87 -25.88 -42.42
N ALA A 216 22.78 -25.45 -41.54
CA ALA A 216 22.39 -24.98 -40.23
C ALA A 216 21.69 -23.63 -40.31
N ALA A 217 20.60 -23.49 -39.54
CA ALA A 217 19.82 -22.27 -39.50
C ALA A 217 19.39 -21.97 -38.07
N PHE A 218 19.49 -20.70 -37.70
CA PHE A 218 19.12 -20.20 -36.38
C PHE A 218 17.62 -19.89 -36.33
N LEU A 219 17.01 -20.21 -35.19
CA LEU A 219 15.59 -19.95 -34.95
C LEU A 219 15.38 -19.48 -33.52
N GLY A 220 14.73 -18.34 -33.36
CA GLY A 220 14.44 -17.82 -32.03
C GLY A 220 13.32 -18.58 -31.37
N SER A 221 13.55 -19.00 -30.13
CA SER A 221 12.70 -19.97 -29.45
C SER A 221 13.15 -20.07 -28.00
N GLU A 222 12.44 -20.89 -27.21
CA GLU A 222 12.82 -21.15 -25.83
C GLU A 222 12.41 -22.57 -25.44
N VAL A 223 13.11 -23.10 -24.44
CA VAL A 223 12.78 -24.38 -23.82
C VAL A 223 13.00 -24.26 -22.32
N ARG A 224 11.98 -24.62 -21.54
CA ARG A 224 11.97 -24.48 -20.09
C ARG A 224 11.84 -25.85 -19.45
N LEU A 225 12.76 -26.18 -18.55
CA LEU A 225 12.82 -27.48 -17.86
C LEU A 225 12.72 -27.22 -16.37
N ARG A 226 11.49 -27.14 -15.88
CA ARG A 226 11.21 -26.65 -14.54
C ARG A 226 11.35 -27.76 -13.50
N ASP A 227 12.10 -27.47 -12.44
CA ASP A 227 12.33 -28.41 -11.34
C ASP A 227 12.41 -27.59 -10.05
N ASP A 228 11.33 -27.61 -9.27
CA ASP A 228 11.23 -26.80 -8.08
C ASP A 228 12.03 -27.33 -6.91
N THR A 229 12.52 -28.57 -6.97
CA THR A 229 13.24 -29.17 -5.88
C THR A 229 14.74 -28.87 -5.89
N LEU A 230 15.26 -28.27 -6.94
CA LEU A 230 16.66 -27.90 -6.98
C LEU A 230 16.86 -26.53 -6.32
N PRO A 231 18.04 -26.22 -5.79
CA PRO A 231 18.21 -24.99 -5.00
C PRO A 231 18.55 -23.73 -5.78
N LYS A 232 18.65 -23.78 -7.11
CA LYS A 232 19.07 -22.63 -7.89
C LYS A 232 18.28 -22.57 -9.18
N ALA A 233 18.56 -21.53 -9.97
CA ALA A 233 18.12 -21.39 -11.35
C ALA A 233 19.34 -21.22 -12.25
N TRP A 234 19.40 -22.03 -13.31
CA TRP A 234 20.45 -21.97 -14.32
C TRP A 234 19.83 -21.55 -15.64
N ILE A 235 20.39 -20.50 -16.26
CA ILE A 235 19.85 -19.91 -17.49
C ILE A 235 21.00 -19.61 -18.45
N SER A 236 20.75 -19.80 -19.74
CA SER A 236 21.64 -19.35 -20.81
C SER A 236 20.83 -18.74 -21.94
N LEU A 237 21.40 -17.69 -22.57
CA LEU A 237 20.71 -16.85 -23.55
C LEU A 237 21.71 -16.39 -24.61
N ALA A 238 21.32 -16.45 -25.89
CA ALA A 238 22.23 -16.10 -26.97
C ALA A 238 21.49 -15.62 -28.22
N VAL A 239 22.27 -14.99 -29.11
CA VAL A 239 21.85 -14.65 -30.47
C VAL A 239 22.72 -15.42 -31.46
N GLU A 240 22.39 -15.31 -32.74
CA GLU A 240 23.23 -15.86 -33.80
C GLU A 240 24.54 -15.08 -33.90
N GLY A 241 25.64 -15.81 -34.01
CA GLY A 241 26.97 -15.24 -34.08
C GLY A 241 27.73 -15.54 -35.35
N GLU A 242 29.05 -15.60 -35.27
CA GLU A 242 29.96 -15.73 -36.40
C GLU A 242 30.47 -17.16 -36.56
N PRO A 243 30.62 -17.68 -37.78
CA PRO A 243 31.29 -18.96 -37.96
C PRO A 243 32.81 -18.81 -38.04
N VAL A 244 33.48 -19.95 -38.10
CA VAL A 244 34.92 -19.95 -38.39
C VAL A 244 35.12 -19.49 -39.81
N ASN A 245 36.22 -18.79 -40.05
CA ASN A 245 36.54 -18.23 -41.37
C ASN A 245 35.52 -17.15 -41.74
N SER A 246 35.30 -16.21 -40.83
CA SER A 246 34.48 -15.02 -41.00
C SER A 246 35.36 -13.79 -40.84
N PRO A 247 35.00 -12.65 -41.47
CA PRO A 247 35.77 -11.43 -41.23
C PRO A 247 35.55 -10.81 -39.86
N ASN A 248 34.45 -11.15 -39.19
CA ASN A 248 34.09 -10.57 -37.90
C ASN A 248 34.38 -11.54 -36.75
N TYR A 249 35.40 -12.39 -36.92
CA TYR A 249 35.66 -13.45 -35.95
C TYR A 249 36.24 -12.91 -34.66
N PHE A 250 37.22 -12.01 -34.75
CA PHE A 250 37.86 -11.46 -33.56
C PHE A 250 37.08 -10.31 -32.96
N VAL A 251 36.21 -9.65 -33.74
CA VAL A 251 35.44 -8.54 -33.22
C VAL A 251 34.34 -9.04 -32.29
N ALA A 252 33.81 -10.23 -32.57
CA ALA A 252 32.81 -10.83 -31.70
C ALA A 252 33.43 -11.36 -30.42
N LYS A 253 34.70 -11.79 -30.49
CA LYS A 253 35.39 -12.24 -29.29
C LYS A 253 35.75 -11.07 -28.38
N LEU A 254 36.13 -9.95 -28.97
CA LEU A 254 36.41 -8.75 -28.19
C LEU A 254 35.15 -8.23 -27.49
N ALA A 255 33.99 -8.34 -28.13
CA ALA A 255 32.76 -7.84 -27.55
C ALA A 255 32.31 -8.68 -26.37
N ALA A 256 32.55 -9.99 -26.42
CA ALA A 256 32.25 -10.85 -25.28
C ALA A 256 33.18 -10.56 -24.11
N GLN A 257 34.43 -10.23 -24.39
CA GLN A 257 35.40 -9.92 -23.35
C GLN A 257 35.10 -8.60 -22.64
N ILE A 258 34.25 -7.74 -23.22
CA ILE A 258 33.94 -6.47 -22.60
C ILE A 258 33.09 -6.69 -21.35
N PHE A 259 32.19 -7.67 -21.38
CA PHE A 259 31.34 -8.00 -20.25
C PHE A 259 31.86 -9.15 -19.39
N GLY A 260 32.65 -10.05 -19.96
CA GLY A 260 33.50 -10.94 -19.20
C GLY A 260 32.80 -11.99 -18.36
N SER A 261 33.44 -12.34 -17.24
CA SER A 261 32.99 -13.40 -16.35
C SER A 261 33.12 -12.93 -14.90
N TYR A 262 32.34 -13.56 -14.02
CA TYR A 262 32.17 -13.09 -12.66
C TYR A 262 32.01 -14.26 -11.70
N ASN A 263 32.64 -14.14 -10.53
CA ASN A 263 32.36 -15.00 -9.38
C ASN A 263 32.15 -14.12 -8.16
N ALA A 264 30.99 -14.24 -7.54
CA ALA A 264 30.63 -13.39 -6.41
C ALA A 264 31.46 -13.65 -5.17
N PHE A 265 31.97 -14.86 -4.99
CA PHE A 265 32.67 -15.23 -3.78
C PHE A 265 34.17 -15.00 -3.84
N GLU A 266 34.71 -14.57 -4.99
CA GLU A 266 36.12 -14.24 -5.09
C GLU A 266 36.30 -12.74 -4.94
N PRO A 267 37.14 -12.25 -4.01
CA PRO A 267 37.21 -10.79 -3.80
C PRO A 267 37.70 -9.99 -5.02
N ALA A 268 38.71 -10.48 -5.74
CA ALA A 268 39.27 -9.71 -6.84
C ALA A 268 38.36 -9.68 -8.06
N SER A 269 37.50 -10.68 -8.23
CA SER A 269 36.55 -10.68 -9.32
C SER A 269 35.44 -9.65 -9.15
N ARG A 270 35.23 -9.15 -7.93
CA ARG A 270 34.24 -8.12 -7.67
C ARG A 270 34.73 -6.72 -8.04
N LEU A 271 36.03 -6.56 -8.32
CA LEU A 271 36.65 -5.27 -8.57
C LEU A 271 36.94 -5.03 -10.06
N GLN A 272 36.45 -5.88 -10.95
CA GLN A 272 36.72 -5.73 -12.37
C GLN A 272 36.02 -4.49 -12.93
N GLY A 273 36.65 -3.91 -13.96
CA GLY A 273 36.11 -2.75 -14.65
C GLY A 273 34.99 -3.08 -15.61
N ILE A 274 33.86 -3.50 -15.06
CA ILE A 274 32.68 -3.89 -15.82
C ILE A 274 31.48 -3.17 -15.22
N LYS A 275 30.80 -2.36 -16.04
CA LYS A 275 29.74 -1.50 -15.54
C LYS A 275 28.49 -2.27 -15.14
N LEU A 276 28.31 -3.48 -15.63
CA LEU A 276 27.20 -4.33 -15.19
C LEU A 276 27.29 -4.66 -13.71
N LEU A 277 28.51 -4.70 -13.15
CA LEU A 277 28.68 -5.08 -11.75
C LEU A 277 28.20 -4.01 -10.78
N ASP A 278 28.14 -2.76 -11.22
CA ASP A 278 27.55 -1.72 -10.39
C ASP A 278 26.07 -1.93 -10.15
N ASN A 279 25.39 -2.71 -11.00
CA ASN A 279 23.96 -2.95 -10.84
C ASN A 279 23.63 -4.22 -10.05
N ILE A 280 24.44 -5.29 -10.13
CA ILE A 280 24.04 -6.57 -9.52
C ILE A 280 24.43 -6.64 -8.05
N GLN A 281 25.53 -6.02 -7.66
CA GLN A 281 26.09 -6.25 -6.34
C GLN A 281 25.29 -5.62 -5.21
N GLU A 282 24.41 -4.68 -5.50
CA GLU A 282 23.70 -3.98 -4.43
C GLU A 282 22.60 -4.84 -3.83
N TYR A 283 21.99 -5.72 -4.64
CA TYR A 283 21.06 -6.73 -4.15
C TYR A 283 21.52 -8.15 -4.42
N GLN A 284 22.63 -8.35 -5.13
CA GLN A 284 23.27 -9.66 -5.31
C GLN A 284 22.33 -10.65 -6.00
N LEU A 285 22.09 -10.36 -7.28
CA LEU A 285 21.14 -11.12 -8.06
C LEU A 285 21.71 -12.39 -8.67
N CYS A 286 23.02 -12.63 -8.59
CA CYS A 286 23.60 -13.84 -9.13
C CYS A 286 24.84 -14.24 -8.35
N ASP A 287 25.22 -15.51 -8.50
CA ASP A 287 26.47 -16.05 -8.00
C ASP A 287 27.60 -16.00 -9.03
N ASN A 288 27.31 -16.27 -10.30
CA ASN A 288 28.34 -16.22 -11.33
C ASN A 288 27.68 -16.07 -12.70
N PHE A 289 28.46 -15.51 -13.64
CA PHE A 289 28.09 -15.55 -15.05
C PHE A 289 29.34 -15.61 -15.91
N ASN A 290 29.14 -15.95 -17.19
CA ASN A 290 30.21 -15.97 -18.18
C ASN A 290 29.64 -15.71 -19.57
N HIS A 291 30.32 -14.83 -20.32
CA HIS A 291 29.96 -14.52 -21.70
C HIS A 291 30.79 -15.33 -22.67
N PHE A 292 30.14 -15.88 -23.69
CA PHE A 292 30.77 -16.74 -24.68
C PHE A 292 30.55 -16.22 -26.10
N SER A 293 31.48 -16.62 -27.00
CA SER A 293 31.33 -16.44 -28.44
C SER A 293 31.81 -17.72 -29.12
N LEU A 294 30.86 -18.59 -29.43
CA LEU A 294 31.15 -19.90 -30.01
C LEU A 294 30.99 -19.87 -31.52
N SER A 295 31.88 -20.57 -32.23
CA SER A 295 31.97 -20.52 -33.67
C SER A 295 32.17 -21.92 -34.23
N TYR A 296 31.44 -22.23 -35.29
CA TYR A 296 31.49 -23.50 -35.99
C TYR A 296 31.74 -23.25 -37.47
N LYS A 297 31.63 -24.33 -38.27
CA LYS A 297 31.86 -24.23 -39.70
C LYS A 297 30.73 -23.49 -40.41
N ASP A 298 29.50 -23.58 -39.90
CA ASP A 298 28.33 -23.04 -40.55
C ASP A 298 27.69 -21.86 -39.84
N SER A 299 27.86 -21.71 -38.53
CA SER A 299 27.15 -20.67 -37.78
C SER A 299 27.84 -20.49 -36.44
N GLY A 300 27.18 -19.76 -35.54
CA GLY A 300 27.73 -19.50 -34.23
C GLY A 300 26.69 -18.98 -33.26
N LEU A 301 27.14 -18.74 -32.03
CA LEU A 301 26.31 -18.23 -30.95
C LEU A 301 27.10 -17.23 -30.12
N TRP A 302 26.39 -16.22 -29.61
CA TRP A 302 26.97 -15.15 -28.81
C TRP A 302 26.01 -14.86 -27.67
N GLY A 303 26.50 -14.90 -26.43
CA GLY A 303 25.63 -14.77 -25.28
C GLY A 303 26.26 -15.02 -23.92
N PHE A 304 25.44 -15.42 -22.94
CA PHE A 304 25.90 -15.59 -21.57
C PHE A 304 25.12 -16.69 -20.88
N SER A 305 25.70 -17.18 -19.78
CA SER A 305 25.12 -18.18 -18.90
C SER A 305 25.27 -17.72 -17.46
N THR A 306 24.31 -18.08 -16.61
CA THR A 306 24.33 -17.63 -15.22
C THR A 306 23.65 -18.65 -14.31
N ALA A 307 24.04 -18.62 -13.03
CA ALA A 307 23.42 -19.39 -11.96
C ALA A 307 23.18 -18.46 -10.77
N THR A 308 22.04 -18.63 -10.11
CA THR A 308 21.65 -17.73 -9.03
C THR A 308 20.76 -18.43 -8.01
N ARG A 309 20.85 -17.97 -6.76
CA ARG A 309 19.97 -18.38 -5.69
C ARG A 309 18.87 -17.38 -5.37
N ASN A 310 18.92 -16.17 -5.93
CA ASN A 310 17.91 -15.14 -5.70
C ASN A 310 16.80 -15.31 -6.73
N VAL A 311 15.82 -16.15 -6.37
CA VAL A 311 14.79 -16.57 -7.32
C VAL A 311 13.64 -15.61 -7.45
N THR A 312 13.62 -14.51 -6.70
CA THR A 312 12.58 -13.50 -6.78
C THR A 312 12.99 -12.26 -7.56
N MET A 313 14.20 -12.22 -8.11
CA MET A 313 14.73 -11.06 -8.81
C MET A 313 15.42 -11.47 -10.10
N ILE A 314 14.93 -12.54 -10.73
CA ILE A 314 15.48 -12.98 -12.02
C ILE A 314 15.24 -11.93 -13.09
N ASP A 315 14.08 -11.36 -13.22
CA ASP A 315 13.71 -10.29 -14.15
C ASP A 315 14.58 -9.07 -14.03
N ASP A 316 15.13 -8.75 -12.90
CA ASP A 316 16.07 -7.64 -12.82
C ASP A 316 17.43 -8.03 -13.39
N LEU A 317 17.82 -9.29 -13.25
CA LEU A 317 19.11 -9.74 -13.75
C LEU A 317 19.14 -9.74 -15.28
N ILE A 318 18.09 -10.29 -15.91
CA ILE A 318 18.03 -10.35 -17.36
C ILE A 318 17.90 -8.95 -17.94
N HIS A 319 17.11 -8.11 -17.29
CA HIS A 319 16.87 -6.75 -17.77
C HIS A 319 18.16 -5.93 -17.78
N PHE A 320 18.87 -5.88 -16.66
CA PHE A 320 20.08 -5.06 -16.57
C PHE A 320 21.16 -5.54 -17.52
N THR A 321 21.25 -6.85 -17.76
CA THR A 321 22.28 -7.38 -18.64
C THR A 321 22.01 -7.03 -20.09
N LEU A 322 20.76 -7.10 -20.52
CA LEU A 322 20.43 -6.82 -21.90
C LEU A 322 20.51 -5.33 -22.22
N LYS A 323 20.31 -4.46 -21.23
CA LYS A 323 20.48 -3.03 -21.45
C LYS A 323 21.93 -2.65 -21.65
N GLN A 324 22.87 -3.37 -21.03
CA GLN A 324 24.28 -3.11 -21.26
C GLN A 324 24.69 -3.49 -22.66
N TRP A 325 24.10 -4.56 -23.20
CA TRP A 325 24.35 -4.96 -24.58
C TRP A 325 23.98 -3.87 -25.57
N ASN A 326 22.86 -3.17 -25.31
CA ASN A 326 22.41 -2.08 -26.17
C ASN A 326 23.48 -1.01 -26.36
N ARG A 327 24.30 -0.76 -25.35
CA ARG A 327 25.32 0.26 -25.42
C ARG A 327 26.39 -0.02 -26.46
N LEU A 328 26.54 -1.26 -26.92
CA LEU A 328 27.52 -1.57 -27.95
C LEU A 328 27.16 -0.91 -29.27
N THR A 329 25.87 -0.66 -29.51
CA THR A 329 25.41 0.05 -30.70
C THR A 329 25.48 1.55 -30.54
N ILE A 330 25.32 2.06 -29.32
CA ILE A 330 25.11 3.48 -29.07
C ILE A 330 26.37 4.14 -28.50
N SER A 331 26.84 3.66 -27.33
CA SER A 331 27.64 4.50 -26.44
C SER A 331 28.84 3.77 -25.82
N VAL A 332 29.37 2.74 -26.49
CA VAL A 332 30.57 2.08 -25.99
C VAL A 332 31.75 3.05 -26.09
N THR A 333 32.56 3.07 -25.03
CA THR A 333 33.68 4.00 -24.92
C THR A 333 34.97 3.38 -25.46
N ASP A 334 36.01 4.22 -25.51
CA ASP A 334 37.33 3.78 -25.97
C ASP A 334 38.08 3.03 -24.89
N THR A 335 37.84 3.35 -23.61
CA THR A 335 38.51 2.64 -22.53
C THR A 335 38.03 1.20 -22.43
N GLU A 336 36.73 0.97 -22.64
CA GLU A 336 36.21 -0.39 -22.61
C GLU A 336 36.78 -1.24 -23.73
N VAL A 337 37.19 -0.62 -24.84
CA VAL A 337 37.73 -1.37 -25.97
C VAL A 337 39.21 -1.67 -25.77
N GLU A 338 39.96 -0.73 -25.21
CA GLU A 338 41.38 -0.97 -24.97
C GLU A 338 41.63 -1.96 -23.85
N ARG A 339 40.70 -2.08 -22.90
CA ARG A 339 40.79 -3.11 -21.87
C ARG A 339 40.57 -4.50 -22.46
N ALA A 340 39.53 -4.65 -23.28
CA ALA A 340 39.19 -5.95 -23.82
C ALA A 340 40.22 -6.43 -24.84
N LYS A 341 40.95 -5.51 -25.48
CA LYS A 341 42.01 -5.88 -26.40
C LYS A 341 43.08 -6.69 -25.68
N SER A 342 43.61 -6.16 -24.58
CA SER A 342 44.76 -6.76 -23.93
C SER A 342 44.39 -7.97 -23.09
N LEU A 343 43.15 -8.05 -22.62
CA LEU A 343 42.69 -9.24 -21.92
C LEU A 343 42.32 -10.37 -22.87
N LEU A 344 41.88 -10.05 -24.09
CA LEU A 344 41.67 -11.11 -25.08
C LEU A 344 42.99 -11.72 -25.51
N LYS A 345 44.04 -10.92 -25.62
CA LYS A 345 45.36 -11.44 -25.97
C LYS A 345 45.89 -12.38 -24.90
N LEU A 346 45.66 -12.04 -23.63
CA LEU A 346 46.08 -12.91 -22.53
C LEU A 346 45.27 -14.20 -22.52
N GLN A 347 43.99 -14.12 -22.85
CA GLN A 347 43.14 -15.32 -22.88
C GLN A 347 43.65 -16.33 -23.90
N LEU A 348 43.64 -15.97 -25.19
CA LEU A 348 44.04 -16.92 -26.22
C LEU A 348 45.55 -17.13 -26.27
N GLY A 349 46.33 -16.28 -25.60
CA GLY A 349 47.73 -16.57 -25.40
C GLY A 349 48.00 -17.69 -24.42
N GLN A 350 47.06 -17.95 -23.51
CA GLN A 350 47.17 -19.06 -22.58
C GLN A 350 46.57 -20.35 -23.12
N LEU A 351 45.63 -20.24 -24.05
CA LEU A 351 45.03 -21.41 -24.69
C LEU A 351 45.99 -22.05 -25.69
N TYR A 352 46.73 -21.22 -26.44
CA TYR A 352 47.61 -21.71 -27.48
C TYR A 352 49.05 -21.93 -27.02
N GLU A 353 49.39 -21.56 -25.78
CA GLU A 353 50.73 -21.74 -25.25
C GLU A 353 50.66 -22.35 -23.85
N SER A 354 49.84 -23.36 -23.67
CA SER A 354 49.90 -24.20 -22.49
C SER A 354 51.05 -25.19 -22.67
N GLY A 355 51.27 -26.04 -21.68
CA GLY A 355 52.35 -27.01 -21.72
C GLY A 355 51.96 -28.41 -22.14
N ASN A 356 50.67 -28.64 -22.40
CA ASN A 356 50.17 -29.98 -22.71
C ASN A 356 50.19 -30.19 -24.22
N PRO A 357 50.97 -31.16 -24.74
CA PRO A 357 50.94 -31.39 -26.19
C PRO A 357 49.63 -32.00 -26.69
N VAL A 358 48.81 -32.58 -25.81
CA VAL A 358 47.54 -33.13 -26.24
C VAL A 358 46.59 -32.03 -26.68
N ASN A 359 46.57 -30.90 -25.97
CA ASN A 359 45.72 -29.78 -26.37
C ASN A 359 46.20 -29.16 -27.67
N ASP A 360 47.51 -29.11 -27.85
CA ASP A 360 48.09 -28.60 -29.10
C ASP A 360 47.61 -29.40 -30.30
N ALA A 361 47.58 -30.73 -30.18
CA ALA A 361 47.21 -31.59 -31.30
C ALA A 361 45.76 -31.40 -31.71
N ASN A 362 44.87 -31.27 -30.73
CA ASN A 362 43.45 -31.07 -31.04
C ASN A 362 43.23 -29.72 -31.73
N LEU A 363 43.89 -28.67 -31.23
CA LEU A 363 43.75 -27.35 -31.83
C LEU A 363 44.31 -27.32 -33.25
N LEU A 364 45.49 -27.91 -33.45
CA LEU A 364 46.15 -27.87 -34.76
C LEU A 364 45.36 -28.64 -35.80
N GLY A 365 44.91 -29.84 -35.46
CA GLY A 365 44.21 -30.66 -36.42
C GLY A 365 42.87 -30.07 -36.85
N ALA A 366 42.19 -29.38 -35.93
CA ALA A 366 40.89 -28.82 -36.23
C ALA A 366 41.00 -27.60 -37.13
N GLU A 367 42.05 -26.82 -36.96
CA GLU A 367 42.25 -25.61 -37.76
C GLU A 367 42.71 -25.93 -39.17
N VAL A 368 43.60 -26.92 -39.33
CA VAL A 368 44.11 -27.28 -40.64
C VAL A 368 43.05 -27.98 -41.47
N LEU A 369 42.08 -28.64 -40.83
CA LEU A 369 41.02 -29.31 -41.57
C LEU A 369 40.07 -28.34 -42.26
N ILE A 370 39.97 -27.10 -41.78
CA ILE A 370 39.07 -26.10 -42.33
C ILE A 370 39.81 -25.13 -43.25
N LYS A 371 40.90 -24.54 -42.77
CA LYS A 371 41.61 -23.50 -43.49
C LYS A 371 42.74 -24.01 -44.37
N GLY A 372 43.14 -25.27 -44.22
CA GLY A 372 44.35 -25.76 -44.86
C GLY A 372 45.64 -25.23 -44.27
N SER A 373 45.59 -24.39 -43.25
CA SER A 373 46.76 -23.71 -42.72
C SER A 373 46.39 -23.12 -41.37
N LYS A 374 47.42 -22.89 -40.55
CA LYS A 374 47.25 -22.34 -39.21
C LYS A 374 47.73 -20.90 -39.18
N LEU A 375 46.90 -20.03 -38.60
CA LEU A 375 47.28 -18.64 -38.37
C LEU A 375 48.08 -18.56 -37.08
N SER A 376 49.28 -18.00 -37.17
CA SER A 376 50.14 -17.89 -36.02
C SER A 376 49.59 -16.87 -35.02
N LEU A 377 50.12 -16.93 -33.81
CA LEU A 377 49.68 -16.05 -32.74
C LEU A 377 50.19 -14.63 -32.90
N GLY A 378 51.31 -14.44 -33.58
CA GLY A 378 51.78 -13.09 -33.88
C GLY A 378 50.91 -12.37 -34.90
N GLU A 379 50.25 -13.13 -35.77
CA GLU A 379 49.32 -12.56 -36.74
C GLU A 379 47.97 -12.22 -36.13
N ALA A 380 47.46 -13.07 -35.24
CA ALA A 380 46.17 -12.83 -34.61
C ALA A 380 46.21 -11.59 -33.73
N PHE A 381 47.35 -11.30 -33.11
CA PHE A 381 47.46 -10.12 -32.26
C PHE A 381 47.34 -8.84 -33.07
N LYS A 382 47.92 -8.82 -34.27
CA LYS A 382 47.87 -7.62 -35.10
C LYS A 382 46.45 -7.33 -35.57
N LYS A 383 45.65 -8.36 -35.84
CA LYS A 383 44.25 -8.14 -36.18
C LYS A 383 43.47 -7.56 -35.01
N ILE A 384 43.82 -7.93 -33.78
CA ILE A 384 43.07 -7.47 -32.61
C ILE A 384 43.39 -6.02 -32.30
N ASP A 385 44.65 -5.61 -32.48
CA ASP A 385 45.05 -4.25 -32.20
C ASP A 385 44.57 -3.24 -33.23
N ALA A 386 44.00 -3.70 -34.34
CA ALA A 386 43.52 -2.84 -35.42
C ALA A 386 42.01 -2.58 -35.34
N ILE A 387 41.32 -3.09 -34.33
CA ILE A 387 39.88 -2.90 -34.16
C ILE A 387 39.63 -1.55 -33.52
N THR A 388 38.60 -0.86 -33.99
CA THR A 388 38.20 0.45 -33.50
C THR A 388 36.78 0.39 -32.93
N VAL A 389 36.36 1.51 -32.34
CA VAL A 389 35.00 1.64 -31.82
C VAL A 389 33.98 1.51 -32.94
N LYS A 390 34.29 2.05 -34.12
CA LYS A 390 33.36 2.01 -35.24
C LYS A 390 33.08 0.59 -35.70
N ASP A 391 34.10 -0.28 -35.67
CA ASP A 391 33.90 -1.67 -36.05
C ASP A 391 32.95 -2.38 -35.08
N VAL A 392 33.08 -2.08 -33.79
CA VAL A 392 32.21 -2.70 -32.79
C VAL A 392 30.76 -2.26 -32.99
N LYS A 393 30.54 -0.95 -33.14
CA LYS A 393 29.19 -0.43 -33.31
C LYS A 393 28.55 -0.95 -34.59
N ALA A 394 29.33 -1.11 -35.65
CA ALA A 394 28.79 -1.67 -36.88
C ALA A 394 28.43 -3.14 -36.74
N TRP A 395 29.26 -3.91 -36.00
CA TRP A 395 28.95 -5.31 -35.77
C TRP A 395 27.70 -5.46 -34.90
N ALA A 396 27.59 -4.67 -33.83
CA ALA A 396 26.47 -4.80 -32.90
C ALA A 396 25.16 -4.36 -33.53
N GLY A 397 25.19 -3.32 -34.37
CA GLY A 397 23.99 -2.87 -35.06
C GLY A 397 23.41 -3.90 -36.00
N LYS A 398 24.21 -4.89 -36.41
CA LYS A 398 23.79 -5.93 -37.33
C LYS A 398 23.45 -7.25 -36.65
N ARG A 399 24.09 -7.56 -35.52
CA ARG A 399 23.97 -8.86 -34.88
C ARG A 399 23.14 -8.84 -33.60
N LEU A 400 22.99 -7.69 -32.95
CA LEU A 400 22.35 -7.59 -31.64
C LEU A 400 21.08 -6.75 -31.63
N TRP A 401 21.08 -5.59 -32.28
CA TRP A 401 20.00 -4.62 -32.15
C TRP A 401 18.72 -5.15 -32.79
N ASP A 402 17.70 -5.32 -31.96
CA ASP A 402 16.39 -5.85 -32.35
C ASP A 402 16.50 -7.12 -33.19
N GLN A 403 17.12 -8.13 -32.60
CA GLN A 403 17.28 -9.45 -33.21
C GLN A 403 16.68 -10.52 -32.29
N ASP A 404 16.29 -11.63 -32.91
CA ASP A 404 15.70 -12.73 -32.19
C ASP A 404 16.73 -13.44 -31.33
N ILE A 405 16.24 -14.14 -30.30
CA ILE A 405 17.07 -14.74 -29.27
C ILE A 405 16.63 -16.18 -29.02
N ALA A 406 17.52 -16.94 -28.41
CA ALA A 406 17.26 -18.28 -27.92
C ALA A 406 17.56 -18.34 -26.43
N ILE A 407 16.71 -19.05 -25.69
CA ILE A 407 16.75 -19.09 -24.23
C ILE A 407 16.56 -20.53 -23.78
N ALA A 408 17.30 -20.92 -22.75
CA ALA A 408 17.09 -22.20 -22.07
C ALA A 408 17.32 -22.01 -20.59
N GLY A 409 16.57 -22.78 -19.80
CA GLY A 409 16.63 -22.66 -18.36
C GLY A 409 16.16 -23.90 -17.65
N THR A 410 16.68 -24.10 -16.43
CA THR A 410 16.23 -25.19 -15.57
C THR A 410 16.31 -24.77 -14.12
N GLY A 411 15.48 -25.41 -13.32
CA GLY A 411 15.47 -25.20 -11.88
C GLY A 411 14.27 -24.38 -11.44
N GLN A 412 14.53 -23.40 -10.57
CA GLN A 412 13.49 -22.53 -10.03
C GLN A 412 13.40 -21.26 -10.89
N ILE A 413 12.65 -21.39 -11.99
CA ILE A 413 12.56 -20.36 -13.02
C ILE A 413 11.14 -19.83 -13.18
N GLU A 414 10.35 -19.89 -12.10
CA GLU A 414 9.05 -19.22 -12.08
C GLU A 414 9.16 -17.74 -12.39
N GLY A 415 10.18 -17.07 -11.85
CA GLY A 415 10.39 -15.66 -12.06
C GLY A 415 10.95 -15.26 -13.40
N LEU A 416 11.23 -16.21 -14.28
CA LEU A 416 11.64 -15.90 -15.64
C LEU A 416 10.41 -15.58 -16.48
N LEU A 417 10.35 -14.37 -17.00
CA LEU A 417 9.15 -13.91 -17.69
C LEU A 417 9.10 -14.46 -19.11
N ASP A 418 8.00 -14.16 -19.78
CA ASP A 418 7.69 -14.70 -21.10
C ASP A 418 8.70 -14.22 -22.14
N TYR A 419 8.60 -14.81 -23.34
CA TYR A 419 9.55 -14.55 -24.40
C TYR A 419 9.54 -13.09 -24.84
N MET A 420 8.35 -12.52 -25.05
CA MET A 420 8.26 -11.23 -25.72
C MET A 420 8.63 -10.06 -24.82
N ARG A 421 8.59 -10.22 -23.51
CA ARG A 421 9.11 -9.18 -22.63
C ARG A 421 10.63 -9.19 -22.54
N ILE A 422 11.26 -10.32 -22.87
CA ILE A 422 12.71 -10.38 -22.95
C ILE A 422 13.18 -9.94 -24.33
N ARG A 423 12.44 -10.31 -25.37
CA ARG A 423 12.75 -9.90 -26.73
C ARG A 423 12.67 -8.38 -26.90
N SER A 424 11.74 -7.73 -26.21
CA SER A 424 11.60 -6.29 -26.27
C SER A 424 12.76 -5.53 -25.65
N ASP A 425 13.56 -6.18 -24.80
CA ASP A 425 14.71 -5.53 -24.19
C ASP A 425 15.93 -5.47 -25.11
N MET A 426 15.84 -6.02 -26.31
CA MET A 426 16.94 -6.00 -27.27
C MET A 426 17.06 -4.68 -28.02
N SER A 427 16.07 -3.79 -27.90
CA SER A 427 16.18 -2.41 -28.34
C SER A 427 15.77 -1.51 -27.19
N MET A 428 16.21 -0.26 -27.27
CA MET A 428 15.96 0.81 -26.27
C MET A 428 14.75 1.74 -26.49
N MET A 429 14.34 2.29 -27.62
CA MET A 429 13.15 3.24 -27.66
C MET A 429 13.61 4.62 -27.28
N ARG A 430 14.79 4.65 -26.73
CA ARG A 430 15.16 5.96 -26.25
C ARG A 430 16.36 6.13 -27.16
N TRP A 431 16.29 5.90 -28.49
CA TRP A 431 17.24 6.06 -29.61
C TRP A 431 16.65 5.32 -30.82
N MET B 1 17.66 -2.44 -8.29
CA MET B 1 16.41 -2.76 -9.03
C MET B 1 15.97 -1.62 -9.96
N ALA B 2 14.93 -1.89 -10.75
CA ALA B 2 14.42 -0.90 -11.68
C ALA B 2 13.67 0.22 -10.95
N PHE B 3 13.72 1.42 -11.54
CA PHE B 3 13.06 2.59 -10.99
C PHE B 3 11.56 2.40 -10.83
N ARG B 4 10.92 1.68 -11.76
CA ARG B 4 9.49 1.43 -11.69
C ARG B 4 9.11 0.58 -10.49
N LYS B 5 10.06 0.00 -9.80
CA LYS B 5 9.85 -0.91 -8.67
C LYS B 5 10.32 -0.24 -7.41
N SER B 6 11.13 0.77 -7.48
CA SER B 6 11.70 1.43 -6.29
C SER B 6 10.96 2.71 -5.92
N ASN B 7 10.45 3.45 -6.90
CA ASN B 7 9.74 4.70 -6.62
C ASN B 7 8.42 4.41 -5.91
N VAL B 8 8.08 5.28 -4.96
CA VAL B 8 6.87 5.11 -4.15
C VAL B 8 5.62 5.09 -5.02
N TYR B 9 5.54 5.98 -6.02
CA TYR B 9 4.32 6.13 -6.81
C TYR B 9 4.28 5.20 -8.02
N LEU B 10 5.41 5.01 -8.70
CA LEU B 10 5.43 4.11 -9.86
C LEU B 10 5.37 2.65 -9.44
N SER B 11 5.81 2.33 -8.22
CA SER B 11 5.68 0.97 -7.70
C SER B 11 4.24 0.50 -7.67
N LEU B 12 3.31 1.42 -7.41
CA LEU B 12 1.89 1.06 -7.43
C LEU B 12 1.38 0.89 -8.85
N VAL B 13 1.89 1.68 -9.79
CA VAL B 13 1.48 1.50 -11.18
C VAL B 13 2.01 0.17 -11.71
N ASN B 14 3.26 -0.15 -11.38
CA ASN B 14 3.86 -1.40 -11.83
C ASN B 14 3.12 -2.62 -11.29
N SER B 15 2.78 -2.59 -10.00
CA SER B 15 2.12 -3.72 -9.37
C SER B 15 0.69 -3.91 -9.81
N TYR B 16 0.05 -2.89 -10.35
CA TYR B 16 -1.34 -2.97 -10.79
C TYR B 16 -1.49 -3.02 -12.31
N ILE B 17 -0.58 -2.43 -13.06
CA ILE B 17 -0.71 -2.30 -14.51
C ILE B 17 0.31 -3.12 -15.29
N ILE B 18 1.54 -3.28 -14.83
CA ILE B 18 2.64 -3.75 -15.66
C ILE B 18 3.01 -5.20 -15.35
N ASP B 19 3.37 -5.49 -14.10
CA ASP B 19 3.87 -6.81 -13.71
C ASP B 19 2.82 -7.67 -13.01
N SER B 20 1.56 -7.27 -13.00
CA SER B 20 0.55 -8.01 -12.28
C SER B 20 0.34 -9.41 -12.86
N PRO B 21 0.41 -10.48 -12.06
CA PRO B 21 0.18 -11.82 -12.62
C PRO B 21 -1.30 -12.06 -12.87
N GLN B 22 -1.61 -12.52 -14.09
CA GLN B 22 -2.95 -12.78 -14.55
C GLN B 22 -3.08 -14.23 -15.00
N PRO B 23 -4.23 -14.87 -14.83
CA PRO B 23 -4.37 -16.23 -15.34
C PRO B 23 -4.35 -16.25 -16.87
N SER B 24 -3.77 -17.31 -17.41
CA SER B 24 -3.51 -17.38 -18.84
C SER B 24 -4.79 -17.54 -19.65
N SER B 25 -5.88 -17.96 -19.01
CA SER B 25 -7.06 -18.43 -19.70
C SER B 25 -8.25 -17.47 -19.65
N ILE B 26 -8.10 -16.28 -19.06
CA ILE B 26 -9.21 -15.34 -18.98
C ILE B 26 -9.59 -14.85 -20.37
N ASN B 27 -10.89 -14.68 -20.60
CA ASN B 27 -11.45 -14.35 -21.90
C ASN B 27 -11.86 -12.87 -21.96
N TYR B 28 -12.59 -12.48 -23.01
CA TYR B 28 -12.93 -11.08 -23.23
C TYR B 28 -14.00 -10.56 -22.27
N TRP B 29 -14.82 -11.41 -21.61
CA TRP B 29 -15.71 -11.09 -20.42
C TRP B 29 -14.96 -10.47 -19.25
N TRP B 30 -13.64 -10.58 -19.21
CA TRP B 30 -12.84 -9.95 -18.18
C TRP B 30 -12.37 -8.55 -18.55
N ASN B 31 -12.83 -8.01 -19.68
CA ASN B 31 -12.46 -6.68 -20.14
C ASN B 31 -13.47 -5.59 -19.78
N MET B 32 -14.59 -5.92 -19.16
CA MET B 32 -15.62 -4.93 -18.86
C MET B 32 -15.19 -3.97 -17.76
N GLY B 33 -14.39 -4.41 -16.80
CA GLY B 33 -13.96 -3.52 -15.73
C GLY B 33 -13.10 -2.38 -16.21
N SER B 34 -12.28 -2.62 -17.24
CA SER B 34 -11.53 -1.54 -17.87
C SER B 34 -12.45 -0.50 -18.48
N LEU B 35 -13.52 -0.94 -19.16
CA LEU B 35 -14.41 -0.02 -19.84
C LEU B 35 -15.17 0.86 -18.85
N LEU B 36 -15.63 0.30 -17.74
CA LEU B 36 -16.31 1.08 -16.71
C LEU B 36 -15.42 2.18 -16.14
N GLY B 37 -14.10 2.04 -16.21
CA GLY B 37 -13.21 3.09 -15.78
C GLY B 37 -13.06 4.22 -16.78
N LEU B 38 -13.15 3.90 -18.07
CA LEU B 38 -13.16 4.93 -19.11
C LEU B 38 -14.50 5.66 -19.12
N CYS B 39 -15.59 4.93 -18.88
CA CYS B 39 -16.92 5.53 -18.76
C CYS B 39 -16.97 6.62 -17.72
N LEU B 40 -16.43 6.36 -16.53
CA LEU B 40 -16.45 7.35 -15.44
C LEU B 40 -15.63 8.58 -15.78
N VAL B 41 -14.58 8.41 -16.59
CA VAL B 41 -13.77 9.56 -17.01
C VAL B 41 -14.52 10.38 -18.06
N ILE B 42 -15.24 9.72 -18.96
CA ILE B 42 -16.03 10.41 -19.97
C ILE B 42 -17.10 11.29 -19.31
N GLN B 43 -17.83 10.73 -18.34
CA GLN B 43 -18.92 11.47 -17.71
C GLN B 43 -18.43 12.63 -16.86
N ILE B 44 -17.34 12.45 -16.11
CA ILE B 44 -16.87 13.52 -15.24
C ILE B 44 -16.32 14.67 -16.06
N VAL B 45 -15.62 14.38 -17.16
CA VAL B 45 -15.01 15.42 -17.97
C VAL B 45 -16.07 16.18 -18.76
N THR B 46 -16.99 15.44 -19.41
CA THR B 46 -18.05 16.11 -20.17
C THR B 46 -18.96 16.94 -19.27
N GLY B 47 -19.22 16.46 -18.05
CA GLY B 47 -20.08 17.18 -17.13
C GLY B 47 -19.50 18.46 -16.58
N ILE B 48 -18.20 18.50 -16.32
CA ILE B 48 -17.57 19.71 -15.83
C ILE B 48 -17.53 20.80 -16.89
N PHE B 49 -17.45 20.44 -18.17
CA PHE B 49 -17.43 21.44 -19.22
C PHE B 49 -18.80 22.01 -19.50
N MET B 50 -19.86 21.26 -19.17
CA MET B 50 -21.22 21.76 -19.28
C MET B 50 -21.62 22.61 -18.08
N ALA B 51 -21.14 22.26 -16.89
CA ALA B 51 -21.45 23.00 -15.67
C ALA B 51 -21.02 24.45 -15.75
N MET B 52 -20.05 24.77 -16.61
CA MET B 52 -19.66 26.15 -16.88
C MET B 52 -20.77 26.97 -17.52
N HIS B 53 -21.78 26.34 -18.12
CA HIS B 53 -22.86 27.04 -18.82
C HIS B 53 -24.26 26.75 -18.27
N TYR B 54 -24.38 26.01 -17.17
CA TYR B 54 -25.66 25.58 -16.64
C TYR B 54 -26.12 26.47 -15.50
N SER B 55 -27.44 26.68 -15.43
CA SER B 55 -28.08 27.42 -14.35
C SER B 55 -29.17 26.55 -13.73
N SER B 56 -29.14 26.45 -12.40
CA SER B 56 -29.97 25.49 -11.67
C SER B 56 -31.31 26.05 -11.22
N ASN B 57 -31.53 27.35 -11.31
CA ASN B 57 -32.81 27.94 -10.98
C ASN B 57 -33.92 27.31 -11.82
N ILE B 58 -35.07 27.07 -11.19
CA ILE B 58 -36.16 26.36 -11.84
C ILE B 58 -36.74 27.17 -13.00
N GLU B 59 -36.58 28.49 -12.99
CA GLU B 59 -37.06 29.32 -14.08
C GLU B 59 -36.02 29.46 -15.21
N LEU B 60 -34.79 28.98 -15.00
CA LEU B 60 -33.69 29.14 -15.94
C LEU B 60 -33.13 27.82 -16.47
N ALA B 61 -33.60 26.68 -15.96
CA ALA B 61 -32.91 25.41 -16.12
C ALA B 61 -33.08 24.80 -17.51
N PHE B 62 -34.32 24.61 -17.95
CA PHE B 62 -34.58 24.06 -19.27
C PHE B 62 -33.95 24.89 -20.37
N SER B 63 -33.97 26.21 -20.23
CA SER B 63 -33.44 27.09 -21.26
C SER B 63 -31.91 27.13 -21.26
N SER B 64 -31.27 26.74 -20.15
CA SER B 64 -29.81 26.65 -20.12
C SER B 64 -29.32 25.46 -20.93
N VAL B 65 -30.07 24.37 -20.93
CA VAL B 65 -29.67 23.18 -21.68
C VAL B 65 -29.89 23.38 -23.18
N GLU B 66 -30.94 24.10 -23.55
CA GLU B 66 -31.13 24.48 -24.94
C GLU B 66 -30.10 25.51 -25.40
N HIS B 67 -29.54 26.27 -24.48
CA HIS B 67 -28.47 27.23 -24.77
C HIS B 67 -27.13 26.56 -24.96
N ILE B 68 -26.91 25.42 -24.30
CA ILE B 68 -25.74 24.60 -24.55
C ILE B 68 -25.82 23.96 -25.93
N MET B 69 -27.04 23.69 -26.41
CA MET B 69 -27.21 23.03 -27.69
C MET B 69 -27.03 23.97 -28.88
N ARG B 70 -27.43 25.23 -28.74
CA ARG B 70 -27.51 26.17 -29.86
C ARG B 70 -26.34 27.15 -29.91
N ASP B 71 -25.92 27.68 -28.76
CA ASP B 71 -24.96 28.77 -28.71
C ASP B 71 -23.55 28.35 -28.32
N VAL B 72 -23.39 27.26 -27.59
CA VAL B 72 -22.08 26.80 -27.16
C VAL B 72 -21.41 26.04 -28.30
N HIS B 73 -20.15 26.36 -28.56
CA HIS B 73 -19.37 25.69 -29.61
C HIS B 73 -19.15 24.23 -29.23
N ASN B 74 -19.61 23.31 -30.07
CA ASN B 74 -19.56 21.88 -29.86
C ASN B 74 -20.32 21.43 -28.62
N GLY B 75 -21.34 22.18 -28.21
CA GLY B 75 -22.11 21.81 -27.05
C GLY B 75 -23.07 20.67 -27.28
N TYR B 76 -23.54 20.51 -28.51
CA TYR B 76 -24.37 19.37 -28.84
C TYR B 76 -23.58 18.07 -28.77
N ILE B 77 -22.26 18.14 -28.94
CA ILE B 77 -21.42 16.96 -28.80
C ILE B 77 -21.29 16.56 -27.33
N LEU B 78 -21.09 17.56 -26.46
CA LEU B 78 -20.96 17.30 -25.03
C LEU B 78 -22.23 16.68 -24.43
N ARG B 79 -23.41 17.19 -24.78
CA ARG B 79 -24.62 16.67 -24.18
C ARG B 79 -24.97 15.27 -24.67
N TYR B 80 -24.97 15.06 -25.98
CA TYR B 80 -25.36 13.76 -26.52
C TYR B 80 -24.39 12.67 -26.12
N LEU B 81 -23.10 12.99 -26.07
CA LEU B 81 -22.10 12.06 -25.54
C LEU B 81 -22.40 11.73 -24.09
N HIS B 82 -22.62 12.76 -23.30
CA HIS B 82 -22.96 12.64 -21.89
C HIS B 82 -24.27 11.88 -21.63
N ALA B 83 -25.33 12.22 -22.36
CA ALA B 83 -26.61 11.56 -22.16
C ALA B 83 -26.58 10.10 -22.61
N ASN B 84 -25.96 9.82 -23.75
CA ASN B 84 -25.87 8.44 -24.23
C ASN B 84 -24.74 7.68 -23.55
N GLY B 85 -23.78 8.40 -22.96
CA GLY B 85 -22.72 7.76 -22.20
C GLY B 85 -23.19 7.12 -20.91
N ALA B 86 -24.29 7.60 -20.34
CA ALA B 86 -24.87 7.00 -19.16
C ALA B 86 -25.65 5.73 -19.47
N SER B 87 -26.26 5.65 -20.64
CA SER B 87 -26.89 4.42 -21.09
C SER B 87 -25.88 3.30 -21.34
N PHE B 88 -24.69 3.65 -21.81
CA PHE B 88 -23.62 2.69 -22.08
C PHE B 88 -22.92 2.23 -20.81
N PHE B 89 -22.71 3.16 -19.87
CA PHE B 89 -22.19 2.85 -18.55
C PHE B 89 -23.04 1.81 -17.82
N PHE B 90 -24.36 1.90 -17.94
CA PHE B 90 -25.24 0.94 -17.26
C PHE B 90 -25.26 -0.41 -17.95
N MET B 91 -25.10 -0.45 -19.26
CA MET B 91 -25.13 -1.71 -20.00
C MET B 91 -23.87 -2.53 -19.75
N VAL B 92 -22.72 -1.87 -19.62
CA VAL B 92 -21.48 -2.57 -19.35
C VAL B 92 -21.46 -3.08 -17.90
N MET B 93 -22.12 -2.38 -16.98
CA MET B 93 -22.21 -2.81 -15.60
C MET B 93 -23.10 -4.04 -15.41
N PHE B 94 -24.22 -4.10 -16.12
CA PHE B 94 -25.06 -5.30 -16.06
C PHE B 94 -24.34 -6.53 -16.58
N MET B 95 -23.50 -6.37 -17.59
CA MET B 95 -22.73 -7.48 -18.15
C MET B 95 -21.57 -7.88 -17.25
N HIS B 96 -20.98 -6.91 -16.56
CA HIS B 96 -19.94 -7.17 -15.58
C HIS B 96 -20.46 -7.97 -14.40
N MET B 97 -21.65 -7.64 -13.92
CA MET B 97 -22.28 -8.33 -12.80
C MET B 97 -22.80 -9.71 -13.19
N ALA B 98 -23.36 -9.84 -14.39
CA ALA B 98 -23.85 -11.13 -14.86
C ALA B 98 -22.72 -12.12 -15.05
N LYS B 99 -21.53 -11.64 -15.42
CA LYS B 99 -20.35 -12.49 -15.54
C LYS B 99 -19.97 -13.10 -14.19
N GLY B 100 -19.76 -12.26 -13.19
CA GLY B 100 -19.44 -12.71 -11.85
C GLY B 100 -20.43 -13.69 -11.26
N LEU B 101 -21.71 -13.52 -11.62
CA LEU B 101 -22.73 -14.47 -11.20
C LEU B 101 -22.58 -15.81 -11.91
N TYR B 102 -22.08 -15.81 -13.14
CA TYR B 102 -21.93 -17.04 -13.90
C TYR B 102 -20.69 -17.82 -13.47
N TYR B 103 -19.59 -17.11 -13.21
CA TYR B 103 -18.30 -17.73 -12.90
C TYR B 103 -18.01 -17.82 -11.41
N GLY B 104 -18.96 -17.47 -10.54
CA GLY B 104 -18.80 -17.66 -9.11
C GLY B 104 -17.83 -16.73 -8.43
N SER B 105 -17.64 -15.53 -8.95
CA SER B 105 -16.64 -14.62 -8.41
C SER B 105 -17.04 -14.04 -7.05
N TYR B 106 -18.31 -14.13 -6.68
CA TYR B 106 -18.78 -13.72 -5.36
C TYR B 106 -18.29 -14.62 -4.24
N ARG B 107 -17.92 -15.86 -4.52
CA ARG B 107 -17.61 -16.82 -3.47
C ARG B 107 -16.33 -16.45 -2.75
N SER B 108 -16.15 -17.02 -1.56
CA SER B 108 -14.91 -16.89 -0.83
C SER B 108 -13.77 -17.39 -1.70
N PRO B 109 -12.60 -16.72 -1.71
CA PRO B 109 -12.13 -15.63 -0.87
C PRO B 109 -12.45 -14.19 -1.30
N ARG B 110 -13.44 -13.97 -2.17
CA ARG B 110 -13.71 -12.66 -2.76
C ARG B 110 -15.09 -12.13 -2.36
N VAL B 111 -15.53 -12.36 -1.13
CA VAL B 111 -16.81 -11.85 -0.66
C VAL B 111 -16.74 -10.36 -0.42
N THR B 112 -15.58 -9.85 0.01
CA THR B 112 -15.44 -8.42 0.27
C THR B 112 -15.48 -7.60 -1.01
N LEU B 113 -15.01 -8.17 -2.12
CA LEU B 113 -14.99 -7.47 -3.39
C LEU B 113 -16.38 -7.33 -3.98
N TRP B 114 -17.22 -8.35 -3.81
CA TRP B 114 -18.61 -8.32 -4.23
C TRP B 114 -19.45 -7.31 -3.47
N ASN B 115 -19.13 -7.05 -2.21
CA ASN B 115 -19.94 -6.16 -1.38
C ASN B 115 -19.67 -4.69 -1.63
N VAL B 116 -18.41 -4.33 -1.86
CA VAL B 116 -18.08 -2.98 -2.27
C VAL B 116 -18.68 -2.66 -3.63
N GLY B 117 -18.87 -3.69 -4.47
CA GLY B 117 -19.48 -3.48 -5.77
C GLY B 117 -20.97 -3.18 -5.69
N VAL B 118 -21.67 -3.89 -4.79
CA VAL B 118 -23.10 -3.62 -4.56
C VAL B 118 -23.32 -2.19 -4.10
N ILE B 119 -22.34 -1.61 -3.39
CA ILE B 119 -22.45 -0.22 -2.95
C ILE B 119 -22.33 0.73 -4.13
N ILE B 120 -21.40 0.46 -5.04
CA ILE B 120 -21.18 1.28 -6.23
C ILE B 120 -22.45 1.33 -7.07
N PHE B 121 -23.15 0.19 -7.16
CA PHE B 121 -24.38 0.12 -7.94
C PHE B 121 -25.47 1.02 -7.37
N ILE B 122 -25.63 1.03 -6.04
CA ILE B 122 -26.65 1.87 -5.41
C ILE B 122 -26.35 3.34 -5.63
N LEU B 123 -25.10 3.75 -5.42
CA LEU B 123 -24.70 5.15 -5.59
C LEU B 123 -24.77 5.62 -7.04
N THR B 124 -24.88 4.71 -8.00
CA THR B 124 -24.89 5.00 -9.41
C THR B 124 -26.31 5.20 -9.95
N ILE B 125 -27.27 4.46 -9.40
CA ILE B 125 -28.68 4.73 -9.63
C ILE B 125 -29.05 6.10 -9.07
N ALA B 126 -28.52 6.45 -7.90
CA ALA B 126 -28.82 7.73 -7.29
C ALA B 126 -28.30 8.88 -8.12
N THR B 127 -27.07 8.76 -8.64
CA THR B 127 -26.47 9.80 -9.46
C THR B 127 -27.31 10.08 -10.70
N ALA B 128 -27.63 9.05 -11.47
CA ALA B 128 -28.38 9.23 -12.71
C ALA B 128 -29.76 9.84 -12.48
N PHE B 129 -30.45 9.40 -11.41
CA PHE B 129 -31.74 9.97 -11.07
C PHE B 129 -31.65 11.48 -10.81
N LEU B 130 -30.63 11.90 -10.07
CA LEU B 130 -30.49 13.32 -9.74
C LEU B 130 -30.22 14.17 -10.96
N GLY B 131 -29.56 13.62 -11.98
CA GLY B 131 -29.20 14.38 -13.15
C GLY B 131 -30.32 14.58 -14.14
N TYR B 132 -31.15 13.56 -14.32
CA TYR B 132 -32.35 13.66 -15.12
C TYR B 132 -33.31 14.72 -14.61
N CYS B 133 -33.35 14.93 -13.30
CA CYS B 133 -34.21 15.96 -12.71
C CYS B 133 -33.72 17.36 -13.00
N CYS B 134 -32.44 17.54 -13.31
CA CYS B 134 -31.86 18.85 -13.53
C CYS B 134 -32.16 19.41 -14.92
N VAL B 135 -32.54 18.56 -15.87
CA VAL B 135 -33.07 19.04 -17.14
C VAL B 135 -34.33 19.85 -16.91
N TYR B 136 -35.19 19.35 -16.02
CA TYR B 136 -36.49 19.93 -15.67
C TYR B 136 -37.37 20.09 -16.91
N GLY B 137 -37.61 18.98 -17.58
CA GLY B 137 -38.75 18.82 -18.44
C GLY B 137 -39.89 18.14 -17.73
N GLN B 138 -40.75 17.50 -18.52
CA GLN B 138 -42.00 16.98 -18.01
C GLN B 138 -41.87 15.56 -17.46
N MET B 139 -40.89 14.77 -17.93
CA MET B 139 -40.56 13.53 -17.23
C MET B 139 -39.67 13.77 -16.01
N SER B 140 -39.05 14.94 -15.92
CA SER B 140 -38.20 15.26 -14.79
C SER B 140 -39.03 15.65 -13.57
N HIS B 141 -40.08 16.44 -13.76
CA HIS B 141 -40.90 16.89 -12.65
C HIS B 141 -41.70 15.74 -12.05
N TRP B 142 -42.38 14.97 -12.89
CA TRP B 142 -43.33 13.97 -12.41
C TRP B 142 -42.65 12.67 -12.01
N GLY B 143 -41.41 12.45 -12.42
CA GLY B 143 -40.63 11.34 -11.91
C GLY B 143 -40.12 11.56 -10.50
N ALA B 144 -39.70 12.79 -10.21
CA ALA B 144 -39.29 13.14 -8.85
C ALA B 144 -40.47 13.19 -7.90
N THR B 145 -41.65 13.57 -8.39
CA THR B 145 -42.85 13.56 -7.55
C THR B 145 -43.21 12.16 -7.11
N VAL B 146 -43.17 11.19 -8.02
CA VAL B 146 -43.63 9.83 -7.71
C VAL B 146 -42.69 9.15 -6.71
N ILE B 147 -41.38 9.40 -6.83
CA ILE B 147 -40.41 8.70 -6.00
C ILE B 147 -40.27 9.35 -4.64
N THR B 148 -40.29 10.69 -4.57
CA THR B 148 -40.14 11.36 -3.29
C THR B 148 -41.38 11.25 -2.41
N ASN B 149 -42.56 11.06 -2.99
CA ASN B 149 -43.76 10.87 -2.20
C ASN B 149 -43.86 9.47 -1.61
N LEU B 150 -42.98 8.56 -1.99
CA LEU B 150 -42.96 7.22 -1.40
C LEU B 150 -42.54 7.24 0.07
N PHE B 151 -41.68 8.18 0.45
CA PHE B 151 -41.17 8.25 1.81
C PHE B 151 -42.15 8.86 2.80
N SER B 152 -43.33 9.27 2.35
CA SER B 152 -44.37 9.77 3.23
C SER B 152 -45.19 8.67 3.89
N ALA B 153 -44.86 7.41 3.63
CA ALA B 153 -45.54 6.27 4.23
C ALA B 153 -44.78 5.67 5.40
N ILE B 154 -43.56 6.11 5.69
CA ILE B 154 -42.82 5.58 6.83
C ILE B 154 -43.57 5.97 8.10
N PRO B 155 -43.72 5.07 9.08
CA PRO B 155 -44.64 5.35 10.20
C PRO B 155 -44.19 6.52 11.08
N PHE B 156 -45.08 7.50 11.21
CA PHE B 156 -44.97 8.64 12.12
C PHE B 156 -43.89 9.66 11.77
N VAL B 157 -43.04 9.36 10.79
CA VAL B 157 -41.84 10.15 10.52
C VAL B 157 -41.75 10.53 9.05
N GLY B 158 -42.71 10.08 8.23
CA GLY B 158 -42.58 10.17 6.80
C GLY B 158 -42.80 11.55 6.23
N ASN B 159 -43.84 12.25 6.69
CA ASN B 159 -44.14 13.57 6.19
C ASN B 159 -43.13 14.62 6.63
N ASP B 160 -42.25 14.29 7.57
CA ASP B 160 -41.10 15.14 7.90
C ASP B 160 -39.93 14.91 6.97
N ILE B 161 -39.84 13.72 6.36
CA ILE B 161 -38.70 13.39 5.50
C ILE B 161 -38.92 13.97 4.10
N VAL B 162 -40.16 13.99 3.63
CA VAL B 162 -40.43 14.50 2.29
C VAL B 162 -40.27 16.02 2.26
N SER B 163 -40.73 16.71 3.30
CA SER B 163 -40.62 18.17 3.35
C SER B 163 -39.20 18.65 3.56
N TRP B 164 -38.35 17.80 4.13
CA TRP B 164 -36.92 18.10 4.27
C TRP B 164 -36.15 17.76 3.01
N LEU B 165 -36.62 16.78 2.25
CA LEU B 165 -36.08 16.47 0.94
C LEU B 165 -36.46 17.51 -0.10
N TRP B 166 -37.70 18.00 -0.05
CA TRP B 166 -38.17 19.01 -0.99
C TRP B 166 -37.62 20.39 -0.66
N GLY B 167 -37.53 20.73 0.61
CA GLY B 167 -37.29 22.11 1.01
C GLY B 167 -38.53 22.96 1.00
N GLY B 168 -39.71 22.34 1.08
CA GLY B 168 -40.97 23.04 0.96
C GLY B 168 -42.14 22.09 0.98
N PHE B 169 -43.14 22.40 0.17
CA PHE B 169 -44.39 21.67 0.13
C PHE B 169 -44.63 20.96 -1.19
N SER B 170 -43.67 20.96 -2.10
CA SER B 170 -43.79 20.31 -3.41
C SER B 170 -42.40 20.34 -4.05
N VAL B 171 -42.28 19.63 -5.16
CA VAL B 171 -41.10 19.75 -6.01
C VAL B 171 -41.09 21.17 -6.59
N SER B 172 -40.07 21.94 -6.23
CA SER B 172 -40.03 23.37 -6.51
C SER B 172 -38.58 23.78 -6.72
N ASN B 173 -38.32 25.09 -6.65
CA ASN B 173 -36.97 25.61 -6.86
C ASN B 173 -35.95 25.09 -5.85
N PRO B 174 -36.21 25.07 -4.54
CA PRO B 174 -35.21 24.52 -3.62
C PRO B 174 -34.85 23.06 -3.87
N THR B 175 -35.75 22.29 -4.51
CA THR B 175 -35.49 20.90 -4.80
C THR B 175 -34.48 20.75 -5.95
N ILE B 176 -34.59 21.61 -6.96
CA ILE B 176 -33.78 21.48 -8.16
C ILE B 176 -32.36 22.00 -7.93
N GLN B 177 -32.21 22.97 -7.04
CA GLN B 177 -30.89 23.52 -6.76
C GLN B 177 -30.07 22.62 -5.84
N ARG B 178 -30.74 21.85 -4.97
CA ARG B 178 -30.02 20.92 -4.09
C ARG B 178 -29.68 19.62 -4.82
N PHE B 179 -30.51 19.21 -5.78
CA PHE B 179 -30.25 17.99 -6.53
C PHE B 179 -29.07 18.14 -7.49
N PHE B 180 -28.77 19.36 -7.94
CA PHE B 180 -27.61 19.56 -8.80
C PHE B 180 -26.31 19.55 -8.02
N ALA B 181 -26.30 20.12 -6.82
CA ALA B 181 -25.09 20.14 -6.02
C ALA B 181 -24.73 18.76 -5.50
N LEU B 182 -25.72 17.92 -5.21
CA LEU B 182 -25.46 16.54 -4.83
C LEU B 182 -25.06 15.69 -6.01
N HIS B 183 -25.56 16.02 -7.20
CA HIS B 183 -25.25 15.27 -8.39
C HIS B 183 -23.81 15.45 -8.85
N TYR B 184 -23.21 16.59 -8.55
CA TYR B 184 -21.79 16.81 -8.79
C TYR B 184 -20.94 16.01 -7.79
N LEU B 185 -21.43 15.82 -6.56
CA LEU B 185 -20.64 15.22 -5.50
C LEU B 185 -20.46 13.72 -5.65
N VAL B 186 -21.56 12.99 -5.81
CA VAL B 186 -21.57 11.53 -5.71
C VAL B 186 -20.62 10.84 -6.68
N PRO B 187 -20.35 11.39 -7.88
CA PRO B 187 -19.31 10.79 -8.72
C PRO B 187 -17.92 10.70 -8.08
N PHE B 188 -17.58 11.64 -7.20
CA PHE B 188 -16.28 11.58 -6.52
C PHE B 188 -16.28 10.58 -5.37
N ILE B 189 -17.46 10.22 -4.86
CA ILE B 189 -17.57 9.15 -3.87
C ILE B 189 -17.48 7.79 -4.54
N ILE B 190 -18.06 7.66 -5.74
CA ILE B 190 -17.93 6.43 -6.52
C ILE B 190 -16.48 6.16 -6.86
N ALA B 191 -15.70 7.19 -7.15
CA ALA B 191 -14.30 7.00 -7.49
C ALA B 191 -13.50 6.50 -6.29
N ALA B 192 -13.83 6.97 -5.09
CA ALA B 192 -13.15 6.48 -3.89
C ALA B 192 -13.53 5.04 -3.56
N MET B 193 -14.75 4.62 -3.89
CA MET B 193 -15.14 3.22 -3.75
C MET B 193 -14.53 2.32 -4.82
N VAL B 194 -14.10 2.89 -5.95
CA VAL B 194 -13.47 2.11 -6.99
C VAL B 194 -12.02 1.79 -6.62
N ILE B 195 -11.40 2.66 -5.84
CA ILE B 195 -10.05 2.40 -5.35
C ILE B 195 -10.07 1.31 -4.28
N MET B 196 -11.05 1.36 -3.37
CA MET B 196 -11.19 0.31 -2.37
C MET B 196 -11.57 -1.02 -3.02
N HIS B 197 -12.28 -0.97 -4.14
CA HIS B 197 -12.62 -2.16 -4.88
C HIS B 197 -11.39 -2.84 -5.47
N LEU B 198 -10.43 -2.05 -5.95
CA LEU B 198 -9.23 -2.60 -6.56
C LEU B 198 -8.27 -3.15 -5.51
N MET B 199 -8.20 -2.51 -4.35
CA MET B 199 -7.40 -3.03 -3.25
C MET B 199 -7.79 -4.44 -2.84
N ALA B 200 -9.08 -4.75 -2.86
CA ALA B 200 -9.58 -6.06 -2.49
C ALA B 200 -9.37 -7.11 -3.58
N LEU B 201 -9.06 -6.70 -4.80
CA LEU B 201 -8.76 -7.61 -5.90
C LEU B 201 -7.30 -8.01 -5.90
N HIS B 202 -6.44 -7.08 -5.48
CA HIS B 202 -5.00 -7.30 -5.45
C HIS B 202 -4.59 -8.39 -4.46
N ILE B 203 -5.43 -8.68 -3.46
CA ILE B 203 -5.06 -9.65 -2.44
C ILE B 203 -4.99 -11.05 -3.05
N HIS B 204 -6.07 -11.49 -3.69
CA HIS B 204 -6.19 -12.82 -4.26
C HIS B 204 -6.13 -12.82 -5.78
N GLY B 205 -6.06 -11.66 -6.42
CA GLY B 205 -6.14 -11.57 -7.86
C GLY B 205 -7.44 -12.02 -8.45
N SER B 206 -7.44 -12.25 -9.75
CA SER B 206 -8.63 -12.60 -10.50
C SER B 206 -8.82 -14.10 -10.60
N SER B 207 -10.06 -14.49 -10.82
CA SER B 207 -10.43 -15.87 -11.09
C SER B 207 -10.27 -16.16 -12.58
N ASN B 208 -10.81 -17.28 -13.04
CA ASN B 208 -10.67 -17.70 -14.42
C ASN B 208 -11.88 -18.54 -14.78
N PRO B 209 -12.12 -18.77 -16.08
CA PRO B 209 -13.38 -19.42 -16.49
C PRO B 209 -13.53 -20.88 -16.10
N LEU B 210 -12.48 -21.54 -15.63
CA LEU B 210 -12.56 -22.95 -15.26
C LEU B 210 -12.88 -23.17 -13.79
N GLY B 211 -12.62 -22.19 -12.94
CA GLY B 211 -12.97 -22.29 -11.54
C GLY B 211 -12.00 -23.06 -10.70
N ILE B 212 -10.73 -23.12 -11.12
CA ILE B 212 -9.67 -23.81 -10.40
C ILE B 212 -8.53 -22.82 -10.22
N THR B 213 -7.46 -23.25 -9.58
CA THR B 213 -6.37 -22.34 -9.27
C THR B 213 -5.63 -21.92 -10.54
N GLY B 214 -5.08 -20.71 -10.49
CA GLY B 214 -4.32 -20.12 -11.58
C GLY B 214 -2.88 -19.83 -11.23
N ASN B 215 -2.38 -20.41 -10.15
CA ASN B 215 -1.03 -20.16 -9.68
C ASN B 215 0.02 -21.01 -10.39
N LEU B 216 -0.39 -21.93 -11.25
CA LEU B 216 0.53 -22.78 -11.99
C LEU B 216 0.89 -22.23 -13.38
N ASP B 217 0.17 -21.23 -13.87
CA ASP B 217 0.42 -20.68 -15.21
C ASP B 217 -0.09 -19.22 -15.23
N ARG B 218 0.85 -18.29 -15.17
CA ARG B 218 0.56 -16.86 -15.11
C ARG B 218 1.31 -16.09 -16.18
N ILE B 219 0.67 -15.04 -16.68
CA ILE B 219 1.19 -14.16 -17.73
C ILE B 219 1.19 -12.74 -17.16
N PRO B 220 2.21 -11.91 -17.40
CA PRO B 220 2.12 -10.52 -16.92
C PRO B 220 1.13 -9.70 -17.73
N MET B 221 0.72 -8.57 -17.15
CA MET B 221 -0.35 -7.76 -17.74
C MET B 221 0.13 -7.03 -18.99
N HIS B 222 1.32 -6.46 -18.95
CA HIS B 222 1.80 -5.61 -20.02
C HIS B 222 2.11 -6.41 -21.29
N SER B 223 1.51 -5.97 -22.40
CA SER B 223 1.72 -6.45 -23.75
C SER B 223 1.16 -7.84 -24.00
N TYR B 224 0.22 -8.28 -23.18
CA TYR B 224 -0.67 -9.37 -23.56
C TYR B 224 -2.11 -8.97 -23.32
N PHE B 225 -2.35 -8.29 -22.22
CA PHE B 225 -3.69 -7.91 -21.78
C PHE B 225 -3.92 -6.42 -21.86
N ILE B 226 -2.87 -5.62 -21.98
CA ILE B 226 -3.01 -4.22 -22.35
C ILE B 226 -3.48 -4.11 -23.80
N PHE B 227 -2.87 -4.86 -24.71
CA PHE B 227 -3.24 -4.82 -26.12
C PHE B 227 -4.51 -5.60 -26.42
N LYS B 228 -4.93 -6.53 -25.57
CA LYS B 228 -6.22 -7.22 -25.61
C LYS B 228 -7.32 -6.26 -25.13
N ASP B 229 -7.01 -5.27 -24.36
CA ASP B 229 -8.00 -4.30 -23.90
C ASP B 229 -8.21 -3.14 -24.88
N LEU B 230 -7.20 -2.81 -25.69
CA LEU B 230 -7.40 -1.84 -26.77
C LEU B 230 -8.47 -2.29 -27.76
N VAL B 231 -8.59 -3.60 -27.96
CA VAL B 231 -9.55 -4.14 -28.93
C VAL B 231 -10.96 -3.72 -28.56
N THR B 232 -11.29 -3.77 -27.27
CA THR B 232 -12.65 -3.47 -26.82
C THR B 232 -12.86 -2.00 -26.51
N VAL B 233 -11.78 -1.24 -26.30
CA VAL B 233 -11.91 0.21 -26.15
C VAL B 233 -12.37 0.84 -27.46
N PHE B 234 -11.82 0.40 -28.58
CA PHE B 234 -12.12 1.03 -29.86
C PHE B 234 -13.49 0.60 -30.39
N LEU B 235 -13.93 -0.61 -30.04
CA LEU B 235 -15.28 -1.02 -30.38
C LEU B 235 -16.31 -0.27 -29.57
N PHE B 236 -15.99 0.08 -28.34
CA PHE B 236 -16.88 0.86 -27.49
C PHE B 236 -17.02 2.28 -28.01
N MET B 237 -15.92 2.91 -28.37
CA MET B 237 -15.86 4.29 -28.93
C MET B 237 -16.45 4.36 -30.33
N LEU B 238 -16.53 3.30 -31.09
CA LEU B 238 -17.18 3.27 -32.39
C LEU B 238 -18.70 3.25 -32.25
N ILE B 239 -19.23 2.32 -31.45
CA ILE B 239 -20.67 2.19 -31.31
C ILE B 239 -21.25 3.42 -30.62
N LEU B 240 -20.52 4.01 -29.68
CA LEU B 240 -20.99 5.21 -29.01
C LEU B 240 -21.06 6.38 -29.98
N ALA B 241 -20.02 6.56 -30.80
CA ALA B 241 -20.01 7.60 -31.81
C ALA B 241 -21.17 7.45 -32.79
N LEU B 242 -21.57 6.22 -33.09
CA LEU B 242 -22.69 6.01 -33.99
C LEU B 242 -24.01 6.47 -33.41
N PHE B 243 -24.16 6.47 -32.09
CA PHE B 243 -25.36 6.98 -31.45
C PHE B 243 -25.32 8.50 -31.29
N VAL B 244 -24.15 9.04 -30.92
CA VAL B 244 -24.03 10.48 -30.69
C VAL B 244 -24.23 11.28 -31.97
N PHE B 245 -23.76 10.79 -33.11
CA PHE B 245 -23.72 11.57 -34.34
C PHE B 245 -24.81 11.23 -35.35
N TYR B 246 -25.45 10.05 -35.24
CA TYR B 246 -26.42 9.59 -36.22
C TYR B 246 -27.78 9.22 -35.66
N SER B 247 -27.90 8.94 -34.36
CA SER B 247 -29.18 8.62 -33.73
C SER B 247 -29.14 9.04 -32.27
N PRO B 248 -29.12 10.35 -32.00
CA PRO B 248 -28.80 10.82 -30.64
C PRO B 248 -29.97 10.96 -29.69
N ASN B 249 -31.21 10.63 -30.11
CA ASN B 249 -32.36 10.77 -29.22
C ASN B 249 -33.26 9.53 -29.23
N THR B 250 -32.74 8.39 -29.64
CA THR B 250 -33.53 7.15 -29.64
C THR B 250 -33.61 6.51 -28.27
N LEU B 251 -32.65 6.78 -27.38
CA LEU B 251 -32.66 6.24 -26.02
C LEU B 251 -33.21 7.25 -25.02
N GLY B 252 -34.23 8.00 -25.45
CA GLY B 252 -34.87 8.99 -24.60
C GLY B 252 -36.36 9.02 -24.82
N HIS B 253 -37.00 9.99 -24.16
CA HIS B 253 -38.44 10.22 -24.26
C HIS B 253 -38.72 11.61 -24.82
N PRO B 254 -39.67 11.78 -25.75
CA PRO B 254 -39.93 13.13 -26.27
C PRO B 254 -40.50 14.11 -25.27
N ASP B 255 -41.23 13.65 -24.25
CA ASP B 255 -41.85 14.54 -23.29
C ASP B 255 -40.85 15.40 -22.52
N ASN B 256 -39.59 14.98 -22.43
CA ASN B 256 -38.59 15.77 -21.71
C ASN B 256 -38.05 16.92 -22.54
N TYR B 257 -38.52 17.09 -23.77
CA TYR B 257 -38.35 18.34 -24.52
C TYR B 257 -39.51 19.30 -24.34
N ILE B 258 -40.55 18.89 -23.62
CA ILE B 258 -41.58 19.83 -23.12
C ILE B 258 -41.11 20.35 -21.78
N PRO B 259 -41.18 21.65 -21.51
CA PRO B 259 -40.75 22.14 -20.20
C PRO B 259 -41.69 21.70 -19.07
N GLY B 260 -41.12 21.56 -17.89
CA GLY B 260 -41.83 21.04 -16.73
C GLY B 260 -42.97 21.92 -16.26
N ASN B 261 -44.13 21.29 -16.05
CA ASN B 261 -45.35 21.98 -15.67
C ASN B 261 -46.08 21.21 -14.56
N PRO B 262 -46.23 21.77 -13.36
CA PRO B 262 -46.97 21.04 -12.32
C PRO B 262 -48.47 20.90 -12.58
N LEU B 263 -49.05 21.66 -13.52
CA LEU B 263 -50.49 21.71 -13.70
C LEU B 263 -51.01 20.80 -14.82
N VAL B 264 -50.13 20.14 -15.57
CA VAL B 264 -50.55 19.22 -16.63
C VAL B 264 -49.76 17.93 -16.46
N THR B 265 -50.49 16.85 -16.19
CA THR B 265 -49.86 15.55 -16.02
C THR B 265 -49.68 14.86 -17.36
N PRO B 266 -48.57 14.18 -17.60
CA PRO B 266 -48.47 13.40 -18.84
C PRO B 266 -49.37 12.18 -18.82
N ALA B 267 -49.66 11.67 -20.01
CA ALA B 267 -50.47 10.47 -20.14
C ALA B 267 -49.72 9.20 -19.77
N SER B 268 -48.38 9.23 -19.78
CA SER B 268 -47.58 8.08 -19.39
C SER B 268 -46.29 8.57 -18.77
N ILE B 269 -46.12 8.30 -17.48
CA ILE B 269 -44.88 8.62 -16.76
C ILE B 269 -44.04 7.35 -16.73
N VAL B 270 -42.88 7.41 -17.39
CA VAL B 270 -42.06 6.24 -17.69
C VAL B 270 -40.60 6.59 -17.39
N PRO B 271 -39.84 5.75 -16.67
CA PRO B 271 -38.42 6.06 -16.48
C PRO B 271 -37.57 5.66 -17.68
N GLU B 272 -36.29 6.00 -17.59
CA GLU B 272 -35.32 5.51 -18.56
C GLU B 272 -35.27 3.99 -18.55
N TRP B 273 -34.70 3.41 -19.60
CA TRP B 273 -34.79 1.98 -19.82
C TRP B 273 -34.08 1.18 -18.74
N TYR B 274 -33.09 1.78 -18.07
CA TYR B 274 -32.26 1.01 -17.14
C TYR B 274 -32.81 0.99 -15.71
N LEU B 275 -33.88 1.74 -15.42
CA LEU B 275 -34.58 1.66 -14.15
C LEU B 275 -35.97 1.06 -14.28
N LEU B 276 -36.35 0.56 -15.46
CA LEU B 276 -37.68 -0.01 -15.65
C LEU B 276 -37.92 -1.33 -14.90
N PRO B 277 -36.96 -2.27 -14.81
CA PRO B 277 -37.27 -3.51 -14.08
C PRO B 277 -37.52 -3.30 -12.60
N PHE B 278 -36.82 -2.33 -12.00
CA PHE B 278 -37.05 -2.01 -10.59
C PHE B 278 -38.33 -1.22 -10.41
N TYR B 279 -38.75 -0.49 -11.45
CA TYR B 279 -40.01 0.25 -11.41
C TYR B 279 -41.21 -0.68 -11.52
N ALA B 280 -41.04 -1.85 -12.15
CA ALA B 280 -42.12 -2.83 -12.22
C ALA B 280 -42.26 -3.60 -10.91
N ILE B 281 -41.16 -3.78 -10.18
CA ILE B 281 -41.22 -4.45 -8.88
C ILE B 281 -41.99 -3.60 -7.88
N LEU B 282 -41.76 -2.28 -7.92
CA LEU B 282 -42.48 -1.37 -7.03
C LEU B 282 -43.98 -1.39 -7.31
N ARG B 283 -44.38 -1.20 -8.56
CA ARG B 283 -45.79 -1.14 -8.95
C ARG B 283 -46.56 -2.42 -8.66
N SER B 284 -45.86 -3.54 -8.43
CA SER B 284 -46.49 -4.84 -8.23
C SER B 284 -47.01 -5.05 -6.83
N ILE B 285 -46.63 -4.20 -5.88
CA ILE B 285 -46.98 -4.34 -4.47
C ILE B 285 -48.13 -3.36 -4.18
N PRO B 286 -49.35 -3.83 -3.82
CA PRO B 286 -50.47 -2.90 -3.65
C PRO B 286 -50.26 -1.84 -2.56
N ASP B 287 -49.53 -2.17 -1.50
CA ASP B 287 -49.30 -1.26 -0.39
C ASP B 287 -48.08 -0.38 -0.65
N LYS B 288 -48.15 0.86 -0.17
CA LYS B 288 -47.12 1.85 -0.48
C LYS B 288 -45.84 1.59 0.29
N LEU B 289 -45.95 1.24 1.58
CA LEU B 289 -44.76 1.02 2.39
C LEU B 289 -44.05 -0.27 2.00
N LEU B 290 -44.81 -1.34 1.76
CA LEU B 290 -44.19 -2.60 1.36
C LEU B 290 -43.56 -2.51 -0.01
N GLY B 291 -44.11 -1.64 -0.87
CA GLY B 291 -43.56 -1.47 -2.20
C GLY B 291 -42.16 -0.86 -2.20
N VAL B 292 -41.95 0.16 -1.36
CA VAL B 292 -40.66 0.82 -1.33
C VAL B 292 -39.62 -0.04 -0.62
N ILE B 293 -40.05 -0.96 0.23
CA ILE B 293 -39.12 -1.89 0.86
C ILE B 293 -38.71 -2.98 -0.12
N THR B 294 -39.68 -3.53 -0.83
CA THR B 294 -39.43 -4.57 -1.83
C THR B 294 -38.53 -4.10 -2.97
N MET B 295 -38.59 -2.81 -3.31
CA MET B 295 -37.75 -2.27 -4.38
C MET B 295 -36.28 -2.17 -3.95
N PHE B 296 -36.03 -1.67 -2.75
CA PHE B 296 -34.66 -1.61 -2.26
C PHE B 296 -34.13 -3.00 -1.88
N ALA B 297 -35.02 -3.90 -1.46
CA ALA B 297 -34.62 -5.29 -1.21
C ALA B 297 -34.18 -6.00 -2.49
N ALA B 298 -34.58 -5.52 -3.65
CA ALA B 298 -34.17 -6.13 -4.91
C ALA B 298 -32.70 -5.88 -5.21
N ILE B 299 -32.12 -4.84 -4.63
CA ILE B 299 -30.70 -4.56 -4.82
C ILE B 299 -29.85 -5.27 -3.78
N LEU B 300 -30.36 -5.45 -2.56
CA LEU B 300 -29.57 -5.98 -1.46
C LEU B 300 -29.75 -7.47 -1.24
N VAL B 301 -30.59 -8.13 -2.04
CA VAL B 301 -30.62 -9.59 -2.02
C VAL B 301 -29.40 -10.20 -2.69
N LEU B 302 -28.61 -9.39 -3.41
CA LEU B 302 -27.37 -9.89 -4.00
C LEU B 302 -26.33 -10.24 -2.94
N LEU B 303 -26.39 -9.62 -1.77
CA LEU B 303 -25.49 -9.91 -0.67
C LEU B 303 -25.73 -11.26 -0.02
N VAL B 304 -26.83 -11.93 -0.34
CA VAL B 304 -27.17 -13.21 0.27
C VAL B 304 -26.59 -14.40 -0.49
N LEU B 305 -26.11 -14.20 -1.70
CA LEU B 305 -25.65 -15.27 -2.58
C LEU B 305 -24.41 -16.02 -2.09
N PRO B 306 -23.44 -15.38 -1.42
CA PRO B 306 -22.29 -16.16 -0.92
C PRO B 306 -22.64 -17.22 0.11
N PHE B 307 -23.83 -17.16 0.73
CA PHE B 307 -24.25 -18.13 1.73
C PHE B 307 -25.33 -19.09 1.26
N THR B 308 -25.91 -18.88 0.08
CA THR B 308 -26.94 -19.76 -0.45
C THR B 308 -26.45 -20.71 -1.53
N ASP B 309 -25.31 -20.45 -2.13
CA ASP B 309 -24.68 -21.40 -3.04
C ASP B 309 -23.99 -22.48 -2.22
N ARG B 310 -24.47 -23.72 -2.35
CA ARG B 310 -24.06 -24.84 -1.51
C ARG B 310 -23.21 -25.85 -2.27
N SER B 311 -22.39 -25.38 -3.20
CA SER B 311 -21.65 -26.25 -4.10
C SER B 311 -20.17 -26.27 -3.75
N VAL B 312 -19.52 -27.39 -4.06
CA VAL B 312 -18.09 -27.53 -3.86
C VAL B 312 -17.30 -27.08 -5.09
N VAL B 313 -17.97 -26.83 -6.21
CA VAL B 313 -17.32 -26.33 -7.42
C VAL B 313 -17.67 -24.86 -7.60
N ARG B 314 -16.68 -24.07 -8.01
CA ARG B 314 -16.90 -22.68 -8.36
C ARG B 314 -17.27 -22.55 -9.83
N GLY B 315 -18.34 -21.80 -10.10
CA GLY B 315 -18.75 -21.47 -11.45
C GLY B 315 -19.70 -22.46 -12.07
N ASN B 316 -20.21 -22.09 -13.24
CA ASN B 316 -21.26 -22.83 -13.92
C ASN B 316 -20.77 -23.58 -15.16
N THR B 317 -19.50 -23.45 -15.53
CA THR B 317 -18.96 -24.05 -16.75
C THR B 317 -19.25 -25.54 -16.91
N PHE B 318 -19.20 -26.30 -15.82
CA PHE B 318 -19.42 -27.74 -15.86
C PHE B 318 -20.76 -28.15 -15.24
N LYS B 319 -21.72 -27.23 -15.17
CA LYS B 319 -22.98 -27.43 -14.47
C LYS B 319 -24.15 -27.25 -15.43
N VAL B 320 -24.91 -28.32 -15.63
CA VAL B 320 -25.96 -28.34 -16.65
C VAL B 320 -27.23 -27.67 -16.16
N LEU B 321 -27.72 -28.07 -14.98
CA LEU B 321 -28.95 -27.49 -14.45
C LEU B 321 -28.77 -26.01 -14.10
N SER B 322 -27.61 -25.65 -13.54
CA SER B 322 -27.36 -24.28 -13.13
C SER B 322 -27.12 -23.34 -14.30
N LYS B 323 -26.95 -23.86 -15.52
CA LYS B 323 -26.90 -23.03 -16.72
C LYS B 323 -28.29 -22.65 -17.19
N PHE B 324 -29.22 -23.59 -17.15
CA PHE B 324 -30.59 -23.35 -17.59
C PHE B 324 -31.25 -22.25 -16.76
N PHE B 325 -31.06 -22.28 -15.43
CA PHE B 325 -31.69 -21.31 -14.56
C PHE B 325 -30.95 -19.99 -14.49
N PHE B 326 -29.70 -19.94 -14.93
CA PHE B 326 -29.03 -18.65 -15.10
C PHE B 326 -29.66 -17.84 -16.23
N PHE B 327 -30.10 -18.52 -17.29
CA PHE B 327 -30.66 -17.84 -18.45
C PHE B 327 -32.17 -17.64 -18.34
N ILE B 328 -32.85 -18.40 -17.48
CA ILE B 328 -34.19 -18.05 -17.04
C ILE B 328 -34.18 -16.70 -16.33
N PHE B 329 -33.20 -16.49 -15.44
CA PHE B 329 -33.16 -15.28 -14.63
C PHE B 329 -32.84 -14.05 -15.47
N VAL B 330 -32.07 -14.24 -16.54
CA VAL B 330 -31.67 -13.11 -17.39
C VAL B 330 -32.85 -12.59 -18.20
N PHE B 331 -33.60 -13.50 -18.81
CA PHE B 331 -34.75 -13.11 -19.62
C PHE B 331 -35.98 -12.74 -18.79
N ASN B 332 -36.04 -13.15 -17.52
CA ASN B 332 -37.05 -12.62 -16.61
C ASN B 332 -36.76 -11.18 -16.21
N PHE B 333 -35.50 -10.77 -16.26
CA PHE B 333 -35.09 -9.41 -15.98
C PHE B 333 -35.37 -8.47 -17.16
N VAL B 334 -35.57 -9.01 -18.36
CA VAL B 334 -35.87 -8.22 -19.54
C VAL B 334 -37.37 -8.01 -19.68
N LEU B 335 -38.16 -8.99 -19.24
CA LEU B 335 -39.61 -8.85 -19.19
C LEU B 335 -40.06 -7.83 -18.15
N LEU B 336 -39.35 -7.72 -17.03
CA LEU B 336 -39.70 -6.73 -16.03
C LEU B 336 -39.53 -5.31 -16.55
N GLY B 337 -38.54 -5.10 -17.42
CA GLY B 337 -38.39 -3.80 -18.04
C GLY B 337 -39.51 -3.47 -19.00
N GLN B 338 -39.89 -4.45 -19.82
CA GLN B 338 -41.02 -4.28 -20.74
C GLN B 338 -42.31 -3.95 -19.99
N ILE B 339 -42.61 -4.71 -18.94
CA ILE B 339 -43.83 -4.47 -18.17
C ILE B 339 -43.77 -3.12 -17.46
N GLY B 340 -42.58 -2.66 -17.10
CA GLY B 340 -42.42 -1.34 -16.53
C GLY B 340 -42.65 -0.20 -17.49
N ALA B 341 -42.78 -0.47 -18.79
CA ALA B 341 -43.05 0.53 -19.80
C ALA B 341 -44.46 0.41 -20.37
N CYS B 342 -45.34 -0.30 -19.69
CA CYS B 342 -46.71 -0.53 -20.12
C CYS B 342 -47.68 0.18 -19.19
N HIS B 343 -48.93 0.25 -19.63
CA HIS B 343 -50.00 0.77 -18.80
C HIS B 343 -50.45 -0.28 -17.80
N VAL B 344 -50.98 0.18 -16.67
CA VAL B 344 -51.46 -0.71 -15.63
C VAL B 344 -52.80 -1.25 -16.06
N GLU B 345 -52.78 -2.42 -16.72
CA GLU B 345 -53.96 -2.99 -17.34
C GLU B 345 -53.79 -4.50 -17.36
N VAL B 346 -54.91 -5.21 -17.37
CA VAL B 346 -54.92 -6.66 -17.56
C VAL B 346 -54.27 -6.96 -18.91
N PRO B 347 -53.38 -7.97 -19.02
CA PRO B 347 -52.83 -8.91 -18.03
C PRO B 347 -51.44 -8.54 -17.52
N TYR B 348 -51.01 -7.30 -17.74
CA TYR B 348 -49.69 -6.87 -17.32
C TYR B 348 -49.56 -6.66 -15.81
N VAL B 349 -50.64 -6.87 -15.05
CA VAL B 349 -50.63 -6.69 -13.60
C VAL B 349 -50.16 -7.98 -12.96
N LEU B 350 -50.77 -9.10 -13.37
CA LEU B 350 -50.38 -10.40 -12.84
C LEU B 350 -49.04 -10.86 -13.37
N MET B 351 -48.70 -10.49 -14.61
CA MET B 351 -47.42 -10.88 -15.19
C MET B 351 -46.26 -10.31 -14.38
N GLY B 352 -46.36 -9.06 -13.96
CA GLY B 352 -45.32 -8.45 -13.17
C GLY B 352 -45.24 -8.96 -11.75
N GLN B 353 -46.34 -9.53 -11.25
CA GLN B 353 -46.34 -10.13 -9.92
C GLN B 353 -45.61 -11.47 -9.93
N ILE B 354 -45.94 -12.34 -10.88
CA ILE B 354 -45.29 -13.64 -10.99
C ILE B 354 -43.81 -13.46 -11.28
N ALA B 355 -43.45 -12.45 -12.07
CA ALA B 355 -42.07 -12.20 -12.42
C ALA B 355 -41.27 -11.53 -11.30
N THR B 356 -41.95 -10.81 -10.40
CA THR B 356 -41.28 -10.29 -9.21
C THR B 356 -40.96 -11.42 -8.24
N PHE B 357 -41.79 -12.46 -8.21
CA PHE B 357 -41.53 -13.63 -7.37
C PHE B 357 -40.31 -14.40 -7.87
N ILE B 358 -40.22 -14.60 -9.19
CA ILE B 358 -39.13 -15.37 -9.77
C ILE B 358 -37.80 -14.66 -9.59
N TYR B 359 -37.81 -13.34 -9.46
CA TYR B 359 -36.57 -12.60 -9.20
C TYR B 359 -36.01 -12.96 -7.84
N PHE B 360 -36.88 -13.16 -6.85
CA PHE B 360 -36.48 -13.37 -5.47
C PHE B 360 -36.27 -14.85 -5.16
N ALA B 361 -37.06 -15.71 -5.81
CA ALA B 361 -36.93 -17.15 -5.61
C ALA B 361 -35.63 -17.70 -6.18
N TYR B 362 -35.03 -17.03 -7.16
CA TYR B 362 -33.76 -17.49 -7.71
C TYR B 362 -32.67 -17.46 -6.65
N PHE B 363 -32.52 -16.35 -5.94
CA PHE B 363 -31.47 -16.20 -4.95
C PHE B 363 -31.72 -17.02 -3.69
N LEU B 364 -32.98 -17.29 -3.35
CA LEU B 364 -33.33 -17.83 -2.03
C LEU B 364 -33.83 -19.27 -2.05
N ILE B 365 -34.36 -19.77 -3.16
CA ILE B 365 -34.93 -21.11 -3.20
C ILE B 365 -34.34 -21.98 -4.30
N ILE B 366 -33.91 -21.41 -5.42
CA ILE B 366 -33.51 -22.22 -6.57
C ILE B 366 -32.06 -22.64 -6.45
N VAL B 367 -31.18 -21.69 -6.19
CA VAL B 367 -29.74 -21.92 -6.09
C VAL B 367 -29.42 -22.94 -5.00
N PRO B 368 -29.95 -22.84 -3.78
CA PRO B 368 -29.63 -23.87 -2.78
C PRO B 368 -30.06 -25.28 -3.16
N VAL B 369 -31.20 -25.41 -3.85
CA VAL B 369 -31.74 -26.73 -4.12
C VAL B 369 -31.04 -27.40 -5.29
N ILE B 370 -30.63 -26.66 -6.32
CA ILE B 370 -29.96 -27.26 -7.47
C ILE B 370 -28.49 -27.51 -7.17
N SER B 371 -27.87 -26.65 -6.36
CA SER B 371 -26.49 -26.87 -5.96
C SER B 371 -26.32 -28.16 -5.17
N THR B 372 -27.26 -28.46 -4.28
CA THR B 372 -27.20 -29.69 -3.49
C THR B 372 -27.45 -30.91 -4.36
N ILE B 373 -28.39 -30.82 -5.29
CA ILE B 373 -28.68 -31.94 -6.19
C ILE B 373 -27.48 -32.25 -7.06
N GLU B 374 -26.76 -31.22 -7.52
CA GLU B 374 -25.65 -31.42 -8.43
C GLU B 374 -24.45 -32.06 -7.71
N ASN B 375 -24.19 -31.66 -6.47
CA ASN B 375 -23.16 -32.31 -5.67
C ASN B 375 -23.36 -33.81 -5.55
N VAL B 376 -24.58 -34.22 -5.22
CA VAL B 376 -24.86 -35.63 -5.00
C VAL B 376 -24.82 -36.42 -6.31
N LEU B 377 -25.11 -35.79 -7.44
CA LEU B 377 -25.03 -36.49 -8.72
C LEU B 377 -23.59 -36.74 -9.14
N PHE B 378 -22.70 -35.79 -8.84
CA PHE B 378 -21.29 -36.01 -9.10
C PHE B 378 -20.75 -37.21 -8.32
N TYR B 379 -21.25 -37.41 -7.10
CA TYR B 379 -20.76 -38.47 -6.24
C TYR B 379 -21.21 -39.84 -6.72
N ILE B 380 -22.51 -40.03 -6.93
CA ILE B 380 -23.02 -41.36 -7.28
C ILE B 380 -22.69 -41.78 -8.70
N GLY B 381 -22.29 -40.86 -9.57
CA GLY B 381 -21.83 -41.22 -10.89
C GLY B 381 -20.45 -41.84 -10.92
N ARG B 382 -19.59 -41.41 -9.99
CA ARG B 382 -18.24 -41.95 -9.84
C ARG B 382 -18.18 -43.07 -8.81
N VAL B 383 -18.66 -42.80 -7.60
CA VAL B 383 -18.73 -43.79 -6.54
C VAL B 383 -20.07 -44.51 -6.62
N ASN B 384 -20.11 -45.61 -7.38
CA ASN B 384 -21.32 -46.45 -7.45
C ASN B 384 -21.10 -47.88 -6.97
N LYS B 385 -22.00 -48.35 -6.12
CA LYS B 385 -21.85 -49.60 -5.37
C LYS B 385 -23.02 -50.55 -5.66
N LEU C 1 68.44 -15.50 -1.24
CA LEU C 1 67.53 -15.13 -2.30
C LEU C 1 67.93 -15.80 -3.60
N THR C 2 67.17 -16.82 -4.00
CA THR C 2 67.53 -17.68 -5.11
C THR C 2 66.61 -17.41 -6.30
N VAL C 3 67.21 -17.15 -7.46
CA VAL C 3 66.51 -16.73 -8.67
C VAL C 3 66.85 -17.73 -9.78
N SER C 4 65.91 -17.90 -10.71
CA SER C 4 66.06 -18.88 -11.78
C SER C 4 65.01 -18.61 -12.85
N ALA C 5 65.35 -18.89 -14.11
CA ALA C 5 64.42 -18.65 -15.19
C ALA C 5 64.84 -19.41 -16.44
N ARG C 6 63.85 -19.71 -17.28
CA ARG C 6 64.05 -20.33 -18.58
C ARG C 6 63.34 -19.50 -19.65
N ASP C 7 64.03 -19.24 -20.76
CA ASP C 7 63.50 -18.44 -21.85
C ASP C 7 62.72 -19.30 -22.83
N ALA C 8 61.99 -18.64 -23.73
CA ALA C 8 61.29 -19.29 -24.82
C ALA C 8 60.92 -18.25 -25.85
N PRO C 9 60.49 -18.66 -27.06
CA PRO C 9 60.03 -17.68 -28.06
C PRO C 9 58.53 -17.38 -27.98
N THR C 10 57.88 -17.72 -26.87
CA THR C 10 56.44 -17.60 -26.74
C THR C 10 56.02 -16.14 -26.55
N LYS C 11 54.72 -15.93 -26.37
CA LYS C 11 54.13 -14.61 -26.12
C LYS C 11 53.87 -14.35 -24.64
N ILE C 12 53.52 -15.38 -23.86
CA ILE C 12 53.09 -15.24 -22.48
C ILE C 12 54.23 -15.62 -21.55
N SER C 13 54.41 -14.83 -20.49
CA SER C 13 55.35 -15.11 -19.43
C SER C 13 54.60 -15.42 -18.13
N THR C 14 55.34 -16.00 -17.18
CA THR C 14 54.81 -16.36 -15.88
C THR C 14 55.90 -16.16 -14.83
N LEU C 15 55.51 -15.61 -13.69
CA LEU C 15 56.41 -15.31 -12.60
C LEU C 15 55.79 -15.79 -11.29
N ALA C 16 56.63 -16.39 -10.44
CA ALA C 16 56.16 -17.01 -9.20
C ALA C 16 57.13 -16.76 -8.07
N VAL C 17 56.59 -16.48 -6.89
CA VAL C 17 57.35 -16.37 -5.65
C VAL C 17 56.82 -17.45 -4.70
N LYS C 18 57.72 -18.30 -4.22
CA LYS C 18 57.37 -19.43 -3.37
C LYS C 18 57.97 -19.23 -1.98
N VAL C 19 57.16 -19.47 -0.95
CA VAL C 19 57.53 -19.21 0.44
C VAL C 19 57.19 -20.45 1.25
N HIS C 20 58.13 -20.88 2.09
CA HIS C 20 57.89 -21.97 3.03
C HIS C 20 57.04 -21.43 4.17
N GLY C 21 55.74 -21.34 3.90
CA GLY C 21 54.79 -20.77 4.83
C GLY C 21 53.43 -21.46 4.82
N GLY C 22 53.42 -22.73 4.45
CA GLY C 22 52.21 -23.50 4.42
C GLY C 22 51.75 -23.93 5.81
N SER C 23 50.75 -24.82 5.78
CA SER C 23 50.07 -25.23 7.00
C SER C 23 50.99 -25.92 8.00
N ARG C 24 52.02 -26.62 7.52
CA ARG C 24 52.92 -27.33 8.42
C ARG C 24 53.82 -26.41 9.23
N TYR C 25 53.81 -25.10 8.96
CA TYR C 25 54.53 -24.12 9.76
C TYR C 25 53.62 -23.18 10.52
N ALA C 26 52.33 -23.51 10.63
CA ALA C 26 51.33 -22.59 11.18
C ALA C 26 51.37 -22.60 12.70
N THR C 27 51.37 -21.40 13.28
CA THR C 27 51.37 -21.23 14.73
C THR C 27 50.04 -21.63 15.33
N LYS C 28 48.93 -21.21 14.71
CA LYS C 28 47.58 -21.56 15.11
C LYS C 28 46.85 -22.17 13.92
N ASP C 29 45.76 -22.84 14.22
CA ASP C 29 44.99 -23.55 13.22
C ASP C 29 44.31 -22.55 12.29
N GLY C 30 44.89 -22.38 11.10
CA GLY C 30 44.28 -21.61 10.03
C GLY C 30 44.89 -20.27 9.76
N VAL C 31 46.05 -19.94 10.34
CA VAL C 31 46.63 -18.62 10.15
C VAL C 31 47.29 -18.49 8.78
N ALA C 32 47.68 -19.61 8.16
CA ALA C 32 48.27 -19.56 6.83
C ALA C 32 47.21 -19.48 5.75
N HIS C 33 46.02 -20.03 6.01
CA HIS C 33 44.89 -19.87 5.10
C HIS C 33 44.41 -18.43 5.06
N LEU C 34 44.37 -17.75 6.20
CA LEU C 34 43.90 -16.38 6.22
C LEU C 34 44.91 -15.44 5.55
N LEU C 35 46.20 -15.57 5.88
CA LEU C 35 47.25 -14.81 5.20
C LEU C 35 47.19 -15.01 3.69
N ASN C 36 46.87 -16.22 3.24
CA ASN C 36 46.70 -16.48 1.81
C ASN C 36 45.63 -15.58 1.19
N ARG C 37 44.58 -15.27 1.95
CA ARG C 37 43.51 -14.42 1.46
C ARG C 37 43.73 -12.93 1.71
N PHE C 38 44.78 -12.53 2.44
CA PHE C 38 45.07 -11.11 2.61
C PHE C 38 45.88 -10.53 1.47
N ASN C 39 46.69 -11.32 0.78
CA ASN C 39 47.58 -10.76 -0.23
C ASN C 39 46.80 -10.45 -1.50
N PHE C 40 47.23 -9.37 -2.15
CA PHE C 40 46.51 -8.67 -3.22
C PHE C 40 45.28 -7.93 -2.69
N GLN C 41 45.30 -7.54 -1.42
CA GLN C 41 44.41 -6.51 -0.88
C GLN C 41 45.16 -5.18 -0.93
N ASN C 42 44.65 -4.17 -0.25
CA ASN C 42 45.24 -2.84 -0.30
C ASN C 42 46.68 -2.84 0.21
N THR C 43 47.51 -2.07 -0.46
CA THR C 43 48.88 -1.80 -0.08
C THR C 43 48.97 -0.40 0.49
N ASN C 44 50.07 -0.11 1.19
CA ASN C 44 50.27 1.21 1.75
C ASN C 44 50.31 2.30 0.68
N THR C 45 50.68 1.94 -0.55
CA THR C 45 50.87 2.90 -1.64
C THR C 45 49.77 2.88 -2.69
N ARG C 46 49.11 1.74 -2.89
CA ARG C 46 48.02 1.67 -3.85
C ARG C 46 46.95 0.71 -3.36
N SER C 47 45.74 0.89 -3.89
CA SER C 47 44.59 0.10 -3.48
C SER C 47 44.48 -1.18 -4.29
N ALA C 48 43.63 -2.08 -3.81
CA ALA C 48 43.34 -3.32 -4.51
C ALA C 48 42.53 -3.11 -5.77
N LEU C 49 41.78 -2.00 -5.85
CA LEU C 49 41.00 -1.71 -7.04
C LEU C 49 41.89 -1.22 -8.17
N LYS C 50 42.83 -0.33 -7.87
CA LYS C 50 43.70 0.21 -8.90
C LYS C 50 44.63 -0.85 -9.48
N LEU C 51 45.05 -1.82 -8.68
CA LEU C 51 45.88 -2.90 -9.19
C LEU C 51 45.14 -3.73 -10.24
N VAL C 52 43.87 -4.03 -9.96
CA VAL C 52 43.07 -4.81 -10.91
C VAL C 52 42.86 -4.04 -12.20
N ARG C 53 42.63 -2.73 -12.09
CA ARG C 53 42.32 -1.92 -13.27
C ARG C 53 43.57 -1.65 -14.10
N GLU C 54 44.69 -1.37 -13.44
CA GLU C 54 45.93 -1.10 -14.17
C GLU C 54 46.43 -2.32 -14.93
N SER C 55 46.43 -3.48 -14.26
CA SER C 55 46.95 -4.70 -14.89
C SER C 55 46.04 -5.21 -15.99
N GLU C 56 44.74 -4.95 -15.90
CA GLU C 56 43.82 -5.36 -16.97
C GLU C 56 44.16 -4.65 -18.26
N LEU C 57 44.53 -3.37 -18.19
CA LEU C 57 44.88 -2.62 -19.39
C LEU C 57 46.21 -3.04 -19.96
N LEU C 58 47.10 -3.58 -19.13
CA LEU C 58 48.36 -4.14 -19.60
C LEU C 58 48.26 -5.61 -20.00
N GLY C 59 47.15 -6.28 -19.68
CA GLY C 59 47.02 -7.69 -19.95
C GLY C 59 47.68 -8.62 -18.96
N GLY C 60 47.20 -8.64 -17.72
CA GLY C 60 47.73 -9.56 -16.72
C GLY C 60 46.78 -9.77 -15.57
N THR C 61 47.02 -10.86 -14.85
CA THR C 61 46.21 -11.27 -13.71
C THR C 61 47.13 -11.76 -12.59
N PHE C 62 46.53 -11.90 -11.40
CA PHE C 62 47.25 -12.31 -10.20
C PHE C 62 46.51 -13.47 -9.53
N LYS C 63 47.23 -14.23 -8.71
CA LYS C 63 46.69 -15.41 -8.05
C LYS C 63 47.62 -15.82 -6.91
N SER C 64 47.03 -16.36 -5.84
CA SER C 64 47.76 -16.87 -4.69
C SER C 64 47.19 -18.22 -4.28
N THR C 65 48.09 -19.16 -3.96
CA THR C 65 47.71 -20.52 -3.59
C THR C 65 48.43 -20.99 -2.34
N LEU C 66 47.79 -21.94 -1.66
CA LEU C 66 48.27 -22.51 -0.41
C LEU C 66 48.36 -24.03 -0.54
N ASP C 67 49.40 -24.61 0.02
CA ASP C 67 49.44 -26.05 0.27
C ASP C 67 50.16 -26.28 1.60
N ARG C 68 50.38 -27.55 1.93
CA ARG C 68 50.92 -27.92 3.23
C ARG C 68 52.36 -27.47 3.43
N GLU C 69 53.09 -27.08 2.38
CA GLU C 69 54.47 -26.62 2.51
C GLU C 69 54.68 -25.22 1.96
N TYR C 70 53.92 -24.82 0.94
CA TYR C 70 54.17 -23.58 0.21
C TYR C 70 52.96 -22.64 0.24
N ILE C 71 53.27 -21.35 0.28
CA ILE C 71 52.40 -20.30 -0.23
C ILE C 71 53.06 -19.76 -1.49
N THR C 72 52.32 -19.75 -2.60
CA THR C 72 52.83 -19.33 -3.90
C THR C 72 52.05 -18.14 -4.42
N LEU C 73 52.77 -17.06 -4.75
CA LEU C 73 52.22 -15.86 -5.37
C LEU C 73 52.61 -15.85 -6.84
N LYS C 74 51.62 -15.81 -7.73
CA LYS C 74 51.81 -16.01 -9.16
C LYS C 74 51.22 -14.87 -9.98
N ALA C 75 51.94 -14.50 -11.04
CA ALA C 75 51.46 -13.55 -12.03
C ALA C 75 51.61 -14.11 -13.43
N THR C 76 50.64 -13.81 -14.29
CA THR C 76 50.64 -14.20 -15.70
C THR C 76 50.37 -12.96 -16.55
N PHE C 77 51.18 -12.75 -17.57
CA PHE C 77 51.19 -11.46 -18.27
C PHE C 77 51.83 -11.60 -19.64
N LEU C 78 51.75 -10.52 -20.42
CA LEU C 78 52.40 -10.44 -21.72
C LEU C 78 53.87 -10.09 -21.56
N LYS C 79 54.70 -10.68 -22.42
CA LYS C 79 56.14 -10.83 -22.18
C LYS C 79 56.87 -9.51 -21.86
N ASP C 80 56.52 -8.42 -22.55
CA ASP C 80 57.31 -7.20 -22.44
C ASP C 80 57.17 -6.49 -21.10
N ASP C 81 56.08 -6.71 -20.37
CA ASP C 81 55.78 -5.94 -19.17
C ASP C 81 56.36 -6.61 -17.92
N LEU C 82 57.66 -6.92 -17.95
CA LEU C 82 58.26 -7.63 -16.82
C LEU C 82 58.44 -6.74 -15.60
N PRO C 83 59.05 -5.55 -15.67
CA PRO C 83 59.35 -4.83 -14.43
C PRO C 83 58.13 -4.35 -13.64
N TYR C 84 56.95 -4.29 -14.27
CA TYR C 84 55.76 -3.89 -13.53
C TYR C 84 55.35 -4.96 -12.52
N TYR C 85 55.39 -6.23 -12.94
CA TYR C 85 54.91 -7.31 -12.09
C TYR C 85 55.94 -7.75 -11.06
N VAL C 86 57.22 -7.45 -11.29
CA VAL C 86 58.24 -7.69 -10.27
C VAL C 86 58.03 -6.74 -9.10
N ASN C 87 57.71 -5.48 -9.39
CA ASN C 87 57.53 -4.49 -8.34
C ASN C 87 56.21 -4.70 -7.60
N ALA C 88 55.22 -5.29 -8.27
CA ALA C 88 53.92 -5.50 -7.64
C ALA C 88 53.97 -6.61 -6.61
N LEU C 89 54.60 -7.74 -6.95
CA LEU C 89 54.73 -8.83 -6.00
C LEU C 89 55.62 -8.46 -4.83
N ALA C 90 56.61 -7.59 -5.06
CA ALA C 90 57.50 -7.17 -3.98
C ALA C 90 56.76 -6.34 -2.94
N ASP C 91 55.87 -5.46 -3.37
CA ASP C 91 55.12 -4.62 -2.42
C ASP C 91 54.10 -5.44 -1.63
N VAL C 92 53.60 -6.52 -2.21
CA VAL C 92 52.70 -7.40 -1.48
C VAL C 92 53.43 -8.06 -0.31
N LEU C 93 54.67 -8.50 -0.54
CA LEU C 93 55.43 -9.14 0.52
C LEU C 93 55.99 -8.14 1.52
N TYR C 94 56.03 -6.85 1.17
CA TYR C 94 56.69 -5.84 1.98
C TYR C 94 55.73 -5.00 2.82
N LYS C 95 54.67 -4.45 2.21
CA LYS C 95 53.88 -3.39 2.85
C LYS C 95 52.39 -3.57 2.60
N THR C 96 51.88 -4.78 2.79
CA THR C 96 50.43 -4.97 2.87
C THR C 96 49.89 -4.26 4.11
N ALA C 97 48.68 -3.71 3.98
CA ALA C 97 48.16 -2.76 4.95
C ALA C 97 47.62 -3.44 6.21
N PHE C 98 46.85 -4.51 6.06
CA PHE C 98 46.27 -5.26 7.19
C PHE C 98 45.34 -4.38 8.01
N LYS C 99 44.26 -3.90 7.36
CA LYS C 99 43.26 -3.05 8.01
C LYS C 99 42.12 -3.91 8.57
N PRO C 100 41.48 -3.50 9.67
CA PRO C 100 40.46 -4.38 10.27
C PRO C 100 39.21 -4.57 9.42
N HIS C 101 38.79 -3.57 8.65
CA HIS C 101 37.58 -3.74 7.85
C HIS C 101 37.77 -4.65 6.65
N GLU C 102 39.02 -4.87 6.22
CA GLU C 102 39.28 -5.85 5.18
C GLU C 102 39.08 -7.26 5.71
N LEU C 103 39.52 -7.53 6.93
CA LEU C 103 39.28 -8.81 7.57
C LEU C 103 37.78 -9.11 7.68
N THR C 104 37.00 -8.11 8.08
CA THR C 104 35.57 -8.34 8.32
C THR C 104 34.78 -8.47 7.02
N GLU C 105 35.11 -7.66 6.02
CA GLU C 105 34.30 -7.56 4.81
C GLU C 105 34.73 -8.50 3.69
N SER C 106 36.02 -8.77 3.55
CA SER C 106 36.56 -9.52 2.42
C SER C 106 37.16 -10.86 2.79
N VAL C 107 38.05 -10.90 3.79
CA VAL C 107 38.89 -12.07 4.01
C VAL C 107 38.10 -13.19 4.68
N LEU C 108 37.38 -12.89 5.74
CA LEU C 108 36.68 -13.92 6.50
C LEU C 108 35.52 -14.53 5.73
N PRO C 109 34.70 -13.75 5.00
CA PRO C 109 33.67 -14.39 4.17
C PRO C 109 34.22 -15.27 3.08
N ALA C 110 35.43 -15.01 2.58
CA ALA C 110 36.03 -15.86 1.57
C ALA C 110 36.56 -17.15 2.17
N ALA C 111 37.20 -17.06 3.34
CA ALA C 111 37.64 -18.26 4.03
C ALA C 111 36.47 -19.13 4.46
N ARG C 112 35.35 -18.50 4.86
CA ARG C 112 34.15 -19.26 5.18
C ARG C 112 33.64 -20.02 3.96
N TYR C 113 33.76 -19.43 2.77
CA TYR C 113 33.29 -20.10 1.56
C TYR C 113 34.17 -21.29 1.21
N ASP C 114 35.50 -21.12 1.32
CA ASP C 114 36.42 -22.21 1.05
C ASP C 114 36.15 -23.42 1.95
N TYR C 115 35.94 -23.18 3.23
CA TYR C 115 35.69 -24.27 4.16
C TYR C 115 34.38 -24.97 3.86
N ALA C 116 33.31 -24.20 3.67
CA ALA C 116 31.99 -24.79 3.43
C ALA C 116 31.96 -25.61 2.15
N VAL C 117 32.75 -25.24 1.15
CA VAL C 117 32.83 -26.02 -0.07
C VAL C 117 33.55 -27.34 0.17
N ALA C 118 34.64 -27.30 0.96
CA ALA C 118 35.46 -28.48 1.15
C ALA C 118 34.81 -29.52 2.05
N GLU C 119 34.03 -29.08 3.03
CA GLU C 119 33.44 -30.02 3.97
C GLU C 119 32.21 -30.74 3.43
N GLN C 120 31.85 -30.52 2.16
CA GLN C 120 30.85 -31.33 1.48
C GLN C 120 31.45 -32.48 0.69
N CYS C 121 32.78 -32.63 0.68
CA CYS C 121 33.47 -33.68 -0.06
C CYS C 121 34.00 -34.73 0.91
N PRO C 122 33.53 -35.98 0.90
CA PRO C 122 34.05 -36.95 1.87
C PRO C 122 35.47 -37.44 1.59
N VAL C 123 35.96 -37.35 0.35
CA VAL C 123 37.32 -37.79 0.07
C VAL C 123 38.33 -36.83 0.67
N LYS C 124 38.02 -35.53 0.65
CA LYS C 124 38.91 -34.56 1.26
C LYS C 124 38.89 -34.65 2.78
N SER C 125 37.77 -35.08 3.35
CA SER C 125 37.71 -35.31 4.78
C SER C 125 38.59 -36.49 5.19
N ALA C 126 38.52 -37.59 4.44
CA ALA C 126 39.36 -38.75 4.71
C ALA C 126 40.83 -38.41 4.59
N GLU C 127 41.19 -37.46 3.73
CA GLU C 127 42.60 -37.14 3.52
C GLU C 127 43.18 -36.37 4.70
N ASP C 128 42.43 -35.40 5.24
CA ASP C 128 42.88 -34.69 6.43
C ASP C 128 43.02 -35.62 7.63
N GLN C 129 42.12 -36.61 7.75
CA GLN C 129 42.21 -37.54 8.87
C GLN C 129 43.46 -38.40 8.80
N LEU C 130 43.79 -38.90 7.61
CA LEU C 130 45.01 -39.70 7.45
C LEU C 130 46.25 -38.88 7.77
N TYR C 131 46.23 -37.60 7.41
CA TYR C 131 47.35 -36.72 7.77
C TYR C 131 47.38 -36.44 9.26
N ALA C 132 46.23 -36.53 9.94
CA ALA C 132 46.17 -36.19 11.36
C ALA C 132 46.57 -37.34 12.26
N ILE C 133 46.30 -38.58 11.84
CA ILE C 133 46.67 -39.75 12.64
C ILE C 133 48.06 -40.27 12.29
N THR C 134 48.51 -40.07 11.06
CA THR C 134 49.84 -40.53 10.65
C THR C 134 50.92 -39.60 11.18
N PHE C 135 50.83 -38.32 10.85
CA PHE C 135 51.58 -37.25 11.47
C PHE C 135 50.63 -36.50 12.39
N ARG C 136 51.17 -35.79 13.36
CA ARG C 136 50.33 -35.17 14.39
C ARG C 136 50.31 -33.65 14.35
N LYS C 137 51.47 -32.98 14.39
CA LYS C 137 51.51 -31.53 14.58
C LYS C 137 52.35 -30.79 13.55
N GLY C 138 52.92 -31.47 12.57
CA GLY C 138 53.57 -30.82 11.43
C GLY C 138 52.71 -30.95 10.20
N LEU C 139 53.02 -31.94 9.38
CA LEU C 139 52.22 -32.27 8.20
C LEU C 139 50.76 -32.55 8.52
N GLY C 140 50.44 -32.89 9.76
CA GLY C 140 49.08 -33.18 10.17
C GLY C 140 48.27 -32.01 10.67
N ASN C 141 48.82 -30.80 10.67
CA ASN C 141 48.02 -29.64 11.03
C ASN C 141 46.89 -29.43 10.04
N PRO C 142 45.80 -28.78 10.45
CA PRO C 142 44.71 -28.53 9.49
C PRO C 142 45.12 -27.54 8.42
N LEU C 143 44.49 -27.67 7.26
CA LEU C 143 44.73 -26.81 6.11
C LEU C 143 43.91 -25.53 6.19
N LEU C 144 42.61 -25.65 6.37
CA LEU C 144 41.69 -24.52 6.33
C LEU C 144 41.22 -24.11 7.73
N TYR C 145 40.83 -22.84 7.83
CA TYR C 145 40.34 -22.25 9.05
C TYR C 145 38.86 -22.57 9.24
N ASP C 146 38.51 -23.08 10.43
CA ASP C 146 37.14 -23.44 10.78
C ASP C 146 36.61 -22.74 12.01
N GLY C 147 37.46 -22.10 12.80
CA GLY C 147 37.04 -21.29 13.92
C GLY C 147 37.11 -21.93 15.29
N VAL C 148 37.57 -23.18 15.40
CA VAL C 148 37.71 -23.80 16.72
C VAL C 148 38.81 -23.16 17.54
N GLU C 149 39.73 -22.45 16.90
CA GLU C 149 40.79 -21.69 17.56
C GLU C 149 40.75 -20.27 17.01
N ARG C 150 40.66 -19.29 17.90
CA ARG C 150 40.44 -17.91 17.52
C ARG C 150 41.73 -17.27 17.00
N VAL C 151 41.67 -16.73 15.78
CA VAL C 151 42.82 -16.11 15.13
C VAL C 151 42.51 -14.62 14.96
N SER C 152 43.35 -13.78 15.57
CA SER C 152 43.20 -12.34 15.54
C SER C 152 44.08 -11.74 14.44
N LEU C 153 43.97 -10.42 14.29
CA LEU C 153 44.68 -9.72 13.22
C LEU C 153 46.17 -9.61 13.52
N GLN C 154 46.53 -9.47 14.81
CA GLN C 154 47.94 -9.43 15.18
C GLN C 154 48.59 -10.79 15.02
N ASP C 155 47.83 -11.87 15.17
CA ASP C 155 48.37 -13.20 14.93
C ASP C 155 48.75 -13.37 13.46
N ILE C 156 47.89 -12.88 12.56
CA ILE C 156 48.18 -12.92 11.13
C ILE C 156 49.39 -12.06 10.82
N LYS C 157 49.43 -10.87 11.39
CA LYS C 157 50.52 -9.93 11.13
C LYS C 157 51.85 -10.43 11.67
N ASP C 158 51.82 -11.27 12.71
CA ASP C 158 53.06 -11.82 13.26
C ASP C 158 53.54 -13.01 12.44
N PHE C 159 52.60 -13.76 11.83
CA PHE C 159 52.97 -14.88 10.97
C PHE C 159 53.62 -14.38 9.69
N ALA C 160 53.11 -13.28 9.11
CA ALA C 160 53.69 -12.73 7.90
C ALA C 160 55.13 -12.29 8.12
N ASP C 161 55.43 -11.69 9.26
CA ASP C 161 56.80 -11.30 9.58
C ASP C 161 57.69 -12.52 9.75
N LYS C 162 57.11 -13.67 10.09
CA LYS C 162 57.90 -14.88 10.33
C LYS C 162 58.33 -15.54 9.01
N VAL C 163 57.41 -15.62 8.04
CA VAL C 163 57.66 -16.41 6.84
C VAL C 163 58.12 -15.59 5.63
N TYR C 164 57.86 -14.27 5.62
CA TYR C 164 58.31 -13.41 4.52
C TYR C 164 59.68 -12.84 4.85
N THR C 165 60.67 -13.71 4.72
CA THR C 165 62.06 -13.40 5.04
C THR C 165 62.95 -13.93 3.91
N LYS C 166 63.95 -13.12 3.57
CA LYS C 166 64.73 -13.28 2.36
C LYS C 166 65.34 -14.67 2.18
N GLU C 167 65.66 -15.38 3.25
CA GLU C 167 66.24 -16.71 3.16
C GLU C 167 65.19 -17.82 3.09
N ASN C 168 63.92 -17.47 2.96
CA ASN C 168 62.81 -18.42 2.90
C ASN C 168 62.08 -18.38 1.56
N LEU C 169 62.70 -17.78 0.54
CA LEU C 169 62.04 -17.44 -0.71
C LEU C 169 62.66 -18.17 -1.90
N GLU C 170 61.86 -18.34 -2.94
CA GLU C 170 62.33 -18.79 -4.24
C GLU C 170 61.60 -18.00 -5.33
N VAL C 171 62.35 -17.35 -6.20
CA VAL C 171 61.82 -16.64 -7.36
C VAL C 171 62.11 -17.46 -8.60
N SER C 172 61.08 -17.66 -9.43
CA SER C 172 61.16 -18.50 -10.62
C SER C 172 60.38 -17.88 -11.76
N GLY C 173 60.91 -18.00 -12.96
CA GLY C 173 60.25 -17.47 -14.15
C GLY C 173 60.22 -18.46 -15.29
N GLU C 174 59.10 -18.47 -16.00
CA GLU C 174 58.94 -19.23 -17.23
C GLU C 174 58.85 -18.27 -18.41
N ASN C 175 59.69 -18.50 -19.42
CA ASN C 175 59.79 -17.61 -20.58
C ASN C 175 60.16 -16.20 -20.13
N VAL C 176 61.32 -16.10 -19.49
CA VAL C 176 61.82 -14.85 -18.94
C VAL C 176 63.34 -14.85 -19.09
N VAL C 177 63.90 -13.70 -19.47
CA VAL C 177 65.34 -13.56 -19.60
C VAL C 177 65.93 -13.49 -18.19
N GLU C 178 66.69 -14.53 -17.81
CA GLU C 178 67.19 -14.65 -16.45
C GLU C 178 68.12 -13.50 -16.07
N ALA C 179 68.91 -13.00 -17.03
CA ALA C 179 69.82 -11.90 -16.73
C ALA C 179 69.07 -10.62 -16.39
N ASP C 180 67.87 -10.46 -16.96
CA ASP C 180 67.07 -9.26 -16.69
C ASP C 180 66.22 -9.41 -15.45
N LEU C 181 65.76 -10.64 -15.16
CA LEU C 181 65.04 -10.88 -13.92
C LEU C 181 65.92 -10.63 -12.70
N LYS C 182 67.18 -11.06 -12.76
CA LYS C 182 68.10 -10.82 -11.66
C LYS C 182 68.33 -9.33 -11.44
N ARG C 183 68.38 -8.56 -12.53
CA ARG C 183 68.60 -7.12 -12.41
C ARG C 183 67.39 -6.43 -11.78
N PHE C 184 66.18 -6.80 -12.21
CA PHE C 184 64.99 -6.17 -11.66
C PHE C 184 64.74 -6.57 -10.21
N VAL C 185 65.17 -7.77 -9.82
CA VAL C 185 64.93 -8.24 -8.46
C VAL C 185 65.83 -7.53 -7.47
N ASP C 186 67.10 -7.33 -7.82
CA ASP C 186 68.03 -6.67 -6.92
C ASP C 186 67.67 -5.20 -6.68
N GLU C 187 67.01 -4.56 -7.64
CA GLU C 187 66.60 -3.17 -7.51
C GLU C 187 65.17 -3.01 -6.98
N SER C 188 64.51 -4.12 -6.62
CA SER C 188 63.16 -4.08 -6.07
C SER C 188 63.22 -4.07 -4.55
N LEU C 189 62.04 -4.03 -3.93
CA LEU C 189 61.95 -3.93 -2.48
C LEU C 189 62.11 -5.27 -1.79
N LEU C 190 61.98 -6.39 -2.49
CA LEU C 190 62.20 -7.68 -1.85
C LEU C 190 63.68 -7.99 -1.65
N SER C 191 64.57 -7.11 -2.08
CA SER C 191 65.97 -7.12 -1.67
C SER C 191 66.19 -6.38 -0.35
N THR C 192 65.16 -5.72 0.17
CA THR C 192 65.22 -4.98 1.43
C THR C 192 64.51 -5.70 2.57
N LEU C 193 63.85 -6.83 2.28
CA LEU C 193 63.20 -7.62 3.32
C LEU C 193 64.20 -8.00 4.41
N PRO C 194 63.72 -8.29 5.62
CA PRO C 194 64.64 -8.71 6.68
C PRO C 194 65.17 -10.12 6.43
N ALA C 195 66.48 -10.28 6.60
CA ALA C 195 67.13 -11.59 6.48
C ALA C 195 66.88 -12.35 7.76
N GLY C 196 66.01 -13.36 7.68
CA GLY C 196 65.71 -14.21 8.81
C GLY C 196 66.43 -15.53 8.71
N LYS C 197 65.68 -16.62 8.57
CA LYS C 197 66.26 -17.92 8.34
C LYS C 197 65.24 -18.80 7.63
N SER C 198 65.72 -19.89 7.05
CA SER C 198 64.85 -20.87 6.45
C SER C 198 64.24 -21.76 7.52
N LEU C 199 63.01 -22.20 7.27
CA LEU C 199 62.25 -23.01 8.22
C LEU C 199 62.22 -24.48 7.88
N VAL C 200 62.84 -24.90 6.78
CA VAL C 200 62.86 -26.32 6.44
C VAL C 200 63.72 -27.08 7.44
N SER C 201 63.19 -28.18 7.95
CA SER C 201 63.93 -29.08 8.81
C SER C 201 64.58 -30.16 7.97
N LYS C 202 65.85 -30.44 8.27
CA LYS C 202 66.59 -31.50 7.61
C LYS C 202 66.63 -32.77 8.45
N SER C 203 65.96 -32.77 9.60
CA SER C 203 65.44 -33.96 10.27
C SER C 203 64.38 -34.65 9.40
N GLU C 204 64.18 -35.98 9.65
CA GLU C 204 63.00 -36.59 9.04
C GLU C 204 61.81 -36.41 9.99
N PRO C 205 60.56 -36.46 9.54
CA PRO C 205 59.45 -36.35 10.48
C PRO C 205 59.18 -37.67 11.18
N LYS C 206 58.53 -37.55 12.34
CA LYS C 206 58.09 -38.70 13.11
C LYS C 206 56.70 -39.13 12.65
N PHE C 207 56.51 -40.43 12.50
CA PHE C 207 55.27 -41.01 12.02
C PHE C 207 54.79 -42.09 12.97
N PHE C 208 53.55 -42.54 12.73
CA PHE C 208 52.88 -43.52 13.56
C PHE C 208 52.16 -44.50 12.65
N LEU C 209 52.10 -45.76 13.07
CA LEU C 209 51.52 -46.84 12.29
C LEU C 209 50.52 -47.62 13.14
N GLY C 210 49.48 -48.11 12.50
CA GLY C 210 48.46 -48.91 13.15
C GLY C 210 47.30 -48.15 13.74
N GLU C 211 47.03 -46.94 13.27
CA GLU C 211 45.99 -46.08 13.82
C GLU C 211 44.69 -46.24 13.05
N GLU C 212 43.64 -45.61 13.59
CA GLU C 212 42.29 -45.74 13.06
C GLU C 212 41.46 -44.53 13.50
N ASN C 213 40.48 -44.10 12.69
CA ASN C 213 39.51 -43.03 13.06
C ASN C 213 38.26 -43.27 12.22
N ARG C 214 37.08 -43.10 12.78
CA ARG C 214 35.78 -43.23 12.09
C ARG C 214 35.02 -41.88 12.17
N VAL C 215 34.20 -41.45 11.19
CA VAL C 215 33.43 -40.20 11.16
C VAL C 215 32.08 -40.46 10.50
N ARG C 216 31.01 -40.02 11.15
CA ARG C 216 29.67 -40.13 10.59
C ARG C 216 29.38 -38.97 9.64
N PHE C 217 28.66 -39.26 8.56
CA PHE C 217 28.49 -38.30 7.48
C PHE C 217 27.32 -38.73 6.60
N ILE C 218 26.51 -37.75 6.19
CA ILE C 218 25.38 -37.98 5.30
C ILE C 218 25.86 -37.83 3.87
N GLY C 219 25.69 -38.88 3.07
CA GLY C 219 26.12 -38.88 1.68
C GLY C 219 26.78 -40.18 1.26
N ASP C 220 27.89 -40.05 0.53
CA ASP C 220 28.65 -41.20 0.07
C ASP C 220 29.62 -41.67 1.15
N SER C 221 29.93 -42.97 1.10
CA SER C 221 30.82 -43.60 2.05
C SER C 221 32.20 -43.78 1.42
N VAL C 222 33.24 -43.67 2.26
CA VAL C 222 34.63 -43.76 1.83
C VAL C 222 35.40 -44.67 2.78
N ALA C 223 36.37 -45.40 2.23
CA ALA C 223 37.35 -46.16 2.99
C ALA C 223 38.71 -45.92 2.39
N ALA C 224 39.66 -45.50 3.22
CA ALA C 224 40.98 -45.07 2.76
C ALA C 224 42.08 -45.63 3.65
N ILE C 225 43.25 -45.86 3.05
CA ILE C 225 44.44 -46.28 3.77
C ILE C 225 45.58 -45.32 3.46
N GLY C 226 46.58 -45.31 4.33
CA GLY C 226 47.74 -44.46 4.20
C GLY C 226 49.02 -45.07 4.75
N ILE C 227 50.13 -44.87 4.05
CA ILE C 227 51.44 -45.40 4.45
C ILE C 227 52.46 -44.27 4.39
N PRO C 228 53.29 -44.04 5.42
CA PRO C 228 54.40 -43.08 5.26
C PRO C 228 55.55 -43.69 4.48
N VAL C 229 56.28 -42.83 3.77
CA VAL C 229 57.35 -43.23 2.86
C VAL C 229 58.56 -42.35 3.12
N ASN C 230 59.72 -42.97 3.30
CA ASN C 230 60.97 -42.25 3.43
C ASN C 230 61.60 -42.02 2.05
N LYS C 231 62.67 -41.24 2.01
CA LYS C 231 63.23 -40.77 0.75
C LYS C 231 63.79 -41.89 -0.11
N ALA C 232 64.31 -42.95 0.49
CA ALA C 232 64.90 -44.04 -0.27
C ALA C 232 63.88 -44.95 -0.93
N SER C 233 62.68 -45.05 -0.36
CA SER C 233 61.63 -45.93 -0.87
C SER C 233 60.66 -45.20 -1.79
N LEU C 234 61.03 -44.02 -2.26
CA LEU C 234 60.09 -43.11 -2.90
C LEU C 234 59.76 -43.53 -4.33
N ALA C 235 60.76 -43.98 -5.09
CA ALA C 235 60.51 -44.43 -6.45
C ALA C 235 59.65 -45.68 -6.50
N GLN C 236 59.78 -46.55 -5.49
CA GLN C 236 58.97 -47.77 -5.43
C GLN C 236 57.49 -47.45 -5.35
N TYR C 237 57.11 -46.47 -4.52
CA TYR C 237 55.69 -46.20 -4.30
C TYR C 237 55.08 -45.38 -5.43
N GLU C 238 55.89 -44.61 -6.15
CA GLU C 238 55.40 -43.93 -7.34
C GLU C 238 54.96 -44.93 -8.40
N VAL C 239 55.75 -45.99 -8.60
CA VAL C 239 55.38 -47.02 -9.56
C VAL C 239 54.09 -47.72 -9.11
N LEU C 240 53.96 -47.96 -7.81
CA LEU C 240 52.75 -48.61 -7.28
C LEU C 240 51.51 -47.78 -7.57
N ALA C 241 51.58 -46.46 -7.35
CA ALA C 241 50.43 -45.59 -7.57
C ALA C 241 49.96 -45.65 -9.01
N ASN C 242 50.88 -45.47 -9.95
CA ASN C 242 50.51 -45.50 -11.36
C ASN C 242 50.14 -46.90 -11.84
N TYR C 243 50.72 -47.94 -11.24
CA TYR C 243 50.33 -49.31 -11.57
C TYR C 243 48.88 -49.58 -11.18
N LEU C 244 48.46 -49.14 -10.01
CA LEU C 244 47.14 -49.51 -9.48
C LEU C 244 45.99 -48.79 -10.18
N THR C 245 46.26 -47.70 -10.88
CA THR C 245 45.24 -46.99 -11.65
C THR C 245 45.28 -47.32 -13.14
N SER C 246 46.40 -47.80 -13.65
CA SER C 246 46.52 -48.18 -15.05
C SER C 246 45.68 -49.42 -15.35
N ALA C 247 45.60 -49.76 -16.63
CA ALA C 247 44.95 -50.97 -17.09
C ALA C 247 45.82 -52.21 -16.96
N LEU C 248 47.01 -52.10 -16.38
CA LEU C 248 47.83 -53.27 -16.10
C LEU C 248 47.31 -54.07 -14.91
N SER C 249 46.40 -53.49 -14.12
CA SER C 249 45.97 -54.07 -12.85
C SER C 249 44.57 -54.66 -12.97
N GLU C 250 44.33 -55.72 -12.20
CA GLU C 250 43.01 -56.35 -12.17
C GLU C 250 42.02 -55.61 -11.30
N LEU C 251 42.51 -54.86 -10.31
CA LEU C 251 41.67 -54.20 -9.32
C LEU C 251 41.66 -52.69 -9.50
N SER C 252 41.97 -52.22 -10.71
CA SER C 252 41.93 -50.79 -10.99
C SER C 252 40.52 -50.27 -11.14
N GLY C 253 39.54 -51.15 -11.38
CA GLY C 253 38.15 -50.76 -11.40
C GLY C 253 37.50 -50.63 -10.06
N LEU C 254 38.09 -51.21 -9.02
CA LEU C 254 37.60 -51.08 -7.65
C LEU C 254 38.10 -49.84 -6.94
N ILE C 255 39.15 -49.21 -7.44
CA ILE C 255 39.77 -48.06 -6.81
C ILE C 255 39.20 -46.80 -7.42
N SER C 256 39.08 -45.75 -6.59
CA SER C 256 38.70 -44.42 -7.03
C SER C 256 39.87 -43.49 -7.24
N SER C 257 40.91 -43.63 -6.43
CA SER C 257 42.02 -42.70 -6.45
C SER C 257 43.23 -43.37 -5.79
N ALA C 258 44.41 -42.99 -6.26
CA ALA C 258 45.66 -43.38 -5.64
C ALA C 258 46.75 -42.44 -6.09
N LYS C 259 47.60 -42.02 -5.15
CA LYS C 259 48.65 -41.08 -5.45
C LYS C 259 49.71 -41.13 -4.37
N LEU C 260 50.82 -40.45 -4.64
CA LEU C 260 51.91 -40.26 -3.70
C LEU C 260 52.21 -38.77 -3.64
N ASP C 261 52.12 -38.19 -2.45
CA ASP C 261 52.48 -36.80 -2.21
C ASP C 261 53.95 -36.74 -1.82
N LYS C 262 54.69 -35.89 -2.52
CA LYS C 262 56.14 -35.82 -2.40
C LYS C 262 56.55 -34.54 -1.71
N PHE C 263 57.38 -34.67 -0.69
CA PHE C 263 58.07 -33.57 -0.03
C PHE C 263 59.57 -33.85 -0.08
N THR C 264 60.36 -32.86 0.33
CA THR C 264 61.80 -33.02 0.33
C THR C 264 62.31 -33.90 1.47
N ASP C 265 61.43 -34.32 2.39
CA ASP C 265 61.78 -35.23 3.47
C ASP C 265 60.81 -36.40 3.57
N GLY C 266 60.33 -36.90 2.45
CA GLY C 266 59.56 -38.12 2.40
C GLY C 266 58.28 -37.92 1.61
N GLY C 267 57.32 -38.80 1.90
CA GLY C 267 56.02 -38.70 1.26
C GLY C 267 54.99 -39.53 1.96
N LEU C 268 53.76 -39.46 1.44
CA LEU C 268 52.63 -40.21 1.97
C LEU C 268 51.87 -40.82 0.79
N PHE C 269 51.76 -42.14 0.78
CA PHE C 269 50.95 -42.84 -0.20
C PHE C 269 49.52 -42.93 0.32
N THR C 270 48.55 -42.69 -0.57
CA THR C 270 47.15 -42.68 -0.23
C THR C 270 46.35 -43.46 -1.27
N LEU C 271 45.29 -44.09 -0.81
CA LEU C 271 44.40 -44.88 -1.66
C LEU C 271 42.98 -44.69 -1.14
N PHE C 272 42.02 -44.67 -2.06
CA PHE C 272 40.64 -44.33 -1.74
C PHE C 272 39.69 -45.26 -2.46
N VAL C 273 38.61 -45.63 -1.76
CA VAL C 273 37.53 -46.43 -2.30
C VAL C 273 36.22 -45.72 -1.97
N ARG C 274 35.47 -45.33 -3.01
CA ARG C 274 34.26 -44.54 -2.85
C ARG C 274 33.11 -45.19 -3.62
N ASP C 275 31.93 -45.17 -3.00
CA ASP C 275 30.70 -45.68 -3.59
C ASP C 275 29.55 -45.22 -2.71
N GLN C 276 28.32 -45.32 -3.23
CA GLN C 276 27.14 -44.95 -2.46
C GLN C 276 26.62 -46.08 -1.58
N ASP C 277 26.53 -47.31 -2.10
CA ASP C 277 26.19 -48.44 -1.25
C ASP C 277 27.39 -48.72 -0.35
N SER C 278 27.13 -48.97 0.93
CA SER C 278 28.21 -49.17 1.89
C SER C 278 28.67 -50.61 1.93
N ALA C 279 27.89 -51.55 1.38
CA ALA C 279 28.34 -52.93 1.26
C ALA C 279 29.34 -53.08 0.12
N VAL C 280 29.24 -52.23 -0.90
CA VAL C 280 30.21 -52.24 -1.99
C VAL C 280 31.56 -51.75 -1.49
N VAL C 281 31.56 -50.72 -0.66
CA VAL C 281 32.80 -50.14 -0.14
C VAL C 281 33.53 -51.16 0.73
N SER C 282 32.77 -51.95 1.50
CA SER C 282 33.39 -52.91 2.40
C SER C 282 33.93 -54.11 1.65
N SER C 283 33.19 -54.60 0.66
CA SER C 283 33.62 -55.75 -0.12
C SER C 283 34.86 -55.45 -0.95
N ASN C 284 35.00 -54.21 -1.40
CA ASN C 284 36.14 -53.84 -2.25
C ASN C 284 37.41 -53.70 -1.42
N ILE C 285 37.39 -52.85 -0.39
CA ILE C 285 38.58 -52.55 0.40
C ILE C 285 39.17 -53.81 1.03
N LYS C 286 38.34 -54.82 1.30
CA LYS C 286 38.85 -56.06 1.84
C LYS C 286 39.57 -56.88 0.77
N LYS C 287 39.15 -56.75 -0.49
CA LYS C 287 39.86 -57.41 -1.59
C LYS C 287 41.17 -56.70 -1.91
N ILE C 288 41.22 -55.38 -1.75
CA ILE C 288 42.44 -54.64 -2.06
C ILE C 288 43.56 -55.04 -1.10
N VAL C 289 43.23 -55.16 0.18
CA VAL C 289 44.25 -55.38 1.21
C VAL C 289 44.70 -56.83 1.22
N ALA C 290 43.77 -57.77 0.97
CA ALA C 290 44.13 -59.17 0.93
C ALA C 290 45.07 -59.49 -0.23
N ASP C 291 44.90 -58.81 -1.37
CA ASP C 291 45.72 -59.04 -2.53
C ASP C 291 47.08 -58.34 -2.42
N LEU C 292 47.12 -57.16 -1.80
CA LEU C 292 48.38 -56.44 -1.67
C LEU C 292 49.29 -57.06 -0.62
N LYS C 293 48.73 -57.77 0.35
CA LYS C 293 49.53 -58.42 1.38
C LYS C 293 50.29 -59.63 0.84
N LYS C 294 49.87 -60.18 -0.29
CA LYS C 294 50.48 -61.38 -0.85
C LYS C 294 51.63 -61.08 -1.79
N GLY C 295 51.60 -59.94 -2.49
CA GLY C 295 52.71 -59.50 -3.31
C GLY C 295 52.34 -59.17 -4.74
N LYS C 296 53.04 -58.20 -5.32
CA LYS C 296 52.85 -57.80 -6.70
C LYS C 296 54.19 -57.45 -7.31
N ASP C 297 54.38 -57.84 -8.58
CA ASP C 297 55.55 -57.45 -9.36
C ASP C 297 55.22 -56.19 -10.15
N LEU C 298 56.13 -55.21 -10.10
CA LEU C 298 55.90 -53.88 -10.62
C LEU C 298 56.77 -53.53 -11.82
N SER C 299 57.65 -54.43 -12.26
CA SER C 299 58.52 -54.16 -13.40
C SER C 299 57.78 -53.88 -14.70
N PRO C 300 56.58 -54.42 -14.96
CA PRO C 300 55.86 -54.03 -16.18
C PRO C 300 55.44 -52.56 -16.25
N ALA C 301 55.49 -51.81 -15.14
CA ALA C 301 55.00 -50.43 -15.10
C ALA C 301 56.12 -49.40 -14.96
N ILE C 302 57.35 -49.75 -15.32
CA ILE C 302 58.46 -48.81 -15.19
C ILE C 302 58.39 -47.75 -16.29
N ASN C 303 58.16 -48.17 -17.53
CA ASN C 303 58.17 -47.23 -18.65
C ASN C 303 56.89 -46.41 -18.70
N TYR C 304 55.77 -46.96 -18.23
CA TYR C 304 54.53 -46.20 -18.15
C TYR C 304 54.62 -45.13 -17.07
N THR C 305 55.40 -45.39 -16.02
CA THR C 305 55.58 -44.39 -14.96
C THR C 305 56.52 -43.28 -15.40
N LYS C 306 57.52 -43.60 -16.23
CA LYS C 306 58.43 -42.59 -16.73
C LYS C 306 57.70 -41.56 -17.59
N LEU C 307 56.73 -42.02 -18.38
CA LEU C 307 55.91 -41.10 -19.16
C LEU C 307 55.11 -40.17 -18.26
N LYS C 308 54.31 -40.73 -17.35
CA LYS C 308 53.46 -39.93 -16.48
C LYS C 308 54.26 -38.95 -15.66
N ASN C 309 55.39 -39.39 -15.09
CA ASN C 309 56.21 -38.50 -14.27
C ASN C 309 56.72 -37.32 -15.08
N ALA C 310 57.16 -37.56 -16.31
CA ALA C 310 57.59 -36.45 -17.17
C ALA C 310 56.45 -35.52 -17.49
N VAL C 311 55.22 -36.03 -17.55
CA VAL C 311 54.08 -35.20 -17.90
C VAL C 311 53.72 -34.26 -16.76
N GLN C 312 53.65 -34.77 -15.52
CA GLN C 312 53.25 -33.93 -14.41
C GLN C 312 54.39 -33.05 -13.88
N ASN C 313 55.64 -33.34 -14.23
CA ASN C 313 56.79 -32.53 -13.85
C ASN C 313 57.12 -31.46 -14.89
N GLU C 314 56.15 -31.04 -15.71
CA GLU C 314 56.46 -30.18 -16.85
C GLU C 314 56.90 -28.78 -16.43
N SER C 315 56.13 -28.13 -15.56
CA SER C 315 56.40 -26.75 -15.11
C SER C 315 56.63 -26.80 -13.62
N VAL C 316 57.85 -27.20 -13.21
CA VAL C 316 58.11 -27.61 -11.85
C VAL C 316 59.62 -27.83 -11.70
N SER C 317 60.17 -27.61 -10.49
CA SER C 317 61.61 -27.80 -10.27
C SER C 317 61.98 -29.24 -9.94
N SER C 318 61.01 -30.13 -9.72
CA SER C 318 61.17 -31.56 -9.89
C SER C 318 62.12 -32.23 -8.92
N PRO C 319 61.70 -32.56 -7.69
CA PRO C 319 62.50 -33.48 -6.88
C PRO C 319 62.79 -34.75 -7.67
N ILE C 320 64.06 -34.93 -8.02
CA ILE C 320 64.44 -35.87 -9.07
C ILE C 320 64.47 -37.25 -8.46
N GLU C 321 63.50 -38.07 -8.87
CA GLU C 321 63.29 -39.43 -8.40
C GLU C 321 63.61 -40.43 -9.52
N LEU C 322 64.65 -40.10 -10.27
CA LEU C 322 65.07 -40.84 -11.47
C LEU C 322 65.73 -42.18 -11.11
N ASN C 323 65.00 -43.05 -10.42
CA ASN C 323 65.53 -44.35 -10.03
C ASN C 323 64.49 -45.45 -10.16
N PHE C 324 63.67 -45.39 -11.20
CA PHE C 324 62.70 -46.45 -11.46
C PHE C 324 63.34 -47.74 -11.95
N ASP C 325 64.65 -47.74 -12.22
CA ASP C 325 65.32 -48.93 -12.74
C ASP C 325 65.25 -50.10 -11.77
N ALA C 326 65.49 -49.85 -10.48
CA ALA C 326 65.67 -50.90 -9.49
C ALA C 326 64.39 -51.35 -8.81
N VAL C 327 63.23 -51.00 -9.34
CA VAL C 327 61.96 -51.28 -8.70
C VAL C 327 61.40 -52.58 -9.26
N LYS C 328 61.06 -53.53 -8.37
CA LYS C 328 60.38 -54.76 -8.78
C LYS C 328 59.14 -55.10 -7.96
N ASP C 329 59.22 -54.97 -6.64
CA ASP C 329 58.42 -55.79 -5.75
C ASP C 329 57.97 -55.00 -4.54
N PHE C 330 56.73 -55.27 -4.15
CA PHE C 330 56.08 -54.60 -3.04
C PHE C 330 55.20 -55.60 -2.33
N LYS C 331 55.26 -55.55 -1.00
CA LYS C 331 54.38 -56.34 -0.17
C LYS C 331 53.94 -55.45 0.98
N LEU C 332 52.65 -55.47 1.26
CA LEU C 332 52.06 -54.54 2.20
C LEU C 332 52.43 -54.93 3.63
N GLY C 333 52.98 -53.97 4.36
CA GLY C 333 53.27 -54.14 5.75
C GLY C 333 52.17 -53.60 6.63
N LYS C 334 52.46 -52.51 7.32
CA LYS C 334 51.54 -51.87 8.25
C LYS C 334 51.14 -50.49 7.76
N PHE C 335 49.93 -50.08 8.14
CA PHE C 335 49.28 -48.94 7.54
C PHE C 335 48.24 -48.38 8.50
N ASN C 336 47.70 -47.22 8.13
CA ASN C 336 46.62 -46.57 8.84
C ASN C 336 45.35 -46.60 7.98
N TYR C 337 44.22 -46.29 8.62
CA TYR C 337 42.92 -46.51 8.02
C TYR C 337 41.92 -45.49 8.58
N VAL C 338 41.03 -45.01 7.72
CA VAL C 338 39.93 -44.13 8.13
C VAL C 338 38.68 -44.52 7.36
N ALA C 339 37.53 -44.30 7.99
CA ALA C 339 36.23 -44.57 7.41
C ALA C 339 35.34 -43.36 7.60
N VAL C 340 34.60 -43.00 6.54
CA VAL C 340 33.71 -41.84 6.54
C VAL C 340 32.38 -42.28 5.95
N GLY C 341 31.29 -41.90 6.62
CA GLY C 341 29.94 -42.16 6.15
C GLY C 341 29.11 -43.01 7.07
N ASP C 342 28.51 -44.07 6.54
CA ASP C 342 27.70 -45.02 7.30
C ASP C 342 28.65 -45.99 8.01
N VAL C 343 29.30 -45.48 9.06
CA VAL C 343 30.35 -46.24 9.73
C VAL C 343 29.84 -47.43 10.51
N SER C 344 28.53 -47.54 10.74
CA SER C 344 27.98 -48.74 11.35
C SER C 344 28.04 -49.96 10.45
N ASN C 345 28.29 -49.77 9.14
CA ASN C 345 28.32 -50.85 8.18
C ASN C 345 29.64 -50.92 7.41
N LEU C 346 30.70 -50.24 7.88
CA LEU C 346 32.01 -50.27 7.26
C LEU C 346 33.00 -51.05 8.13
N PRO C 347 34.03 -51.67 7.55
CA PRO C 347 34.88 -52.56 8.34
C PRO C 347 35.78 -51.82 9.32
N TYR C 348 36.30 -52.59 10.26
CA TYR C 348 37.26 -52.13 11.24
C TYR C 348 38.67 -52.55 10.83
N LEU C 349 39.66 -51.93 11.47
CA LEU C 349 41.05 -52.14 11.06
C LEU C 349 41.51 -53.59 11.23
N ASP C 350 41.22 -54.20 12.38
CA ASP C 350 41.72 -55.52 12.68
C ASP C 350 40.84 -56.65 12.13
N GLU C 351 39.95 -56.35 11.19
CA GLU C 351 39.31 -57.38 10.39
C GLU C 351 39.60 -57.19 8.90
N LEU C 352 40.63 -56.43 8.55
CA LEU C 352 41.08 -56.28 7.17
C LEU C 352 42.22 -57.24 6.88
N MET D 1 -55.45 0.94 -23.36
CA MET D 1 -56.22 1.97 -24.04
C MET D 1 -56.68 1.49 -25.40
N THR D 2 -57.80 2.04 -25.88
CA THR D 2 -58.22 1.78 -27.24
C THR D 2 -57.31 2.52 -28.23
N ALA D 3 -57.53 2.24 -29.51
CA ALA D 3 -56.72 2.86 -30.55
C ALA D 3 -57.06 4.32 -30.74
N ALA D 4 -58.29 4.73 -30.44
CA ALA D 4 -58.68 6.12 -30.57
C ALA D 4 -58.00 6.98 -29.51
N GLU D 5 -58.02 6.54 -28.26
CA GLU D 5 -57.39 7.27 -27.18
C GLU D 5 -55.88 7.35 -27.33
N HIS D 6 -55.29 6.43 -28.08
CA HIS D 6 -53.86 6.46 -28.39
C HIS D 6 -53.55 7.35 -29.58
N GLY D 7 -54.38 7.29 -30.62
CA GLY D 7 -54.14 7.98 -31.87
C GLY D 7 -53.77 7.01 -32.98
N LEU D 8 -53.95 7.48 -34.21
CA LEU D 8 -53.60 6.68 -35.37
C LEU D 8 -52.10 6.80 -35.65
N HIS D 9 -51.51 5.68 -36.08
CA HIS D 9 -50.09 5.61 -36.34
C HIS D 9 -49.75 6.42 -37.59
N ALA D 10 -48.72 7.25 -37.47
CA ALA D 10 -48.28 8.04 -38.62
C ALA D 10 -47.50 7.15 -39.58
N PRO D 11 -47.59 7.37 -40.89
CA PRO D 11 -46.86 6.53 -41.84
C PRO D 11 -45.42 7.01 -42.00
N ALA D 12 -44.69 6.32 -42.87
CA ALA D 12 -43.30 6.60 -43.16
C ALA D 12 -43.19 7.21 -44.55
N TYR D 13 -43.02 8.53 -44.60
CA TYR D 13 -42.79 9.25 -45.83
C TYR D 13 -41.30 9.32 -46.11
N ALA D 14 -40.95 9.54 -47.38
CA ALA D 14 -39.55 9.50 -47.83
C ALA D 14 -38.97 10.91 -47.82
N TRP D 15 -38.57 11.33 -46.63
CA TRP D 15 -38.00 12.66 -46.47
C TRP D 15 -36.57 12.70 -47.02
N SER D 16 -36.24 13.82 -47.65
CA SER D 16 -34.97 14.00 -48.33
C SER D 16 -33.77 14.16 -47.40
N HIS D 17 -34.00 14.38 -46.11
CA HIS D 17 -32.93 14.52 -45.13
C HIS D 17 -32.74 13.27 -44.28
N ASN D 18 -33.54 12.23 -44.51
CA ASN D 18 -33.35 10.96 -43.82
C ASN D 18 -32.26 10.16 -44.52
N GLY D 19 -31.24 9.78 -43.77
CA GLY D 19 -30.08 9.11 -44.29
C GLY D 19 -28.83 9.62 -43.62
N PRO D 20 -27.79 8.79 -43.49
CA PRO D 20 -26.59 9.24 -42.77
C PRO D 20 -25.72 10.22 -43.55
N PHE D 21 -25.92 10.37 -44.85
CA PHE D 21 -25.11 11.27 -45.68
C PHE D 21 -25.91 12.44 -46.26
N GLU D 22 -27.16 12.62 -45.86
CA GLU D 22 -28.04 13.63 -46.42
C GLU D 22 -28.04 14.91 -45.59
N THR D 23 -28.39 16.01 -46.26
CA THR D 23 -28.55 17.33 -45.66
C THR D 23 -29.99 17.79 -45.80
N PHE D 24 -30.31 18.91 -45.15
CA PHE D 24 -31.58 19.58 -45.38
C PHE D 24 -31.62 20.17 -46.78
N ASP D 25 -32.81 20.16 -47.38
CA ASP D 25 -33.08 20.89 -48.61
C ASP D 25 -33.40 22.34 -48.26
N HIS D 26 -32.50 23.25 -48.61
CA HIS D 26 -32.56 24.63 -48.15
C HIS D 26 -33.55 25.49 -48.93
N ALA D 27 -34.00 25.04 -50.10
CA ALA D 27 -35.07 25.74 -50.80
C ALA D 27 -36.43 25.46 -50.18
N SER D 28 -36.60 24.30 -49.57
CA SER D 28 -37.82 23.99 -48.84
C SER D 28 -37.89 24.70 -47.50
N ILE D 29 -36.74 24.97 -46.87
CA ILE D 29 -36.72 25.78 -45.65
C ILE D 29 -37.18 27.21 -45.96
N ARG D 30 -36.61 27.80 -47.02
CA ARG D 30 -36.97 29.16 -47.41
C ARG D 30 -38.45 29.29 -47.70
N ARG D 31 -39.01 28.33 -48.44
CA ARG D 31 -40.44 28.34 -48.70
C ARG D 31 -41.25 28.07 -47.45
N GLY D 32 -40.72 27.27 -46.52
CA GLY D 32 -41.43 26.95 -45.30
C GLY D 32 -41.61 28.13 -44.37
N TYR D 33 -40.59 28.98 -44.26
CA TYR D 33 -40.71 30.19 -43.45
C TYR D 33 -41.81 31.11 -43.98
N GLN D 34 -42.04 31.13 -45.29
CA GLN D 34 -43.11 31.95 -45.85
C GLN D 34 -44.48 31.44 -45.44
N VAL D 35 -44.64 30.12 -45.32
CA VAL D 35 -45.90 29.56 -44.84
C VAL D 35 -46.09 29.87 -43.36
N TYR D 36 -44.99 29.90 -42.60
CA TYR D 36 -45.10 30.24 -41.19
C TYR D 36 -45.56 31.68 -41.00
N ARG D 37 -44.94 32.60 -41.73
CA ARG D 37 -45.21 34.01 -41.56
C ARG D 37 -46.65 34.37 -41.95
N GLU D 38 -47.20 33.70 -42.96
CA GLU D 38 -48.49 34.08 -43.53
C GLU D 38 -49.66 33.23 -43.05
N VAL D 39 -49.42 32.11 -42.35
CA VAL D 39 -50.47 31.22 -41.87
C VAL D 39 -50.34 30.95 -40.37
N CYS D 40 -49.16 30.53 -39.92
CA CYS D 40 -48.99 30.02 -38.57
C CYS D 40 -48.83 31.10 -37.52
N ALA D 41 -48.08 32.16 -37.84
CA ALA D 41 -47.65 33.16 -36.87
C ALA D 41 -48.79 33.97 -36.28
N ALA D 42 -50.01 33.85 -36.79
CA ALA D 42 -51.13 34.53 -36.17
C ALA D 42 -51.40 34.03 -34.76
N CYS D 43 -51.08 32.76 -34.48
CA CYS D 43 -51.43 32.14 -33.21
C CYS D 43 -50.35 31.24 -32.63
N HIS D 44 -49.14 31.22 -33.20
CA HIS D 44 -48.02 30.43 -32.67
C HIS D 44 -46.76 31.26 -32.58
N SER D 45 -46.00 31.03 -31.51
CA SER D 45 -44.74 31.70 -31.26
C SER D 45 -43.56 30.83 -31.66
N LEU D 46 -42.41 31.48 -31.82
CA LEU D 46 -41.16 30.85 -32.22
C LEU D 46 -40.01 31.41 -31.38
N ASP D 47 -40.19 31.40 -30.06
CA ASP D 47 -39.41 32.19 -29.11
C ASP D 47 -37.92 31.82 -29.05
N ARG D 48 -37.53 30.61 -29.46
CA ARG D 48 -36.17 30.14 -29.28
C ARG D 48 -35.29 30.28 -30.53
N VAL D 49 -35.77 30.94 -31.58
CA VAL D 49 -35.03 31.14 -32.82
C VAL D 49 -34.74 32.62 -32.97
N ALA D 50 -33.46 32.96 -33.13
CA ALA D 50 -33.03 34.33 -33.34
C ALA D 50 -32.94 34.65 -34.83
N TRP D 51 -32.95 35.96 -35.12
CA TRP D 51 -32.92 36.42 -36.51
C TRP D 51 -31.63 36.03 -37.20
N ARG D 52 -30.50 36.18 -36.50
CA ARG D 52 -29.19 35.97 -37.11
C ARG D 52 -28.99 34.54 -37.63
N THR D 53 -29.66 33.55 -37.04
CA THR D 53 -29.44 32.17 -37.42
C THR D 53 -30.04 31.82 -38.78
N LEU D 54 -30.82 32.73 -39.39
CA LEU D 54 -31.36 32.50 -40.72
C LEU D 54 -30.39 32.90 -41.82
N VAL D 55 -29.42 33.75 -41.52
CA VAL D 55 -28.46 34.20 -42.53
C VAL D 55 -27.55 33.04 -42.90
N GLY D 56 -27.44 32.78 -44.19
CA GLY D 56 -26.65 31.67 -44.69
C GLY D 56 -27.35 30.33 -44.72
N VAL D 57 -28.64 30.28 -44.38
CA VAL D 57 -29.40 29.04 -44.31
C VAL D 57 -30.61 29.08 -45.23
N SER D 58 -31.38 30.17 -45.17
CA SER D 58 -32.56 30.37 -46.00
C SER D 58 -32.67 31.76 -46.60
N HIS D 59 -31.99 32.75 -46.05
CA HIS D 59 -32.13 34.14 -46.49
C HIS D 59 -30.77 34.81 -46.44
N THR D 60 -30.67 35.91 -47.17
CA THR D 60 -29.48 36.73 -47.21
C THR D 60 -29.47 37.72 -46.03
N ASN D 61 -28.27 38.21 -45.70
CA ASN D 61 -28.12 39.18 -44.63
C ASN D 61 -28.98 40.41 -44.84
N GLU D 62 -29.01 40.96 -46.06
CA GLU D 62 -29.82 42.13 -46.33
C GLU D 62 -31.31 41.84 -46.23
N GLU D 63 -31.72 40.61 -46.56
CA GLU D 63 -33.12 40.24 -46.43
C GLU D 63 -33.54 40.16 -44.96
N VAL D 64 -32.69 39.61 -44.11
CA VAL D 64 -33.08 39.37 -42.72
C VAL D 64 -33.10 40.68 -41.93
N ARG D 65 -32.21 41.62 -42.28
CA ARG D 65 -32.23 42.91 -41.61
C ARG D 65 -33.53 43.67 -41.88
N ASN D 66 -34.15 43.44 -43.03
CA ASN D 66 -35.40 44.12 -43.37
C ASN D 66 -36.62 43.45 -42.74
N MET D 67 -36.57 42.13 -42.54
CA MET D 67 -37.66 41.45 -41.87
C MET D 67 -37.72 41.83 -40.39
N ALA D 68 -36.56 42.00 -39.75
CA ALA D 68 -36.54 42.30 -38.33
C ALA D 68 -36.99 43.72 -38.03
N GLU D 69 -36.71 44.65 -38.92
CA GLU D 69 -37.06 46.06 -38.72
C GLU D 69 -38.55 46.32 -38.82
N GLU D 70 -39.35 45.36 -39.26
CA GLU D 70 -40.80 45.50 -39.30
C GLU D 70 -41.47 45.26 -37.95
N PHE D 71 -40.72 44.93 -36.91
CA PHE D 71 -41.24 44.73 -35.57
C PHE D 71 -40.60 45.73 -34.61
N GLU D 72 -41.32 46.06 -33.54
CA GLU D 72 -40.87 47.00 -32.53
C GLU D 72 -40.50 46.24 -31.26
N TYR D 73 -39.40 46.65 -30.63
CA TYR D 73 -38.88 46.01 -29.44
C TYR D 73 -38.69 47.06 -28.35
N ASP D 74 -38.79 46.60 -27.10
CA ASP D 74 -38.59 47.48 -25.96
C ASP D 74 -37.14 47.92 -25.87
N ASP D 75 -36.93 49.23 -25.87
CA ASP D 75 -35.64 49.83 -25.63
C ASP D 75 -35.50 50.13 -24.14
N GLU D 76 -34.31 50.55 -23.73
CA GLU D 76 -34.12 50.93 -22.34
C GLU D 76 -34.64 52.35 -22.11
N PRO D 77 -35.02 52.71 -20.88
CA PRO D 77 -35.68 53.99 -20.67
C PRO D 77 -34.80 55.19 -21.01
N ASP D 78 -35.46 56.32 -21.23
CA ASP D 78 -34.81 57.55 -21.66
C ASP D 78 -34.18 58.27 -20.47
N GLU D 79 -33.71 59.49 -20.70
CA GLU D 79 -33.01 60.28 -19.69
C GLU D 79 -33.86 60.61 -18.48
N GLN D 80 -35.20 60.52 -18.60
CA GLN D 80 -36.11 60.81 -17.50
C GLN D 80 -36.83 59.57 -16.99
N GLY D 81 -36.47 58.38 -17.47
CA GLY D 81 -37.04 57.15 -16.97
C GLY D 81 -38.31 56.68 -17.63
N ASN D 82 -38.70 57.30 -18.74
CA ASN D 82 -39.89 56.87 -19.45
C ASN D 82 -39.53 55.82 -20.50
N PRO D 83 -40.41 54.85 -20.79
CA PRO D 83 -40.04 53.78 -21.72
C PRO D 83 -40.00 54.25 -23.16
N LYS D 84 -39.16 53.57 -23.95
CA LYS D 84 -39.00 53.83 -25.37
C LYS D 84 -39.21 52.54 -26.15
N LYS D 85 -39.25 52.66 -27.47
CA LYS D 85 -39.31 51.55 -28.39
C LYS D 85 -38.23 51.71 -29.44
N ARG D 86 -37.99 50.64 -30.20
CA ARG D 86 -37.01 50.66 -31.28
C ARG D 86 -37.35 49.54 -32.25
N PRO D 87 -36.83 49.59 -33.48
CA PRO D 87 -37.00 48.47 -34.40
C PRO D 87 -36.04 47.32 -34.10
N GLY D 88 -36.30 46.20 -34.75
CA GLY D 88 -35.55 44.99 -34.50
C GLY D 88 -34.18 45.01 -35.13
N LYS D 89 -33.30 44.18 -34.54
CA LYS D 89 -31.95 43.96 -35.03
C LYS D 89 -31.68 42.46 -35.06
N LEU D 90 -30.50 42.09 -35.54
CA LEU D 90 -30.21 40.68 -35.82
C LEU D 90 -30.09 39.85 -34.55
N SER D 91 -29.66 40.46 -33.44
CA SER D 91 -29.50 39.75 -32.18
C SER D 91 -30.82 39.57 -31.43
N ASP D 92 -31.94 40.02 -31.98
CA ASP D 92 -33.23 39.85 -31.35
C ASP D 92 -33.84 38.52 -31.73
N TYR D 93 -34.87 38.13 -30.97
CA TYR D 93 -35.58 36.88 -31.18
C TYR D 93 -36.94 37.14 -31.83
N ILE D 94 -37.41 36.16 -32.59
CA ILE D 94 -38.64 36.28 -33.37
C ILE D 94 -39.83 36.46 -32.42
N PRO D 95 -40.62 37.53 -32.56
CA PRO D 95 -41.66 37.79 -31.56
C PRO D 95 -42.93 36.99 -31.82
N GLY D 96 -43.69 36.81 -30.74
CA GLY D 96 -44.94 36.09 -30.78
C GLY D 96 -46.15 37.02 -30.80
N PRO D 97 -47.33 36.47 -31.12
CA PRO D 97 -48.51 37.33 -31.26
C PRO D 97 -49.08 37.86 -29.96
N TYR D 98 -49.02 37.10 -28.86
CA TYR D 98 -49.72 37.44 -27.63
C TYR D 98 -48.75 37.88 -26.55
N PRO D 99 -49.20 38.71 -25.57
CA PRO D 99 -48.29 39.15 -24.51
C PRO D 99 -48.28 38.25 -23.28
N ASN D 100 -49.28 37.39 -23.12
CA ASN D 100 -49.33 36.49 -21.98
C ASN D 100 -50.25 35.32 -22.31
N GLU D 101 -50.27 34.34 -21.40
CA GLU D 101 -51.05 33.13 -21.60
C GLU D 101 -52.56 33.38 -21.51
N GLN D 102 -52.97 34.37 -20.72
CA GLN D 102 -54.39 34.65 -20.58
C GLN D 102 -54.97 35.17 -21.88
N ALA D 103 -54.24 36.06 -22.56
CA ALA D 103 -54.72 36.60 -23.83
C ALA D 103 -54.70 35.56 -24.94
N ALA D 104 -53.80 34.58 -24.85
CA ALA D 104 -53.77 33.51 -25.84
C ALA D 104 -54.96 32.59 -25.70
N ARG D 105 -55.32 32.22 -24.47
CA ARG D 105 -56.48 31.37 -24.26
C ARG D 105 -57.78 32.11 -24.57
N ALA D 106 -57.81 33.41 -24.31
CA ALA D 106 -58.98 34.21 -24.62
C ALA D 106 -59.28 34.21 -26.12
N ALA D 107 -58.24 34.26 -26.95
CA ALA D 107 -58.40 34.32 -28.39
C ALA D 107 -58.55 32.96 -29.06
N ASN D 108 -58.56 31.86 -28.28
CA ASN D 108 -58.66 30.51 -28.83
C ASN D 108 -59.62 29.66 -28.01
N GLN D 109 -60.62 30.28 -27.39
CA GLN D 109 -61.70 29.57 -26.70
C GLN D 109 -61.17 28.72 -25.55
N GLY D 110 -60.22 29.27 -24.79
CA GLY D 110 -59.68 28.62 -23.62
C GLY D 110 -58.43 27.79 -23.85
N ALA D 111 -58.23 27.30 -25.07
CA ALA D 111 -57.07 26.49 -25.37
C ALA D 111 -55.84 27.34 -25.65
N LEU D 112 -54.68 26.77 -25.39
CA LEU D 112 -53.40 27.44 -25.54
C LEU D 112 -52.61 26.78 -26.68
N PRO D 113 -52.29 27.48 -27.77
CA PRO D 113 -51.44 26.87 -28.79
C PRO D 113 -49.98 26.86 -28.37
N PRO D 114 -49.26 25.75 -28.54
CA PRO D 114 -47.88 25.68 -28.03
C PRO D 114 -46.86 26.38 -28.93
N ASP D 115 -45.71 26.67 -28.32
CA ASP D 115 -44.54 27.09 -29.08
C ASP D 115 -44.02 25.94 -29.93
N LEU D 116 -43.53 26.29 -31.12
CA LEU D 116 -43.18 25.31 -32.14
C LEU D 116 -41.68 25.16 -32.36
N SER D 117 -40.85 25.77 -31.51
CA SER D 117 -39.41 25.68 -31.68
C SER D 117 -38.88 24.26 -31.52
N LEU D 118 -39.52 23.43 -30.69
CA LEU D 118 -39.05 22.08 -30.40
C LEU D 118 -40.14 21.03 -30.62
N ILE D 119 -41.14 21.33 -31.45
CA ILE D 119 -42.28 20.44 -31.58
C ILE D 119 -41.96 19.17 -32.36
N VAL D 120 -40.93 19.19 -33.22
CA VAL D 120 -40.57 17.98 -33.94
C VAL D 120 -39.89 16.98 -33.03
N LYS D 121 -39.10 17.45 -32.07
CA LYS D 121 -38.41 16.56 -31.14
C LYS D 121 -39.26 16.18 -29.93
N ALA D 122 -40.37 16.88 -29.68
CA ALA D 122 -41.19 16.69 -28.50
C ALA D 122 -42.47 15.93 -28.78
N ARG D 123 -42.51 15.17 -29.88
CA ARG D 123 -43.67 14.38 -30.24
C ARG D 123 -43.19 13.06 -30.84
N HIS D 124 -43.86 11.98 -30.46
CA HIS D 124 -43.58 10.67 -31.03
C HIS D 124 -44.05 10.63 -32.48
N GLY D 125 -43.13 10.32 -33.39
CA GLY D 125 -43.41 10.27 -34.81
C GLY D 125 -42.59 11.28 -35.59
N GLY D 126 -42.25 12.39 -34.94
CA GLY D 126 -41.45 13.42 -35.60
C GLY D 126 -42.18 14.06 -36.76
N CYS D 127 -41.44 14.22 -37.87
CA CYS D 127 -41.96 14.95 -39.01
C CYS D 127 -43.14 14.24 -39.66
N ASP D 128 -43.20 12.92 -39.54
CA ASP D 128 -44.31 12.18 -40.12
C ASP D 128 -45.62 12.48 -39.40
N TYR D 129 -45.55 12.82 -38.11
CA TYR D 129 -46.75 13.12 -37.36
C TYR D 129 -47.24 14.55 -37.62
N ILE D 130 -46.30 15.49 -37.75
CA ILE D 130 -46.66 16.88 -38.03
C ILE D 130 -47.31 16.99 -39.41
N PHE D 131 -46.74 16.32 -40.41
CA PHE D 131 -47.31 16.33 -41.75
C PHE D 131 -48.68 15.67 -41.78
N SER D 132 -48.79 14.49 -41.17
CA SER D 132 -50.04 13.74 -41.22
C SER D 132 -51.15 14.46 -40.47
N LEU D 133 -50.80 15.22 -39.44
CA LEU D 133 -51.80 15.98 -38.70
C LEU D 133 -52.43 17.05 -39.59
N LEU D 134 -51.60 17.88 -40.21
CA LEU D 134 -52.09 19.02 -40.99
C LEU D 134 -52.89 18.58 -42.21
N THR D 135 -52.60 17.40 -42.76
CA THR D 135 -53.26 16.88 -43.94
C THR D 135 -54.28 15.79 -43.63
N GLY D 136 -54.71 15.68 -42.38
CA GLY D 136 -55.53 14.58 -41.92
C GLY D 136 -56.95 14.90 -41.53
N TYR D 137 -57.34 16.17 -41.62
CA TYR D 137 -58.70 16.56 -41.25
C TYR D 137 -59.69 15.98 -42.25
N PRO D 138 -60.64 15.13 -41.86
CA PRO D 138 -61.60 14.61 -42.82
C PRO D 138 -62.68 15.63 -43.17
N ASP D 139 -63.54 15.22 -44.11
CA ASP D 139 -64.70 16.02 -44.47
C ASP D 139 -65.75 15.99 -43.37
N GLU D 140 -66.18 14.79 -42.98
CA GLU D 140 -67.10 14.56 -41.89
C GLU D 140 -66.40 13.74 -40.82
N PRO D 141 -66.68 13.95 -39.54
CA PRO D 141 -66.22 13.00 -38.53
C PRO D 141 -66.96 11.69 -38.68
N PRO D 142 -66.40 10.58 -38.20
CA PRO D 142 -67.08 9.29 -38.36
C PRO D 142 -68.37 9.25 -37.57
N ALA D 143 -69.37 8.59 -38.14
CA ALA D 143 -70.72 8.63 -37.60
C ALA D 143 -70.76 7.97 -36.22
N GLY D 144 -71.11 8.77 -35.21
CA GLY D 144 -71.25 8.28 -33.85
C GLY D 144 -70.50 9.13 -32.85
N VAL D 145 -69.35 9.62 -33.25
CA VAL D 145 -68.53 10.45 -32.36
C VAL D 145 -69.24 11.78 -32.13
N ALA D 146 -69.37 12.16 -30.87
CA ALA D 146 -70.03 13.39 -30.46
C ALA D 146 -68.95 14.38 -30.06
N LEU D 147 -68.66 15.36 -30.92
CA LEU D 147 -67.69 16.38 -30.62
C LEU D 147 -68.32 17.45 -29.74
N PRO D 148 -67.56 18.08 -28.83
CA PRO D 148 -68.08 19.27 -28.18
C PRO D 148 -68.20 20.36 -29.20
N PRO D 149 -69.05 21.37 -28.95
CA PRO D 149 -68.99 22.60 -29.75
C PRO D 149 -67.66 23.33 -29.56
N GLY D 150 -66.97 23.60 -30.66
CA GLY D 150 -65.69 24.26 -30.65
C GLY D 150 -64.50 23.35 -30.76
N SER D 151 -64.68 22.10 -31.15
CA SER D 151 -63.60 21.16 -31.35
C SER D 151 -63.72 20.52 -32.72
N ASN D 152 -62.59 20.09 -33.26
CA ASN D 152 -62.50 19.52 -34.59
C ASN D 152 -61.88 18.12 -34.52
N TYR D 153 -62.30 17.26 -35.43
CA TYR D 153 -61.87 15.86 -35.46
C TYR D 153 -60.76 15.65 -36.48
N ASN D 154 -59.67 15.02 -36.04
CA ASN D 154 -58.77 14.35 -36.94
C ASN D 154 -58.09 13.24 -36.17
N PRO D 155 -57.89 12.07 -36.79
CA PRO D 155 -57.59 10.86 -36.02
C PRO D 155 -56.14 10.72 -35.56
N TYR D 156 -55.25 11.62 -35.95
CA TYR D 156 -53.85 11.53 -35.54
C TYR D 156 -53.62 12.13 -34.15
N PHE D 157 -54.56 12.91 -33.64
CA PHE D 157 -54.44 13.49 -32.32
C PHE D 157 -54.99 12.50 -31.29
N PRO D 158 -54.30 12.27 -30.17
CA PRO D 158 -54.85 11.34 -29.16
C PRO D 158 -56.17 11.82 -28.60
N GLY D 159 -57.16 10.94 -28.65
CA GLY D 159 -58.52 11.24 -28.22
C GLY D 159 -59.47 11.42 -29.38
N GLY D 160 -58.99 12.08 -30.44
CA GLY D 160 -59.75 12.30 -31.65
C GLY D 160 -60.21 13.72 -31.86
N SER D 161 -60.25 14.53 -30.80
CA SER D 161 -60.73 15.91 -30.87
C SER D 161 -59.60 16.86 -30.54
N ILE D 162 -59.40 17.86 -31.41
CA ILE D 162 -58.35 18.85 -31.27
C ILE D 162 -58.97 20.22 -31.40
N ALA D 163 -58.38 21.18 -30.70
CA ALA D 163 -58.87 22.54 -30.66
C ALA D 163 -58.54 23.35 -31.91
N MET D 164 -57.57 22.89 -32.71
CA MET D 164 -57.23 23.54 -33.97
C MET D 164 -58.17 23.08 -35.06
N ALA D 165 -58.59 24.00 -35.91
CA ALA D 165 -59.31 23.69 -37.13
C ALA D 165 -58.35 23.66 -38.32
N ARG D 166 -58.79 23.06 -39.41
CA ARG D 166 -58.00 23.05 -40.63
C ARG D 166 -57.68 24.48 -41.08
N VAL D 167 -56.42 24.71 -41.39
CA VAL D 167 -55.94 26.03 -41.76
C VAL D 167 -55.26 26.06 -43.12
N LEU D 168 -55.10 24.92 -43.80
CA LEU D 168 -54.41 24.85 -45.07
C LEU D 168 -55.38 24.47 -46.18
N PHE D 169 -55.21 25.12 -47.32
CA PHE D 169 -56.10 25.05 -48.48
C PHE D 169 -55.29 25.48 -49.68
N ASP D 170 -55.75 25.10 -50.86
CA ASP D 170 -54.94 25.27 -52.06
C ASP D 170 -54.80 26.72 -52.46
N ASP D 171 -53.58 27.09 -52.86
CA ASP D 171 -53.28 28.36 -53.53
C ASP D 171 -53.57 29.58 -52.65
N MET D 172 -53.40 29.46 -51.33
CA MET D 172 -53.51 30.64 -50.46
C MET D 172 -52.20 31.41 -50.39
N VAL D 173 -51.08 30.80 -50.74
CA VAL D 173 -49.78 31.44 -50.74
C VAL D 173 -49.25 31.41 -52.17
N GLU D 174 -48.66 32.52 -52.59
CA GLU D 174 -48.01 32.66 -53.88
C GLU D 174 -46.52 32.61 -53.64
N TYR D 175 -45.88 31.53 -54.08
CA TYR D 175 -44.45 31.36 -53.85
C TYR D 175 -43.64 32.21 -54.82
N GLU D 176 -42.50 32.70 -54.32
CA GLU D 176 -41.63 33.56 -55.12
C GLU D 176 -40.94 32.80 -56.25
N ASP D 177 -40.73 31.50 -56.10
CA ASP D 177 -39.99 30.71 -57.07
C ASP D 177 -40.91 29.95 -58.02
N GLY D 178 -42.22 30.16 -57.95
CA GLY D 178 -43.14 29.60 -58.92
C GLY D 178 -43.54 28.16 -58.68
N THR D 179 -43.50 27.71 -57.43
CA THR D 179 -43.93 26.36 -57.09
C THR D 179 -45.45 26.33 -56.92
N PRO D 180 -46.17 25.31 -57.42
CA PRO D 180 -47.60 25.22 -57.12
C PRO D 180 -47.84 25.00 -55.63
N ALA D 181 -48.60 25.91 -55.03
CA ALA D 181 -48.81 25.93 -53.59
C ALA D 181 -50.07 25.14 -53.21
N THR D 182 -50.00 23.83 -53.46
CA THR D 182 -51.03 22.93 -53.02
C THR D 182 -50.95 22.73 -51.50
N THR D 183 -51.95 22.01 -50.97
CA THR D 183 -52.02 21.75 -49.54
C THR D 183 -50.82 20.94 -49.05
N SER D 184 -50.50 19.86 -49.77
CA SER D 184 -49.39 19.00 -49.34
C SER D 184 -48.05 19.70 -49.49
N GLN D 185 -47.90 20.53 -50.53
CA GLN D 185 -46.65 21.21 -50.77
C GLN D 185 -46.30 22.15 -49.63
N MET D 186 -47.28 22.92 -49.14
CA MET D 186 -47.02 23.84 -48.05
C MET D 186 -46.79 23.10 -46.73
N ALA D 187 -47.51 21.99 -46.53
CA ALA D 187 -47.31 21.19 -45.32
C ALA D 187 -45.91 20.62 -45.25
N LYS D 188 -45.38 20.16 -46.39
CA LYS D 188 -44.04 19.60 -46.42
C LYS D 188 -42.99 20.67 -46.12
N ASP D 189 -43.14 21.86 -46.68
CA ASP D 189 -42.15 22.91 -46.46
C ASP D 189 -42.23 23.44 -45.03
N VAL D 190 -43.42 23.46 -44.44
CA VAL D 190 -43.58 23.88 -43.05
C VAL D 190 -42.82 22.94 -42.12
N THR D 191 -43.01 21.63 -42.31
CA THR D 191 -42.39 20.66 -41.43
C THR D 191 -40.86 20.67 -41.57
N THR D 192 -40.37 20.90 -42.78
CA THR D 192 -38.93 20.97 -43.00
C THR D 192 -38.32 22.19 -42.30
N PHE D 193 -38.99 23.33 -42.39
CA PHE D 193 -38.54 24.52 -41.67
C PHE D 193 -38.54 24.28 -40.16
N LEU D 194 -39.57 23.60 -39.66
CA LEU D 194 -39.70 23.39 -38.22
C LEU D 194 -38.66 22.41 -37.70
N ASN D 195 -38.27 21.41 -38.49
CA ASN D 195 -37.21 20.50 -38.08
C ASN D 195 -35.88 21.22 -37.99
N TRP D 196 -35.61 22.15 -38.92
CA TRP D 196 -34.41 22.97 -38.79
C TRP D 196 -34.44 23.82 -37.52
N CYS D 197 -35.62 24.31 -37.14
CA CYS D 197 -35.75 25.10 -35.92
C CYS D 197 -35.37 24.29 -34.69
N ALA D 198 -35.67 22.98 -34.69
CA ALA D 198 -35.33 22.11 -33.56
C ALA D 198 -33.89 21.63 -33.61
N GLU D 199 -33.36 21.35 -34.81
CA GLU D 199 -32.03 20.77 -34.99
C GLU D 199 -31.22 21.61 -35.98
N PRO D 200 -30.68 22.75 -35.53
CA PRO D 200 -29.86 23.57 -36.44
C PRO D 200 -28.42 23.12 -36.61
N GLU D 201 -28.02 22.00 -36.01
CA GLU D 201 -26.70 21.40 -36.16
C GLU D 201 -26.72 20.15 -37.01
N HIS D 202 -27.84 19.86 -37.68
CA HIS D 202 -28.06 18.60 -38.37
C HIS D 202 -27.01 18.35 -39.45
N ASP D 203 -26.66 19.37 -40.23
CA ASP D 203 -25.78 19.17 -41.37
C ASP D 203 -24.32 19.05 -40.96
N GLU D 204 -23.89 19.84 -39.98
CA GLU D 204 -22.52 19.73 -39.47
C GLU D 204 -22.32 18.43 -38.72
N ARG D 205 -23.32 17.99 -37.95
CA ARG D 205 -23.19 16.79 -37.13
C ARG D 205 -22.98 15.55 -37.97
N LYS D 206 -23.64 15.46 -39.12
CA LYS D 206 -23.60 14.25 -39.93
C LYS D 206 -22.31 14.09 -40.72
N ARG D 207 -21.50 15.14 -40.87
CA ARG D 207 -20.21 15.03 -41.54
C ARG D 207 -19.03 14.90 -40.58
N LEU D 208 -19.15 15.44 -39.36
CA LEU D 208 -18.17 15.13 -38.33
C LEU D 208 -18.29 13.68 -37.87
N GLY D 209 -19.47 13.08 -38.04
CA GLY D 209 -19.64 11.69 -37.68
C GLY D 209 -19.12 10.74 -38.75
N LEU D 210 -18.96 11.24 -39.97
CA LEU D 210 -18.32 10.46 -41.01
C LEU D 210 -16.81 10.39 -40.79
N LYS D 211 -16.24 11.50 -40.31
CA LYS D 211 -14.81 11.52 -39.98
C LYS D 211 -14.51 10.61 -38.79
N THR D 212 -15.37 10.65 -37.78
CA THR D 212 -15.10 9.95 -36.53
C THR D 212 -15.28 8.45 -36.68
N VAL D 213 -16.24 8.04 -37.51
CA VAL D 213 -16.53 6.62 -37.68
C VAL D 213 -15.51 5.95 -38.59
N ILE D 214 -14.93 6.68 -39.53
CA ILE D 214 -13.89 6.12 -40.39
C ILE D 214 -12.60 5.91 -39.61
N ILE D 215 -12.24 6.89 -38.77
CA ILE D 215 -10.99 6.79 -38.00
C ILE D 215 -11.08 5.65 -37.00
N LEU D 216 -12.19 5.57 -36.25
CA LEU D 216 -12.30 4.56 -35.21
C LEU D 216 -12.48 3.16 -35.76
N SER D 217 -13.03 3.03 -36.97
CA SER D 217 -13.22 1.73 -37.57
C SER D 217 -11.89 1.10 -37.99
N SER D 218 -10.92 1.91 -38.41
CA SER D 218 -9.63 1.39 -38.82
C SER D 218 -8.75 1.08 -37.63
N LEU D 219 -8.82 1.90 -36.58
CA LEU D 219 -8.13 1.59 -35.33
C LEU D 219 -8.59 0.28 -34.73
N TYR D 220 -9.87 -0.08 -34.91
CA TYR D 220 -10.38 -1.32 -34.35
C TYR D 220 -9.84 -2.52 -35.10
N LEU D 221 -9.63 -2.39 -36.41
CA LEU D 221 -9.07 -3.47 -37.19
C LEU D 221 -7.56 -3.59 -36.99
N LEU D 222 -6.88 -2.46 -36.83
CA LEU D 222 -5.46 -2.47 -36.55
C LEU D 222 -5.17 -3.09 -35.18
N SER D 223 -6.05 -2.86 -34.21
CA SER D 223 -5.86 -3.42 -32.88
C SER D 223 -6.02 -4.93 -32.87
N ILE D 224 -6.87 -5.48 -33.74
CA ILE D 224 -7.03 -6.93 -33.83
C ILE D 224 -5.78 -7.56 -34.43
N TRP D 225 -5.19 -6.90 -35.43
CA TRP D 225 -3.96 -7.41 -36.02
C TRP D 225 -2.84 -7.46 -34.99
N VAL D 226 -2.62 -6.35 -34.28
CA VAL D 226 -1.48 -6.24 -33.37
C VAL D 226 -1.61 -7.23 -32.23
N LYS D 227 -2.82 -7.55 -31.74
CA LYS D 227 -3.09 -8.45 -30.65
C LYS D 227 -2.67 -9.80 -31.12
N LYS D 228 -3.14 -10.26 -32.20
CA LYS D 228 -2.91 -11.64 -32.63
C LYS D 228 -1.45 -11.91 -32.92
N PHE D 229 -0.66 -10.88 -33.23
CA PHE D 229 0.77 -11.04 -33.44
C PHE D 229 1.49 -11.23 -32.11
N LYS D 230 1.18 -10.38 -31.14
CA LYS D 230 1.82 -10.44 -29.82
C LYS D 230 1.36 -11.60 -28.96
N TRP D 231 0.35 -12.36 -29.39
CA TRP D 231 -0.19 -13.50 -28.66
C TRP D 231 0.16 -14.83 -29.30
N ALA D 232 0.97 -14.84 -30.35
CA ALA D 232 1.18 -16.06 -31.13
C ALA D 232 2.12 -17.03 -30.43
N GLY D 233 3.01 -16.53 -29.58
CA GLY D 233 3.83 -17.42 -28.79
C GLY D 233 3.06 -18.26 -27.79
N ILE D 234 2.08 -17.65 -27.12
CA ILE D 234 1.30 -18.34 -26.11
C ILE D 234 0.35 -19.36 -26.72
N LYS D 235 -0.22 -19.06 -27.89
CA LYS D 235 -1.23 -19.93 -28.49
C LYS D 235 -0.66 -21.22 -29.06
N THR D 236 0.61 -21.24 -29.45
CA THR D 236 1.23 -22.43 -30.05
C THR D 236 2.25 -23.09 -29.14
N ARG D 237 2.41 -22.60 -27.91
CA ARG D 237 3.29 -23.21 -26.93
C ARG D 237 2.83 -24.62 -26.59
N LYS D 238 3.79 -25.52 -26.35
CA LYS D 238 3.55 -26.93 -26.15
C LYS D 238 4.16 -27.42 -24.84
N PHE D 239 3.54 -28.46 -24.27
CA PHE D 239 3.92 -29.04 -22.98
C PHE D 239 4.10 -30.55 -23.10
N VAL D 240 5.06 -31.07 -22.35
CA VAL D 240 5.34 -32.51 -22.28
C VAL D 240 5.57 -32.87 -20.81
N PHE D 241 5.15 -34.07 -20.42
CA PHE D 241 5.32 -34.58 -19.06
C PHE D 241 6.04 -35.91 -19.09
N ASN D 242 7.08 -36.03 -18.27
CA ASN D 242 7.79 -37.29 -18.05
C ASN D 242 7.73 -37.59 -16.54
N PRO D 243 7.01 -38.62 -16.08
CA PRO D 243 6.82 -38.80 -14.63
C PRO D 243 8.14 -39.05 -13.91
N PRO D 244 8.51 -38.21 -12.93
CA PRO D 244 9.78 -38.43 -12.25
C PRO D 244 9.75 -39.63 -11.32
N LYS D 245 10.86 -39.89 -10.67
CA LYS D 245 10.97 -40.96 -9.71
C LYS D 245 10.56 -40.47 -8.32
N PRO D 246 9.71 -41.19 -7.56
CA PRO D 246 9.15 -40.61 -6.32
C PRO D 246 10.08 -40.75 -5.11
N ARG D 247 11.36 -41.04 -5.37
CA ARG D 247 12.43 -40.98 -4.37
C ARG D 247 12.23 -39.86 -3.35
N LYS D 248 12.04 -38.64 -3.82
CA LYS D 248 12.00 -37.42 -3.01
C LYS D 248 11.28 -37.54 -1.66
N LYS E 1 9.99 -40.95 -24.64
CA LYS E 1 10.44 -39.96 -25.62
C LYS E 1 11.42 -38.99 -24.99
N SER E 2 12.39 -38.54 -25.77
CA SER E 2 13.42 -37.65 -25.28
C SER E 2 12.97 -36.20 -25.37
N THR E 3 13.52 -35.38 -24.49
CA THR E 3 13.25 -33.96 -24.46
C THR E 3 14.04 -33.17 -25.49
N TYR E 4 15.02 -33.80 -26.14
CA TYR E 4 15.80 -33.16 -27.18
C TYR E 4 15.11 -33.16 -28.54
N ARG E 5 13.99 -33.87 -28.70
CA ARG E 5 13.22 -33.86 -29.94
C ARG E 5 12.22 -32.72 -29.85
N THR E 6 12.40 -31.71 -30.70
CA THR E 6 11.43 -30.63 -30.80
C THR E 6 10.20 -31.11 -31.57
N PRO E 7 8.97 -30.74 -31.14
CA PRO E 7 7.79 -31.15 -31.92
C PRO E 7 7.61 -30.38 -33.22
N ASN E 8 6.52 -30.70 -33.91
CA ASN E 8 6.26 -30.22 -35.27
C ASN E 8 5.74 -28.78 -35.25
N PHE E 9 6.45 -27.88 -35.93
CA PHE E 9 6.05 -26.49 -36.07
C PHE E 9 5.92 -26.07 -37.54
N ASP E 10 5.80 -27.04 -38.45
CA ASP E 10 5.83 -26.73 -39.87
C ASP E 10 4.51 -26.21 -40.41
N ASP E 11 3.45 -26.18 -39.62
CA ASP E 11 2.21 -25.54 -40.06
C ASP E 11 2.30 -24.02 -40.05
N VAL E 12 3.15 -23.44 -39.20
CA VAL E 12 3.10 -22.02 -38.90
C VAL E 12 4.35 -21.26 -39.33
N LEU E 13 5.40 -21.93 -39.80
CA LEU E 13 6.66 -21.27 -40.09
C LEU E 13 6.64 -20.61 -41.47
N LYS E 14 7.68 -19.82 -41.74
CA LYS E 14 7.70 -18.83 -42.82
C LYS E 14 8.37 -19.40 -44.08
N GLU E 15 8.42 -18.56 -45.12
CA GLU E 15 9.22 -18.78 -46.33
C GLU E 15 10.65 -19.18 -45.97
N ASN E 16 11.26 -18.16 -45.33
CA ASN E 16 12.55 -18.23 -44.65
C ASN E 16 12.22 -17.19 -43.58
N ASN E 17 12.83 -17.15 -42.38
CA ASN E 17 12.44 -16.14 -41.40
C ASN E 17 12.71 -14.72 -41.90
N ASP E 18 13.91 -14.50 -42.45
CA ASP E 18 14.24 -13.29 -43.20
C ASP E 18 14.00 -12.03 -42.35
N ALA E 19 14.81 -11.91 -41.29
CA ALA E 19 14.61 -10.86 -40.28
C ALA E 19 14.59 -9.46 -40.85
N ASP E 20 15.07 -9.26 -42.05
CA ASP E 20 14.91 -7.97 -42.71
C ASP E 20 13.42 -7.65 -42.85
N LYS E 21 12.62 -8.67 -43.12
CA LYS E 21 11.22 -8.39 -43.49
C LYS E 21 10.18 -8.96 -42.52
N GLY E 22 10.50 -9.84 -41.54
CA GLY E 22 9.57 -10.12 -40.46
C GLY E 22 9.33 -8.93 -39.55
N ARG E 23 10.32 -8.04 -39.44
CA ARG E 23 10.18 -6.81 -38.69
C ARG E 23 9.53 -5.71 -39.50
N SER E 24 9.57 -5.81 -40.84
CA SER E 24 9.03 -4.75 -41.69
C SER E 24 7.54 -4.58 -41.49
N TYR E 25 6.79 -5.68 -41.55
CA TYR E 25 5.34 -5.59 -41.66
C TYR E 25 4.69 -5.36 -40.31
N ALA E 26 5.32 -5.84 -39.23
CA ALA E 26 4.75 -5.66 -37.90
C ALA E 26 4.85 -4.22 -37.44
N TYR E 27 5.89 -3.53 -37.87
CA TYR E 27 6.17 -2.19 -37.37
C TYR E 27 5.58 -1.11 -38.27
N PHE E 28 5.19 -1.45 -39.50
CA PHE E 28 4.38 -0.54 -40.30
C PHE E 28 2.97 -0.41 -39.71
N MET E 29 2.43 -1.52 -39.21
CA MET E 29 1.10 -1.52 -38.63
C MET E 29 1.10 -0.87 -37.24
N VAL E 30 2.17 -1.06 -36.47
CA VAL E 30 2.26 -0.41 -35.17
C VAL E 30 2.51 1.08 -35.33
N GLY E 31 3.13 1.48 -36.45
CA GLY E 31 3.34 2.89 -36.70
C GLY E 31 2.08 3.60 -37.18
N ALA E 32 1.30 2.92 -38.02
CA ALA E 32 0.05 3.49 -38.51
C ALA E 32 -0.94 3.67 -37.36
N MET E 33 -0.98 2.72 -36.44
CA MET E 33 -1.92 2.82 -35.32
C MET E 33 -1.53 3.96 -34.39
N GLY E 34 -0.25 4.27 -34.30
CA GLY E 34 0.19 5.40 -33.49
C GLY E 34 -0.01 6.73 -34.18
N LEU E 35 0.02 6.74 -35.50
CA LEU E 35 -0.20 7.96 -36.26
C LEU E 35 -1.66 8.40 -36.18
N LEU E 36 -2.58 7.47 -36.40
CA LEU E 36 -3.99 7.80 -36.41
C LEU E 36 -4.49 8.18 -35.02
N SER E 37 -3.96 7.54 -33.98
CA SER E 37 -4.46 7.78 -32.63
C SER E 37 -3.86 9.05 -32.03
N SER E 38 -2.74 9.53 -32.57
CA SER E 38 -2.20 10.81 -32.15
C SER E 38 -2.93 11.96 -32.82
N ALA E 39 -3.40 11.75 -34.04
CA ALA E 39 -4.24 12.74 -34.71
C ALA E 39 -5.62 12.80 -34.07
N GLY E 40 -6.18 11.64 -33.76
CA GLY E 40 -7.46 11.59 -33.07
C GLY E 40 -7.43 12.22 -31.68
N ALA E 41 -6.32 12.07 -30.97
CA ALA E 41 -6.21 12.65 -29.64
C ALA E 41 -6.17 14.17 -29.70
N LYS E 42 -5.54 14.72 -30.73
CA LYS E 42 -5.51 16.16 -30.92
C LYS E 42 -6.90 16.71 -31.19
N SER E 43 -7.63 16.10 -32.13
CA SER E 43 -8.96 16.58 -32.48
C SER E 43 -9.90 16.55 -31.28
N THR E 44 -9.75 15.55 -30.42
CA THR E 44 -10.57 15.46 -29.23
C THR E 44 -10.27 16.60 -28.26
N VAL E 45 -8.99 16.88 -28.03
CA VAL E 45 -8.59 17.92 -27.09
C VAL E 45 -9.01 19.29 -27.60
N GLU E 46 -8.88 19.53 -28.90
CA GLU E 46 -9.22 20.84 -29.46
C GLU E 46 -10.72 21.04 -29.54
N THR E 47 -11.50 19.96 -29.58
CA THR E 47 -12.95 20.08 -29.53
C THR E 47 -13.43 20.52 -28.15
N PHE E 48 -12.79 20.00 -27.10
CA PHE E 48 -13.20 20.34 -25.74
C PHE E 48 -12.75 21.75 -25.37
N ILE E 49 -11.57 22.15 -25.83
CA ILE E 49 -11.01 23.45 -25.46
C ILE E 49 -11.72 24.58 -26.20
N SER E 50 -12.15 24.35 -27.42
CA SER E 50 -12.85 25.38 -28.19
C SER E 50 -14.25 25.65 -27.67
N SER E 51 -14.85 24.71 -26.95
CA SER E 51 -16.15 24.93 -26.34
C SER E 51 -16.14 26.05 -25.32
N MET E 52 -14.98 26.40 -24.78
CA MET E 52 -14.84 27.48 -23.81
C MET E 52 -14.66 28.85 -24.45
N THR E 53 -14.66 28.94 -25.77
CA THR E 53 -14.58 30.24 -26.43
C THR E 53 -15.94 30.91 -26.46
N ALA E 54 -15.96 32.23 -26.59
CA ALA E 54 -17.17 33.03 -26.70
C ALA E 54 -18.23 32.42 -27.57
N THR E 55 -19.44 32.41 -27.15
CA THR E 55 -20.60 31.84 -27.79
C THR E 55 -21.11 32.76 -28.91
N ALA E 56 -22.08 32.25 -29.66
CA ALA E 56 -22.62 32.98 -30.80
C ALA E 56 -23.32 34.26 -30.38
N ASP E 57 -24.09 34.21 -29.29
CA ASP E 57 -24.79 35.40 -28.82
C ASP E 57 -23.83 36.46 -28.28
N VAL E 58 -22.66 36.05 -27.75
CA VAL E 58 -21.70 37.01 -27.24
C VAL E 58 -20.96 37.68 -28.39
N LEU E 59 -20.72 36.95 -29.48
CA LEU E 59 -20.09 37.51 -30.66
C LEU E 59 -21.04 38.38 -31.46
N ALA E 60 -22.35 38.15 -31.37
CA ALA E 60 -23.32 38.98 -32.07
C ALA E 60 -23.35 40.38 -31.48
N MET E 61 -23.23 40.51 -30.17
CA MET E 61 -23.14 41.78 -29.49
C MET E 61 -21.72 42.33 -29.45
N ALA E 62 -20.82 41.80 -30.28
CA ALA E 62 -19.43 42.24 -30.24
C ALA E 62 -19.26 43.64 -30.79
N LYS E 63 -20.19 44.09 -31.62
CA LYS E 63 -20.24 45.46 -32.10
C LYS E 63 -21.61 46.03 -31.74
N VAL E 64 -21.65 46.84 -30.69
CA VAL E 64 -22.75 47.77 -30.48
C VAL E 64 -22.37 49.05 -31.20
N GLU E 65 -22.62 49.05 -32.48
CA GLU E 65 -22.18 50.17 -33.33
C GLU E 65 -23.33 51.15 -33.54
N VAL E 66 -23.31 52.28 -32.80
CA VAL E 66 -24.22 53.37 -33.04
C VAL E 66 -24.03 53.92 -34.46
N ASN E 67 -25.02 54.70 -34.90
CA ASN E 67 -24.92 55.48 -36.12
C ASN E 67 -25.02 56.99 -35.79
N LEU E 68 -25.05 57.84 -36.81
CA LEU E 68 -24.36 59.12 -36.82
C LEU E 68 -25.19 60.26 -36.25
N ALA E 69 -26.51 60.25 -36.44
CA ALA E 69 -27.36 61.39 -36.07
C ALA E 69 -28.04 61.16 -34.71
N ALA E 70 -27.40 60.41 -33.81
CA ALA E 70 -28.06 60.04 -32.56
C ALA E 70 -27.87 61.06 -31.44
N ILE E 71 -26.65 61.24 -30.92
CA ILE E 71 -26.44 61.92 -29.65
C ILE E 71 -25.98 63.37 -29.92
N PRO E 72 -26.68 64.39 -29.38
CA PRO E 72 -26.50 65.76 -29.88
C PRO E 72 -25.38 66.57 -29.18
N LEU E 73 -25.49 67.90 -29.38
CA LEU E 73 -24.57 68.92 -28.89
C LEU E 73 -24.04 68.65 -27.49
N GLY E 74 -24.91 68.74 -26.48
CA GLY E 74 -24.48 68.79 -25.10
C GLY E 74 -24.57 67.43 -24.46
N LYS E 75 -23.98 66.44 -25.13
CA LYS E 75 -24.26 65.04 -24.85
C LYS E 75 -22.98 64.24 -25.05
N ASN E 76 -22.50 63.65 -23.97
CA ASN E 76 -21.31 62.80 -23.97
C ASN E 76 -21.70 61.51 -23.26
N VAL E 77 -22.33 60.61 -24.00
CA VAL E 77 -22.99 59.46 -23.39
C VAL E 77 -21.98 58.32 -23.27
N VAL E 78 -22.08 57.58 -22.17
CA VAL E 78 -21.22 56.45 -21.88
C VAL E 78 -21.99 55.18 -22.24
N VAL E 79 -21.49 54.45 -23.23
CA VAL E 79 -22.13 53.22 -23.67
C VAL E 79 -21.41 52.03 -23.07
N LYS E 80 -22.11 50.90 -23.06
CA LYS E 80 -21.52 49.61 -22.77
C LYS E 80 -21.33 48.82 -24.07
N TRP E 81 -20.35 49.29 -24.83
CA TRP E 81 -19.90 48.59 -26.05
C TRP E 81 -18.99 47.46 -25.60
N GLN E 82 -19.29 46.20 -25.84
CA GLN E 82 -18.38 45.07 -25.55
C GLN E 82 -18.15 45.14 -24.03
N GLY E 83 -19.22 45.43 -23.28
CA GLY E 83 -19.09 45.54 -21.85
C GLY E 83 -17.98 46.47 -21.38
N LYS E 84 -17.58 47.39 -22.25
CA LYS E 84 -16.51 48.36 -21.93
C LYS E 84 -17.03 49.73 -21.60
N PRO E 85 -16.52 50.38 -20.53
CA PRO E 85 -16.91 51.78 -20.39
C PRO E 85 -16.31 52.60 -21.53
N VAL E 86 -17.15 52.97 -22.49
CA VAL E 86 -16.73 53.69 -23.69
C VAL E 86 -17.38 55.06 -23.67
N PHE E 87 -16.61 56.08 -24.03
CA PHE E 87 -17.07 57.45 -24.08
C PHE E 87 -17.22 57.84 -25.54
N ILE E 88 -18.41 58.33 -25.92
CA ILE E 88 -18.66 58.91 -27.24
C ILE E 88 -19.06 60.37 -27.05
N ARG E 89 -18.50 61.24 -27.88
CA ARG E 89 -18.76 62.67 -27.84
C ARG E 89 -19.13 63.15 -29.25
N HIS E 90 -19.68 64.35 -29.31
CA HIS E 90 -20.11 64.99 -30.54
C HIS E 90 -19.23 66.21 -30.80
N ARG E 91 -19.00 66.53 -32.08
CA ARG E 91 -18.13 67.62 -32.48
C ARG E 91 -18.79 68.68 -33.33
N THR E 92 -17.98 69.73 -33.55
CA THR E 92 -18.22 70.93 -34.33
C THR E 92 -16.90 71.31 -34.98
N PRO E 93 -16.87 71.70 -36.26
CA PRO E 93 -15.60 71.64 -37.02
C PRO E 93 -14.47 72.53 -36.50
N HIS E 94 -14.77 73.56 -35.69
CA HIS E 94 -13.78 74.47 -35.13
C HIS E 94 -12.87 73.81 -34.09
N GLU E 95 -13.17 72.58 -33.70
CA GLU E 95 -12.79 72.07 -32.40
C GLU E 95 -11.84 70.86 -32.42
N ILE E 96 -10.73 70.90 -33.16
CA ILE E 96 -9.61 70.01 -32.82
C ILE E 96 -8.32 70.81 -32.72
N GLN E 97 -8.31 72.03 -33.27
CA GLN E 97 -7.40 73.07 -32.78
C GLN E 97 -7.54 73.22 -31.28
N GLU E 98 -8.79 73.27 -30.80
CA GLU E 98 -9.21 72.90 -29.46
C GLU E 98 -8.28 71.89 -28.80
N ALA E 99 -8.12 70.71 -29.41
CA ALA E 99 -7.32 69.66 -28.81
C ALA E 99 -5.84 69.97 -28.81
N ASN E 100 -5.25 70.17 -29.99
CA ASN E 100 -3.86 70.57 -30.09
C ASN E 100 -3.73 72.09 -30.02
N SER E 101 -4.15 72.65 -28.90
CA SER E 101 -3.85 74.04 -28.58
C SER E 101 -2.41 74.19 -28.09
N VAL E 102 -1.74 73.08 -27.78
CA VAL E 102 -0.52 73.10 -26.99
C VAL E 102 0.64 72.56 -27.83
N ASP E 103 1.85 72.73 -27.30
CA ASP E 103 3.00 71.91 -27.69
C ASP E 103 3.09 70.71 -26.76
N MET E 104 4.05 69.83 -27.05
CA MET E 104 4.06 68.46 -26.52
C MET E 104 5.08 68.27 -25.41
N SER E 105 6.15 69.07 -25.37
CA SER E 105 7.16 68.93 -24.32
C SER E 105 6.56 69.15 -22.94
N ALA E 106 5.44 69.88 -22.87
CA ALA E 106 4.59 69.92 -21.69
C ALA E 106 4.05 68.55 -21.29
N LEU E 107 3.89 67.65 -22.26
CA LEU E 107 3.19 66.38 -22.10
C LEU E 107 4.19 65.25 -22.32
N LYS E 108 3.70 64.01 -22.33
CA LYS E 108 4.58 62.85 -22.33
C LYS E 108 4.93 62.38 -23.74
N ASP E 109 3.92 62.10 -24.57
CA ASP E 109 4.16 61.29 -25.77
C ASP E 109 3.67 62.18 -26.91
N PRO E 110 4.53 62.55 -27.90
CA PRO E 110 4.04 63.43 -28.98
C PRO E 110 3.05 62.71 -29.88
N GLN E 111 1.80 63.20 -29.85
CA GLN E 111 0.74 62.64 -30.75
C GLN E 111 -0.14 63.76 -31.29
N THR E 112 -0.82 63.52 -32.39
CA THR E 112 -1.55 64.56 -33.12
C THR E 112 -3.01 64.13 -33.38
N ASP E 113 -3.85 65.16 -33.61
CA ASP E 113 -5.22 64.94 -34.11
C ASP E 113 -5.30 63.87 -35.18
N ALA E 114 -4.47 63.96 -36.21
CA ALA E 114 -4.49 62.98 -37.30
C ALA E 114 -4.25 61.55 -36.81
N ASP E 115 -3.55 61.37 -35.68
CA ASP E 115 -3.42 60.07 -35.03
C ASP E 115 -4.49 59.82 -33.97
N ARG E 116 -5.17 60.86 -33.47
CA ARG E 116 -6.18 60.70 -32.43
C ARG E 116 -7.32 59.80 -32.91
N VAL E 117 -8.07 60.29 -33.88
CA VAL E 117 -9.29 59.70 -34.38
C VAL E 117 -9.32 60.07 -35.85
N LYS E 118 -9.80 59.15 -36.69
CA LYS E 118 -9.53 59.27 -38.13
C LYS E 118 -10.17 60.53 -38.70
N ASP E 119 -11.51 60.60 -38.62
CA ASP E 119 -12.32 61.73 -39.06
C ASP E 119 -12.78 62.36 -37.76
N PRO E 120 -11.96 63.20 -37.11
CA PRO E 120 -12.14 63.46 -35.68
C PRO E 120 -13.41 64.20 -35.30
N GLN E 121 -14.22 64.64 -36.27
CA GLN E 121 -15.39 65.44 -35.95
C GLN E 121 -16.56 64.61 -35.41
N TRP E 122 -16.37 63.32 -35.14
CA TRP E 122 -17.21 62.57 -34.22
C TRP E 122 -16.29 61.67 -33.41
N LEU E 123 -16.29 61.84 -32.09
CA LEU E 123 -15.27 61.23 -31.24
C LEU E 123 -15.76 59.97 -30.54
N ILE E 124 -14.82 59.03 -30.37
CA ILE E 124 -15.01 57.81 -29.62
C ILE E 124 -13.70 57.53 -28.89
N MET E 125 -13.78 57.20 -27.61
CA MET E 125 -12.62 56.88 -26.81
C MET E 125 -13.02 55.95 -25.67
N LEU E 126 -12.12 55.07 -25.31
CA LEU E 126 -12.39 54.07 -24.27
C LEU E 126 -11.80 54.52 -22.94
N GLY E 127 -12.52 54.21 -21.86
CA GLY E 127 -12.20 54.71 -20.54
C GLY E 127 -11.51 53.73 -19.61
N ILE E 128 -10.85 52.71 -20.14
CA ILE E 128 -10.14 51.76 -19.28
C ILE E 128 -8.79 52.37 -18.94
N CYS E 129 -8.76 53.24 -17.92
CA CYS E 129 -7.45 53.71 -17.43
C CYS E 129 -6.75 52.37 -17.15
N THR E 130 -5.55 52.18 -17.63
CA THR E 130 -4.82 50.90 -17.59
C THR E 130 -4.49 50.49 -16.15
N HIS E 131 -4.14 51.47 -15.32
CA HIS E 131 -3.71 51.22 -13.94
C HIS E 131 -4.80 51.57 -12.93
N LEU E 132 -5.92 52.12 -13.39
CA LEU E 132 -7.13 52.27 -12.59
C LEU E 132 -8.31 51.43 -13.09
N GLY E 133 -8.83 51.84 -14.27
CA GLY E 133 -10.07 51.32 -14.87
C GLY E 133 -11.12 52.38 -14.62
N CYS E 134 -10.73 53.61 -14.28
CA CYS E 134 -11.56 54.69 -13.77
C CYS E 134 -12.35 55.36 -14.89
N VAL E 135 -13.29 56.21 -14.49
CA VAL E 135 -14.38 56.66 -15.36
C VAL E 135 -14.42 58.19 -15.30
N PRO E 136 -13.70 58.87 -16.18
CA PRO E 136 -13.77 60.34 -16.23
C PRO E 136 -15.18 60.88 -16.45
N ILE E 137 -15.49 61.94 -15.71
CA ILE E 137 -16.81 62.57 -15.75
C ILE E 137 -16.85 63.59 -16.88
N GLY E 138 -17.86 63.51 -17.73
CA GLY E 138 -18.13 64.58 -18.66
C GLY E 138 -18.59 65.84 -17.96
N GLU E 139 -18.83 66.88 -18.76
CA GLU E 139 -19.45 68.12 -18.27
C GLU E 139 -18.58 68.80 -17.21
N ALA E 140 -17.28 68.59 -17.25
CA ALA E 140 -16.41 69.10 -16.21
C ALA E 140 -14.97 69.06 -16.72
N GLY E 141 -14.09 69.71 -15.97
CA GLY E 141 -12.69 69.82 -16.35
C GLY E 141 -12.15 71.21 -16.15
N ASP E 142 -11.23 71.58 -17.03
CA ASP E 142 -10.67 72.92 -17.07
C ASP E 142 -10.87 73.58 -18.42
N PHE E 143 -10.99 72.78 -19.49
CA PHE E 143 -11.04 73.28 -20.86
C PHE E 143 -12.38 72.95 -21.52
N GLY E 144 -13.42 72.67 -20.72
CA GLY E 144 -14.67 72.18 -21.28
C GLY E 144 -14.65 70.73 -21.70
N GLY E 145 -13.68 69.95 -21.20
CA GLY E 145 -13.53 68.55 -21.52
C GLY E 145 -13.83 67.60 -20.39
N TRP E 146 -12.76 67.13 -19.78
CA TRP E 146 -12.98 66.10 -18.74
C TRP E 146 -12.37 66.40 -17.40
N PHE E 147 -13.04 65.87 -16.38
CA PHE E 147 -12.42 65.67 -15.08
C PHE E 147 -12.94 64.37 -14.50
N CYS E 148 -12.04 63.63 -13.85
CA CYS E 148 -12.43 62.54 -12.95
C CYS E 148 -12.01 62.92 -11.55
N PRO E 149 -12.79 62.59 -10.50
CA PRO E 149 -12.29 62.79 -9.13
C PRO E 149 -11.30 61.71 -8.67
N CYS E 150 -10.88 60.99 -9.68
CA CYS E 150 -10.03 59.90 -9.26
C CYS E 150 -8.82 60.42 -8.54
N HIS E 151 -7.79 60.65 -9.32
CA HIS E 151 -6.53 61.11 -8.77
C HIS E 151 -6.29 62.57 -9.08
N GLY E 152 -7.25 63.25 -9.69
CA GLY E 152 -6.97 64.44 -10.46
C GLY E 152 -6.60 64.05 -11.89
N SER E 153 -7.28 63.02 -12.42
CA SER E 153 -7.03 62.55 -13.78
C SER E 153 -7.72 63.50 -14.75
N HIS E 154 -7.09 64.65 -14.98
CA HIS E 154 -7.58 65.57 -15.99
C HIS E 154 -7.17 65.05 -17.36
N TYR E 155 -8.09 65.09 -18.31
CA TYR E 155 -7.80 64.84 -19.71
C TYR E 155 -8.10 66.12 -20.49
N ASP E 156 -7.63 66.07 -21.75
CA ASP E 156 -7.92 67.11 -22.77
C ASP E 156 -9.21 66.71 -23.48
N ILE E 157 -9.85 67.59 -24.24
CA ILE E 157 -11.02 67.29 -25.09
C ILE E 157 -10.79 66.04 -25.93
N SER E 158 -9.69 66.01 -26.69
CA SER E 158 -9.31 64.82 -27.45
C SER E 158 -9.08 63.61 -26.57
N GLY E 159 -8.66 63.86 -25.35
CA GLY E 159 -8.50 62.75 -24.42
C GLY E 159 -7.06 62.36 -24.28
N ARG E 160 -6.26 63.29 -23.81
CA ARG E 160 -4.85 63.04 -23.40
C ARG E 160 -4.66 63.47 -21.94
N ILE E 161 -4.14 62.58 -21.05
CA ILE E 161 -3.93 62.91 -19.65
C ILE E 161 -3.20 64.24 -19.58
N ARG E 162 -3.41 65.00 -18.51
CA ARG E 162 -2.76 66.33 -18.47
C ARG E 162 -2.42 66.82 -17.05
N LYS E 163 -2.67 66.09 -15.96
CA LYS E 163 -2.40 66.63 -14.66
C LYS E 163 -2.67 65.61 -13.59
N GLY E 164 -2.63 64.34 -13.99
CA GLY E 164 -2.93 63.22 -13.14
C GLY E 164 -1.81 62.24 -13.38
N PRO E 165 -1.49 61.43 -12.40
CA PRO E 165 -0.24 60.65 -12.50
C PRO E 165 -0.35 59.39 -13.35
N ALA E 166 -1.38 59.28 -14.18
CA ALA E 166 -1.57 58.08 -14.98
C ALA E 166 -0.60 58.08 -16.18
N PRO E 167 -0.02 56.92 -16.54
CA PRO E 167 1.11 56.94 -17.49
C PRO E 167 0.78 57.23 -18.95
N LEU E 168 -0.40 56.87 -19.46
CA LEU E 168 -0.66 57.04 -20.88
C LEU E 168 -2.14 57.29 -21.15
N ASN E 169 -2.36 57.91 -22.30
CA ASN E 169 -3.67 58.21 -22.87
C ASN E 169 -4.18 56.99 -23.65
N LEU E 170 -5.48 56.79 -23.61
CA LEU E 170 -6.00 55.45 -23.73
C LEU E 170 -6.55 55.15 -25.12
N GLU E 171 -6.99 53.90 -25.27
CA GLU E 171 -7.15 53.26 -26.56
C GLU E 171 -8.37 53.78 -27.29
N ILE E 172 -8.17 54.14 -28.55
CA ILE E 172 -9.22 54.59 -29.45
C ILE E 172 -9.68 53.37 -30.24
N PRO E 173 -10.98 53.07 -30.30
CA PRO E 173 -11.39 51.78 -30.87
C PRO E 173 -11.15 51.73 -32.37
N ALA E 174 -10.89 50.52 -32.86
CA ALA E 174 -10.67 50.29 -34.29
C ALA E 174 -12.01 50.29 -35.01
N TYR E 175 -12.65 51.47 -35.02
CA TYR E 175 -13.92 51.69 -35.69
C TYR E 175 -13.64 52.28 -37.06
N GLU E 176 -14.35 51.78 -38.09
CA GLU E 176 -14.18 52.23 -39.46
C GLU E 176 -15.47 52.89 -39.98
N PHE E 177 -15.44 53.33 -41.24
CA PHE E 177 -16.52 54.10 -41.85
C PHE E 177 -16.92 53.46 -43.17
N ASP E 178 -18.21 53.26 -43.35
CA ASP E 178 -18.72 52.60 -44.56
C ASP E 178 -20.08 53.12 -45.04
N GLY E 179 -20.70 54.10 -44.36
CA GLY E 179 -21.81 54.86 -44.92
C GLY E 179 -23.19 54.40 -44.47
N ASP E 180 -23.81 55.14 -43.54
CA ASP E 180 -24.74 54.58 -42.56
C ASP E 180 -24.02 53.52 -41.73
N LYS E 181 -22.76 53.76 -41.41
CA LYS E 181 -21.89 52.75 -40.82
C LYS E 181 -20.82 53.48 -40.03
N VAL E 182 -20.61 53.09 -38.77
CA VAL E 182 -19.31 53.25 -38.12
C VAL E 182 -19.06 51.98 -37.32
N ILE E 183 -18.21 51.10 -37.82
CA ILE E 183 -18.17 49.76 -37.26
C ILE E 183 -17.30 49.75 -36.01
N VAL E 184 -17.94 50.15 -34.88
CA VAL E 184 -17.31 50.24 -33.52
C VAL E 184 -16.95 48.82 -33.12
N GLY E 185 -15.71 48.34 -33.35
CA GLY E 185 -15.35 46.95 -33.15
C GLY E 185 -13.91 46.77 -32.72
N VAL F 2 -54.05 23.11 -59.58
CA VAL F 2 -53.64 21.70 -59.52
C VAL F 2 -54.11 21.09 -58.22
N THR F 3 -54.71 19.90 -58.35
CA THR F 3 -55.15 19.12 -57.21
C THR F 3 -53.97 18.81 -56.28
N ASP F 4 -54.27 18.73 -55.00
CA ASP F 4 -53.32 18.22 -54.04
C ASP F 4 -53.01 16.77 -54.35
N GLN F 5 -51.72 16.46 -54.49
CA GLN F 5 -51.32 15.17 -55.04
C GLN F 5 -51.69 14.02 -54.10
N LEU F 6 -51.66 14.26 -52.79
CA LEU F 6 -52.07 13.23 -51.85
C LEU F 6 -53.56 12.91 -52.01
N GLU F 7 -54.37 13.94 -52.20
CA GLU F 7 -55.82 13.75 -52.36
C GLU F 7 -56.13 12.88 -53.57
N ASP F 8 -55.36 13.03 -54.65
CA ASP F 8 -55.56 12.19 -55.82
C ASP F 8 -55.22 10.73 -55.52
N LEU F 9 -54.05 10.47 -54.94
CA LEU F 9 -53.66 9.11 -54.59
C LEU F 9 -54.53 8.56 -53.47
N ARG F 10 -54.83 9.35 -52.45
CA ARG F 10 -55.73 8.96 -51.38
C ARG F 10 -57.13 8.62 -51.90
N GLU F 11 -57.48 9.07 -53.11
CA GLU F 11 -58.73 8.74 -53.77
C GLU F 11 -58.58 7.65 -54.84
N HIS F 12 -57.37 7.46 -55.36
CA HIS F 12 -57.15 6.41 -56.35
C HIS F 12 -57.14 5.03 -55.69
N PHE F 13 -56.27 4.83 -54.69
CA PHE F 13 -56.22 3.55 -53.99
C PHE F 13 -57.48 3.27 -53.18
N LYS F 14 -58.34 4.27 -53.00
CA LYS F 14 -59.69 4.09 -52.45
C LYS F 14 -60.63 3.41 -53.43
N ASN F 15 -60.16 3.00 -54.62
CA ASN F 15 -60.95 2.28 -55.60
C ASN F 15 -60.23 1.01 -56.07
N THR F 16 -59.54 0.28 -55.19
CA THR F 16 -59.03 -1.07 -55.50
C THR F 16 -60.03 -2.01 -54.80
N GLU F 17 -59.80 -3.30 -54.74
CA GLU F 17 -60.70 -4.23 -54.07
C GLU F 17 -60.44 -4.36 -52.58
N GLU F 18 -59.21 -4.17 -52.11
CA GLU F 18 -59.02 -3.97 -50.69
C GLU F 18 -59.61 -2.62 -50.27
N GLY F 19 -59.63 -1.68 -51.24
CA GLY F 19 -60.05 -0.26 -51.02
C GLY F 19 -61.55 -0.17 -50.89
N LYS F 20 -62.21 -1.23 -51.23
CA LYS F 20 -63.65 -1.41 -51.08
C LYS F 20 -64.02 -2.60 -50.21
N ALA F 21 -63.06 -3.42 -49.82
CA ALA F 21 -63.25 -4.28 -48.65
C ALA F 21 -63.26 -3.48 -47.37
N LEU F 22 -62.73 -2.25 -47.41
CA LEU F 22 -62.66 -1.35 -46.27
C LEU F 22 -63.90 -0.47 -46.18
N VAL F 23 -64.35 0.04 -47.33
CA VAL F 23 -65.42 1.05 -47.35
C VAL F 23 -66.71 0.45 -46.83
N HIS F 24 -67.13 -0.68 -47.40
CA HIS F 24 -68.44 -1.24 -47.10
C HIS F 24 -68.57 -1.66 -45.64
N HIS F 25 -67.45 -2.02 -45.00
CA HIS F 25 -67.50 -2.34 -43.58
C HIS F 25 -67.61 -1.07 -42.76
N TYR F 26 -67.05 0.03 -43.24
CA TYR F 26 -67.15 1.30 -42.52
C TYR F 26 -68.54 1.90 -42.69
N GLU F 27 -69.12 1.75 -43.88
CA GLU F 27 -70.43 2.35 -44.15
C GLU F 27 -71.50 1.80 -43.20
N GLU F 28 -71.89 0.62 -43.79
CA GLU F 28 -72.86 -0.29 -43.18
C GLU F 28 -72.76 -0.26 -41.67
N CYS F 29 -71.61 0.05 -41.18
CA CYS F 29 -71.56 0.25 -39.73
C CYS F 29 -72.28 1.59 -39.51
N ALA F 30 -72.02 2.59 -40.34
CA ALA F 30 -72.56 3.94 -40.15
C ALA F 30 -73.97 4.04 -40.68
N GLU F 31 -74.51 2.93 -41.08
CA GLU F 31 -75.85 2.88 -41.63
C GLU F 31 -76.63 2.02 -40.66
N ARG F 32 -76.03 1.76 -39.51
CA ARG F 32 -76.70 0.97 -38.45
C ARG F 32 -76.64 1.92 -37.24
N VAL F 33 -75.83 2.95 -37.29
CA VAL F 33 -75.81 4.00 -36.23
C VAL F 33 -76.74 5.09 -36.77
N LYS F 34 -77.80 4.68 -37.43
CA LYS F 34 -78.71 5.66 -38.05
C LYS F 34 -80.08 5.07 -37.79
N ILE F 35 -80.26 3.83 -38.21
CA ILE F 35 -81.48 3.10 -37.88
C ILE F 35 -81.37 2.82 -36.39
N GLN F 36 -80.83 3.77 -35.63
CA GLN F 36 -80.66 3.64 -34.16
C GLN F 36 -80.33 5.00 -33.56
N GLN F 37 -79.97 5.98 -34.38
CA GLN F 37 -79.79 7.35 -33.84
C GLN F 37 -81.20 7.87 -33.64
N GLN F 38 -82.17 7.42 -34.46
CA GLN F 38 -83.60 7.67 -34.22
C GLN F 38 -83.90 6.84 -32.97
N GLN F 39 -85.07 6.21 -32.84
CA GLN F 39 -85.27 5.30 -31.66
C GLN F 39 -85.04 6.04 -30.32
N PRO F 40 -85.35 5.46 -29.14
CA PRO F 40 -85.30 6.23 -27.85
C PRO F 40 -84.16 6.24 -26.80
N GLY F 41 -84.47 6.73 -25.60
CA GLY F 41 -83.51 6.80 -24.47
C GLY F 41 -82.05 7.00 -24.89
N TYR F 42 -81.78 7.51 -26.09
CA TYR F 42 -80.41 7.64 -26.63
C TYR F 42 -79.77 8.80 -25.90
N ALA F 43 -80.52 9.89 -25.71
CA ALA F 43 -79.92 10.96 -24.89
C ALA F 43 -79.27 10.24 -23.72
N ASP F 44 -79.78 9.05 -23.38
CA ASP F 44 -79.06 8.29 -22.34
C ASP F 44 -79.06 6.76 -22.56
N LEU F 45 -78.09 6.22 -23.32
CA LEU F 45 -77.93 4.76 -23.43
C LEU F 45 -76.75 4.35 -22.59
N GLU F 46 -75.84 5.29 -22.26
CA GLU F 46 -74.53 4.94 -21.62
C GLU F 46 -73.67 4.21 -22.67
N HIS F 47 -74.10 3.09 -23.25
CA HIS F 47 -73.22 2.51 -24.32
C HIS F 47 -73.82 2.63 -25.73
N LYS F 48 -73.44 3.66 -26.48
CA LYS F 48 -73.87 3.80 -27.90
C LYS F 48 -72.74 3.46 -28.89
N GLU F 49 -72.97 2.59 -29.89
CA GLU F 49 -71.84 2.18 -30.78
C GLU F 49 -71.44 3.23 -31.81
N ASP F 50 -70.18 3.27 -32.23
CA ASP F 50 -69.62 4.30 -33.13
C ASP F 50 -68.88 3.66 -34.28
N CYS F 51 -68.02 4.47 -34.91
CA CYS F 51 -67.15 3.86 -35.94
C CYS F 51 -65.69 4.40 -36.00
N VAL F 52 -64.89 4.64 -34.92
CA VAL F 52 -63.49 5.00 -35.13
C VAL F 52 -62.69 3.81 -35.65
N GLU F 53 -63.13 2.59 -35.37
CA GLU F 53 -62.33 1.41 -35.66
C GLU F 53 -62.32 1.10 -37.15
N GLU F 54 -63.49 1.03 -37.77
CA GLU F 54 -63.59 0.74 -39.19
C GLU F 54 -62.99 1.87 -40.02
N PHE F 55 -63.11 3.10 -39.54
CA PHE F 55 -62.46 4.24 -40.18
C PHE F 55 -60.94 4.10 -40.11
N PHE F 56 -60.41 3.71 -38.94
CA PHE F 56 -58.97 3.53 -38.79
C PHE F 56 -58.44 2.43 -39.70
N HIS F 57 -59.18 1.33 -39.85
CA HIS F 57 -58.76 0.26 -40.74
C HIS F 57 -58.62 0.77 -42.17
N LEU F 58 -59.60 1.54 -42.63
CA LEU F 58 -59.54 2.09 -43.98
C LEU F 58 -58.42 3.10 -44.10
N GLN F 59 -58.26 3.98 -43.10
CA GLN F 59 -57.25 5.01 -43.15
C GLN F 59 -55.85 4.42 -43.13
N HIS F 60 -55.62 3.39 -42.31
CA HIS F 60 -54.29 2.84 -42.16
C HIS F 60 -53.82 2.19 -43.46
N TYR F 61 -54.73 1.57 -44.20
CA TYR F 61 -54.38 0.93 -45.46
C TYR F 61 -53.96 1.94 -46.51
N LEU F 62 -54.82 2.93 -46.77
CA LEU F 62 -54.53 3.97 -47.76
C LEU F 62 -53.19 4.65 -47.48
N ASP F 63 -52.86 4.87 -46.22
CA ASP F 63 -51.67 5.65 -45.89
C ASP F 63 -50.40 4.84 -46.14
N THR F 64 -50.34 3.62 -45.63
CA THR F 64 -49.18 2.77 -45.84
C THR F 64 -49.08 2.23 -47.26
N ALA F 65 -50.14 2.38 -48.05
CA ALA F 65 -50.09 2.16 -49.49
C ALA F 65 -49.76 3.42 -50.28
N THR F 66 -49.93 4.60 -49.67
CA THR F 66 -49.68 5.87 -50.34
C THR F 66 -48.44 6.60 -49.82
N ALA F 67 -47.90 6.20 -48.67
CA ALA F 67 -46.73 6.89 -48.12
C ALA F 67 -45.48 6.75 -48.98
N PRO F 68 -45.15 5.58 -49.56
CA PRO F 68 -43.87 5.49 -50.30
C PRO F 68 -43.90 6.07 -51.71
N ARG F 69 -44.91 6.87 -52.04
CA ARG F 69 -45.20 7.25 -53.40
C ARG F 69 -45.52 8.72 -53.60
N LEU F 70 -45.71 9.50 -52.54
CA LEU F 70 -46.18 10.87 -52.67
C LEU F 70 -45.04 11.84 -52.96
N PHE F 71 -44.02 11.83 -52.11
CA PHE F 71 -42.95 12.83 -52.20
C PHE F 71 -42.16 12.75 -53.50
N ASP F 72 -42.29 11.65 -54.25
CA ASP F 72 -41.75 11.60 -55.61
C ASP F 72 -42.35 12.66 -56.51
N LYS F 73 -43.58 13.10 -56.24
CA LYS F 73 -44.29 14.04 -57.08
C LYS F 73 -44.30 15.47 -56.55
N LEU F 74 -44.20 15.65 -55.23
CA LEU F 74 -44.11 16.98 -54.67
C LEU F 74 -42.71 17.53 -54.87
N LYS F 75 -42.63 18.80 -55.21
CA LYS F 75 -41.34 19.46 -55.41
C LYS F 75 -40.58 19.58 -54.10
N MET G 1 -3.07 -13.18 14.38
CA MET G 1 -2.87 -11.73 14.69
C MET G 1 -4.19 -11.00 14.90
N ALA G 2 -4.09 -9.74 15.31
CA ALA G 2 -5.26 -8.91 15.55
C ALA G 2 -5.94 -8.53 14.25
N PHE G 3 -7.27 -8.37 14.31
CA PHE G 3 -8.09 -7.98 13.17
C PHE G 3 -7.65 -6.64 12.57
N ARG G 4 -7.24 -5.70 13.41
CA ARG G 4 -6.79 -4.40 12.92
C ARG G 4 -5.52 -4.49 12.08
N LYS G 5 -4.79 -5.60 12.16
CA LYS G 5 -3.60 -5.82 11.35
C LYS G 5 -3.84 -6.73 10.16
N SER G 6 -4.91 -7.51 10.15
CA SER G 6 -5.18 -8.48 9.10
C SER G 6 -6.14 -7.96 8.04
N ASN G 7 -7.11 -7.13 8.41
CA ASN G 7 -8.06 -6.60 7.46
C ASN G 7 -7.38 -5.64 6.48
N VAL G 8 -7.82 -5.69 5.22
CA VAL G 8 -7.22 -4.88 4.15
C VAL G 8 -7.35 -3.39 4.46
N TYR G 9 -8.50 -2.97 4.96
CA TYR G 9 -8.76 -1.54 5.15
C TYR G 9 -8.32 -1.03 6.51
N LEU G 10 -8.53 -1.80 7.58
CA LEU G 10 -8.11 -1.38 8.90
C LEU G 10 -6.59 -1.45 9.07
N SER G 11 -5.93 -2.32 8.31
CA SER G 11 -4.47 -2.38 8.33
C SER G 11 -3.84 -1.04 7.96
N LEU G 12 -4.48 -0.29 7.06
CA LEU G 12 -3.97 1.02 6.70
C LEU G 12 -4.25 2.04 7.80
N VAL G 13 -5.37 1.92 8.50
CA VAL G 13 -5.65 2.82 9.61
C VAL G 13 -4.68 2.55 10.74
N ASN G 14 -4.41 1.28 11.03
CA ASN G 14 -3.49 0.92 12.10
C ASN G 14 -2.08 1.41 11.82
N SER G 15 -1.61 1.24 10.59
CA SER G 15 -0.25 1.62 10.24
C SER G 15 -0.04 3.13 10.18
N TYR G 16 -1.11 3.91 10.03
CA TYR G 16 -1.01 5.36 9.94
C TYR G 16 -1.47 6.07 11.20
N ILE G 17 -2.40 5.50 11.95
CA ILE G 17 -3.01 6.17 13.10
C ILE G 17 -2.64 5.54 14.44
N ILE G 18 -2.50 4.23 14.53
CA ILE G 18 -2.50 3.53 15.82
C ILE G 18 -1.09 3.10 16.22
N ASP G 19 -0.43 2.28 15.39
CA ASP G 19 0.86 1.70 15.72
C ASP G 19 2.04 2.41 15.08
N SER G 20 1.84 3.57 14.47
CA SER G 20 2.91 4.25 13.76
C SER G 20 4.02 4.68 14.71
N PRO G 21 5.29 4.34 14.45
CA PRO G 21 6.36 4.78 15.35
C PRO G 21 6.70 6.25 15.14
N GLN G 22 6.73 7.00 16.23
CA GLN G 22 6.98 8.42 16.24
C GLN G 22 8.18 8.73 17.13
N PRO G 23 8.98 9.74 16.81
CA PRO G 23 10.08 10.08 17.71
C PRO G 23 9.56 10.64 19.03
N SER G 24 10.29 10.32 20.10
CA SER G 24 9.81 10.64 21.44
C SER G 24 9.84 12.13 21.73
N SER G 25 10.59 12.90 20.96
CA SER G 25 10.94 14.27 21.30
C SER G 25 10.22 15.33 20.47
N ILE G 26 9.31 14.94 19.57
CA ILE G 26 8.60 15.93 18.76
C ILE G 26 7.71 16.80 19.63
N ASN G 27 7.64 18.09 19.30
CA ASN G 27 6.94 19.09 20.09
C ASN G 27 5.61 19.47 19.44
N TYR G 28 4.98 20.54 19.93
CA TYR G 28 3.64 20.92 19.48
C TYR G 28 3.64 21.53 18.08
N TRP G 29 4.79 21.99 17.57
CA TRP G 29 4.87 22.42 16.18
C TRP G 29 4.57 21.30 15.19
N TRP G 30 4.68 20.04 15.61
CA TRP G 30 4.36 18.90 14.76
C TRP G 30 2.86 18.59 14.73
N ASN G 31 2.03 19.44 15.32
CA ASN G 31 0.59 19.25 15.35
C ASN G 31 -0.17 20.02 14.28
N MET G 32 0.51 20.83 13.47
CA MET G 32 -0.17 21.65 12.48
C MET G 32 -0.74 20.83 11.33
N GLY G 33 -0.09 19.73 10.96
CA GLY G 33 -0.59 18.91 9.86
C GLY G 33 -1.94 18.28 10.16
N SER G 34 -2.19 17.91 11.41
CA SER G 34 -3.50 17.45 11.83
C SER G 34 -4.57 18.52 11.63
N LEU G 35 -4.25 19.76 12.00
CA LEU G 35 -5.23 20.84 11.91
C LEU G 35 -5.61 21.14 10.46
N LEU G 36 -4.63 21.16 9.55
CA LEU G 36 -4.91 21.38 8.14
C LEU G 36 -5.84 20.33 7.55
N GLY G 37 -5.90 19.14 8.15
CA GLY G 37 -6.84 18.14 7.70
C GLY G 37 -8.26 18.35 8.19
N LEU G 38 -8.41 18.93 9.39
CA LEU G 38 -9.73 19.33 9.87
C LEU G 38 -10.23 20.55 9.13
N CYS G 39 -9.33 21.48 8.82
CA CYS G 39 -9.68 22.66 8.02
C CYS G 39 -10.32 22.29 6.69
N LEU G 40 -9.72 21.34 5.96
CA LEU G 40 -10.25 20.94 4.66
C LEU G 40 -11.62 20.29 4.79
N VAL G 41 -11.89 19.62 5.91
CA VAL G 41 -13.20 19.02 6.14
C VAL G 41 -14.24 20.10 6.46
N ILE G 42 -13.85 21.11 7.22
CA ILE G 42 -14.75 22.22 7.54
C ILE G 42 -15.18 22.94 6.26
N GLN G 43 -14.23 23.26 5.38
CA GLN G 43 -14.55 24.02 4.18
C GLN G 43 -15.39 23.23 3.18
N ILE G 44 -15.10 21.94 3.01
CA ILE G 44 -15.85 21.16 2.04
C ILE G 44 -17.28 20.94 2.50
N VAL G 45 -17.48 20.72 3.80
CA VAL G 45 -18.82 20.44 4.31
C VAL G 45 -19.66 21.72 4.34
N THR G 46 -19.10 22.82 4.83
CA THR G 46 -19.83 24.08 4.85
C THR G 46 -20.17 24.56 3.45
N GLY G 47 -19.28 24.35 2.50
CA GLY G 47 -19.50 24.79 1.13
C GLY G 47 -20.57 24.02 0.38
N ILE G 48 -20.68 22.72 0.62
CA ILE G 48 -21.71 21.93 -0.03
C ILE G 48 -23.10 22.28 0.47
N PHE G 49 -23.22 22.70 1.74
CA PHE G 49 -24.53 23.05 2.27
C PHE G 49 -24.98 24.44 1.81
N MET G 50 -24.03 25.29 1.42
CA MET G 50 -24.36 26.59 0.85
C MET G 50 -24.67 26.49 -0.64
N ALA G 51 -23.98 25.60 -1.35
CA ALA G 51 -24.21 25.41 -2.78
C ALA G 51 -25.64 25.01 -3.11
N MET G 52 -26.36 24.44 -2.14
CA MET G 52 -27.78 24.17 -2.29
C MET G 52 -28.63 25.42 -2.44
N HIS G 53 -28.12 26.60 -2.06
CA HIS G 53 -28.87 27.84 -2.11
C HIS G 53 -28.23 28.93 -2.97
N TYR G 54 -27.15 28.65 -3.67
CA TYR G 54 -26.39 29.64 -4.43
C TYR G 54 -26.77 29.62 -5.90
N SER G 55 -26.76 30.80 -6.51
CA SER G 55 -26.99 30.98 -7.94
C SER G 55 -25.82 31.75 -8.53
N SER G 56 -25.26 31.23 -9.62
CA SER G 56 -24.02 31.73 -10.18
C SER G 56 -24.19 32.80 -11.25
N ASN G 57 -25.41 33.01 -11.74
CA ASN G 57 -25.67 34.07 -12.71
C ASN G 57 -25.25 35.42 -12.15
N ILE G 58 -24.65 36.25 -13.00
CA ILE G 58 -24.08 37.51 -12.58
C ILE G 58 -25.16 38.47 -12.08
N GLU G 59 -26.41 38.30 -12.54
CA GLU G 59 -27.50 39.15 -12.08
C GLU G 59 -28.15 38.62 -10.80
N LEU G 60 -27.80 37.40 -10.37
CA LEU G 60 -28.41 36.75 -9.22
C LEU G 60 -27.45 36.44 -8.08
N ALA G 61 -26.16 36.71 -8.25
CA ALA G 61 -25.12 36.14 -7.40
C ALA G 61 -25.02 36.83 -6.03
N PHE G 62 -24.85 38.16 -6.03
CA PHE G 62 -24.76 38.91 -4.80
C PHE G 62 -26.00 38.72 -3.93
N SER G 63 -27.18 38.67 -4.55
CA SER G 63 -28.42 38.56 -3.81
C SER G 63 -28.65 37.14 -3.29
N SER G 64 -27.98 36.14 -3.86
CA SER G 64 -28.08 34.78 -3.32
C SER G 64 -27.33 34.64 -2.01
N VAL G 65 -26.21 35.35 -1.87
CA VAL G 65 -25.42 35.29 -0.65
C VAL G 65 -26.11 36.06 0.47
N GLU G 66 -26.78 37.16 0.16
CA GLU G 66 -27.60 37.86 1.14
C GLU G 66 -28.84 37.07 1.52
N HIS G 67 -29.30 36.18 0.64
CA HIS G 67 -30.43 35.30 0.91
C HIS G 67 -30.04 34.14 1.81
N ILE G 68 -28.78 33.70 1.74
CA ILE G 68 -28.25 32.72 2.68
C ILE G 68 -28.14 33.33 4.07
N MET G 69 -27.90 34.65 4.16
CA MET G 69 -27.72 35.30 5.44
C MET G 69 -29.03 35.57 6.17
N ARG G 70 -30.10 35.87 5.43
CA ARG G 70 -31.35 36.35 6.01
C ARG G 70 -32.42 35.27 6.10
N ASP G 71 -32.57 34.44 5.08
CA ASP G 71 -33.69 33.52 4.96
C ASP G 71 -33.35 32.07 5.29
N VAL G 72 -32.10 31.66 5.13
CA VAL G 72 -31.69 30.29 5.40
C VAL G 72 -31.47 30.12 6.90
N HIS G 73 -32.02 29.04 7.45
CA HIS G 73 -31.87 28.74 8.88
C HIS G 73 -30.41 28.40 9.18
N ASN G 74 -29.80 29.17 10.08
CA ASN G 74 -28.39 29.05 10.45
C ASN G 74 -27.46 29.30 9.29
N GLY G 75 -27.87 30.08 8.29
CA GLY G 75 -27.02 30.35 7.15
C GLY G 75 -25.92 31.35 7.44
N TYR G 76 -26.15 32.25 8.39
CA TYR G 76 -25.09 33.17 8.80
C TYR G 76 -23.96 32.43 9.51
N ILE G 77 -24.26 31.26 10.10
CA ILE G 77 -23.22 30.46 10.72
C ILE G 77 -22.37 29.78 9.66
N LEU G 78 -23.00 29.25 8.62
CA LEU G 78 -22.26 28.60 7.53
C LEU G 78 -21.33 29.54 6.80
N ARG G 79 -21.77 30.76 6.49
CA ARG G 79 -20.92 31.67 5.73
C ARG G 79 -19.75 32.20 6.56
N TYR G 80 -20.02 32.69 7.76
CA TYR G 80 -18.95 33.28 8.56
C TYR G 80 -17.91 32.24 8.96
N LEU G 81 -18.37 31.03 9.27
CA LEU G 81 -17.45 29.92 9.53
C LEU G 81 -16.60 29.65 8.31
N HIS G 82 -17.24 29.55 7.15
CA HIS G 82 -16.59 29.33 5.88
C HIS G 82 -15.63 30.46 5.48
N ALA G 83 -16.06 31.70 5.59
CA ALA G 83 -15.22 32.83 5.20
C ALA G 83 -14.02 32.99 6.14
N ASN G 84 -14.24 32.86 7.45
CA ASN G 84 -13.15 32.97 8.40
C ASN G 84 -12.35 31.67 8.50
N GLY G 85 -12.93 30.55 8.08
CA GLY G 85 -12.21 29.30 8.05
C GLY G 85 -11.10 29.25 7.02
N ALA G 86 -11.20 30.05 5.96
CA ALA G 86 -10.16 30.15 4.96
C ALA G 86 -8.99 30.99 5.43
N SER G 87 -9.24 32.01 6.25
CA SER G 87 -8.18 32.79 6.86
C SER G 87 -7.36 31.96 7.85
N PHE G 88 -8.01 31.02 8.55
CA PHE G 88 -7.35 30.16 9.52
C PHE G 88 -6.57 29.04 8.85
N PHE G 89 -7.13 28.47 7.79
CA PHE G 89 -6.45 27.50 6.96
C PHE G 89 -5.11 28.02 6.42
N PHE G 90 -5.06 29.29 6.00
CA PHE G 90 -3.82 29.85 5.46
C PHE G 90 -2.81 30.16 6.56
N MET G 91 -3.25 30.50 7.76
CA MET G 91 -2.35 30.82 8.85
C MET G 91 -1.65 29.59 9.40
N VAL G 92 -2.37 28.46 9.45
CA VAL G 92 -1.78 27.21 9.92
C VAL G 92 -0.81 26.67 8.89
N MET G 93 -1.05 26.93 7.60
CA MET G 93 -0.14 26.48 6.54
C MET G 93 1.17 27.25 6.52
N PHE G 94 1.13 28.57 6.75
CA PHE G 94 2.36 29.32 6.84
C PHE G 94 3.23 28.88 8.01
N MET G 95 2.61 28.48 9.12
CA MET G 95 3.35 28.01 10.28
C MET G 95 3.89 26.59 10.07
N HIS G 96 3.15 25.77 9.33
CA HIS G 96 3.60 24.44 8.96
C HIS G 96 4.84 24.49 8.07
N MET G 97 4.85 25.40 7.11
CA MET G 97 5.96 25.57 6.18
C MET G 97 7.17 26.22 6.85
N ALA G 98 6.94 27.19 7.72
CA ALA G 98 8.03 27.84 8.43
C ALA G 98 8.74 26.88 9.38
N LYS G 99 8.01 25.92 9.93
CA LYS G 99 8.61 24.89 10.77
C LYS G 99 9.59 24.04 9.99
N GLY G 100 9.14 23.44 8.89
CA GLY G 100 9.99 22.64 8.03
C GLY G 100 11.23 23.36 7.53
N LEU G 101 11.11 24.67 7.31
CA LEU G 101 12.26 25.47 6.95
C LEU G 101 13.25 25.63 8.10
N TYR G 102 12.75 25.64 9.34
CA TYR G 102 13.61 25.80 10.51
C TYR G 102 14.32 24.49 10.88
N TYR G 103 13.62 23.37 10.79
CA TYR G 103 14.13 22.08 11.20
C TYR G 103 14.70 21.24 10.06
N GLY G 104 14.79 21.78 8.85
CA GLY G 104 15.47 21.10 7.76
C GLY G 104 14.72 19.92 7.17
N SER G 105 13.38 19.93 7.23
CA SER G 105 12.61 18.78 6.79
C SER G 105 12.60 18.62 5.27
N TYR G 106 12.98 19.67 4.54
CA TYR G 106 13.13 19.60 3.09
C TYR G 106 14.29 18.72 2.63
N ARG G 107 15.30 18.51 3.47
CA ARG G 107 16.51 17.84 3.04
C ARG G 107 16.25 16.38 2.74
N SER G 108 17.19 15.78 2.01
CA SER G 108 17.16 14.34 1.77
C SER G 108 17.17 13.62 3.12
N PRO G 109 16.39 12.54 3.28
CA PRO G 109 15.62 11.76 2.32
C PRO G 109 14.16 12.20 2.04
N ARG G 110 13.79 13.45 2.36
CA ARG G 110 12.40 13.90 2.27
C ARG G 110 12.22 15.02 1.24
N VAL G 111 12.94 14.95 0.11
CA VAL G 111 12.79 15.95 -0.93
C VAL G 111 11.47 15.78 -1.67
N THR G 112 11.00 14.54 -1.82
CA THR G 112 9.76 14.29 -2.53
C THR G 112 8.55 14.79 -1.75
N LEU G 113 8.63 14.79 -0.43
CA LEU G 113 7.53 15.24 0.41
C LEU G 113 7.38 16.76 0.37
N TRP G 114 8.49 17.48 0.29
CA TRP G 114 8.50 18.93 0.15
C TRP G 114 7.93 19.39 -1.18
N ASN G 115 8.09 18.62 -2.24
CA ASN G 115 7.67 19.04 -3.57
C ASN G 115 6.18 18.86 -3.80
N VAL G 116 5.61 17.77 -3.29
CA VAL G 116 4.16 17.60 -3.33
C VAL G 116 3.47 18.67 -2.49
N GLY G 117 4.15 19.18 -1.47
CA GLY G 117 3.57 20.24 -0.65
C GLY G 117 3.51 21.58 -1.37
N VAL G 118 4.57 21.90 -2.11
CA VAL G 118 4.60 23.12 -2.92
C VAL G 118 3.46 23.12 -3.93
N ILE G 119 3.05 21.95 -4.41
CA ILE G 119 1.93 21.86 -5.34
C ILE G 119 0.62 22.19 -4.65
N ILE G 120 0.42 21.68 -3.43
CA ILE G 120 -0.78 21.91 -2.64
C ILE G 120 -0.96 23.40 -2.40
N PHE G 121 0.15 24.10 -2.14
CA PHE G 121 0.10 25.54 -1.89
C PHE G 121 -0.39 26.32 -3.10
N ILE G 122 0.09 25.96 -4.29
CA ILE G 122 -0.34 26.65 -5.52
C ILE G 122 -1.82 26.43 -5.78
N LEU G 123 -2.29 25.19 -5.66
CA LEU G 123 -3.69 24.86 -5.89
C LEU G 123 -4.63 25.46 -4.85
N THR G 124 -4.10 25.95 -3.73
CA THR G 124 -4.87 26.50 -2.64
C THR G 124 -5.06 28.00 -2.76
N ILE G 125 -4.06 28.69 -3.29
CA ILE G 125 -4.21 30.08 -3.70
C ILE G 125 -5.23 30.20 -4.83
N ALA G 126 -5.21 29.26 -5.76
CA ALA G 126 -6.14 29.28 -6.88
C ALA G 126 -7.58 29.10 -6.40
N THR G 127 -7.80 28.16 -5.49
CA THR G 127 -9.13 27.90 -4.95
C THR G 127 -9.73 29.14 -4.30
N ALA G 128 -9.00 29.75 -3.37
CA ALA G 128 -9.50 30.91 -2.63
C ALA G 128 -9.80 32.09 -3.56
N PHE G 129 -8.95 32.32 -4.56
CA PHE G 129 -9.18 33.39 -5.53
C PHE G 129 -10.50 33.18 -6.28
N LEU G 130 -10.77 31.95 -6.71
CA LEU G 130 -11.98 31.67 -7.47
C LEU G 130 -13.24 31.86 -6.64
N GLY G 131 -13.17 31.65 -5.33
CA GLY G 131 -14.33 31.74 -4.48
C GLY G 131 -14.72 33.16 -4.11
N TYR G 132 -13.72 34.00 -3.88
CA TYR G 132 -13.96 35.42 -3.65
C TYR G 132 -14.62 36.10 -4.83
N CYS G 133 -14.36 35.65 -6.05
CA CYS G 133 -14.99 36.20 -7.23
C CYS G 133 -16.46 35.84 -7.35
N CYS G 134 -16.90 34.77 -6.69
CA CYS G 134 -18.26 34.30 -6.78
C CYS G 134 -19.23 35.09 -5.91
N VAL G 135 -18.73 35.82 -4.92
CA VAL G 135 -19.55 36.78 -4.19
C VAL G 135 -20.06 37.85 -5.15
N TYR G 136 -19.17 38.31 -6.03
CA TYR G 136 -19.43 39.37 -7.00
C TYR G 136 -19.90 40.65 -6.32
N GLY G 137 -19.07 41.15 -5.42
CA GLY G 137 -19.08 42.53 -5.03
C GLY G 137 -18.05 43.33 -5.80
N GLN G 138 -17.63 44.43 -5.18
CA GLN G 138 -16.80 45.40 -5.86
C GLN G 138 -15.31 45.09 -5.76
N MET G 139 -14.86 44.38 -4.73
CA MET G 139 -13.51 43.82 -4.74
C MET G 139 -13.42 42.54 -5.55
N SER G 140 -14.56 41.91 -5.83
CA SER G 140 -14.57 40.69 -6.63
C SER G 140 -14.39 40.99 -8.11
N HIS G 141 -15.05 42.02 -8.61
CA HIS G 141 -14.97 42.35 -10.04
C HIS G 141 -13.59 42.88 -10.40
N TRP G 142 -13.09 43.85 -9.64
CA TRP G 142 -11.88 44.55 -10.00
C TRP G 142 -10.61 43.79 -9.62
N GLY G 143 -10.71 42.81 -8.75
CA GLY G 143 -9.61 41.91 -8.49
C GLY G 143 -9.39 40.89 -9.60
N ALA G 144 -10.47 40.36 -10.15
CA ALA G 144 -10.36 39.47 -11.30
C ALA G 144 -9.93 40.21 -12.56
N THR G 145 -10.29 41.48 -12.70
CA THR G 145 -9.85 42.27 -13.84
C THR G 145 -8.34 42.46 -13.83
N VAL G 146 -7.76 42.78 -12.67
CA VAL G 146 -6.35 43.11 -12.59
C VAL G 146 -5.49 41.87 -12.85
N ILE G 147 -5.93 40.71 -12.38
CA ILE G 147 -5.10 39.50 -12.49
C ILE G 147 -5.24 38.85 -13.85
N THR G 148 -6.46 38.82 -14.40
CA THR G 148 -6.66 38.19 -15.70
C THR G 148 -6.09 39.00 -16.85
N ASN G 149 -5.96 40.31 -16.71
CA ASN G 149 -5.35 41.13 -17.74
C ASN G 149 -3.83 41.02 -17.76
N LEU G 150 -3.23 40.37 -16.78
CA LEU G 150 -1.79 40.14 -16.78
C LEU G 150 -1.35 39.20 -17.89
N PHE G 151 -2.19 38.25 -18.26
CA PHE G 151 -1.84 37.25 -19.27
C PHE G 151 -1.93 37.77 -20.69
N SER G 152 -2.32 39.03 -20.89
CA SER G 152 -2.35 39.65 -22.20
C SER G 152 -0.98 40.17 -22.64
N ALA G 153 0.06 39.98 -21.83
CA ALA G 153 1.41 40.39 -22.16
C ALA G 153 2.28 39.27 -22.67
N ILE G 154 1.80 38.03 -22.64
CA ILE G 154 2.61 36.91 -23.16
C ILE G 154 2.80 37.12 -24.65
N PRO G 155 3.99 36.90 -25.22
CA PRO G 155 4.24 37.31 -26.60
C PRO G 155 3.41 36.55 -27.63
N PHE G 156 2.67 37.31 -28.43
CA PHE G 156 1.91 36.85 -29.60
C PHE G 156 0.70 35.97 -29.29
N VAL G 157 0.52 35.55 -28.04
CA VAL G 157 -0.46 34.54 -27.67
C VAL G 157 -1.34 35.01 -26.52
N GLY G 158 -1.08 36.21 -26.01
CA GLY G 158 -1.69 36.62 -24.77
C GLY G 158 -3.14 37.03 -24.87
N ASN G 159 -3.49 37.81 -25.89
CA ASN G 159 -4.86 38.25 -26.08
C ASN G 159 -5.80 37.13 -26.47
N ASP G 160 -5.28 35.96 -26.85
CA ASP G 160 -6.11 34.77 -27.03
C ASP G 160 -6.37 34.04 -25.73
N ILE G 161 -5.49 34.22 -24.74
CA ILE G 161 -5.63 33.49 -23.48
C ILE G 161 -6.63 34.20 -22.57
N VAL G 162 -6.65 35.53 -22.61
CA VAL G 162 -7.57 36.28 -21.76
C VAL G 162 -9.01 36.13 -22.25
N SER G 163 -9.23 36.15 -23.56
CA SER G 163 -10.56 36.00 -24.11
C SER G 163 -11.12 34.61 -23.95
N TRP G 164 -10.25 33.61 -23.83
CA TRP G 164 -10.66 32.24 -23.54
C TRP G 164 -10.90 32.01 -22.06
N LEU G 165 -10.18 32.74 -21.21
CA LEU G 165 -10.42 32.74 -19.77
C LEU G 165 -11.71 33.48 -19.42
N TRP G 166 -11.99 34.60 -20.09
CA TRP G 166 -13.18 35.37 -19.83
C TRP G 166 -14.43 34.72 -20.43
N GLY G 167 -14.31 34.13 -21.61
CA GLY G 167 -15.47 33.75 -22.38
C GLY G 167 -16.11 34.89 -23.13
N GLY G 168 -15.35 35.96 -23.39
CA GLY G 168 -15.89 37.16 -24.01
C GLY G 168 -14.84 38.24 -24.08
N PHE G 169 -15.29 39.47 -23.87
CA PHE G 169 -14.45 40.66 -24.00
C PHE G 169 -14.24 41.40 -22.69
N SER G 170 -14.68 40.86 -21.57
CA SER G 170 -14.53 41.46 -20.26
C SER G 170 -14.96 40.43 -19.22
N VAL G 171 -14.70 40.75 -17.96
CA VAL G 171 -15.26 39.98 -16.85
C VAL G 171 -16.78 40.15 -16.90
N SER G 172 -17.51 39.07 -17.12
CA SER G 172 -18.93 39.11 -17.40
C SER G 172 -19.57 37.85 -16.86
N ASN G 173 -20.80 37.56 -17.31
CA ASN G 173 -21.52 36.38 -16.85
C ASN G 173 -20.82 35.06 -17.15
N PRO G 174 -20.30 34.81 -18.36
CA PRO G 174 -19.60 33.54 -18.58
C PRO G 174 -18.39 33.33 -17.69
N THR G 175 -17.78 34.42 -17.18
CA THR G 175 -16.63 34.30 -16.32
C THR G 175 -17.02 33.82 -14.92
N ILE G 176 -18.16 34.28 -14.42
CA ILE G 176 -18.56 33.99 -13.05
C ILE G 176 -19.16 32.59 -12.94
N GLN G 177 -19.76 32.09 -14.01
CA GLN G 177 -20.34 30.75 -13.98
C GLN G 177 -19.28 29.67 -14.14
N ARG G 178 -18.17 29.96 -14.82
CA ARG G 178 -17.10 28.98 -14.97
C ARG G 178 -16.19 28.96 -13.76
N PHE G 179 -16.05 30.09 -13.07
CA PHE G 179 -15.22 30.16 -11.87
C PHE G 179 -15.85 29.44 -10.69
N PHE G 180 -17.17 29.30 -10.66
CA PHE G 180 -17.81 28.56 -9.57
C PHE G 180 -17.70 27.05 -9.78
N ALA G 181 -17.80 26.58 -11.02
CA ALA G 181 -17.69 25.15 -11.28
C ALA G 181 -16.27 24.65 -11.07
N LEU G 182 -15.27 25.46 -11.37
CA LEU G 182 -13.88 25.11 -11.09
C LEU G 182 -13.57 25.21 -9.61
N HIS G 183 -14.24 26.11 -8.89
CA HIS G 183 -13.99 26.29 -7.47
C HIS G 183 -14.50 25.13 -6.64
N TYR G 184 -15.53 24.44 -7.11
CA TYR G 184 -15.99 23.21 -6.48
C TYR G 184 -15.02 22.06 -6.74
N LEU G 185 -14.35 22.05 -7.89
CA LEU G 185 -13.53 20.92 -8.31
C LEU G 185 -12.20 20.84 -7.53
N VAL G 186 -11.44 21.92 -7.51
CA VAL G 186 -10.05 21.92 -7.07
C VAL G 186 -9.88 21.42 -5.63
N PRO G 187 -10.85 21.61 -4.72
CA PRO G 187 -10.71 20.98 -3.40
C PRO G 187 -10.59 19.46 -3.42
N PHE G 188 -11.19 18.78 -4.41
CA PHE G 188 -11.07 17.34 -4.50
C PHE G 188 -9.74 16.92 -5.11
N ILE G 189 -9.07 17.81 -5.83
CA ILE G 189 -7.72 17.56 -6.31
C ILE G 189 -6.69 17.75 -5.20
N ILE G 190 -6.92 18.74 -4.33
CA ILE G 190 -6.07 18.94 -3.16
C ILE G 190 -6.13 17.73 -2.25
N ALA G 191 -7.30 17.11 -2.11
CA ALA G 191 -7.42 15.93 -1.25
C ALA G 191 -6.63 14.75 -1.80
N ALA G 192 -6.60 14.59 -3.12
CA ALA G 192 -5.82 13.52 -3.73
C ALA G 192 -4.32 13.76 -3.60
N MET G 193 -3.89 15.02 -3.60
CA MET G 193 -2.48 15.35 -3.33
C MET G 193 -2.11 15.21 -1.87
N VAL G 194 -3.09 15.24 -0.96
CA VAL G 194 -2.80 15.05 0.46
C VAL G 194 -2.57 13.58 0.77
N ILE G 195 -3.19 12.69 0.01
CA ILE G 195 -2.94 11.27 0.16
C ILE G 195 -1.55 10.89 -0.36
N MET G 196 -1.16 11.45 -1.50
CA MET G 196 0.18 11.22 -2.01
C MET G 196 1.24 11.83 -1.10
N HIS G 197 0.89 12.92 -0.42
CA HIS G 197 1.79 13.54 0.55
C HIS G 197 2.05 12.63 1.75
N LEU G 198 1.01 11.92 2.20
CA LEU G 198 1.16 11.04 3.36
C LEU G 198 1.92 9.77 3.01
N MET G 199 1.72 9.25 1.80
CA MET G 199 2.48 8.09 1.34
C MET G 199 3.99 8.33 1.39
N ALA G 200 4.44 9.53 1.04
CA ALA G 200 5.85 9.87 1.06
C ALA G 200 6.42 10.10 2.45
N LEU G 201 5.56 10.28 3.45
CA LEU G 201 5.98 10.44 4.83
C LEU G 201 6.15 9.08 5.51
N HIS G 202 5.34 8.11 5.10
CA HIS G 202 5.37 6.78 5.68
C HIS G 202 6.67 6.05 5.39
N ILE G 203 7.40 6.44 4.34
CA ILE G 203 8.62 5.73 3.96
C ILE G 203 9.69 5.92 5.03
N HIS G 204 10.00 7.17 5.35
CA HIS G 204 11.05 7.51 6.30
C HIS G 204 10.51 8.03 7.63
N GLY G 205 9.20 8.20 7.76
CA GLY G 205 8.62 8.80 8.93
C GLY G 205 9.00 10.25 9.14
N SER G 206 8.75 10.74 10.34
CA SER G 206 8.97 12.14 10.68
C SER G 206 10.35 12.37 11.27
N SER G 207 10.80 13.60 11.15
CA SER G 207 12.02 14.07 11.76
C SER G 207 11.75 14.49 13.20
N ASN G 208 12.70 15.18 13.83
CA ASN G 208 12.59 15.59 15.22
C ASN G 208 13.40 16.86 15.41
N PRO G 209 13.19 17.58 16.52
CA PRO G 209 13.80 18.91 16.67
C PRO G 209 15.31 18.92 16.83
N LEU G 210 15.95 17.77 17.05
CA LEU G 210 17.40 17.73 17.23
C LEU G 210 18.17 17.48 15.94
N GLY G 211 17.52 16.90 14.93
CA GLY G 211 18.15 16.69 13.66
C GLY G 211 19.04 15.48 13.57
N ILE G 212 18.77 14.48 14.40
CA ILE G 212 19.53 13.23 14.42
C ILE G 212 18.52 12.10 14.31
N THR G 213 19.01 10.87 14.29
CA THR G 213 18.14 9.73 14.09
C THR G 213 17.21 9.52 15.28
N GLY G 214 16.03 8.97 14.98
CA GLY G 214 15.02 8.67 15.97
C GLY G 214 14.67 7.20 16.07
N ASN G 215 15.53 6.33 15.53
CA ASN G 215 15.29 4.91 15.52
C ASN G 215 15.69 4.21 16.83
N LEU G 216 16.29 4.94 17.77
CA LEU G 216 16.70 4.38 19.05
C LEU G 216 15.66 4.56 20.15
N ASP G 217 14.65 5.41 19.95
CA ASP G 217 13.63 5.67 20.97
C ASP G 217 12.35 6.13 20.26
N ARG G 218 11.38 5.22 20.20
CA ARG G 218 10.11 5.45 19.50
C ARG G 218 8.93 5.15 20.41
N ILE G 219 7.86 5.91 20.21
CA ILE G 219 6.60 5.81 20.95
C ILE G 219 5.49 5.57 19.95
N PRO G 220 4.51 4.71 20.20
CA PRO G 220 3.40 4.59 19.25
C PRO G 220 2.48 5.81 19.28
N MET G 221 1.69 5.95 18.21
CA MET G 221 0.87 7.14 18.03
C MET G 221 -0.32 7.16 19.00
N HIS G 222 -0.97 6.03 19.18
CA HIS G 222 -2.20 5.99 19.94
C HIS G 222 -1.94 6.20 21.44
N SER G 223 -2.67 7.16 22.00
CA SER G 223 -2.73 7.49 23.42
C SER G 223 -1.46 8.13 23.95
N TYR G 224 -0.63 8.70 23.08
CA TYR G 224 0.37 9.67 23.50
C TYR G 224 0.26 10.91 22.64
N PHE G 225 0.04 10.70 21.34
CA PHE G 225 0.03 11.77 20.36
C PHE G 225 -1.36 11.99 19.78
N ILE G 226 -2.29 11.04 19.96
CA ILE G 226 -3.69 11.31 19.71
C ILE G 226 -4.25 12.29 20.73
N PHE G 227 -3.95 12.08 22.00
CA PHE G 227 -4.43 12.95 23.07
C PHE G 227 -3.64 14.25 23.16
N LYS G 228 -2.42 14.28 22.64
CA LYS G 228 -1.70 15.53 22.49
C LYS G 228 -2.28 16.39 21.37
N ASP G 229 -2.91 15.77 20.38
CA ASP G 229 -3.52 16.50 19.28
C ASP G 229 -4.90 17.05 19.61
N LEU G 230 -5.63 16.43 20.53
CA LEU G 230 -6.89 16.99 21.02
C LEU G 230 -6.68 18.37 21.65
N VAL G 231 -5.52 18.58 22.28
CA VAL G 231 -5.23 19.84 22.96
C VAL G 231 -5.31 21.00 21.98
N THR G 232 -4.77 20.83 20.78
CA THR G 232 -4.71 21.91 19.80
C THR G 232 -5.94 21.96 18.92
N VAL G 233 -6.71 20.87 18.83
CA VAL G 233 -7.99 20.91 18.12
C VAL G 233 -8.97 21.82 18.84
N PHE G 234 -9.02 21.74 20.16
CA PHE G 234 -10.03 22.50 20.90
C PHE G 234 -9.63 23.97 21.04
N LEU G 235 -8.34 24.27 21.03
CA LEU G 235 -7.90 25.65 20.99
C LEU G 235 -8.18 26.29 19.65
N PHE G 236 -8.11 25.51 18.58
CA PHE G 236 -8.42 26.00 17.24
C PHE G 236 -9.90 26.32 17.11
N MET G 237 -10.75 25.42 17.59
CA MET G 237 -12.20 25.63 17.53
C MET G 237 -12.63 26.81 18.38
N LEU G 238 -11.99 27.01 19.54
CA LEU G 238 -12.34 28.11 20.42
C LEU G 238 -12.07 29.46 19.79
N ILE G 239 -10.86 29.66 19.25
CA ILE G 239 -10.51 30.94 18.66
C ILE G 239 -11.33 31.20 17.41
N LEU G 240 -11.64 30.15 16.64
CA LEU G 240 -12.46 30.32 15.45
C LEU G 240 -13.88 30.73 15.82
N ALA G 241 -14.46 30.07 16.82
CA ALA G 241 -15.79 30.44 17.31
C ALA G 241 -15.85 31.88 17.78
N LEU G 242 -14.76 32.38 18.36
CA LEU G 242 -14.73 33.77 18.82
C LEU G 242 -14.78 34.77 17.67
N PHE G 243 -14.31 34.40 16.49
CA PHE G 243 -14.40 35.26 15.32
C PHE G 243 -15.76 35.13 14.63
N VAL G 244 -16.28 33.91 14.52
CA VAL G 244 -17.55 33.68 13.83
C VAL G 244 -18.72 34.35 14.55
N PHE G 245 -18.71 34.35 15.88
CA PHE G 245 -19.88 34.76 16.66
C PHE G 245 -19.77 36.16 17.26
N TYR G 246 -18.56 36.73 17.37
CA TYR G 246 -18.35 38.00 18.05
C TYR G 246 -17.63 39.06 17.22
N SER G 247 -16.91 38.68 16.17
CA SER G 247 -16.22 39.63 15.30
C SER G 247 -16.11 39.04 13.90
N PRO G 248 -17.23 38.88 13.19
CA PRO G 248 -17.23 38.07 11.97
C PRO G 248 -16.87 38.80 10.67
N ASN G 249 -16.56 40.10 10.71
CA ASN G 249 -16.22 40.83 9.49
C ASN G 249 -14.98 41.69 9.65
N THR G 250 -14.11 41.38 10.61
CA THR G 250 -12.87 42.13 10.78
C THR G 250 -11.77 41.69 9.83
N LEU G 251 -11.84 40.46 9.31
CA LEU G 251 -10.86 39.96 8.34
C LEU G 251 -11.38 40.07 6.91
N GLY G 252 -12.09 41.16 6.62
CA GLY G 252 -12.62 41.43 5.31
C GLY G 252 -12.54 42.89 4.95
N HIS G 253 -13.12 43.22 3.80
CA HIS G 253 -13.19 44.58 3.28
C HIS G 253 -14.64 45.02 3.14
N PRO G 254 -15.00 46.26 3.53
CA PRO G 254 -16.40 46.68 3.38
C PRO G 254 -16.89 46.81 1.95
N ASP G 255 -16.00 47.11 1.00
CA ASP G 255 -16.42 47.30 -0.39
C ASP G 255 -17.07 46.07 -1.01
N ASN G 256 -16.81 44.88 -0.48
CA ASN G 256 -17.42 43.68 -1.04
C ASN G 256 -18.85 43.47 -0.56
N TYR G 257 -19.38 44.37 0.26
CA TYR G 257 -20.82 44.47 0.50
C TYR G 257 -21.49 45.46 -0.43
N ILE G 258 -20.73 46.16 -1.27
CA ILE G 258 -21.29 46.91 -2.41
C ILE G 258 -21.36 45.96 -3.59
N PRO G 259 -22.47 45.90 -4.33
CA PRO G 259 -22.51 44.99 -5.48
C PRO G 259 -21.59 45.45 -6.61
N GLY G 260 -21.12 44.47 -7.38
CA GLY G 260 -20.15 44.70 -8.42
C GLY G 260 -20.64 45.56 -9.56
N ASN G 261 -19.83 46.56 -9.93
CA ASN G 261 -20.18 47.53 -10.95
C ASN G 261 -18.99 47.80 -11.86
N PRO G 262 -19.05 47.48 -13.16
CA PRO G 262 -17.92 47.79 -14.04
C PRO G 262 -17.69 49.27 -14.29
N LEU G 263 -18.65 50.14 -13.98
CA LEU G 263 -18.57 51.55 -14.36
C LEU G 263 -18.06 52.46 -13.25
N VAL G 264 -17.82 51.95 -12.05
CA VAL G 264 -17.29 52.74 -10.94
C VAL G 264 -16.14 51.98 -10.33
N THR G 265 -14.95 52.57 -10.40
CA THR G 265 -13.76 51.94 -9.85
C THR G 265 -13.62 52.30 -8.38
N PRO G 266 -13.21 51.38 -7.51
CA PRO G 266 -12.94 51.76 -6.12
C PRO G 266 -11.68 52.60 -6.01
N ALA G 267 -11.59 53.32 -4.91
CA ALA G 267 -10.42 54.15 -4.64
C ALA G 267 -9.21 53.32 -4.21
N SER G 268 -9.42 52.09 -3.74
CA SER G 268 -8.32 51.22 -3.34
C SER G 268 -8.72 49.78 -3.61
N ILE G 269 -8.04 49.14 -4.55
CA ILE G 269 -8.23 47.72 -4.84
C ILE G 269 -7.17 46.95 -4.09
N VAL G 270 -7.59 46.13 -3.14
CA VAL G 270 -6.72 45.49 -2.15
C VAL G 270 -7.13 44.03 -2.01
N PRO G 271 -6.20 43.06 -2.05
CA PRO G 271 -6.59 41.67 -1.81
C PRO G 271 -6.76 41.35 -0.33
N GLU G 272 -7.21 40.12 -0.08
CA GLU G 272 -7.22 39.60 1.27
C GLU G 272 -5.81 39.59 1.86
N TRP G 273 -5.73 39.45 3.18
CA TRP G 273 -4.45 39.65 3.87
C TRP G 273 -3.43 38.59 3.50
N TYR G 274 -3.87 37.42 3.05
CA TYR G 274 -2.94 36.31 2.83
C TYR G 274 -2.35 36.27 1.43
N LEU G 275 -2.80 37.13 0.52
CA LEU G 275 -2.19 37.31 -0.79
C LEU G 275 -1.50 38.66 -0.95
N LEU G 276 -1.41 39.46 0.11
CA LEU G 276 -0.77 40.77 0.00
C LEU G 276 0.75 40.72 -0.23
N PRO G 277 1.53 39.83 0.39
CA PRO G 277 2.97 39.85 0.12
C PRO G 277 3.33 39.51 -1.32
N PHE G 278 2.56 38.63 -1.94
CA PHE G 278 2.77 38.30 -3.34
C PHE G 278 2.28 39.40 -4.26
N TYR G 279 1.28 40.17 -3.79
CA TYR G 279 0.78 41.31 -4.55
C TYR G 279 1.76 42.48 -4.54
N ALA G 280 2.60 42.58 -3.50
CA ALA G 280 3.62 43.62 -3.46
C ALA G 280 4.81 43.26 -4.34
N ILE G 281 5.09 41.97 -4.51
CA ILE G 281 6.17 41.54 -5.38
C ILE G 281 5.84 41.86 -6.82
N LEU G 282 4.59 41.64 -7.22
CA LEU G 282 4.14 41.96 -8.58
C LEU G 282 4.25 43.46 -8.86
N ARG G 283 3.69 44.30 -8.00
CA ARG G 283 3.68 45.74 -8.21
C ARG G 283 5.07 46.37 -8.24
N SER G 284 6.10 45.66 -7.78
CA SER G 284 7.44 46.18 -7.68
C SER G 284 8.20 46.14 -9.00
N ILE G 285 7.70 45.41 -9.99
CA ILE G 285 8.38 45.20 -11.26
C ILE G 285 7.72 46.13 -12.28
N PRO G 286 8.44 47.13 -12.84
CA PRO G 286 7.77 48.08 -13.76
C PRO G 286 7.15 47.47 -15.00
N ASP G 287 7.73 46.39 -15.52
CA ASP G 287 7.25 45.75 -16.74
C ASP G 287 6.18 44.71 -16.41
N LYS G 288 5.22 44.57 -17.31
CA LYS G 288 4.06 43.72 -17.05
C LYS G 288 4.40 42.25 -17.15
N LEU G 289 5.19 41.86 -18.16
CA LEU G 289 5.53 40.46 -18.34
C LEU G 289 6.50 39.97 -17.27
N LEU G 290 7.50 40.78 -16.94
CA LEU G 290 8.45 40.38 -15.91
C LEU G 290 7.79 40.32 -14.54
N GLY G 291 6.76 41.14 -14.33
CA GLY G 291 6.06 41.13 -13.06
C GLY G 291 5.33 39.83 -12.79
N VAL G 292 4.65 39.30 -13.80
CA VAL G 292 3.87 38.09 -13.62
C VAL G 292 4.78 36.86 -13.54
N ILE G 293 6.00 36.95 -14.08
CA ILE G 293 6.96 35.86 -13.94
C ILE G 293 7.58 35.87 -12.55
N THR G 294 7.96 37.06 -12.07
CA THR G 294 8.55 37.21 -10.74
C THR G 294 7.59 36.82 -9.63
N MET G 295 6.28 36.97 -9.83
CA MET G 295 5.30 36.59 -8.82
C MET G 295 5.17 35.08 -8.70
N PHE G 296 5.09 34.37 -9.82
CA PHE G 296 5.03 32.91 -9.78
C PHE G 296 6.38 32.31 -9.40
N ALA G 297 7.48 32.98 -9.73
CA ALA G 297 8.79 32.55 -9.28
C ALA G 297 8.96 32.62 -7.77
N ALA G 298 8.15 33.43 -7.08
CA ALA G 298 8.23 33.55 -5.64
C ALA G 298 7.70 32.29 -4.95
N ILE G 299 6.86 31.52 -5.62
CA ILE G 299 6.35 30.27 -5.07
C ILE G 299 7.27 29.10 -5.38
N LEU G 300 7.93 29.10 -6.54
CA LEU G 300 8.70 27.97 -7.01
C LEU G 300 10.19 28.08 -6.70
N VAL G 301 10.64 29.16 -6.06
CA VAL G 301 12.00 29.22 -5.55
C VAL G 301 12.17 28.35 -4.31
N LEU G 302 11.07 27.87 -3.72
CA LEU G 302 11.16 26.97 -2.58
C LEU G 302 11.72 25.61 -2.98
N LEU G 303 11.57 25.21 -4.25
CA LEU G 303 12.10 23.96 -4.75
C LEU G 303 13.61 23.95 -4.89
N VAL G 304 14.26 25.10 -4.75
CA VAL G 304 15.70 25.21 -4.93
C VAL G 304 16.48 24.98 -3.63
N LEU G 305 15.80 24.99 -2.49
CA LEU G 305 16.43 24.92 -1.17
C LEU G 305 17.13 23.60 -0.87
N PRO G 306 16.66 22.44 -1.34
CA PRO G 306 17.40 21.20 -1.07
C PRO G 306 18.78 21.15 -1.67
N PHE G 307 19.10 22.02 -2.64
CA PHE G 307 20.41 22.03 -3.29
C PHE G 307 21.27 23.22 -2.91
N THR G 308 20.74 24.20 -2.18
CA THR G 308 21.50 25.37 -1.78
C THR G 308 21.94 25.35 -0.32
N ASP G 309 21.34 24.51 0.52
CA ASP G 309 21.82 24.29 1.87
C ASP G 309 23.02 23.35 1.82
N ARG G 310 24.18 23.87 2.21
CA ARG G 310 25.47 23.18 2.06
C ARG G 310 26.02 22.71 3.39
N SER G 311 25.16 22.30 4.31
CA SER G 311 25.56 21.95 5.66
C SER G 311 25.51 20.46 5.90
N VAL G 312 26.36 20.00 6.82
CA VAL G 312 26.37 18.59 7.21
C VAL G 312 25.43 18.32 8.37
N VAL G 313 24.88 19.36 9.00
CA VAL G 313 23.91 19.21 10.08
C VAL G 313 22.52 19.59 9.56
N ARG G 314 21.53 18.81 9.97
CA ARG G 314 20.13 19.12 9.67
C ARG G 314 19.54 20.03 10.76
N GLY G 315 18.90 21.11 10.33
CA GLY G 315 18.16 22.00 11.20
C GLY G 315 18.99 23.12 11.76
N ASN G 316 18.30 24.03 12.44
CA ASN G 316 18.87 25.28 12.94
C ASN G 316 19.08 25.31 14.45
N THR G 317 18.66 24.27 15.18
CA THR G 317 18.71 24.23 16.63
C THR G 317 20.07 24.58 17.23
N PHE G 318 21.16 24.14 16.59
CA PHE G 318 22.51 24.38 17.09
C PHE G 318 23.28 25.38 16.23
N LYS G 319 22.58 26.24 15.49
CA LYS G 319 23.18 27.14 14.51
C LYS G 319 22.82 28.59 14.84
N VAL G 320 23.84 29.38 15.14
CA VAL G 320 23.64 30.74 15.66
C VAL G 320 23.34 31.72 14.53
N LEU G 321 24.19 31.73 13.49
CA LEU G 321 24.00 32.65 12.38
C LEU G 321 22.74 32.33 11.59
N SER G 322 22.44 31.05 11.40
CA SER G 322 21.29 30.63 10.62
C SER G 322 19.98 30.85 11.35
N LYS G 323 20.00 31.16 12.66
CA LYS G 323 18.81 31.55 13.38
C LYS G 323 18.47 33.01 13.16
N PHE G 324 19.48 33.88 13.14
CA PHE G 324 19.28 35.30 12.93
C PHE G 324 18.64 35.58 11.58
N PHE G 325 19.09 34.91 10.53
CA PHE G 325 18.60 35.15 9.18
C PHE G 325 17.30 34.41 8.89
N PHE G 326 16.92 33.43 9.70
CA PHE G 326 15.59 32.84 9.60
C PHE G 326 14.53 33.85 10.04
N PHE G 327 14.83 34.66 11.04
CA PHE G 327 13.86 35.61 11.58
C PHE G 327 13.91 36.96 10.87
N ILE G 328 15.01 37.28 10.19
CA ILE G 328 15.01 38.35 9.20
C ILE G 328 14.01 38.04 8.09
N PHE G 329 14.00 36.80 7.60
CA PHE G 329 13.16 36.44 6.46
C PHE G 329 11.69 36.43 6.84
N VAL G 330 11.38 36.13 8.10
CA VAL G 330 9.99 36.06 8.55
C VAL G 330 9.38 37.46 8.62
N PHE G 331 10.10 38.41 9.23
CA PHE G 331 9.60 39.77 9.35
C PHE G 331 9.71 40.58 8.07
N ASN G 332 10.54 40.16 7.11
CA ASN G 332 10.51 40.75 5.77
C ASN G 332 9.26 40.30 5.00
N PHE G 333 8.71 39.14 5.33
CA PHE G 333 7.48 38.65 4.74
C PHE G 333 6.24 39.33 5.29
N VAL G 334 6.35 39.99 6.45
CA VAL G 334 5.23 40.70 7.06
C VAL G 334 5.20 42.14 6.56
N LEU G 335 6.35 42.72 6.27
CA LEU G 335 6.43 44.04 5.66
C LEU G 335 5.90 44.05 4.22
N LEU G 336 6.10 42.96 3.48
CA LEU G 336 5.59 42.88 2.13
C LEU G 336 4.07 42.90 2.11
N GLY G 337 3.43 42.31 3.13
CA GLY G 337 1.99 42.38 3.22
C GLY G 337 1.49 43.78 3.52
N GLN G 338 2.16 44.47 4.45
CA GLN G 338 1.82 45.85 4.77
C GLN G 338 1.95 46.75 3.54
N ILE G 339 3.07 46.64 2.82
CA ILE G 339 3.26 47.49 1.65
C ILE G 339 2.25 47.14 0.55
N GLY G 340 1.80 45.90 0.49
CA GLY G 340 0.76 45.51 -0.44
C GLY G 340 -0.61 46.07 -0.12
N ALA G 341 -0.78 46.68 1.05
CA ALA G 341 -2.04 47.30 1.45
C ALA G 341 -1.95 48.83 1.47
N CYS G 342 -0.93 49.39 0.84
CA CYS G 342 -0.70 50.83 0.81
C CYS G 342 -0.91 51.37 -0.60
N HIS G 343 -0.96 52.68 -0.70
CA HIS G 343 -1.01 53.36 -1.98
C HIS G 343 0.38 53.40 -2.61
N VAL G 344 0.40 53.46 -3.94
CA VAL G 344 1.65 53.51 -4.67
C VAL G 344 2.18 54.94 -4.58
N GLU G 345 3.02 55.17 -3.57
CA GLU G 345 3.50 56.51 -3.25
C GLU G 345 4.87 56.39 -2.60
N VAL G 346 5.66 57.44 -2.73
CA VAL G 346 6.93 57.54 -2.03
C VAL G 346 6.67 57.46 -0.52
N PRO G 347 7.45 56.70 0.27
CA PRO G 347 8.59 55.83 -0.02
C PRO G 347 8.25 54.34 -0.11
N TYR G 348 7.01 54.04 -0.31
CA TYR G 348 6.58 52.65 -0.30
C TYR G 348 6.89 51.96 -1.61
N VAL G 349 7.47 52.63 -2.57
CA VAL G 349 7.80 52.08 -3.87
C VAL G 349 9.17 51.42 -3.77
N LEU G 350 10.14 52.14 -3.22
CA LEU G 350 11.49 51.61 -3.05
C LEU G 350 11.55 50.58 -1.92
N MET G 351 10.72 50.73 -0.90
CA MET G 351 10.73 49.77 0.20
C MET G 351 10.34 48.38 -0.28
N GLY G 352 9.34 48.30 -1.15
CA GLY G 352 8.91 47.02 -1.68
C GLY G 352 9.87 46.42 -2.69
N GLN G 353 10.71 47.26 -3.29
CA GLN G 353 11.74 46.77 -4.20
C GLN G 353 12.88 46.11 -3.44
N ILE G 354 13.40 46.79 -2.41
CA ILE G 354 14.48 46.25 -1.59
C ILE G 354 14.02 44.99 -0.88
N ALA G 355 12.76 44.95 -0.46
CA ALA G 355 12.23 43.78 0.24
C ALA G 355 11.91 42.62 -0.69
N THR G 356 11.64 42.89 -1.96
CA THR G 356 11.50 41.81 -2.94
C THR G 356 12.84 41.17 -3.24
N PHE G 357 13.92 41.94 -3.17
CA PHE G 357 15.26 41.40 -3.36
C PHE G 357 15.65 40.49 -2.20
N ILE G 358 15.34 40.89 -0.97
CA ILE G 358 15.72 40.11 0.21
C ILE G 358 14.96 38.80 0.26
N TYR G 359 13.77 38.74 -0.35
CA TYR G 359 13.03 37.49 -0.40
C TYR G 359 13.76 36.45 -1.24
N PHE G 360 14.40 36.90 -2.31
CA PHE G 360 15.04 36.01 -3.28
C PHE G 360 16.49 35.72 -2.92
N ALA G 361 17.17 36.70 -2.33
CA ALA G 361 18.56 36.52 -1.90
C ALA G 361 18.70 35.55 -0.74
N TYR G 362 17.65 35.36 0.06
CA TYR G 362 17.71 34.40 1.15
C TYR G 362 17.92 32.99 0.63
N PHE G 363 17.12 32.57 -0.36
CA PHE G 363 17.20 31.21 -0.87
C PHE G 363 18.43 30.97 -1.74
N LEU G 364 18.98 32.01 -2.38
CA LEU G 364 19.98 31.86 -3.42
C LEU G 364 21.37 32.35 -3.06
N ILE G 365 21.51 33.26 -2.10
CA ILE G 365 22.81 33.83 -1.76
C ILE G 365 23.16 33.71 -0.29
N ILE G 366 22.18 33.73 0.61
CA ILE G 366 22.48 33.81 2.03
C ILE G 366 22.73 32.43 2.61
N VAL G 367 21.81 31.50 2.35
CA VAL G 367 21.88 30.14 2.86
C VAL G 367 23.17 29.44 2.43
N PRO G 368 23.58 29.47 1.15
CA PRO G 368 24.84 28.81 0.80
C PRO G 368 26.06 29.37 1.49
N VAL G 369 26.10 30.68 1.73
CA VAL G 369 27.29 31.32 2.26
C VAL G 369 27.41 31.11 3.77
N ILE G 370 26.30 31.12 4.51
CA ILE G 370 26.37 30.94 5.96
C ILE G 370 26.52 29.47 6.33
N SER G 371 25.94 28.58 5.53
CA SER G 371 26.11 27.15 5.76
C SER G 371 27.56 26.72 5.63
N THR G 372 28.27 27.25 4.64
CA THR G 372 29.66 26.92 4.45
C THR G 372 30.54 27.50 5.55
N ILE G 373 30.24 28.72 5.99
CA ILE G 373 30.99 29.35 7.07
C ILE G 373 30.82 28.57 8.37
N GLU G 374 29.61 28.06 8.62
CA GLU G 374 29.34 27.38 9.87
C GLU G 374 30.02 26.02 9.94
N ASN G 375 30.06 25.29 8.82
CA ASN G 375 30.81 24.04 8.73
C ASN G 375 32.27 24.21 9.13
N VAL G 376 32.93 25.22 8.57
CA VAL G 376 34.34 25.41 8.80
C VAL G 376 34.62 25.88 10.23
N LEU G 377 33.67 26.57 10.86
CA LEU G 377 33.86 27.00 12.24
C LEU G 377 33.76 25.83 13.21
N PHE G 378 32.88 24.88 12.92
CA PHE G 378 32.80 23.67 13.73
C PHE G 378 34.11 22.89 13.70
N TYR G 379 34.79 22.90 12.56
CA TYR G 379 36.02 22.13 12.38
C TYR G 379 37.18 22.75 13.15
N ILE G 380 37.45 24.05 12.94
CA ILE G 380 38.62 24.67 13.55
C ILE G 380 38.47 24.90 15.04
N GLY G 381 37.26 24.85 15.58
CA GLY G 381 37.08 24.93 17.02
C GLY G 381 37.45 23.67 17.76
N ARG G 382 37.27 22.52 17.12
CA ARG G 382 37.65 21.23 17.67
C ARG G 382 39.04 20.80 17.23
N VAL G 383 39.28 20.78 15.92
CA VAL G 383 40.59 20.45 15.36
C VAL G 383 41.40 21.73 15.22
N ASN G 384 42.16 22.08 16.26
CA ASN G 384 43.07 23.23 16.20
C ASN G 384 44.53 22.86 16.41
N LYS G 385 45.38 23.39 15.55
CA LYS G 385 46.78 22.99 15.43
C LYS G 385 47.70 24.19 15.60
N PRO H 1 -20.16 -23.82 2.39
CA PRO H 1 -20.67 -24.89 1.51
C PRO H 1 -20.96 -26.20 2.23
N GLN H 2 -21.54 -27.12 1.48
CA GLN H 2 -21.93 -28.41 2.03
C GLN H 2 -20.70 -29.27 2.30
N SER H 3 -20.75 -30.04 3.38
CA SER H 3 -19.66 -30.90 3.77
C SER H 3 -19.65 -32.19 2.95
N PHE H 4 -18.44 -32.69 2.69
CA PHE H 4 -18.30 -33.99 2.05
C PHE H 4 -18.77 -35.13 2.95
N THR H 5 -18.82 -34.90 4.26
CA THR H 5 -19.42 -35.88 5.16
C THR H 5 -20.92 -36.00 4.91
N SER H 6 -21.59 -34.86 4.69
CA SER H 6 -23.01 -34.87 4.37
C SER H 6 -23.27 -35.38 2.96
N ILE H 7 -22.38 -35.04 2.01
CA ILE H 7 -22.55 -35.52 0.64
C ILE H 7 -22.45 -37.03 0.60
N ALA H 8 -21.54 -37.60 1.39
CA ALA H 8 -21.34 -39.04 1.41
C ALA H 8 -22.48 -39.75 2.14
N ARG H 9 -23.04 -39.11 3.16
CA ARG H 9 -24.15 -39.69 3.91
C ARG H 9 -25.38 -39.85 3.01
N ILE H 10 -25.68 -38.82 2.23
CA ILE H 10 -26.84 -38.89 1.33
C ILE H 10 -26.57 -39.87 0.19
N GLY H 11 -25.37 -39.81 -0.39
CA GLY H 11 -25.04 -40.69 -1.50
C GLY H 11 -25.08 -42.15 -1.12
N ASP H 12 -24.47 -42.51 0.00
CA ASP H 12 -24.47 -43.90 0.44
C ASP H 12 -25.88 -44.41 0.69
N TYR H 13 -26.76 -43.57 1.23
CA TYR H 13 -28.14 -43.99 1.41
C TYR H 13 -28.82 -44.27 0.08
N ILE H 14 -28.55 -43.44 -0.93
CA ILE H 14 -29.14 -43.65 -2.25
C ILE H 14 -28.60 -44.93 -2.86
N LEU H 15 -27.31 -45.21 -2.67
CA LEU H 15 -26.67 -46.31 -3.35
C LEU H 15 -27.03 -47.66 -2.73
N LYS H 16 -27.07 -47.74 -1.40
CA LYS H 16 -27.48 -48.96 -0.73
C LYS H 16 -28.92 -49.34 -1.05
N SER H 17 -29.76 -48.38 -1.34
CA SER H 17 -31.16 -48.66 -1.63
C SER H 17 -31.30 -49.14 -3.07
N PRO H 18 -31.94 -50.29 -3.35
CA PRO H 18 -32.00 -50.77 -4.73
C PRO H 18 -32.87 -49.91 -5.64
N VAL H 19 -34.06 -49.53 -5.17
CA VAL H 19 -35.00 -48.81 -6.03
C VAL H 19 -34.47 -47.42 -6.36
N LEU H 20 -33.87 -46.73 -5.39
CA LEU H 20 -33.39 -45.39 -5.65
C LEU H 20 -32.17 -45.39 -6.56
N SER H 21 -31.32 -46.41 -6.46
CA SER H 21 -30.13 -46.46 -7.29
C SER H 21 -30.48 -46.75 -8.74
N LYS H 22 -31.48 -47.60 -8.98
CA LYS H 22 -31.95 -47.84 -10.33
C LYS H 22 -32.65 -46.64 -10.95
N LEU H 23 -32.98 -45.62 -10.15
CA LEU H 23 -33.73 -44.46 -10.59
C LEU H 23 -32.91 -43.19 -10.66
N CYS H 24 -31.82 -43.09 -9.89
CA CYS H 24 -31.04 -41.87 -9.79
C CYS H 24 -29.64 -41.99 -10.37
N VAL H 25 -29.16 -43.19 -10.68
CA VAL H 25 -27.79 -43.38 -11.16
C VAL H 25 -27.68 -43.02 -12.65
N PRO H 26 -28.58 -43.48 -13.53
CA PRO H 26 -28.47 -43.08 -14.94
C PRO H 26 -28.55 -41.58 -15.17
N VAL H 27 -29.35 -40.87 -14.36
CA VAL H 27 -29.37 -39.42 -14.43
C VAL H 27 -28.00 -38.86 -14.08
N ALA H 28 -27.34 -39.46 -13.10
CA ALA H 28 -26.05 -38.94 -12.64
C ALA H 28 -24.94 -39.22 -13.65
N ASN H 29 -24.99 -40.35 -14.35
CA ASN H 29 -23.97 -40.66 -15.34
C ASN H 29 -24.03 -39.68 -16.52
N GLN H 30 -25.23 -39.35 -17.00
CA GLN H 30 -25.34 -38.48 -18.15
C GLN H 30 -25.19 -37.01 -17.76
N PHE H 31 -25.36 -36.69 -16.48
CA PHE H 31 -24.94 -35.40 -15.96
C PHE H 31 -23.43 -35.25 -16.02
N ILE H 32 -22.70 -36.36 -15.91
CA ILE H 32 -21.25 -36.31 -15.96
C ILE H 32 -20.77 -36.12 -17.40
N ASN H 33 -21.37 -36.86 -18.33
CA ASN H 33 -20.96 -36.77 -19.73
C ASN H 33 -21.31 -35.43 -20.36
N LEU H 34 -22.44 -34.83 -19.97
CA LEU H 34 -22.80 -33.51 -20.48
C LEU H 34 -21.98 -32.38 -19.90
N ALA H 35 -21.37 -32.57 -18.73
CA ALA H 35 -20.55 -31.53 -18.12
C ALA H 35 -19.31 -31.25 -18.98
N GLY H 36 -18.57 -32.31 -19.31
CA GLY H 36 -17.48 -32.18 -20.25
C GLY H 36 -16.12 -31.82 -19.67
N TYR H 37 -15.82 -32.24 -18.44
CA TYR H 37 -14.51 -31.99 -17.86
C TYR H 37 -13.48 -33.04 -18.25
N LYS H 38 -13.90 -34.25 -18.61
CA LYS H 38 -12.99 -35.25 -19.14
C LYS H 38 -12.42 -34.87 -20.50
N LYS H 39 -13.18 -34.13 -21.32
CA LYS H 39 -12.71 -33.73 -22.64
C LYS H 39 -11.58 -32.72 -22.58
N LEU H 40 -11.38 -32.06 -21.44
CA LEU H 40 -10.22 -31.23 -21.20
C LEU H 40 -9.10 -31.94 -20.46
N GLY H 41 -9.31 -33.21 -20.09
CA GLY H 41 -8.29 -33.97 -19.42
C GLY H 41 -8.22 -33.78 -17.93
N LEU H 42 -9.38 -33.72 -17.26
CA LEU H 42 -9.46 -33.52 -15.83
C LEU H 42 -10.31 -34.60 -15.18
N LYS H 43 -9.91 -35.00 -13.98
CA LYS H 43 -10.73 -35.77 -13.08
C LYS H 43 -11.53 -34.83 -12.20
N PHE H 44 -12.57 -35.35 -11.55
CA PHE H 44 -13.49 -34.46 -10.82
C PHE H 44 -12.79 -33.79 -9.65
N ASP H 45 -11.94 -34.52 -8.92
CA ASP H 45 -11.27 -33.94 -7.76
C ASP H 45 -10.30 -32.82 -8.13
N ASP H 46 -9.96 -32.66 -9.40
CA ASP H 46 -9.23 -31.48 -9.85
C ASP H 46 -10.07 -30.21 -9.76
N LEU H 47 -11.39 -30.35 -9.79
CA LEU H 47 -12.30 -29.21 -9.87
C LEU H 47 -12.64 -28.61 -8.51
N ILE H 48 -12.44 -29.34 -7.43
CA ILE H 48 -12.81 -28.88 -6.10
C ILE H 48 -12.00 -27.65 -5.72
N ALA H 49 -12.68 -26.63 -5.23
CA ALA H 49 -12.03 -25.39 -4.84
C ALA H 49 -11.14 -25.60 -3.62
N GLU H 50 -9.96 -24.98 -3.67
CA GLU H 50 -8.86 -25.31 -2.77
C GLU H 50 -8.50 -24.19 -1.80
N GLU H 51 -9.26 -23.11 -1.77
CA GLU H 51 -8.95 -21.95 -0.93
C GLU H 51 -9.67 -22.04 0.41
N ASN H 52 -9.39 -23.09 1.17
CA ASN H 52 -9.94 -23.28 2.50
C ASN H 52 -9.05 -24.24 3.27
N PRO H 53 -9.03 -24.16 4.60
CA PRO H 53 -8.01 -24.92 5.35
C PRO H 53 -8.15 -26.43 5.31
N ILE H 54 -9.36 -26.98 5.25
CA ILE H 54 -9.51 -28.43 5.18
C ILE H 54 -8.92 -28.96 3.88
N MET H 55 -9.03 -28.17 2.81
CA MET H 55 -8.57 -28.63 1.51
C MET H 55 -7.08 -28.38 1.32
N GLN H 56 -6.53 -27.37 1.98
CA GLN H 56 -5.08 -27.18 2.01
C GLN H 56 -4.39 -28.30 2.77
N THR H 57 -5.03 -28.82 3.82
CA THR H 57 -4.48 -29.93 4.58
C THR H 57 -4.45 -31.21 3.75
N ALA H 58 -5.53 -31.49 3.01
CA ALA H 58 -5.60 -32.70 2.21
C ALA H 58 -4.54 -32.76 1.12
N LEU H 59 -4.14 -31.60 0.58
CA LEU H 59 -3.18 -31.57 -0.51
C LEU H 59 -1.74 -31.75 -0.04
N ARG H 60 -1.42 -31.40 1.20
CA ARG H 60 -0.12 -31.70 1.77
C ARG H 60 0.07 -33.19 2.02
N ARG H 61 -0.96 -33.87 2.52
CA ARG H 61 -0.90 -35.30 2.81
C ARG H 61 -0.88 -36.16 1.56
N LEU H 62 -0.99 -35.58 0.38
CA LEU H 62 -1.05 -36.34 -0.86
C LEU H 62 0.36 -36.81 -1.25
N PRO H 63 0.52 -38.03 -1.77
CA PRO H 63 1.86 -38.46 -2.19
C PRO H 63 2.43 -37.63 -3.32
N GLU H 64 3.75 -37.67 -3.45
CA GLU H 64 4.47 -36.85 -4.41
C GLU H 64 4.13 -37.22 -5.85
N ASP H 65 4.01 -38.51 -6.14
CA ASP H 65 3.77 -38.94 -7.51
C ASP H 65 2.37 -38.56 -7.99
N GLU H 66 1.36 -38.63 -7.12
CA GLU H 66 0.02 -38.20 -7.49
C GLU H 66 -0.07 -36.68 -7.59
N SER H 67 0.80 -35.97 -6.87
CA SER H 67 0.76 -34.51 -6.87
C SER H 67 1.41 -33.90 -8.12
N TYR H 68 2.42 -34.56 -8.67
CA TYR H 68 3.06 -34.04 -9.88
C TYR H 68 2.13 -34.19 -11.08
N ALA H 69 1.39 -35.29 -11.13
CA ALA H 69 0.46 -35.51 -12.23
C ALA H 69 -0.71 -34.53 -12.20
N ARG H 70 -1.20 -34.19 -11.01
CA ARG H 70 -2.29 -33.24 -10.89
C ARG H 70 -1.89 -31.87 -11.43
N ALA H 71 -0.66 -31.44 -11.17
CA ALA H 71 -0.19 -30.16 -11.67
C ALA H 71 -0.14 -30.13 -13.20
N TYR H 72 0.18 -31.25 -13.83
CA TYR H 72 0.29 -31.29 -15.27
C TYR H 72 -1.09 -31.27 -15.94
N ARG H 73 -2.05 -32.01 -15.37
CA ARG H 73 -3.39 -32.01 -15.92
C ARG H 73 -4.02 -30.62 -15.87
N ILE H 74 -3.66 -29.82 -14.86
CA ILE H 74 -4.26 -28.50 -14.69
C ILE H 74 -3.64 -27.51 -15.68
N ILE H 75 -2.33 -27.61 -15.91
CA ILE H 75 -1.67 -26.76 -16.88
C ILE H 75 -2.13 -27.08 -18.30
N ARG H 76 -2.23 -28.38 -18.62
CA ARG H 76 -2.70 -28.80 -19.93
C ARG H 76 -4.12 -28.30 -20.22
N ALA H 77 -4.97 -28.23 -19.20
CA ALA H 77 -6.35 -27.81 -19.42
C ALA H 77 -6.47 -26.30 -19.62
N HIS H 78 -5.67 -25.51 -18.91
CA HIS H 78 -5.65 -24.07 -19.16
C HIS H 78 -5.22 -23.76 -20.58
N GLN H 79 -4.20 -24.46 -21.09
CA GLN H 79 -3.72 -24.22 -22.43
C GLN H 79 -4.73 -24.67 -23.48
N THR H 80 -5.45 -25.75 -23.20
CA THR H 80 -6.48 -26.21 -24.12
C THR H 80 -7.63 -25.21 -24.24
N GLU H 81 -7.88 -24.43 -23.19
CA GLU H 81 -9.04 -23.56 -23.14
C GLU H 81 -8.79 -22.18 -23.72
N LEU H 82 -7.57 -21.67 -23.61
CA LEU H 82 -7.23 -20.40 -24.26
C LEU H 82 -7.13 -20.51 -25.78
N THR H 83 -6.95 -21.71 -26.32
CA THR H 83 -6.98 -21.93 -27.75
C THR H 83 -8.37 -22.23 -28.28
N HIS H 84 -9.36 -22.46 -27.40
CA HIS H 84 -10.73 -22.76 -27.78
C HIS H 84 -10.83 -24.01 -28.63
N HIS H 85 -10.07 -25.03 -28.26
CA HIS H 85 -10.12 -26.36 -28.84
C HIS H 85 -10.39 -27.37 -27.73
N LEU H 86 -10.58 -28.62 -28.13
CA LEU H 86 -10.60 -29.75 -27.23
C LEU H 86 -9.40 -30.65 -27.50
N LEU H 87 -9.13 -31.54 -26.55
CA LEU H 87 -8.02 -32.45 -26.69
C LEU H 87 -8.38 -33.56 -27.66
N PRO H 88 -7.39 -34.29 -28.18
CA PRO H 88 -7.70 -35.48 -28.98
C PRO H 88 -8.45 -36.52 -28.15
N ARG H 89 -9.36 -37.20 -28.82
CA ARG H 89 -10.23 -38.19 -28.18
C ARG H 89 -9.48 -39.36 -27.58
N ASN H 90 -8.21 -39.59 -27.95
CA ASN H 90 -7.39 -40.61 -27.32
C ASN H 90 -6.65 -40.07 -26.08
N GLU H 91 -6.87 -38.82 -25.70
CA GLU H 91 -6.33 -38.24 -24.48
C GLU H 91 -7.42 -37.88 -23.48
N TRP H 92 -8.66 -38.29 -23.71
CA TRP H 92 -9.75 -38.03 -22.78
C TRP H 92 -9.67 -38.98 -21.59
N ILE H 93 -10.00 -38.47 -20.42
CA ILE H 93 -10.09 -39.30 -19.23
C ILE H 93 -11.21 -40.31 -19.43
N LYS H 94 -10.89 -41.58 -19.17
CA LYS H 94 -11.88 -42.65 -19.22
C LYS H 94 -12.56 -42.79 -17.86
N ALA H 95 -13.68 -43.51 -17.86
CA ALA H 95 -14.48 -43.65 -16.65
C ALA H 95 -13.73 -44.38 -15.55
N GLN H 96 -13.02 -45.45 -15.88
CA GLN H 96 -12.28 -46.21 -14.89
C GLN H 96 -11.10 -45.45 -14.28
N GLU H 97 -10.66 -44.36 -14.90
CA GLU H 97 -9.59 -43.53 -14.34
C GLU H 97 -10.10 -42.37 -13.50
N ASP H 98 -11.40 -42.04 -13.58
CA ASP H 98 -11.97 -40.92 -12.84
C ASP H 98 -12.34 -41.40 -11.44
N VAL H 99 -11.30 -41.55 -10.63
CA VAL H 99 -11.41 -42.14 -9.29
C VAL H 99 -11.36 -41.02 -8.26
N PRO H 100 -12.02 -41.15 -7.10
CA PRO H 100 -11.84 -40.16 -6.03
C PRO H 100 -10.54 -40.36 -5.25
N TYR H 101 -9.46 -39.82 -5.81
CA TYR H 101 -8.14 -40.01 -5.23
C TYR H 101 -7.88 -39.15 -4.00
N LEU H 102 -8.69 -38.12 -3.77
CA LEU H 102 -8.46 -37.15 -2.71
C LEU H 102 -9.52 -37.19 -1.61
N LEU H 103 -10.62 -37.89 -1.82
CA LEU H 103 -11.72 -37.95 -0.86
C LEU H 103 -11.30 -38.51 0.50
N PRO H 104 -10.55 -39.62 0.59
CA PRO H 104 -10.13 -40.08 1.92
C PRO H 104 -9.31 -39.09 2.71
N TYR H 105 -8.47 -38.29 2.06
CA TYR H 105 -7.73 -37.27 2.78
C TYR H 105 -8.64 -36.15 3.26
N ILE H 106 -9.77 -35.93 2.58
CA ILE H 106 -10.69 -34.87 2.97
C ILE H 106 -11.54 -35.30 4.15
N LEU H 107 -12.05 -36.53 4.10
CA LEU H 107 -12.93 -37.02 5.15
C LEU H 107 -12.17 -37.19 6.46
N GLU H 108 -10.87 -37.48 6.38
CA GLU H 108 -10.05 -37.60 7.58
C GLU H 108 -9.81 -36.25 8.23
N ALA H 109 -9.54 -35.21 7.42
CA ALA H 109 -9.35 -33.88 7.97
C ALA H 109 -10.65 -33.27 8.50
N GLU H 110 -11.79 -33.64 7.91
CA GLU H 110 -13.07 -33.12 8.40
C GLU H 110 -13.46 -33.74 9.74
N ALA H 111 -13.25 -35.04 9.88
CA ALA H 111 -13.62 -35.73 11.12
C ALA H 111 -12.79 -35.25 12.31
N ALA H 112 -11.55 -34.81 12.05
CA ALA H 112 -10.70 -34.32 13.13
C ALA H 112 -11.09 -32.91 13.54
N ALA H 113 -11.57 -32.10 12.61
CA ALA H 113 -12.00 -30.75 12.93
C ALA H 113 -13.29 -30.74 13.72
N LYS H 114 -14.16 -31.72 13.50
CA LYS H 114 -15.39 -31.84 14.28
C LYS H 114 -15.12 -32.33 15.70
N GLU H 115 -14.22 -33.31 15.84
CA GLU H 115 -13.86 -33.80 17.17
C GLU H 115 -13.19 -32.70 18.00
N LYS H 116 -12.25 -31.96 17.41
CA LYS H 116 -11.60 -30.86 18.12
C LYS H 116 -12.62 -29.84 18.59
N ASP H 117 -13.57 -29.43 17.76
CA ASP H 117 -14.62 -28.41 18.01
C ASP H 117 -15.66 -28.84 19.01
N GLU H 118 -16.05 -30.05 18.98
CA GLU H 118 -16.92 -30.50 20.06
C GLU H 118 -16.23 -30.42 21.42
N LEU H 119 -14.93 -30.72 21.47
CA LEU H 119 -14.20 -30.74 22.73
C LEU H 119 -13.96 -29.35 23.30
N ASP H 120 -14.07 -28.31 22.49
CA ASP H 120 -13.87 -26.94 22.91
C ASP H 120 -15.13 -26.26 23.43
N ASN H 121 -16.28 -26.94 23.40
CA ASN H 121 -17.55 -26.39 23.84
C ASN H 121 -18.36 -27.43 24.62
N ILE H 122 -17.69 -28.21 25.46
CA ILE H 122 -18.33 -29.36 26.11
C ILE H 122 -19.12 -28.90 27.32
N GLU H 123 -20.23 -29.59 27.57
CA GLU H 123 -21.01 -29.46 28.79
C GLU H 123 -20.66 -30.63 29.71
N VAL H 124 -20.12 -30.30 30.87
CA VAL H 124 -19.62 -31.31 31.80
C VAL H 124 -20.69 -31.61 32.84
N SER H 125 -20.74 -32.87 33.25
CA SER H 125 -21.62 -33.30 34.34
C SER H 125 -20.84 -33.18 35.66
N LYS H 126 -21.55 -33.30 36.78
CA LYS H 126 -20.92 -33.36 38.10
C LYS H 126 -21.38 -34.63 38.82
N GLY I 1 6.41 -0.73 6.30
CA GLY I 1 5.23 -1.09 7.05
C GLY I 1 5.25 -2.52 7.56
N PRO I 2 4.19 -2.94 8.24
CA PRO I 2 4.12 -4.31 8.74
C PRO I 2 3.47 -5.23 7.71
N PRO I 3 3.67 -6.54 7.82
CA PRO I 3 2.97 -7.46 6.92
C PRO I 3 1.56 -7.75 7.41
N SER I 4 0.65 -7.86 6.44
CA SER I 4 -0.76 -8.05 6.70
C SER I 4 -1.12 -9.53 6.56
N GLY I 5 -2.40 -9.82 6.58
CA GLY I 5 -2.87 -11.20 6.49
C GLY I 5 -2.77 -11.72 5.08
N LYS I 6 -2.15 -12.89 4.96
CA LYS I 6 -1.69 -13.37 3.67
C LYS I 6 -2.83 -14.05 2.93
N THR I 7 -2.57 -14.42 1.69
CA THR I 7 -3.50 -14.56 0.60
C THR I 7 -3.49 -16.01 0.11
N TYR I 8 -4.13 -16.22 -1.03
CA TYR I 8 -3.99 -17.45 -1.79
C TYR I 8 -3.26 -17.21 -3.12
N MET I 9 -2.58 -16.09 -3.14
CA MET I 9 -1.75 -15.71 -4.28
C MET I 9 -0.47 -15.02 -3.84
N GLY I 10 0.64 -15.30 -4.50
CA GLY I 10 1.89 -14.60 -4.25
C GLY I 10 2.32 -13.75 -5.43
N TRP I 11 3.62 -13.76 -5.69
CA TRP I 11 4.24 -13.00 -6.76
C TRP I 11 5.25 -13.88 -7.50
N TRP I 12 5.94 -13.31 -8.49
CA TRP I 12 6.89 -14.06 -9.30
C TRP I 12 8.02 -14.64 -8.47
N GLY I 13 8.14 -15.97 -8.50
CA GLY I 13 9.08 -16.71 -7.70
C GLY I 13 8.46 -17.48 -6.56
N HIS I 14 7.40 -16.95 -5.97
CA HIS I 14 6.72 -17.55 -4.83
C HIS I 14 5.20 -17.45 -5.02
N MET I 15 4.72 -17.87 -6.19
CA MET I 15 3.31 -17.71 -6.54
C MET I 15 2.38 -18.51 -5.63
N GLY I 16 2.86 -19.58 -5.05
CA GLY I 16 2.12 -20.32 -4.06
C GLY I 16 1.36 -21.52 -4.56
N GLY I 17 1.84 -22.20 -5.59
CA GLY I 17 1.26 -23.43 -6.05
C GLY I 17 2.06 -24.64 -5.60
N PRO I 18 1.72 -25.80 -6.14
CA PRO I 18 2.50 -27.01 -5.81
C PRO I 18 3.81 -27.06 -6.57
N LYS I 19 4.74 -27.82 -6.02
CA LYS I 19 6.03 -28.03 -6.67
C LYS I 19 5.87 -28.87 -7.92
N GLN I 20 6.53 -28.44 -8.99
CA GLN I 20 6.46 -29.09 -10.29
C GLN I 20 7.78 -29.79 -10.59
N LYS I 21 7.68 -30.96 -11.21
CA LYS I 21 8.84 -31.75 -11.62
C LYS I 21 8.41 -32.62 -12.80
N GLY I 22 9.20 -32.60 -13.85
CA GLY I 22 8.99 -33.48 -14.98
C GLY I 22 8.18 -32.91 -16.13
N ILE I 23 7.96 -31.60 -16.18
CA ILE I 23 7.20 -30.95 -17.25
C ILE I 23 8.17 -30.10 -18.06
N THR I 24 8.08 -30.22 -19.39
CA THR I 24 8.89 -29.46 -20.33
C THR I 24 8.00 -28.66 -21.28
N SER I 25 8.40 -27.42 -21.53
CA SER I 25 7.68 -26.48 -22.39
C SER I 25 8.54 -26.07 -23.58
N TYR I 26 7.91 -26.00 -24.76
CA TYR I 26 8.56 -25.53 -25.99
C TYR I 26 7.73 -24.44 -26.64
N ALA I 27 8.41 -23.53 -27.36
CA ALA I 27 7.74 -22.42 -28.03
C ALA I 27 8.62 -21.90 -29.17
N VAL I 28 7.99 -21.17 -30.09
CA VAL I 28 8.64 -20.56 -31.25
C VAL I 28 8.29 -19.08 -31.29
N SER I 29 9.21 -18.28 -31.82
CA SER I 29 9.03 -16.84 -31.87
C SER I 29 7.89 -16.46 -32.81
N PRO I 30 7.18 -15.35 -32.55
CA PRO I 30 6.15 -14.92 -33.50
C PRO I 30 6.72 -14.31 -34.77
N TYR I 31 7.87 -13.64 -34.71
CA TYR I 31 8.53 -13.16 -35.91
C TYR I 31 8.89 -14.27 -36.89
N ALA I 32 9.01 -15.51 -36.43
CA ALA I 32 9.40 -16.64 -37.26
C ALA I 32 8.23 -17.46 -37.76
N GLN I 33 7.00 -17.08 -37.44
CA GLN I 33 5.80 -17.72 -37.97
C GLN I 33 4.91 -16.66 -38.62
N LYS I 34 4.00 -17.14 -39.44
CA LYS I 34 3.10 -16.32 -40.30
C LYS I 34 1.76 -15.99 -39.67
N PRO I 35 1.40 -14.73 -39.20
CA PRO I 35 0.10 -14.47 -38.57
C PRO I 35 -1.03 -14.39 -39.58
N LEU I 36 -2.26 -14.40 -39.06
CA LEU I 36 -3.47 -14.63 -39.86
C LEU I 36 -3.25 -15.85 -40.76
N GLN I 37 -3.24 -17.01 -40.12
CA GLN I 37 -2.81 -18.27 -40.72
C GLN I 37 -3.96 -19.22 -41.03
N GLY I 38 -4.99 -19.27 -40.17
CA GLY I 38 -6.06 -20.24 -40.30
C GLY I 38 -7.45 -19.78 -39.87
N ILE I 39 -7.74 -18.48 -39.92
CA ILE I 39 -8.93 -17.98 -39.24
C ILE I 39 -10.22 -18.25 -40.04
N PHE I 40 -10.12 -18.89 -41.20
CA PHE I 40 -11.12 -19.90 -41.57
C PHE I 40 -10.46 -21.27 -41.51
N HIS I 41 -11.27 -22.26 -41.10
CA HIS I 41 -10.90 -23.34 -40.17
C HIS I 41 -10.93 -22.84 -38.72
N ASN I 42 -11.42 -21.62 -38.49
CA ASN I 42 -11.72 -21.10 -37.16
C ASN I 42 -13.17 -20.65 -37.01
N ALA I 43 -13.66 -19.76 -37.88
CA ALA I 43 -15.02 -19.26 -37.75
C ALA I 43 -16.06 -20.24 -38.24
N VAL I 44 -15.63 -21.30 -38.92
CA VAL I 44 -16.51 -22.26 -39.58
C VAL I 44 -16.36 -23.62 -38.89
N PHE I 45 -15.19 -23.87 -38.30
CA PHE I 45 -14.93 -25.09 -37.55
C PHE I 45 -15.29 -24.86 -36.08
N ASN I 46 -14.58 -23.95 -35.42
CA ASN I 46 -14.65 -23.83 -33.96
C ASN I 46 -15.85 -23.01 -33.49
N SER I 47 -16.18 -21.91 -34.17
CA SER I 47 -17.34 -21.13 -33.78
C SER I 47 -18.62 -21.95 -33.94
N PHE I 48 -18.72 -22.71 -35.03
CA PHE I 48 -19.88 -23.57 -35.23
C PHE I 48 -19.88 -24.73 -34.24
N ARG I 49 -18.70 -25.19 -33.84
CA ARG I 49 -18.62 -26.23 -32.81
C ARG I 49 -18.99 -25.67 -31.44
N ARG I 50 -18.54 -24.46 -31.15
CA ARG I 50 -18.87 -23.83 -29.87
C ARG I 50 -20.33 -23.43 -29.81
N PHE I 51 -20.88 -22.97 -30.93
CA PHE I 51 -22.30 -22.66 -31.00
C PHE I 51 -23.15 -23.89 -30.75
N LYS I 52 -22.87 -24.97 -31.49
CA LYS I 52 -23.67 -26.19 -31.44
C LYS I 52 -23.77 -26.76 -30.04
N SER I 53 -22.75 -26.54 -29.20
CA SER I 53 -22.79 -27.03 -27.84
C SER I 53 -23.72 -26.17 -26.98
N GLN I 54 -23.39 -24.88 -26.85
CA GLN I 54 -24.11 -23.97 -25.95
C GLN I 54 -25.11 -23.12 -26.74
N PHE I 55 -26.17 -23.77 -27.22
CA PHE I 55 -27.31 -23.06 -27.80
C PHE I 55 -28.66 -23.58 -27.34
N LEU I 56 -28.77 -24.80 -26.84
CA LEU I 56 -30.00 -25.27 -26.24
C LEU I 56 -30.19 -24.80 -24.80
N TYR I 57 -29.14 -24.27 -24.16
CA TYR I 57 -29.27 -23.67 -22.84
C TYR I 57 -29.72 -22.22 -22.89
N VAL I 58 -29.60 -21.57 -24.05
CA VAL I 58 -29.99 -20.18 -24.22
C VAL I 58 -31.33 -20.02 -24.92
N LEU I 59 -31.73 -20.96 -25.78
CA LEU I 59 -32.87 -20.76 -26.67
C LEU I 59 -34.16 -21.37 -26.15
N ILE I 60 -34.10 -22.38 -25.29
CA ILE I 60 -35.31 -22.95 -24.70
C ILE I 60 -35.86 -21.97 -23.68
N PRO I 61 -35.04 -21.35 -22.83
CA PRO I 61 -35.56 -20.24 -22.02
C PRO I 61 -36.11 -19.08 -22.82
N ALA I 62 -35.40 -18.66 -23.88
CA ALA I 62 -35.86 -17.54 -24.69
C ALA I 62 -37.19 -17.82 -25.35
N GLY I 63 -37.44 -19.07 -25.73
CA GLY I 63 -38.71 -19.45 -26.33
C GLY I 63 -39.89 -19.46 -25.38
N ILE I 64 -39.64 -19.66 -24.09
CA ILE I 64 -40.73 -19.70 -23.12
C ILE I 64 -41.17 -18.30 -22.76
N TYR I 65 -40.21 -17.37 -22.63
CA TYR I 65 -40.54 -16.02 -22.21
C TYR I 65 -41.12 -15.19 -23.36
N TRP I 66 -40.73 -15.49 -24.59
CA TRP I 66 -41.25 -14.76 -25.73
C TRP I 66 -42.67 -15.19 -26.08
N TYR I 67 -42.95 -16.48 -25.97
CA TYR I 67 -44.32 -16.97 -26.11
C TYR I 67 -45.24 -16.33 -25.07
N TRP I 68 -44.73 -16.10 -23.86
CA TRP I 68 -45.53 -15.53 -22.79
C TRP I 68 -45.89 -14.08 -23.09
N TRP I 69 -44.92 -13.31 -23.57
CA TRP I 69 -45.16 -11.91 -23.93
C TRP I 69 -46.16 -11.83 -25.08
N LYS I 70 -46.16 -12.82 -25.94
CA LYS I 70 -47.06 -12.84 -27.09
C LYS I 70 -48.51 -12.98 -26.67
N ASN I 71 -48.83 -14.08 -26.00
CA ASN I 71 -50.21 -14.36 -25.63
C ASN I 71 -50.80 -13.27 -24.75
N GLY I 72 -49.97 -12.53 -24.02
CA GLY I 72 -50.47 -11.40 -23.27
C GLY I 72 -50.77 -10.21 -24.15
N ASN I 73 -49.86 -9.89 -25.08
CA ASN I 73 -50.07 -8.76 -25.96
C ASN I 73 -51.23 -8.99 -26.91
N GLU I 74 -51.43 -10.23 -27.35
CA GLU I 74 -52.57 -10.57 -28.17
C GLU I 74 -53.88 -10.39 -27.42
N TYR I 75 -53.91 -10.81 -26.15
CA TYR I 75 -55.14 -10.77 -25.36
C TYR I 75 -55.50 -9.34 -24.99
N ASN I 76 -54.50 -8.51 -24.71
CA ASN I 76 -54.75 -7.12 -24.38
C ASN I 76 -55.43 -6.37 -25.54
N GLU I 77 -54.90 -6.56 -26.74
CA GLU I 77 -55.49 -5.88 -27.91
C GLU I 77 -56.92 -6.33 -28.16
N PHE I 78 -57.26 -7.56 -27.76
CA PHE I 78 -58.65 -8.02 -27.90
C PHE I 78 -59.54 -7.33 -26.88
N LEU I 79 -59.03 -7.13 -25.66
CA LEU I 79 -59.83 -6.54 -24.60
C LEU I 79 -60.30 -5.14 -24.95
N TYR I 80 -59.45 -4.36 -25.63
CA TYR I 80 -59.72 -2.97 -25.93
C TYR I 80 -60.24 -2.76 -27.35
N SER I 81 -60.57 -3.83 -28.06
CA SER I 81 -61.37 -3.73 -29.26
C SER I 81 -62.84 -3.60 -28.88
N LYS I 82 -63.71 -3.50 -29.89
CA LYS I 82 -65.14 -3.45 -29.64
C LYS I 82 -65.75 -4.83 -29.51
N ALA I 83 -65.11 -5.86 -30.07
CA ALA I 83 -65.55 -7.23 -29.87
C ALA I 83 -65.19 -7.80 -28.50
N GLY I 84 -64.35 -7.10 -27.74
CA GLY I 84 -63.92 -7.56 -26.43
C GLY I 84 -64.18 -6.57 -25.32
N ARG I 85 -65.26 -5.81 -25.43
CA ARG I 85 -65.65 -4.86 -24.42
C ARG I 85 -66.44 -5.52 -23.30
N GLU I 86 -67.12 -6.62 -23.61
CA GLU I 86 -67.86 -7.36 -22.60
C GLU I 86 -66.90 -8.09 -21.68
N GLU I 87 -65.80 -8.60 -22.23
CA GLU I 87 -64.84 -9.31 -21.40
C GLU I 87 -64.06 -8.33 -20.53
N LEU I 88 -63.81 -7.13 -21.06
CA LEU I 88 -63.06 -6.11 -20.33
C LEU I 88 -63.77 -5.73 -19.04
N GLU I 89 -65.07 -5.47 -19.12
CA GLU I 89 -65.88 -5.12 -17.97
C GLU I 89 -66.10 -6.30 -17.02
N ARG I 90 -65.80 -7.52 -17.47
CA ARG I 90 -65.77 -8.68 -16.57
C ARG I 90 -64.46 -8.77 -15.81
N VAL I 91 -63.31 -8.69 -16.50
CA VAL I 91 -62.02 -8.89 -15.88
C VAL I 91 -61.49 -7.68 -15.14
N ASN I 92 -61.88 -6.47 -15.55
CA ASN I 92 -61.39 -5.26 -14.90
C ASN I 92 -62.05 -5.02 -13.55
N VAL I 93 -63.14 -5.72 -13.24
CA VAL I 93 -63.84 -5.55 -11.98
C VAL I 93 -63.26 -6.50 -10.95
N SER J 2 19.72 -0.62 -44.96
CA SER J 2 18.43 -1.17 -45.35
C SER J 2 17.31 -0.24 -44.88
N LEU J 3 16.09 -0.76 -44.76
CA LEU J 3 14.96 0.05 -44.33
C LEU J 3 14.86 0.17 -42.82
N TYR J 4 15.10 -0.94 -42.15
CA TYR J 4 14.95 -0.98 -40.69
C TYR J 4 15.69 0.17 -40.00
N LYS J 5 16.90 0.55 -40.38
CA LYS J 5 17.74 1.47 -39.62
C LYS J 5 17.38 2.93 -39.81
N THR J 6 16.54 3.28 -40.79
CA THR J 6 16.13 4.66 -41.03
C THR J 6 14.70 4.95 -40.62
N PHE J 7 13.78 4.00 -40.79
CA PHE J 7 12.37 4.22 -40.45
C PHE J 7 12.07 3.74 -39.02
N PHE J 8 12.41 2.49 -38.72
CA PHE J 8 11.89 1.74 -37.57
C PHE J 8 12.81 1.76 -36.36
N LYS J 9 14.07 1.38 -36.57
CA LYS J 9 15.08 1.29 -35.51
C LYS J 9 15.06 2.51 -34.60
N ARG J 10 15.19 3.67 -35.21
CA ARG J 10 15.20 4.93 -34.49
C ARG J 10 13.92 5.11 -33.70
N ASN J 11 14.00 5.84 -32.53
CA ASN J 11 12.82 6.11 -31.66
C ASN J 11 12.69 7.64 -31.45
N ALA J 12 13.23 8.50 -32.35
CA ALA J 12 12.96 9.99 -32.46
C ALA J 12 12.31 10.35 -33.80
N VAL J 13 12.76 9.85 -34.97
CA VAL J 13 12.00 9.97 -36.21
C VAL J 13 11.04 8.80 -36.38
N PHE J 14 10.89 7.93 -35.37
CA PHE J 14 9.66 7.16 -35.28
C PHE J 14 8.58 8.01 -34.62
N VAL J 15 8.74 8.33 -33.33
CA VAL J 15 7.76 9.15 -32.62
C VAL J 15 7.72 10.54 -33.23
N GLY J 16 8.79 10.94 -33.90
CA GLY J 16 8.76 12.12 -34.72
C GLY J 16 7.79 12.01 -35.88
N THR J 17 8.03 11.05 -36.78
CA THR J 17 7.17 10.91 -37.95
C THR J 17 5.79 10.35 -37.61
N ILE J 18 5.54 9.92 -36.37
CA ILE J 18 4.17 9.65 -35.95
C ILE J 18 3.37 10.94 -35.91
N PHE J 19 3.93 12.00 -35.31
CA PHE J 19 3.22 13.26 -35.22
C PHE J 19 3.32 14.07 -36.51
N ALA J 20 4.41 13.91 -37.26
CA ALA J 20 4.54 14.62 -38.53
C ALA J 20 3.39 14.27 -39.46
N GLY J 21 3.12 12.98 -39.64
CA GLY J 21 2.01 12.57 -40.46
C GLY J 21 0.67 12.88 -39.85
N ALA J 22 0.59 12.94 -38.52
CA ALA J 22 -0.66 13.25 -37.85
C ALA J 22 -1.12 14.66 -38.20
N PHE J 23 -0.18 15.60 -38.27
CA PHE J 23 -0.51 16.97 -38.66
C PHE J 23 -0.88 17.05 -40.14
N VAL J 24 -0.23 16.27 -40.98
CA VAL J 24 -0.50 16.32 -42.42
C VAL J 24 -1.72 15.48 -42.78
N PHE J 25 -1.93 14.38 -42.05
CA PHE J 25 -3.07 13.51 -42.33
C PHE J 25 -4.38 14.25 -42.09
N GLN J 26 -4.42 15.08 -41.05
CA GLN J 26 -5.66 15.73 -40.66
C GLN J 26 -6.16 16.67 -41.74
N THR J 27 -5.25 17.40 -42.38
CA THR J 27 -5.64 18.45 -43.31
C THR J 27 -6.10 17.87 -44.64
N VAL J 28 -5.39 16.86 -45.14
CA VAL J 28 -5.82 16.22 -46.39
C VAL J 28 -7.08 15.40 -46.15
N PHE J 29 -7.17 14.76 -44.99
CA PHE J 29 -8.36 13.97 -44.66
C PHE J 29 -9.58 14.87 -44.54
N ASP J 30 -9.41 16.06 -43.94
CA ASP J 30 -10.51 17.00 -43.84
C ASP J 30 -10.97 17.46 -45.22
N THR J 31 -10.03 17.91 -46.06
CA THR J 31 -10.37 18.43 -47.38
C THR J 31 -11.04 17.38 -48.24
N ALA J 32 -10.66 16.11 -48.09
CA ALA J 32 -11.21 15.05 -48.92
C ALA J 32 -12.64 14.71 -48.52
N ILE J 33 -12.91 14.60 -47.23
CA ILE J 33 -14.25 14.24 -46.77
C ILE J 33 -15.24 15.37 -47.06
N THR J 34 -14.81 16.62 -46.83
CA THR J 34 -15.67 17.76 -47.11
C THR J 34 -16.06 17.83 -48.58
N SER J 35 -15.12 17.53 -49.47
CA SER J 35 -15.42 17.59 -50.90
C SER J 35 -16.39 16.49 -51.32
N TRP J 36 -16.27 15.31 -50.70
CA TRP J 36 -17.19 14.22 -51.04
C TRP J 36 -18.60 14.50 -50.54
N TYR J 37 -18.71 15.10 -49.35
CA TYR J 37 -20.01 15.38 -48.77
C TYR J 37 -20.74 16.47 -49.54
N GLU J 38 -20.04 17.57 -49.83
CA GLU J 38 -20.64 18.67 -50.58
C GLU J 38 -21.04 18.29 -52.00
N ASN J 39 -20.40 17.28 -52.58
CA ASN J 39 -20.75 16.81 -53.92
C ASN J 39 -21.88 15.80 -53.92
N HIS J 40 -21.98 14.97 -52.89
CA HIS J 40 -23.07 14.01 -52.80
C HIS J 40 -24.42 14.68 -52.61
N ASN J 41 -24.42 15.88 -52.02
CA ASN J 41 -25.64 16.64 -51.70
C ASN J 41 -25.75 17.87 -52.59
N LYS J 42 -25.41 17.73 -53.87
CA LYS J 42 -25.43 18.84 -54.81
C LYS J 42 -26.85 19.17 -55.24
N GLY J 43 -27.20 20.46 -55.16
CA GLY J 43 -28.53 20.93 -55.49
C GLY J 43 -29.39 21.26 -54.29
N LYS J 44 -29.03 20.77 -53.10
CA LYS J 44 -29.73 21.08 -51.87
C LYS J 44 -29.02 22.13 -51.03
N LEU J 45 -27.75 22.40 -51.29
CA LEU J 45 -27.00 23.32 -50.46
C LEU J 45 -27.48 24.74 -50.65
N TRP J 46 -27.06 25.62 -49.74
CA TRP J 46 -27.47 27.01 -49.79
C TRP J 46 -26.74 27.76 -50.90
N LYS J 47 -25.49 27.38 -51.19
CA LYS J 47 -24.71 28.06 -52.22
C LYS J 47 -25.35 27.85 -53.58
N ASP J 48 -25.86 26.65 -53.84
CA ASP J 48 -26.47 26.36 -55.13
C ASP J 48 -27.83 27.03 -55.25
N VAL J 49 -28.61 27.03 -54.17
CA VAL J 49 -29.89 27.71 -54.17
C VAL J 49 -29.70 29.20 -54.38
N LYS J 50 -28.79 29.80 -53.60
CA LYS J 50 -28.51 31.23 -53.70
C LYS J 50 -28.15 31.65 -55.13
N ALA J 51 -27.46 30.78 -55.86
CA ALA J 51 -27.19 31.04 -57.26
C ALA J 51 -28.42 30.79 -58.14
N ARG J 52 -29.30 29.87 -57.72
CA ARG J 52 -30.46 29.53 -58.52
C ARG J 52 -31.58 30.56 -58.38
N ILE J 53 -31.71 31.20 -57.22
CA ILE J 53 -32.64 32.34 -57.07
C ILE J 53 -31.83 33.57 -57.46
N ALA J 54 -31.72 33.78 -58.77
CA ALA J 54 -30.97 34.88 -59.36
C ALA J 54 -31.97 35.74 -60.12
N ALA J 55 -32.58 36.68 -59.42
CA ALA J 55 -33.57 37.58 -60.00
C ALA J 55 -33.32 39.01 -59.53
N ALA K 1 0.26 -40.95 58.07
CA ALA K 1 0.46 -39.69 57.36
C ALA K 1 -0.04 -38.52 58.21
N GLU K 2 0.67 -38.25 59.30
CA GLU K 2 0.28 -37.18 60.22
C GLU K 2 1.53 -36.70 60.95
N VAL K 3 1.61 -35.39 61.16
CA VAL K 3 2.75 -34.77 61.81
C VAL K 3 2.43 -34.50 63.27
N THR K 4 3.46 -34.51 64.11
CA THR K 4 3.36 -34.40 65.56
C THR K 4 4.33 -33.33 66.04
N GLN K 5 3.81 -32.31 66.71
CA GLN K 5 4.60 -31.21 67.25
C GLN K 5 4.57 -31.23 68.77
N LEU K 6 5.73 -31.04 69.40
CA LEU K 6 5.85 -30.79 70.82
C LEU K 6 6.71 -29.56 71.04
N SER K 7 6.65 -29.03 72.26
CA SER K 7 7.43 -27.87 72.65
C SER K 7 8.06 -28.09 74.02
N ASN K 8 9.32 -27.69 74.14
CA ASN K 8 10.08 -27.73 75.39
C ASN K 8 10.80 -26.40 75.62
N GLY K 9 10.34 -25.33 74.96
CA GLY K 9 11.21 -24.25 74.56
C GLY K 9 11.84 -24.46 73.22
N ILE K 10 11.87 -25.70 72.72
CA ILE K 10 12.37 -26.06 71.41
C ILE K 10 11.25 -26.79 70.69
N VAL K 11 10.86 -26.29 69.53
CA VAL K 11 9.81 -26.93 68.75
C VAL K 11 10.39 -28.09 67.97
N VAL K 12 9.68 -29.22 67.95
CA VAL K 12 10.13 -30.45 67.34
C VAL K 12 8.98 -31.03 66.53
N ALA K 13 9.12 -31.02 65.21
CA ALA K 13 8.13 -31.54 64.29
C ALA K 13 8.67 -32.77 63.58
N THR K 14 7.77 -33.65 63.14
CA THR K 14 8.17 -34.94 62.62
C THR K 14 7.06 -35.54 61.76
N GLU K 15 7.46 -36.04 60.58
CA GLU K 15 6.58 -36.81 59.69
C GLU K 15 7.23 -38.19 59.51
N HIS K 16 6.84 -39.14 60.35
CA HIS K 16 7.41 -40.47 60.29
C HIS K 16 6.84 -41.27 59.11
N ASN K 17 7.72 -41.95 58.41
CA ASN K 17 7.35 -42.81 57.28
C ASN K 17 8.07 -44.14 57.45
N PRO K 18 7.39 -45.23 57.84
CA PRO K 18 8.12 -46.46 58.17
C PRO K 18 8.70 -47.19 56.97
N SER K 19 8.22 -46.89 55.75
CA SER K 19 8.59 -47.64 54.56
C SER K 19 9.71 -46.99 53.76
N ALA K 20 10.43 -46.04 54.35
CA ALA K 20 11.55 -45.38 53.69
C ALA K 20 12.86 -46.01 54.14
N HIS K 21 13.93 -45.67 53.43
CA HIS K 21 15.25 -46.25 53.64
C HIS K 21 16.28 -45.24 54.12
N THR K 22 15.88 -44.00 54.41
CA THR K 22 16.79 -42.97 54.88
C THR K 22 16.06 -42.11 55.91
N ALA K 23 16.81 -41.21 56.53
CA ALA K 23 16.27 -40.29 57.53
C ALA K 23 17.01 -38.97 57.44
N SER K 24 16.25 -37.88 57.54
CA SER K 24 16.80 -36.54 57.48
C SER K 24 16.47 -35.79 58.77
N VAL K 25 17.45 -35.06 59.29
CA VAL K 25 17.33 -34.31 60.53
C VAL K 25 18.00 -32.96 60.33
N GLY K 26 17.35 -31.90 60.77
CA GLY K 26 17.90 -30.58 60.59
C GLY K 26 17.23 -29.52 61.45
N VAL K 27 17.64 -28.28 61.22
CA VAL K 27 17.10 -27.11 61.88
C VAL K 27 16.74 -26.06 60.83
N VAL K 28 15.56 -25.48 60.95
CA VAL K 28 15.07 -24.44 60.05
C VAL K 28 14.87 -23.17 60.85
N PHE K 29 15.38 -22.06 60.32
CA PHE K 29 15.21 -20.74 60.91
C PHE K 29 14.21 -19.92 60.12
N GLY K 30 13.58 -18.97 60.81
CA GLY K 30 12.53 -18.14 60.24
C GLY K 30 13.01 -16.78 59.77
N SER K 31 14.24 -16.72 59.27
CA SER K 31 14.83 -15.51 58.70
C SER K 31 15.43 -15.86 57.36
N GLY K 32 15.13 -15.05 56.34
CA GLY K 32 15.66 -15.23 55.01
C GLY K 32 16.31 -14.01 54.41
N ALA K 33 16.26 -13.89 53.08
CA ALA K 33 16.78 -12.72 52.41
C ALA K 33 15.95 -11.48 52.66
N ALA K 34 14.68 -11.66 53.05
CA ALA K 34 13.82 -10.57 53.50
C ALA K 34 13.98 -10.25 54.98
N ASN K 35 15.14 -10.55 55.57
CA ASN K 35 15.48 -10.16 56.93
C ASN K 35 16.88 -9.55 57.00
N GLU K 36 17.37 -9.01 55.88
CA GLU K 36 18.66 -8.34 55.82
C GLU K 36 18.49 -7.04 55.04
N ASN K 37 19.56 -6.27 54.97
CA ASN K 37 19.58 -4.93 54.42
C ASN K 37 20.48 -4.85 53.19
N PRO K 38 20.43 -3.75 52.43
CA PRO K 38 21.23 -3.67 51.21
C PRO K 38 22.73 -3.70 51.42
N TYR K 39 23.23 -3.50 52.64
CA TYR K 39 24.66 -3.53 52.88
C TYR K 39 25.20 -4.93 53.08
N ASN K 40 24.48 -5.79 53.81
CA ASN K 40 24.91 -7.15 54.11
C ASN K 40 24.15 -8.19 53.30
N ASN K 41 23.67 -7.82 52.12
CA ASN K 41 22.90 -8.76 51.31
C ASN K 41 23.79 -9.86 50.77
N GLY K 42 23.37 -11.11 50.98
CA GLY K 42 24.15 -12.28 50.64
C GLY K 42 24.84 -12.95 51.80
N VAL K 43 24.70 -12.41 53.01
CA VAL K 43 25.35 -13.01 54.17
C VAL K 43 24.78 -14.40 54.45
N SER K 44 23.52 -14.64 54.09
CA SER K 44 22.93 -15.96 54.28
C SER K 44 23.44 -16.95 53.25
N ASN K 45 23.62 -16.50 52.00
CA ASN K 45 24.18 -17.37 50.97
C ASN K 45 25.60 -17.80 51.32
N LEU K 46 26.34 -16.93 51.99
CA LEU K 46 27.68 -17.25 52.46
C LEU K 46 27.67 -18.14 53.71
N TRP K 47 26.60 -18.10 54.50
CA TRP K 47 26.47 -19.04 55.62
C TRP K 47 26.20 -20.45 55.12
N LYS K 48 25.39 -20.59 54.07
CA LYS K 48 25.11 -21.90 53.51
C LYS K 48 26.38 -22.58 53.02
N ASN K 49 27.26 -21.82 52.37
CA ASN K 49 28.44 -22.41 51.74
C ASN K 49 29.55 -22.71 52.74
N ILE K 50 29.58 -22.01 53.87
CA ILE K 50 30.48 -22.37 54.96
C ILE K 50 30.06 -23.71 55.55
N PHE K 51 28.76 -23.98 55.60
CA PHE K 51 28.26 -25.26 56.09
C PHE K 51 28.65 -26.41 55.17
N LEU K 52 28.67 -26.16 53.86
CA LEU K 52 28.91 -27.19 52.85
C LEU K 52 30.34 -27.22 52.36
N SER K 53 31.26 -26.56 53.06
CA SER K 53 32.65 -26.56 52.62
C SER K 53 33.29 -27.92 52.88
N LYS K 54 34.57 -28.05 52.53
CA LYS K 54 35.22 -29.35 52.45
C LYS K 54 35.44 -29.98 53.82
N GLU K 55 36.12 -29.30 54.72
CA GLU K 55 36.55 -29.94 55.95
C GLU K 55 35.39 -30.27 56.87
N ASN K 56 34.23 -29.67 56.64
CA ASN K 56 33.01 -30.05 57.35
C ASN K 56 32.28 -31.19 56.65
N SER K 57 32.33 -31.25 55.32
CA SER K 57 31.75 -32.36 54.59
C SER K 57 32.63 -33.60 54.65
N ALA K 58 33.94 -33.41 54.78
CA ALA K 58 34.84 -34.54 54.98
C ALA K 58 34.56 -35.22 56.32
N VAL K 59 34.42 -34.42 57.38
CA VAL K 59 34.18 -34.97 58.71
C VAL K 59 32.85 -35.71 58.76
N ALA K 60 31.87 -35.27 57.96
CA ALA K 60 30.59 -35.97 57.89
C ALA K 60 30.68 -37.22 57.04
N ALA K 61 31.48 -37.19 55.97
CA ALA K 61 31.58 -38.34 55.07
C ALA K 61 32.27 -39.51 55.74
N LYS K 62 33.24 -39.26 56.62
CA LYS K 62 33.88 -40.35 57.35
C LYS K 62 32.90 -41.08 58.26
N GLU K 63 31.82 -40.43 58.69
CA GLU K 63 30.79 -41.03 59.50
C GLU K 63 29.59 -41.54 58.70
N GLY K 64 29.50 -41.24 57.41
CA GLY K 64 28.39 -41.68 56.60
C GLY K 64 27.23 -40.71 56.61
N LEU K 65 27.52 -39.42 56.50
CA LEU K 65 26.54 -38.35 56.63
C LEU K 65 26.63 -37.41 55.43
N ALA K 66 25.49 -37.09 54.84
CA ALA K 66 25.37 -36.14 53.75
C ALA K 66 24.73 -34.85 54.25
N LEU K 67 25.07 -33.74 53.59
CA LEU K 67 24.68 -32.40 54.01
C LEU K 67 23.91 -31.69 52.92
N SER K 68 23.06 -30.74 53.33
CA SER K 68 22.27 -29.93 52.42
C SER K 68 21.88 -28.63 53.10
N SER K 69 21.52 -27.64 52.28
CA SER K 69 21.11 -26.34 52.78
C SER K 69 20.36 -25.60 51.69
N ASN K 70 19.57 -24.60 52.10
CA ASN K 70 18.75 -23.83 51.18
C ASN K 70 18.46 -22.45 51.76
N ILE K 71 18.55 -21.43 50.91
CA ILE K 71 18.21 -20.06 51.26
C ILE K 71 16.96 -19.67 50.48
N SER K 72 15.99 -19.09 51.19
CA SER K 72 14.82 -18.48 50.57
C SER K 72 14.60 -17.08 51.14
N ARG K 73 13.45 -16.47 50.85
CA ARG K 73 13.17 -15.12 51.32
C ARG K 73 12.66 -15.09 52.76
N ASP K 74 11.97 -16.16 53.20
CA ASP K 74 11.42 -16.23 54.55
C ASP K 74 12.12 -17.21 55.47
N PHE K 75 13.02 -18.06 54.97
CA PHE K 75 13.58 -19.11 55.83
C PHE K 75 14.88 -19.65 55.27
N GLN K 76 15.63 -20.32 56.15
CA GLN K 76 16.87 -21.00 55.83
C GLN K 76 16.87 -22.38 56.46
N SER K 77 17.71 -23.27 55.93
CA SER K 77 17.74 -24.67 56.33
C SER K 77 19.18 -25.17 56.40
N TYR K 78 19.42 -26.11 57.32
CA TYR K 78 20.71 -26.77 57.47
C TYR K 78 20.43 -28.21 57.89
N ILE K 79 20.56 -29.13 56.93
CA ILE K 79 20.02 -30.49 57.05
C ILE K 79 21.14 -31.52 56.98
N VAL K 80 20.94 -32.63 57.69
CA VAL K 80 21.85 -33.77 57.72
C VAL K 80 21.06 -35.03 57.42
N SER K 81 21.62 -35.90 56.59
CA SER K 81 20.97 -37.14 56.18
C SER K 81 21.85 -38.34 56.52
N SER K 82 21.22 -39.48 56.73
CA SER K 82 21.90 -40.68 57.20
C SER K 82 21.01 -41.88 56.94
N LEU K 83 21.54 -43.06 57.24
CA LEU K 83 20.74 -44.29 57.27
C LEU K 83 19.90 -44.32 58.54
N PRO K 84 18.79 -45.07 58.54
CA PRO K 84 17.83 -44.95 59.65
C PRO K 84 18.38 -45.27 61.03
N GLY K 85 19.31 -46.21 61.15
CA GLY K 85 19.90 -46.52 62.44
C GLY K 85 21.14 -45.72 62.76
N SER K 86 21.21 -44.47 62.30
CA SER K 86 22.37 -43.61 62.50
C SER K 86 21.97 -42.17 62.81
N THR K 87 20.79 -41.97 63.42
CA THR K 87 20.24 -40.63 63.58
C THR K 87 20.80 -39.90 64.78
N ASP K 88 21.30 -40.62 65.79
CA ASP K 88 21.89 -39.97 66.94
C ASP K 88 23.24 -39.36 66.59
N LYS K 89 23.97 -39.99 65.68
CA LYS K 89 25.20 -39.40 65.16
C LYS K 89 24.92 -38.15 64.33
N SER K 90 23.79 -38.11 63.62
CA SER K 90 23.40 -36.92 62.88
C SER K 90 23.19 -35.74 63.81
N LEU K 91 22.52 -35.96 64.94
CA LEU K 91 22.23 -34.87 65.87
C LEU K 91 23.52 -34.36 66.51
N ASP K 92 24.46 -35.25 66.83
CA ASP K 92 25.70 -34.82 67.44
C ASP K 92 26.49 -33.90 66.51
N PHE K 93 26.65 -34.30 65.25
CA PHE K 93 27.32 -33.46 64.27
C PHE K 93 26.65 -32.09 64.15
N LEU K 94 25.32 -32.08 64.11
CA LEU K 94 24.59 -30.82 64.05
C LEU K 94 24.81 -30.00 65.31
N ASN K 95 25.00 -30.65 66.45
CA ASN K 95 25.29 -29.93 67.69
C ASN K 95 26.69 -29.37 67.67
N GLN K 96 27.69 -30.24 67.51
CA GLN K 96 29.07 -29.79 67.63
C GLN K 96 29.39 -28.73 66.59
N SER K 97 29.37 -29.11 65.31
CA SER K 97 29.99 -28.27 64.29
C SER K 97 29.22 -26.99 63.99
N PHE K 98 27.93 -26.91 64.33
CA PHE K 98 27.09 -25.79 63.90
C PHE K 98 26.64 -24.90 65.05
N ILE K 99 25.94 -25.43 66.06
CA ILE K 99 25.31 -24.54 67.02
C ILE K 99 26.30 -24.08 68.09
N GLN K 100 27.20 -24.96 68.53
CA GLN K 100 28.14 -24.64 69.60
C GLN K 100 29.48 -24.10 69.11
N GLN K 101 30.26 -24.91 68.39
CA GLN K 101 31.54 -24.46 67.85
C GLN K 101 31.34 -24.06 66.39
N LYS K 102 31.86 -22.89 66.02
CA LYS K 102 31.99 -22.53 64.63
C LYS K 102 33.27 -21.76 64.34
N ALA K 103 34.15 -21.57 65.32
CA ALA K 103 35.44 -20.91 65.08
C ALA K 103 36.29 -21.71 64.11
N ASN K 104 36.09 -23.03 64.11
CA ASN K 104 36.71 -23.88 63.09
C ASN K 104 36.28 -23.43 61.70
N LEU K 105 34.97 -23.22 61.44
CA LEU K 105 34.38 -22.90 60.12
C LEU K 105 34.64 -21.46 59.67
N LEU K 106 34.79 -20.48 60.55
CA LEU K 106 34.99 -19.07 60.19
C LEU K 106 36.47 -18.68 60.18
N SER K 107 37.36 -19.63 59.95
CA SER K 107 38.79 -19.34 59.90
C SER K 107 39.10 -18.41 58.73
N SER K 108 40.36 -17.94 58.69
CA SER K 108 40.75 -16.96 57.70
C SER K 108 40.96 -17.58 56.33
N SER K 109 41.34 -18.86 56.27
CA SER K 109 41.57 -19.54 55.02
C SER K 109 40.28 -20.07 54.41
N ASN K 110 39.41 -20.63 55.24
CA ASN K 110 38.15 -21.18 54.74
C ASN K 110 37.20 -20.09 54.30
N PHE K 111 37.30 -18.90 54.90
CA PHE K 111 36.41 -17.80 54.56
C PHE K 111 36.75 -17.22 53.19
N GLU K 112 38.04 -17.05 52.90
CA GLU K 112 38.44 -16.51 51.61
C GLU K 112 38.13 -17.48 50.48
N ALA K 113 38.41 -18.78 50.70
CA ALA K 113 38.14 -19.77 49.67
C ALA K 113 36.65 -19.87 49.37
N THR K 114 35.82 -19.71 50.40
CA THR K 114 34.37 -19.77 50.22
C THR K 114 33.86 -18.54 49.48
N LYS K 115 34.39 -17.37 49.81
CA LYS K 115 33.98 -16.13 49.16
C LYS K 115 34.34 -16.14 47.68
N LYS K 116 35.49 -16.71 47.34
CA LYS K 116 35.91 -16.77 45.94
C LYS K 116 34.95 -17.61 45.11
N SER K 117 34.52 -18.75 45.65
CA SER K 117 33.62 -19.63 44.91
C SER K 117 32.22 -19.02 44.79
N VAL K 118 31.77 -18.32 45.82
CA VAL K 118 30.42 -17.76 45.80
C VAL K 118 30.34 -16.60 44.81
N LEU K 119 31.41 -15.80 44.73
CA LEU K 119 31.44 -14.70 43.76
C LEU K 119 31.40 -15.23 42.34
N LYS K 120 32.05 -16.37 42.09
CA LYS K 120 32.05 -16.97 40.76
C LYS K 120 30.68 -17.57 40.44
N GLN K 121 29.99 -18.10 41.45
CA GLN K 121 28.63 -18.59 41.25
C GLN K 121 27.70 -17.47 40.80
N VAL K 122 27.78 -16.32 41.47
CA VAL K 122 26.84 -15.24 41.23
C VAL K 122 27.13 -14.56 39.90
N GLN K 123 28.42 -14.38 39.57
CA GLN K 123 28.80 -13.81 38.29
C GLN K 123 28.34 -14.68 37.13
N ASP K 124 28.42 -16.00 37.29
CA ASP K 124 27.97 -16.92 36.26
C ASP K 124 26.47 -16.85 36.08
N PHE K 125 25.73 -16.69 37.19
CA PHE K 125 24.28 -16.63 37.14
C PHE K 125 23.80 -15.41 36.35
N GLU K 126 24.48 -14.28 36.52
CA GLU K 126 24.02 -13.03 35.93
C GLU K 126 24.35 -12.93 34.44
N GLU K 127 25.18 -13.83 33.90
CA GLU K 127 25.59 -13.78 32.50
C GLU K 127 24.96 -14.86 31.64
N ASN K 128 24.35 -15.91 32.22
CA ASN K 128 23.93 -17.09 31.48
C ASN K 128 22.53 -17.59 31.80
N ASP K 129 21.97 -17.31 32.97
CA ASP K 129 20.68 -17.84 33.40
C ASP K 129 19.64 -16.72 33.27
N HIS K 130 19.04 -16.62 32.09
CA HIS K 130 18.19 -15.50 31.71
C HIS K 130 16.76 -15.58 32.24
N PRO K 131 16.09 -16.74 32.21
CA PRO K 131 14.73 -16.78 32.78
C PRO K 131 14.69 -16.52 34.28
N ASN K 132 15.73 -16.88 35.02
CA ASN K 132 15.69 -16.77 36.48
C ASN K 132 16.14 -15.39 36.95
N ARG K 133 17.01 -14.71 36.20
CA ARG K 133 17.43 -13.38 36.59
C ARG K 133 16.38 -12.32 36.22
N VAL K 134 15.47 -12.64 35.30
CA VAL K 134 14.39 -11.71 34.98
C VAL K 134 13.29 -11.78 36.04
N LEU K 135 13.06 -12.98 36.60
CA LEU K 135 12.11 -13.11 37.70
C LEU K 135 12.63 -12.46 38.98
N GLU K 136 13.94 -12.49 39.21
CA GLU K 136 14.50 -11.76 40.35
C GLU K 136 14.38 -10.25 40.15
N HIS K 137 14.53 -9.79 38.92
CA HIS K 137 14.37 -8.36 38.64
C HIS K 137 12.92 -7.92 38.77
N LEU K 138 11.98 -8.82 38.50
CA LEU K 138 10.57 -8.54 38.72
C LEU K 138 10.29 -8.28 40.20
N HIS K 139 10.84 -9.10 41.08
CA HIS K 139 10.66 -8.89 42.51
C HIS K 139 11.22 -7.54 42.95
N SER K 140 12.29 -7.08 42.30
CA SER K 140 12.95 -5.87 42.74
C SER K 140 12.28 -4.59 42.24
N THR K 141 11.51 -4.64 41.16
CA THR K 141 10.73 -3.48 40.73
C THR K 141 9.35 -3.46 41.36
N ALA K 142 8.75 -4.62 41.59
CA ALA K 142 7.45 -4.69 42.23
C ALA K 142 7.47 -4.22 43.68
N PHE K 143 8.51 -4.60 44.43
CA PHE K 143 8.58 -4.33 45.86
C PHE K 143 9.74 -3.41 46.20
N GLN K 144 10.05 -2.46 45.31
CA GLN K 144 11.19 -1.57 45.48
C GLN K 144 11.12 -0.79 46.79
N ASN K 145 12.29 -0.64 47.43
CA ASN K 145 12.44 0.05 48.71
C ASN K 145 11.68 -0.65 49.82
N THR K 146 11.67 -1.99 49.79
CA THR K 146 11.07 -2.81 50.83
C THR K 146 11.93 -4.06 50.97
N PRO K 147 11.73 -4.85 52.04
CA PRO K 147 12.61 -6.01 52.25
C PRO K 147 12.40 -7.16 51.29
N LEU K 148 11.24 -7.27 50.67
CA LEU K 148 10.96 -8.35 49.73
C LEU K 148 11.52 -8.09 48.32
N SER K 149 12.38 -7.10 48.18
CA SER K 149 13.03 -6.74 46.93
C SER K 149 14.43 -7.31 46.78
N LEU K 150 15.07 -7.72 47.86
CA LEU K 150 16.47 -8.07 47.83
C LEU K 150 16.68 -9.46 47.23
N PRO K 151 17.66 -9.67 46.35
CA PRO K 151 17.86 -11.01 45.80
C PRO K 151 18.45 -11.98 46.81
N THR K 152 18.09 -13.26 46.63
CA THR K 152 18.45 -14.29 47.60
C THR K 152 19.91 -14.68 47.52
N ARG K 153 20.49 -14.68 46.32
CA ARG K 153 21.90 -14.99 46.16
C ARG K 153 22.82 -13.86 46.59
N GLY K 154 22.28 -12.65 46.73
CA GLY K 154 23.09 -11.47 46.93
C GLY K 154 23.47 -10.82 45.62
N THR K 155 24.08 -9.65 45.75
CA THR K 155 24.54 -8.86 44.63
C THR K 155 26.04 -8.78 44.63
N LEU K 156 26.63 -8.83 43.43
CA LEU K 156 28.08 -8.92 43.27
C LEU K 156 28.82 -7.76 43.91
N GLU K 157 28.18 -6.62 44.09
CA GLU K 157 28.81 -5.45 44.72
C GLU K 157 28.75 -5.52 46.24
N SER K 158 27.60 -5.86 46.80
CA SER K 158 27.46 -6.00 48.25
C SER K 158 28.20 -7.22 48.79
N LEU K 159 28.38 -8.25 47.96
CA LEU K 159 29.04 -9.48 48.37
C LEU K 159 30.55 -9.32 48.50
N GLU K 160 31.12 -8.25 47.95
CA GLU K 160 32.55 -8.07 47.96
C GLU K 160 33.07 -7.44 49.26
N ASN K 161 32.23 -6.66 49.94
CA ASN K 161 32.63 -5.94 51.15
C ASN K 161 32.22 -6.66 52.44
N LEU K 162 31.99 -7.97 52.39
CA LEU K 162 31.66 -8.74 53.58
C LEU K 162 32.92 -9.25 54.27
N VAL K 163 32.87 -9.27 55.60
CA VAL K 163 33.95 -9.82 56.43
C VAL K 163 33.34 -10.82 57.41
N VAL K 164 34.18 -11.48 58.22
CA VAL K 164 33.68 -12.45 59.18
C VAL K 164 32.77 -11.79 60.22
N ALA K 165 33.04 -10.53 60.54
CA ALA K 165 32.23 -9.83 61.53
C ALA K 165 30.77 -9.72 61.08
N ASP K 166 30.54 -9.58 59.78
CA ASP K 166 29.17 -9.54 59.28
C ASP K 166 28.47 -10.86 59.49
N LEU K 167 29.19 -11.97 59.36
CA LEU K 167 28.62 -13.29 59.61
C LEU K 167 28.27 -13.46 61.09
N GLU K 168 29.20 -13.10 61.98
CA GLU K 168 28.99 -13.29 63.41
C GLU K 168 27.86 -12.41 63.93
N SER K 169 27.76 -11.18 63.43
CA SER K 169 26.66 -10.31 63.83
C SER K 169 25.31 -10.90 63.40
N PHE K 170 25.23 -11.41 62.17
CA PHE K 170 23.97 -11.95 61.67
C PHE K 170 23.57 -13.21 62.43
N ALA K 171 24.56 -13.99 62.87
CA ALA K 171 24.27 -15.20 63.62
C ALA K 171 23.69 -14.86 64.99
N ASN K 172 24.26 -13.87 65.67
CA ASN K 172 23.80 -13.50 67.00
C ASN K 172 22.39 -12.91 67.00
N ASN K 173 21.91 -12.45 65.86
CA ASN K 173 20.62 -11.76 65.78
C ASN K 173 19.48 -12.64 65.28
N HIS K 174 19.78 -13.75 64.62
CA HIS K 174 18.76 -14.54 63.92
C HIS K 174 18.82 -16.04 64.17
N PHE K 175 19.95 -16.60 64.59
CA PHE K 175 20.06 -18.03 64.89
C PHE K 175 19.76 -18.24 66.37
N LEU K 176 18.46 -18.29 66.68
CA LEU K 176 17.96 -18.22 68.04
C LEU K 176 16.84 -19.24 68.24
N ASN K 177 16.72 -19.73 69.47
CA ASN K 177 15.76 -20.79 69.78
C ASN K 177 14.33 -20.33 69.54
N SER K 178 14.03 -19.06 69.81
CA SER K 178 12.72 -18.51 69.53
C SER K 178 12.40 -18.44 68.04
N ASN K 179 13.41 -18.55 67.18
CA ASN K 179 13.28 -18.43 65.73
C ASN K 179 13.71 -19.71 65.02
N ALA K 180 13.41 -20.88 65.59
CA ALA K 180 13.97 -22.13 65.12
C ALA K 180 12.97 -23.27 65.27
N VAL K 181 13.11 -24.25 64.38
CA VAL K 181 12.30 -25.45 64.38
C VAL K 181 13.23 -26.63 64.07
N VAL K 182 13.14 -27.70 64.85
CA VAL K 182 13.90 -28.92 64.64
C VAL K 182 12.97 -29.92 63.96
N VAL K 183 13.42 -30.49 62.84
CA VAL K 183 12.58 -31.31 61.99
C VAL K 183 13.18 -32.71 61.89
N GLY K 184 12.33 -33.63 61.44
CA GLY K 184 12.72 -35.01 61.21
C GLY K 184 11.77 -35.68 60.26
N THR K 185 12.31 -36.28 59.20
CA THR K 185 11.52 -36.89 58.15
C THR K 185 12.11 -38.25 57.81
N GLY K 186 11.31 -39.05 57.11
CA GLY K 186 11.70 -40.40 56.77
C GLY K 186 11.45 -41.40 57.89
N ASN K 187 12.31 -42.41 57.97
CA ASN K 187 12.19 -43.47 58.96
C ASN K 187 12.80 -42.99 60.27
N ILE K 188 12.01 -42.21 61.01
CA ILE K 188 12.40 -41.69 62.31
C ILE K 188 11.14 -41.50 63.14
N LYS K 189 11.16 -41.97 64.37
CA LYS K 189 10.01 -41.88 65.26
C LYS K 189 10.12 -40.64 66.14
N HIS K 190 8.96 -40.08 66.47
CA HIS K 190 8.92 -38.81 67.20
C HIS K 190 9.51 -38.95 68.60
N GLU K 191 9.23 -40.07 69.27
CA GLU K 191 9.68 -40.25 70.65
C GLU K 191 11.19 -40.36 70.73
N ASP K 192 11.78 -41.10 69.78
CA ASP K 192 13.23 -41.26 69.75
C ASP K 192 13.95 -39.92 69.54
N LEU K 193 13.42 -39.07 68.66
CA LEU K 193 14.03 -37.76 68.45
C LEU K 193 13.87 -36.88 69.68
N VAL K 194 12.70 -36.95 70.33
CA VAL K 194 12.48 -36.19 71.55
C VAL K 194 13.42 -36.68 72.65
N ASN K 195 13.56 -38.00 72.78
CA ASN K 195 14.43 -38.57 73.81
C ASN K 195 15.88 -38.20 73.57
N SER K 196 16.34 -38.24 72.31
CA SER K 196 17.72 -37.92 72.02
C SER K 196 18.04 -36.46 72.31
N ILE K 197 17.05 -35.57 72.19
CA ILE K 197 17.28 -34.15 72.42
C ILE K 197 17.38 -33.86 73.90
N GLU K 198 16.48 -34.42 74.71
CA GLU K 198 16.53 -34.17 76.15
C GLU K 198 17.69 -34.88 76.84
N SER K 199 18.24 -35.92 76.22
CA SER K 199 19.45 -36.53 76.75
C SER K 199 20.60 -35.53 76.68
N LYS K 200 20.73 -34.83 75.56
CA LYS K 200 21.52 -33.62 75.47
C LYS K 200 20.67 -32.48 76.05
N ASN K 201 21.05 -31.23 75.78
CA ASN K 201 20.22 -30.08 76.11
C ASN K 201 19.86 -29.21 74.90
N LEU K 202 20.79 -29.02 73.96
CA LEU K 202 20.47 -28.59 72.60
C LEU K 202 19.71 -27.27 72.53
N SER K 203 20.34 -26.16 72.88
CA SER K 203 19.79 -24.84 72.60
C SER K 203 20.84 -23.95 71.96
N LEU K 204 20.40 -23.20 70.94
CA LEU K 204 21.29 -22.35 70.16
C LEU K 204 21.54 -21.02 70.87
N GLN K 205 20.49 -20.22 71.03
CA GLN K 205 20.53 -18.90 71.64
C GLN K 205 19.11 -18.67 72.15
N THR K 206 18.89 -17.53 72.81
CA THR K 206 17.62 -17.36 73.51
C THR K 206 16.51 -16.85 72.57
N GLY K 207 16.65 -15.65 72.02
CA GLY K 207 15.61 -15.11 71.17
C GLY K 207 15.81 -13.62 70.91
N THR K 208 14.69 -12.90 70.90
CA THR K 208 14.59 -11.47 70.58
C THR K 208 15.35 -11.10 69.30
N LYS K 209 14.83 -11.61 68.19
CA LYS K 209 15.28 -11.13 66.88
C LYS K 209 14.72 -9.73 66.61
N PRO K 210 15.33 -8.97 65.70
CA PRO K 210 14.82 -7.62 65.44
C PRO K 210 13.51 -7.62 64.65
N VAL K 211 12.71 -6.59 64.91
CA VAL K 211 11.48 -6.32 64.16
C VAL K 211 11.84 -5.47 62.95
N LEU K 212 11.12 -5.67 61.85
CA LEU K 212 11.44 -5.01 60.59
C LEU K 212 10.58 -3.78 60.41
N LYS K 213 11.25 -2.63 60.23
CA LYS K 213 10.60 -1.33 60.26
C LYS K 213 9.53 -1.20 59.19
N LYS K 214 9.86 -1.59 57.97
CA LYS K 214 8.99 -1.41 56.82
C LYS K 214 8.25 -2.70 56.48
N LYS K 215 7.00 -2.52 56.05
CA LYS K 215 6.16 -3.60 55.55
C LYS K 215 6.25 -3.60 54.02
N ALA K 216 6.03 -4.78 53.44
CA ALA K 216 6.10 -4.94 52.00
C ALA K 216 4.91 -4.28 51.32
N ALA K 217 5.18 -3.57 50.22
CA ALA K 217 4.17 -2.89 49.43
C ALA K 217 4.45 -3.05 47.95
N PHE K 218 3.39 -3.31 47.20
CA PHE K 218 3.44 -3.47 45.76
C PHE K 218 3.36 -2.13 45.05
N LEU K 219 4.13 -1.99 43.97
CA LEU K 219 4.16 -0.78 43.15
C LEU K 219 4.25 -1.16 41.69
N GLY K 220 3.33 -0.64 40.88
CA GLY K 220 3.34 -0.88 39.45
C GLY K 220 4.44 -0.10 38.76
N SER K 221 5.22 -0.79 37.93
CA SER K 221 6.48 -0.25 37.41
C SER K 221 7.01 -1.22 36.37
N GLU K 222 8.14 -0.87 35.75
CA GLU K 222 8.82 -1.75 34.81
C GLU K 222 10.32 -1.50 34.86
N VAL K 223 11.07 -2.52 34.45
CA VAL K 223 12.52 -2.44 34.27
C VAL K 223 12.90 -3.23 33.03
N ARG K 224 13.64 -2.58 32.13
CA ARG K 224 14.01 -3.14 30.83
C ARG K 224 15.53 -3.24 30.75
N LEU K 225 16.02 -4.45 30.45
CA LEU K 225 17.46 -4.75 30.36
C LEU K 225 17.75 -5.24 28.94
N ARG K 226 18.01 -4.29 28.05
CA ARG K 226 18.06 -4.56 26.62
C ARG K 226 19.44 -5.07 26.19
N ASP K 227 19.43 -6.18 25.45
CA ASP K 227 20.66 -6.80 24.94
C ASP K 227 20.34 -7.39 23.57
N ASP K 228 20.78 -6.69 22.53
CA ASP K 228 20.44 -7.08 21.17
C ASP K 228 21.25 -8.26 20.65
N THR K 229 22.30 -8.67 21.36
CA THR K 229 23.14 -9.76 20.91
C THR K 229 22.66 -11.13 21.35
N LEU K 230 21.67 -11.22 22.21
CA LEU K 230 21.12 -12.50 22.62
C LEU K 230 20.06 -12.96 21.62
N PRO K 231 19.80 -14.26 21.48
CA PRO K 231 18.91 -14.73 20.41
C PRO K 231 17.43 -14.76 20.74
N LYS K 232 17.00 -14.34 21.92
CA LYS K 232 15.60 -14.44 22.31
C LYS K 232 15.20 -13.20 23.11
N ALA K 233 13.93 -13.18 23.50
CA ALA K 233 13.37 -12.24 24.46
C ALA K 233 12.75 -13.01 25.61
N TRP K 234 13.12 -12.65 26.83
CA TRP K 234 12.58 -13.23 28.06
C TRP K 234 11.81 -12.16 28.81
N ILE K 235 10.54 -12.44 29.15
CA ILE K 235 9.64 -11.48 29.79
C ILE K 235 8.86 -12.17 30.91
N SER K 236 8.63 -11.43 31.99
CA SER K 236 7.73 -11.85 33.06
C SER K 236 6.86 -10.67 33.51
N LEU K 237 5.61 -10.97 33.86
CA LEU K 237 4.58 -9.97 34.13
C LEU K 237 3.65 -10.48 35.23
N ALA K 238 3.31 -9.62 36.20
CA ALA K 238 2.49 -10.04 37.32
C ALA K 238 1.70 -8.89 37.94
N VAL K 239 0.71 -9.27 38.75
CA VAL K 239 -0.03 -8.37 39.64
C VAL K 239 0.23 -8.76 41.09
N GLU K 240 -0.28 -7.97 42.03
CA GLU K 240 -0.25 -8.33 43.44
C GLU K 240 -1.19 -9.51 43.71
N GLY K 241 -0.69 -10.47 44.48
CA GLY K 241 -1.40 -11.69 44.80
C GLY K 241 -1.67 -11.87 46.28
N GLU K 242 -1.77 -13.13 46.71
CA GLU K 242 -2.16 -13.52 48.05
C GLU K 242 -0.95 -13.91 48.91
N PRO K 243 -0.91 -13.58 50.20
CA PRO K 243 0.13 -14.11 51.08
C PRO K 243 -0.25 -15.47 51.63
N VAL K 244 0.69 -16.07 52.36
CA VAL K 244 0.41 -17.27 53.13
C VAL K 244 -0.54 -16.91 54.26
N ASN K 245 -1.42 -17.85 54.59
CA ASN K 245 -2.45 -17.63 55.62
C ASN K 245 -3.43 -16.56 55.17
N SER K 246 -3.96 -16.73 53.96
CA SER K 246 -5.02 -15.92 53.37
C SER K 246 -6.23 -16.80 53.09
N PRO K 247 -7.44 -16.25 53.09
CA PRO K 247 -8.60 -17.08 52.70
C PRO K 247 -8.66 -17.41 51.22
N ASN K 248 -7.97 -16.65 50.36
CA ASN K 248 -8.01 -16.83 48.93
C ASN K 248 -6.76 -17.54 48.41
N TYR K 249 -6.15 -18.39 49.24
CA TYR K 249 -4.87 -18.98 48.91
C TYR K 249 -5.00 -20.03 47.80
N PHE K 250 -6.01 -20.90 47.91
CA PHE K 250 -6.18 -21.97 46.93
C PHE K 250 -6.94 -21.49 45.70
N VAL K 251 -7.70 -20.41 45.80
CA VAL K 251 -8.46 -19.92 44.66
C VAL K 251 -7.52 -19.26 43.65
N ALA K 252 -6.44 -18.64 44.15
CA ALA K 252 -5.46 -18.04 43.26
C ALA K 252 -4.60 -19.11 42.59
N LYS K 253 -4.39 -20.23 43.27
CA LYS K 253 -3.65 -21.34 42.67
C LYS K 253 -4.45 -22.03 41.59
N LEU K 254 -5.76 -22.18 41.81
CA LEU K 254 -6.63 -22.75 40.79
C LEU K 254 -6.69 -21.87 39.55
N ALA K 255 -6.67 -20.56 39.73
CA ALA K 255 -6.78 -19.65 38.59
C ALA K 255 -5.52 -19.67 37.72
N ALA K 256 -4.36 -19.86 38.34
CA ALA K 256 -3.12 -20.01 37.58
C ALA K 256 -3.10 -21.32 36.81
N GLN K 257 -3.67 -22.38 37.39
CA GLN K 257 -3.74 -23.68 36.73
C GLN K 257 -4.68 -23.69 35.53
N ILE K 258 -5.56 -22.70 35.40
CA ILE K 258 -6.48 -22.66 34.27
C ILE K 258 -5.72 -22.37 32.99
N PHE K 259 -4.71 -21.52 33.05
CA PHE K 259 -3.90 -21.16 31.90
C PHE K 259 -2.60 -21.96 31.79
N GLY K 260 -2.06 -22.45 32.90
CA GLY K 260 -1.09 -23.52 32.88
C GLY K 260 0.27 -23.18 32.30
N SER K 261 0.90 -24.20 31.71
CA SER K 261 2.25 -24.11 31.18
C SER K 261 2.30 -24.81 29.82
N TYR K 262 3.30 -24.42 29.02
CA TYR K 262 3.36 -24.80 27.61
C TYR K 262 4.79 -25.00 27.17
N ASN K 263 5.01 -26.04 26.35
CA ASN K 263 6.24 -26.21 25.59
C ASN K 263 5.88 -26.51 24.15
N ALA K 264 6.38 -25.68 23.24
CA ALA K 264 6.02 -25.79 21.83
C ALA K 264 6.58 -27.04 21.17
N PHE K 265 7.70 -27.56 21.65
CA PHE K 265 8.38 -28.67 21.01
C PHE K 265 7.93 -30.04 21.52
N GLU K 266 7.07 -30.10 22.54
CA GLU K 266 6.53 -31.35 23.02
C GLU K 266 5.17 -31.60 22.40
N PRO K 267 4.92 -32.74 21.73
CA PRO K 267 3.64 -32.91 21.04
C PRO K 267 2.42 -32.91 21.95
N ALA K 268 2.48 -33.54 23.11
CA ALA K 268 1.31 -33.64 23.97
C ALA K 268 0.97 -32.33 24.67
N SER K 269 1.95 -31.46 24.88
CA SER K 269 1.70 -30.16 25.47
C SER K 269 0.95 -29.23 24.53
N ARG K 270 0.95 -29.50 23.23
CA ARG K 270 0.20 -28.71 22.27
C ARG K 270 -1.29 -29.04 22.24
N LEU K 271 -1.70 -30.14 22.89
CA LEU K 271 -3.08 -30.62 22.86
C LEU K 271 -3.86 -30.32 24.13
N GLN K 272 -3.31 -29.51 25.03
CA GLN K 272 -3.98 -29.21 26.28
C GLN K 272 -5.23 -28.38 26.05
N GLY K 273 -6.21 -28.55 26.94
CA GLY K 273 -7.44 -27.81 26.90
C GLY K 273 -7.33 -26.40 27.44
N ILE K 274 -6.61 -25.55 26.71
CA ILE K 274 -6.36 -24.17 27.08
C ILE K 274 -6.66 -23.31 25.86
N LYS K 275 -7.59 -22.39 26.00
CA LYS K 275 -8.08 -21.60 24.88
C LYS K 275 -7.07 -20.60 24.36
N LEU K 276 -6.08 -20.22 25.18
CA LEU K 276 -5.00 -19.36 24.70
C LEU K 276 -4.18 -20.01 23.59
N LEU K 277 -4.11 -21.35 23.57
CA LEU K 277 -3.30 -22.05 22.59
C LEU K 277 -3.89 -21.99 21.20
N ASP K 278 -5.19 -21.78 21.07
CA ASP K 278 -5.80 -21.58 19.76
C ASP K 278 -5.32 -20.30 19.10
N ASN K 279 -4.80 -19.34 19.86
CA ASN K 279 -4.33 -18.08 19.30
C ASN K 279 -2.84 -18.07 18.97
N ILE K 280 -1.98 -18.76 19.75
CA ILE K 280 -0.53 -18.61 19.55
C ILE K 280 0.00 -19.54 18.46
N GLN K 281 -0.59 -20.71 18.28
CA GLN K 281 0.01 -21.74 17.46
C GLN K 281 -0.07 -21.45 15.97
N GLU K 282 -0.94 -20.54 15.54
CA GLU K 282 -1.12 -20.30 14.11
C GLU K 282 0.03 -19.50 13.52
N TYR K 283 0.64 -18.62 14.31
CA TYR K 283 1.88 -17.94 13.93
C TYR K 283 3.05 -18.25 14.87
N GLN K 284 2.84 -18.99 15.94
CA GLN K 284 3.90 -19.49 16.81
C GLN K 284 4.71 -18.35 17.43
N LEU K 285 4.03 -17.63 18.33
CA LEU K 285 4.59 -16.43 18.93
C LEU K 285 5.48 -16.71 20.13
N CYS K 286 5.56 -17.95 20.63
CA CYS K 286 6.42 -18.26 21.76
C CYS K 286 6.90 -19.70 21.69
N ASP K 287 7.97 -19.97 22.43
CA ASP K 287 8.48 -21.32 22.65
C ASP K 287 7.92 -21.96 23.93
N ASN K 288 7.78 -21.19 25.01
CA ASN K 288 7.24 -21.73 26.25
C ASN K 288 6.70 -20.61 27.12
N PHE K 289 5.75 -20.96 28.00
CA PHE K 289 5.34 -20.08 29.08
C PHE K 289 4.94 -20.90 30.30
N ASN K 290 4.84 -20.21 31.44
CA ASN K 290 4.36 -20.81 32.68
C ASN K 290 3.72 -19.76 33.56
N HIS K 291 2.55 -20.10 34.13
CA HIS K 291 1.82 -19.24 35.05
C HIS K 291 2.15 -19.63 36.49
N PHE K 292 2.38 -18.61 37.33
CA PHE K 292 2.75 -18.81 38.73
C PHE K 292 1.80 -18.06 39.67
N SER K 293 1.73 -18.55 40.91
CA SER K 293 1.08 -17.86 42.02
C SER K 293 1.97 -18.02 43.26
N LEU K 294 2.80 -17.02 43.51
CA LEU K 294 3.77 -17.04 44.59
C LEU K 294 3.23 -16.31 45.81
N SER K 295 3.54 -16.85 46.98
CA SER K 295 2.97 -16.37 48.25
C SER K 295 4.05 -16.31 49.31
N TYR K 296 4.06 -15.22 50.07
CA TYR K 296 4.99 -14.99 51.16
C TYR K 296 4.22 -14.64 52.43
N LYS K 297 4.95 -14.23 53.46
CA LYS K 297 4.33 -13.88 54.73
C LYS K 297 3.54 -12.59 54.65
N ASP K 298 3.97 -11.65 53.80
CA ASP K 298 3.40 -10.30 53.73
C ASP K 298 2.63 -10.01 52.45
N SER K 299 2.93 -10.69 51.34
CA SER K 299 2.32 -10.34 50.05
C SER K 299 2.52 -11.49 49.09
N GLY K 300 2.25 -11.24 47.81
CA GLY K 300 2.39 -12.27 46.79
C GLY K 300 2.38 -11.69 45.40
N LEU K 301 2.52 -12.59 44.42
CA LEU K 301 2.54 -12.24 43.01
C LEU K 301 1.79 -13.30 42.21
N TRP K 302 1.13 -12.85 41.15
CA TRP K 302 0.34 -13.72 40.27
C TRP K 302 0.59 -13.28 38.84
N GLY K 303 1.00 -14.21 37.98
CA GLY K 303 1.39 -13.86 36.63
C GLY K 303 2.01 -14.96 35.79
N PHE K 304 2.82 -14.58 34.81
CA PHE K 304 3.40 -15.53 33.87
C PHE K 304 4.78 -15.07 33.41
N SER K 305 5.53 -16.02 32.85
CA SER K 305 6.83 -15.80 32.26
C SER K 305 6.89 -16.51 30.91
N THR K 306 7.66 -15.96 29.97
CA THR K 306 7.72 -16.51 28.63
C THR K 306 9.07 -16.22 27.98
N ALA K 307 9.43 -17.08 27.02
CA ALA K 307 10.60 -16.91 26.17
C ALA K 307 10.19 -17.17 24.72
N THR K 308 10.72 -16.38 23.80
CA THR K 308 10.32 -16.45 22.41
C THR K 308 11.44 -16.01 21.47
N ARG K 309 11.44 -16.58 20.26
CA ARG K 309 12.31 -16.18 19.17
C ARG K 309 11.64 -15.30 18.14
N ASN K 310 10.31 -15.15 18.19
CA ASN K 310 9.57 -14.33 17.24
C ASN K 310 9.51 -12.89 17.77
N VAL K 311 10.55 -12.12 17.43
CA VAL K 311 10.74 -10.80 18.03
C VAL K 311 9.96 -9.69 17.34
N THR K 312 9.20 -9.99 16.30
CA THR K 312 8.38 -9.01 15.60
C THR K 312 6.89 -9.11 15.95
N MET K 313 6.51 -10.01 16.85
CA MET K 313 5.12 -10.24 17.21
C MET K 313 4.96 -10.38 18.72
N ILE K 314 5.80 -9.66 19.48
CA ILE K 314 5.69 -9.67 20.94
C ILE K 314 4.37 -9.04 21.37
N ASP K 315 3.95 -7.96 20.73
CA ASP K 315 2.73 -7.26 21.12
C ASP K 315 1.48 -8.10 20.92
N ASP K 316 1.50 -9.06 20.00
CA ASP K 316 0.37 -9.97 19.86
C ASP K 316 0.35 -11.01 20.98
N LEU K 317 1.52 -11.40 21.48
CA LEU K 317 1.59 -12.38 22.55
C LEU K 317 1.07 -11.82 23.85
N ILE K 318 1.49 -10.60 24.21
CA ILE K 318 1.04 -9.98 25.46
C ILE K 318 -0.43 -9.65 25.38
N HIS K 319 -0.89 -9.19 24.22
CA HIS K 319 -2.28 -8.81 24.04
C HIS K 319 -3.22 -10.00 24.21
N PHE K 320 -2.97 -11.09 23.49
CA PHE K 320 -3.86 -12.25 23.57
C PHE K 320 -3.88 -12.88 24.95
N THR K 321 -2.76 -12.85 25.67
CA THR K 321 -2.72 -13.45 26.99
C THR K 321 -3.51 -12.65 28.01
N LEU K 322 -3.42 -11.32 27.94
CA LEU K 322 -4.13 -10.48 28.90
C LEU K 322 -5.63 -10.45 28.63
N LYS K 323 -6.06 -10.67 27.39
CA LYS K 323 -7.49 -10.76 27.11
C LYS K 323 -8.11 -12.04 27.67
N GLN K 324 -7.34 -13.11 27.74
CA GLN K 324 -7.85 -14.34 28.36
C GLN K 324 -8.04 -14.17 29.86
N TRP K 325 -7.16 -13.39 30.50
CA TRP K 325 -7.30 -13.09 31.92
C TRP K 325 -8.61 -12.37 32.21
N ASN K 326 -9.02 -11.45 31.33
CA ASN K 326 -10.27 -10.73 31.51
C ASN K 326 -11.47 -11.65 31.66
N ARG K 327 -11.46 -12.80 30.99
CA ARG K 327 -12.57 -13.73 31.05
C ARG K 327 -12.81 -14.31 32.44
N LEU K 328 -11.83 -14.25 33.34
CA LEU K 328 -12.05 -14.75 34.69
C LEU K 328 -13.07 -13.91 35.44
N THR K 329 -13.21 -12.63 35.09
CA THR K 329 -14.21 -11.77 35.67
C THR K 329 -15.57 -11.91 34.99
N ILE K 330 -15.57 -12.12 33.71
CA ILE K 330 -16.77 -12.09 32.84
C ILE K 330 -17.34 -13.41 32.33
N SER K 331 -16.58 -14.44 31.97
CA SER K 331 -17.16 -15.53 31.18
C SER K 331 -16.43 -16.86 31.37
N VAL K 332 -15.78 -17.08 32.51
CA VAL K 332 -15.16 -18.37 32.76
C VAL K 332 -16.23 -19.43 32.92
N THR K 333 -16.00 -20.60 32.31
CA THR K 333 -16.97 -21.67 32.28
C THR K 333 -16.76 -22.64 33.43
N ASP K 334 -17.68 -23.60 33.55
CA ASP K 334 -17.62 -24.63 34.57
C ASP K 334 -16.64 -25.74 34.21
N THR K 335 -16.46 -26.02 32.92
CA THR K 335 -15.51 -27.04 32.50
C THR K 335 -14.08 -26.61 32.78
N GLU K 336 -13.77 -25.34 32.58
CA GLU K 336 -12.43 -24.84 32.85
C GLU K 336 -12.10 -24.91 34.34
N VAL K 337 -13.12 -24.88 35.20
CA VAL K 337 -12.89 -24.93 36.64
C VAL K 337 -12.73 -26.36 37.12
N GLU K 338 -13.51 -27.30 36.57
CA GLU K 338 -13.39 -28.70 36.97
C GLU K 338 -12.10 -29.33 36.47
N ARG K 339 -11.55 -28.85 35.37
CA ARG K 339 -10.25 -29.32 34.90
C ARG K 339 -9.14 -28.87 35.84
N ALA K 340 -9.14 -27.58 36.21
CA ALA K 340 -8.08 -27.04 37.05
C ALA K 340 -8.13 -27.60 38.47
N LYS K 341 -9.30 -28.02 38.94
CA LYS K 341 -9.41 -28.65 40.25
C LYS K 341 -8.55 -29.91 40.33
N SER K 342 -8.74 -30.82 39.39
CA SER K 342 -8.11 -32.13 39.48
C SER K 342 -6.64 -32.09 39.08
N LEU K 343 -6.24 -31.13 38.24
CA LEU K 343 -4.83 -30.96 37.92
C LEU K 343 -4.06 -30.24 39.02
N LEU K 344 -4.72 -29.37 39.78
CA LEU K 344 -4.07 -28.77 40.94
C LEU K 344 -3.80 -29.82 42.02
N LYS K 345 -4.73 -30.76 42.19
CA LYS K 345 -4.54 -31.83 43.17
C LYS K 345 -3.38 -32.71 42.79
N LEU K 346 -3.21 -33.00 41.50
CA LEU K 346 -2.08 -33.79 41.04
C LEU K 346 -0.77 -33.04 41.22
N GLN K 347 -0.79 -31.73 41.00
CA GLN K 347 0.42 -30.92 41.17
C GLN K 347 0.93 -30.98 42.60
N LEU K 348 0.15 -30.48 43.56
CA LEU K 348 0.62 -30.45 44.93
C LEU K 348 0.61 -31.81 45.61
N GLY K 349 -0.05 -32.79 45.02
CA GLY K 349 0.10 -34.16 45.46
C GLY K 349 1.45 -34.77 45.13
N GLN K 350 2.12 -34.26 44.11
CA GLN K 350 3.47 -34.70 43.76
C GLN K 350 4.55 -33.92 44.49
N LEU K 351 4.25 -32.69 44.90
CA LEU K 351 5.19 -31.88 45.66
C LEU K 351 5.31 -32.37 47.10
N TYR K 352 4.20 -32.77 47.70
CA TYR K 352 4.16 -33.17 49.10
C TYR K 352 4.33 -34.67 49.31
N GLU K 353 4.38 -35.46 48.24
CA GLU K 353 4.56 -36.91 48.34
C GLU K 353 5.61 -37.39 47.35
N SER K 354 6.73 -36.67 47.28
CA SER K 354 7.91 -37.19 46.60
C SER K 354 8.61 -38.16 47.54
N GLY K 355 9.72 -38.73 47.10
CA GLY K 355 10.46 -39.70 47.88
C GLY K 355 11.67 -39.15 48.62
N ASN K 356 11.95 -37.86 48.46
CA ASN K 356 13.15 -37.27 49.03
C ASN K 356 12.83 -36.69 50.41
N PRO K 357 13.44 -37.20 51.50
CA PRO K 357 13.16 -36.60 52.81
C PRO K 357 13.72 -35.20 52.99
N VAL K 358 14.67 -34.77 52.15
CA VAL K 358 15.21 -33.43 52.26
C VAL K 358 14.15 -32.39 51.88
N ASN K 359 13.36 -32.67 50.85
CA ASN K 359 12.30 -31.75 50.46
C ASN K 359 11.20 -31.70 51.52
N ASP K 360 10.91 -32.84 52.14
CA ASP K 360 9.93 -32.89 53.22
C ASP K 360 10.32 -31.96 54.37
N ALA K 361 11.60 -31.97 54.74
CA ALA K 361 12.05 -31.19 55.89
C ALA K 361 11.93 -29.69 55.64
N ASN K 362 12.26 -29.24 54.42
CA ASN K 362 12.15 -27.83 54.11
C ASN K 362 10.70 -27.38 54.11
N LEU K 363 9.80 -28.19 53.54
CA LEU K 363 8.39 -27.85 53.51
C LEU K 363 7.80 -27.82 54.91
N LEU K 364 8.12 -28.82 55.73
CA LEU K 364 7.54 -28.91 57.06
C LEU K 364 7.99 -27.77 57.95
N GLY K 365 9.29 -27.48 57.95
CA GLY K 365 9.81 -26.44 58.82
C GLY K 365 9.30 -25.05 58.47
N ALA K 366 9.07 -24.80 57.19
CA ALA K 366 8.61 -23.48 56.77
C ALA K 366 7.14 -23.25 57.13
N GLU K 367 6.34 -24.30 57.07
CA GLU K 367 4.92 -24.19 57.37
C GLU K 367 4.66 -24.07 58.87
N VAL K 368 5.41 -24.82 59.69
CA VAL K 368 5.21 -24.76 61.13
C VAL K 368 5.73 -23.46 61.72
N LEU K 369 6.68 -22.80 61.06
CA LEU K 369 7.19 -21.53 61.56
C LEU K 369 6.17 -20.40 61.43
N ILE K 370 5.21 -20.51 60.52
CA ILE K 370 4.20 -19.48 60.29
C ILE K 370 2.88 -19.82 60.99
N LYS K 371 2.36 -21.01 60.75
CA LYS K 371 1.04 -21.41 61.25
C LYS K 371 1.07 -22.10 62.60
N GLY K 372 2.23 -22.52 63.09
CA GLY K 372 2.30 -23.38 64.25
C GLY K 372 1.85 -24.80 64.04
N SER K 373 1.43 -25.16 62.82
CA SER K 373 0.83 -26.45 62.55
C SER K 373 0.79 -26.66 61.05
N LYS K 374 0.74 -27.92 60.63
CA LYS K 374 0.71 -28.28 59.22
C LYS K 374 -0.68 -28.76 58.83
N LEU K 375 -1.17 -28.23 57.72
CA LEU K 375 -2.42 -28.69 57.13
C LEU K 375 -2.16 -29.93 56.30
N SER K 376 -2.88 -31.01 56.60
CA SER K 376 -2.68 -32.25 55.89
C SER K 376 -3.21 -32.13 54.47
N LEU K 377 -2.81 -33.10 53.64
CA LEU K 377 -3.19 -33.12 52.24
C LEU K 377 -4.64 -33.55 52.03
N GLY K 378 -5.20 -34.32 52.95
CA GLY K 378 -6.62 -34.65 52.87
C GLY K 378 -7.53 -33.48 53.17
N GLU K 379 -7.04 -32.50 53.94
CA GLU K 379 -7.77 -31.29 54.23
C GLU K 379 -7.70 -30.29 53.08
N ALA K 380 -6.53 -30.14 52.46
CA ALA K 380 -6.38 -29.21 51.35
C ALA K 380 -7.22 -29.59 50.16
N PHE K 381 -7.42 -30.90 49.93
CA PHE K 381 -8.24 -31.35 48.81
C PHE K 381 -9.69 -30.93 48.99
N LYS K 382 -10.21 -31.01 50.22
CA LYS K 382 -11.60 -30.65 50.46
C LYS K 382 -11.85 -29.16 50.24
N LYS K 383 -10.88 -28.31 50.55
CA LYS K 383 -11.01 -26.89 50.26
C LYS K 383 -11.04 -26.63 48.75
N ILE K 384 -10.32 -27.43 47.97
CA ILE K 384 -10.23 -27.19 46.53
C ILE K 384 -11.51 -27.64 45.84
N ASP K 385 -12.13 -28.73 46.30
CA ASP K 385 -13.35 -29.23 45.69
C ASP K 385 -14.58 -28.40 46.04
N ALA K 386 -14.47 -27.43 46.95
CA ALA K 386 -15.57 -26.58 47.37
C ALA K 386 -15.60 -25.22 46.65
N ILE K 387 -14.68 -24.98 45.73
CA ILE K 387 -14.60 -23.72 44.99
C ILE K 387 -15.59 -23.76 43.84
N THR K 388 -16.27 -22.63 43.62
CA THR K 388 -17.26 -22.47 42.57
C THR K 388 -16.82 -21.39 41.59
N VAL K 389 -17.59 -21.25 40.51
CA VAL K 389 -17.35 -20.20 39.53
C VAL K 389 -17.49 -18.82 40.16
N LYS K 390 -18.44 -18.65 41.08
CA LYS K 390 -18.67 -17.35 41.71
C LYS K 390 -17.47 -16.90 42.52
N ASP K 391 -16.79 -17.84 43.20
CA ASP K 391 -15.60 -17.50 43.97
C ASP K 391 -14.49 -16.99 43.06
N VAL K 392 -14.32 -17.61 41.89
CA VAL K 392 -13.29 -17.18 40.95
C VAL K 392 -13.59 -15.78 40.42
N LYS K 393 -14.82 -15.54 39.99
CA LYS K 393 -15.19 -14.23 39.45
C LYS K 393 -15.05 -13.13 40.50
N ALA K 394 -15.38 -13.44 41.75
CA ALA K 394 -15.22 -12.45 42.82
C ALA K 394 -13.75 -12.17 43.11
N TRP K 395 -12.90 -13.20 43.07
CA TRP K 395 -11.48 -12.98 43.27
C TRP K 395 -10.87 -12.17 42.13
N ALA K 396 -11.22 -12.49 40.89
CA ALA K 396 -10.63 -11.82 39.74
C ALA K 396 -11.09 -10.37 39.63
N GLY K 397 -12.34 -10.09 39.97
CA GLY K 397 -12.84 -8.73 39.96
C GLY K 397 -12.13 -7.81 40.94
N LYS K 398 -11.47 -8.37 41.93
CA LYS K 398 -10.76 -7.61 42.96
C LYS K 398 -9.26 -7.55 42.75
N ARG K 399 -8.66 -8.57 42.13
CA ARG K 399 -7.21 -8.69 42.02
C ARG K 399 -6.68 -8.42 40.62
N LEU K 400 -7.50 -8.56 39.58
CA LEU K 400 -7.06 -8.48 38.19
C LEU K 400 -7.66 -7.32 37.41
N TRP K 401 -8.96 -7.08 37.54
CA TRP K 401 -9.68 -6.15 36.67
C TRP K 401 -9.25 -4.71 36.94
N ASP K 402 -8.65 -4.09 35.92
CA ASP K 402 -8.13 -2.72 35.98
C ASP K 402 -7.25 -2.49 37.21
N GLN K 403 -6.19 -3.27 37.31
CA GLN K 403 -5.20 -3.16 38.38
C GLN K 403 -3.82 -2.95 37.78
N ASP K 404 -2.95 -2.34 38.57
CA ASP K 404 -1.60 -2.05 38.16
C ASP K 404 -0.76 -3.34 38.05
N ILE K 405 0.31 -3.26 37.26
CA ILE K 405 1.11 -4.41 36.90
C ILE K 405 2.59 -4.09 37.07
N ALA K 406 3.39 -5.15 37.15
CA ALA K 406 4.84 -5.07 37.14
C ALA K 406 5.37 -5.92 36.00
N ILE K 407 6.40 -5.41 35.32
CA ILE K 407 6.94 -6.01 34.11
C ILE K 407 8.46 -5.99 34.18
N ALA K 408 9.08 -7.08 33.72
CA ALA K 408 10.53 -7.13 33.54
C ALA K 408 10.85 -7.91 32.29
N GLY K 409 11.94 -7.52 31.63
CA GLY K 409 12.31 -8.14 30.37
C GLY K 409 13.78 -7.96 30.05
N THR K 410 14.31 -8.90 29.29
CA THR K 410 15.68 -8.81 28.80
C THR K 410 15.79 -9.46 27.42
N GLY K 411 16.77 -8.99 26.68
CA GLY K 411 17.08 -9.53 25.37
C GLY K 411 16.63 -8.62 24.24
N GLN K 412 15.99 -9.20 23.23
CA GLN K 412 15.50 -8.48 22.06
C GLN K 412 14.05 -8.06 22.30
N ILE K 413 13.88 -6.94 23.00
CA ILE K 413 12.58 -6.49 23.48
C ILE K 413 12.22 -5.12 22.90
N GLU K 414 12.75 -4.80 21.71
CA GLU K 414 12.31 -3.63 20.98
C GLU K 414 10.80 -3.64 20.73
N GLY K 415 10.25 -4.79 20.39
CA GLY K 415 8.83 -4.92 20.12
C GLY K 415 7.92 -4.92 21.32
N LEU K 416 8.46 -4.81 22.53
CA LEU K 416 7.64 -4.68 23.73
C LEU K 416 7.23 -3.23 23.87
N LEU K 417 5.92 -2.97 23.84
CA LEU K 417 5.42 -1.61 23.83
C LEU K 417 5.43 -1.02 25.23
N ASP K 418 5.08 0.25 25.28
CA ASP K 418 5.15 1.05 26.50
C ASP K 418 4.21 0.52 27.58
N TYR K 419 4.36 1.09 28.77
CA TYR K 419 3.62 0.63 29.94
C TYR K 419 2.11 0.78 29.76
N MET K 420 1.67 1.95 29.29
CA MET K 420 0.25 2.28 29.36
C MET K 420 -0.58 1.57 28.29
N ARG K 421 0.03 1.11 27.21
CA ARG K 421 -0.69 0.26 26.26
C ARG K 421 -0.86 -1.17 26.75
N ILE K 422 0.00 -1.60 27.67
CA ILE K 422 -0.16 -2.91 28.29
C ILE K 422 -1.12 -2.82 29.48
N ARG K 423 -1.04 -1.72 30.24
CA ARG K 423 -1.94 -1.49 31.36
C ARG K 423 -3.39 -1.38 30.92
N SER K 424 -3.63 -0.79 29.75
CA SER K 424 -4.98 -0.66 29.20
C SER K 424 -5.61 -1.99 28.82
N ASP K 425 -4.82 -3.04 28.63
CA ASP K 425 -5.37 -4.35 28.28
C ASP K 425 -5.89 -5.12 29.49
N MET K 426 -5.80 -4.55 30.69
CA MET K 426 -6.29 -5.20 31.90
C MET K 426 -7.80 -5.03 32.10
N SER K 427 -8.44 -4.19 31.29
CA SER K 427 -9.90 -4.14 31.20
C SER K 427 -10.27 -4.20 29.74
N MET K 428 -11.44 -4.77 29.41
CA MET K 428 -11.94 -5.05 28.02
C MET K 428 -12.61 -3.89 27.32
N MET K 429 -13.24 -3.00 27.98
CA MET K 429 -13.98 -1.92 27.33
C MET K 429 -15.10 -2.50 26.46
N ARG K 430 -15.52 -3.70 26.64
CA ARG K 430 -16.68 -4.33 25.99
C ARG K 430 -17.40 -5.03 27.16
N TRP K 431 -17.56 -4.34 28.29
CA TRP K 431 -18.34 -4.81 29.44
C TRP K 431 -18.41 -3.72 30.49
N LEU L 1 4.99 -62.93 31.29
CA LEU L 1 4.38 -61.68 31.74
C LEU L 1 4.48 -61.56 33.25
N THR L 2 5.39 -60.70 33.70
CA THR L 2 5.74 -60.59 35.11
C THR L 2 5.19 -59.28 35.69
N VAL L 3 4.46 -59.40 36.79
CA VAL L 3 3.74 -58.31 37.43
C VAL L 3 4.21 -58.17 38.87
N SER L 4 4.17 -56.96 39.39
CA SER L 4 4.68 -56.68 40.73
C SER L 4 4.18 -55.31 41.16
N ALA L 5 3.96 -55.14 42.47
CA ALA L 5 3.47 -53.86 42.98
C ALA L 5 3.68 -53.78 44.48
N ARG L 6 3.79 -52.53 44.95
CA ARG L 6 3.87 -52.21 46.38
C ARG L 6 2.83 -51.16 46.72
N ASP L 7 2.10 -51.38 47.81
CA ASP L 7 1.04 -50.49 48.25
C ASP L 7 1.59 -49.38 49.15
N ALA L 8 0.75 -48.38 49.40
CA ALA L 8 1.07 -47.31 50.33
C ALA L 8 -0.22 -46.59 50.69
N PRO L 9 -0.21 -45.73 51.72
CA PRO L 9 -1.41 -44.93 52.03
C PRO L 9 -1.46 -43.58 51.33
N THR L 10 -0.68 -43.40 50.28
CA THR L 10 -0.55 -42.12 49.60
C THR L 10 -1.78 -41.82 48.74
N LYS L 11 -1.74 -40.69 48.05
CA LYS L 11 -2.80 -40.27 47.11
C LYS L 11 -2.48 -40.58 45.66
N ILE L 12 -1.20 -40.55 45.26
CA ILE L 12 -0.79 -40.67 43.87
C ILE L 12 -0.26 -42.07 43.63
N SER L 13 -0.64 -42.65 42.49
CA SER L 13 -0.12 -43.93 42.02
C SER L 13 0.72 -43.72 40.77
N THR L 14 1.49 -44.76 40.43
CA THR L 14 2.36 -44.76 39.28
C THR L 14 2.41 -46.16 38.69
N LEU L 15 2.35 -46.24 37.36
CA LEU L 15 2.34 -47.50 36.64
C LEU L 15 3.34 -47.41 35.49
N ALA L 16 4.08 -48.50 35.27
CA ALA L 16 5.16 -48.52 34.30
C ALA L 16 5.20 -49.86 33.58
N VAL L 17 5.43 -49.80 32.27
CA VAL L 17 5.67 -50.98 31.44
C VAL L 17 7.06 -50.84 30.84
N LYS L 18 7.91 -51.84 31.08
CA LYS L 18 9.30 -51.83 30.65
C LYS L 18 9.53 -52.91 29.61
N VAL L 19 10.22 -52.54 28.53
CA VAL L 19 10.43 -53.41 27.37
C VAL L 19 11.91 -53.40 27.03
N HIS L 20 12.48 -54.57 26.81
CA HIS L 20 13.86 -54.70 26.33
C HIS L 20 13.88 -54.35 24.84
N GLY L 21 13.86 -53.04 24.57
CA GLY L 21 13.78 -52.52 23.22
C GLY L 21 14.61 -51.27 23.01
N GLY L 22 15.64 -51.09 23.81
CA GLY L 22 16.50 -49.95 23.68
C GLY L 22 17.46 -50.04 22.51
N SER L 23 18.40 -49.09 22.50
CA SER L 23 19.31 -48.92 21.37
C SER L 23 20.17 -50.15 21.11
N ARG L 24 20.52 -50.90 22.15
CA ARG L 24 21.38 -52.06 21.97
C ARG L 24 20.70 -53.22 21.25
N TYR L 25 19.39 -53.13 20.99
CA TYR L 25 18.66 -54.12 20.20
C TYR L 25 18.19 -53.57 18.86
N ALA L 26 18.70 -52.41 18.44
CA ALA L 26 18.18 -51.72 17.26
C ALA L 26 18.72 -52.33 15.97
N THR L 27 17.81 -52.56 15.02
CA THR L 27 18.17 -53.12 13.72
C THR L 27 18.93 -52.10 12.88
N LYS L 28 18.46 -50.85 12.87
CA LYS L 28 19.10 -49.76 12.17
C LYS L 28 19.34 -48.62 13.16
N ASP L 29 20.21 -47.71 12.76
CA ASP L 29 20.62 -46.60 13.62
C ASP L 29 19.45 -45.65 13.79
N GLY L 30 18.81 -45.73 14.95
CA GLY L 30 17.79 -44.78 15.35
C GLY L 30 16.36 -45.25 15.29
N VAL L 31 16.13 -46.54 15.09
CA VAL L 31 14.75 -47.02 14.96
C VAL L 31 14.06 -47.13 16.32
N ALA L 32 14.82 -47.24 17.41
CA ALA L 32 14.23 -47.28 18.74
C ALA L 32 13.91 -45.88 19.25
N HIS L 33 14.66 -44.88 18.81
CA HIS L 33 14.34 -43.49 19.13
C HIS L 33 13.06 -43.05 18.45
N LEU L 34 12.84 -43.46 17.20
CA LEU L 34 11.64 -43.05 16.51
C LEU L 34 10.40 -43.74 17.08
N LEU L 35 10.47 -45.06 17.30
CA LEU L 35 9.39 -45.78 17.97
C LEU L 35 9.04 -45.16 19.33
N ASN L 36 10.04 -44.66 20.05
CA ASN L 36 9.80 -43.97 21.31
C ASN L 36 8.90 -42.76 21.12
N ARG L 37 9.00 -42.07 19.97
CA ARG L 37 8.18 -40.91 19.69
C ARG L 37 6.87 -41.23 18.99
N PHE L 38 6.62 -42.47 18.59
CA PHE L 38 5.32 -42.84 18.01
C PHE L 38 4.27 -43.17 19.06
N ASN L 39 4.67 -43.64 20.23
CA ASN L 39 3.68 -44.08 21.20
C ASN L 39 3.04 -42.89 21.90
N PHE L 40 1.74 -43.05 22.20
CA PHE L 40 0.81 -42.00 22.59
C PHE L 40 0.47 -41.07 21.42
N GLN L 41 0.56 -41.58 20.19
CA GLN L 41 -0.09 -40.98 19.03
C GLN L 41 -1.43 -41.66 18.84
N ASN L 42 -2.06 -41.47 17.69
CA ASN L 42 -3.38 -42.01 17.44
C ASN L 42 -3.39 -43.53 17.51
N THR L 43 -4.45 -44.06 18.09
CA THR L 43 -4.74 -45.48 18.17
C THR L 43 -5.85 -45.80 17.17
N ASN L 44 -6.01 -47.08 16.86
CA ASN L 44 -7.07 -47.51 15.95
C ASN L 44 -8.45 -47.15 16.48
N THR L 45 -8.61 -47.02 17.80
CA THR L 45 -9.92 -46.80 18.42
C THR L 45 -10.12 -45.39 18.95
N ARG L 46 -9.05 -44.67 19.31
CA ARG L 46 -9.18 -43.30 19.77
C ARG L 46 -7.98 -42.48 19.32
N SER L 47 -8.17 -41.17 19.28
CA SER L 47 -7.16 -40.25 18.82
C SER L 47 -6.24 -39.81 19.95
N ALA L 48 -5.12 -39.20 19.57
CA ALA L 48 -4.18 -38.65 20.54
C ALA L 48 -4.73 -37.42 21.25
N LEU L 49 -5.67 -36.71 20.64
CA LEU L 49 -6.27 -35.54 21.26
C LEU L 49 -7.23 -35.95 22.37
N LYS L 50 -8.08 -36.95 22.10
CA LYS L 50 -9.06 -37.38 23.09
C LYS L 50 -8.40 -37.99 24.31
N LEU L 51 -7.28 -38.68 24.15
CA LEU L 51 -6.57 -39.24 25.29
C LEU L 51 -6.07 -38.14 26.23
N VAL L 52 -5.53 -37.05 25.67
CA VAL L 52 -5.03 -35.96 26.48
C VAL L 52 -6.19 -35.27 27.21
N ARG L 53 -7.33 -35.12 26.54
CA ARG L 53 -8.45 -34.41 27.13
C ARG L 53 -9.16 -35.24 28.18
N GLU L 54 -9.33 -36.54 27.93
CA GLU L 54 -10.00 -37.42 28.88
C GLU L 54 -9.19 -37.57 30.17
N SER L 55 -7.88 -37.80 30.04
CA SER L 55 -7.06 -38.03 31.22
C SER L 55 -6.85 -36.76 32.04
N GLU L 56 -6.89 -35.60 31.39
CA GLU L 56 -6.78 -34.34 32.13
C GLU L 56 -7.94 -34.16 33.09
N LEU L 57 -9.13 -34.56 32.68
CA LEU L 57 -10.30 -34.43 33.54
C LEU L 57 -10.30 -35.45 34.66
N LEU L 58 -9.62 -36.58 34.48
CA LEU L 58 -9.42 -37.56 35.54
C LEU L 58 -8.20 -37.29 36.41
N GLY L 59 -7.31 -36.38 35.98
CA GLY L 59 -6.09 -36.12 36.70
C GLY L 59 -4.96 -37.10 36.44
N GLY L 60 -4.44 -37.13 35.21
CA GLY L 60 -3.31 -37.98 34.90
C GLY L 60 -2.58 -37.54 33.66
N THR L 61 -1.34 -38.02 33.54
CA THR L 61 -0.45 -37.69 32.42
C THR L 61 0.27 -38.95 31.98
N PHE L 62 0.91 -38.86 30.81
CA PHE L 62 1.62 -39.97 30.19
C PHE L 62 3.02 -39.53 29.79
N LYS L 63 3.92 -40.50 29.64
CA LYS L 63 5.32 -40.23 29.33
C LYS L 63 5.98 -41.52 28.84
N SER L 64 6.94 -41.36 27.92
CA SER L 64 7.73 -42.47 27.38
C SER L 64 9.19 -42.08 27.35
N THR L 65 10.06 -43.01 27.74
CA THR L 65 11.50 -42.79 27.81
C THR L 65 12.27 -43.92 27.16
N LEU L 66 13.49 -43.58 26.72
CA LEU L 66 14.40 -44.49 26.04
C LEU L 66 15.74 -44.49 26.75
N ASP L 67 16.35 -45.67 26.87
CA ASP L 67 17.76 -45.77 27.22
C ASP L 67 18.35 -46.93 26.43
N ARG L 68 19.62 -47.24 26.70
CA ARG L 68 20.35 -48.24 25.92
C ARG L 68 19.81 -49.66 26.08
N GLU L 69 18.99 -49.93 27.10
CA GLU L 69 18.43 -51.26 27.31
C GLU L 69 16.91 -51.28 27.32
N TYR L 70 16.27 -50.19 27.78
CA TYR L 70 14.84 -50.16 28.02
C TYR L 70 14.13 -49.07 27.21
N ILE L 71 12.91 -49.38 26.79
CA ILE L 71 11.86 -48.40 26.52
C ILE L 71 10.84 -48.54 27.64
N THR L 72 10.55 -47.44 28.32
CA THR L 72 9.61 -47.43 29.45
C THR L 72 8.43 -46.53 29.17
N LEU L 73 7.23 -47.08 29.30
CA LEU L 73 5.96 -46.35 29.18
C LEU L 73 5.39 -46.16 30.57
N LYS L 74 5.16 -44.90 30.96
CA LYS L 74 4.81 -44.54 32.33
C LYS L 74 3.54 -43.70 32.38
N ALA L 75 2.74 -43.95 33.41
CA ALA L 75 1.56 -43.15 33.73
C ALA L 75 1.57 -42.76 35.20
N THR L 76 1.11 -41.53 35.46
CA THR L 76 0.97 -40.99 36.81
C THR L 76 -0.44 -40.44 36.97
N PHE L 77 -1.11 -40.81 38.07
CA PHE L 77 -2.54 -40.57 38.17
C PHE L 77 -2.99 -40.63 39.63
N LEU L 78 -4.25 -40.28 39.86
CA LEU L 78 -4.87 -40.40 41.17
C LEU L 78 -5.33 -41.82 41.42
N LYS L 79 -5.20 -42.26 42.68
CA LYS L 79 -5.17 -43.68 43.04
C LYS L 79 -6.37 -44.48 42.53
N ASP L 80 -7.57 -43.92 42.59
CA ASP L 80 -8.77 -44.71 42.31
C ASP L 80 -8.93 -45.10 40.85
N ASP L 81 -8.33 -44.36 39.92
CA ASP L 81 -8.57 -44.56 38.49
C ASP L 81 -7.59 -45.55 37.89
N LEU L 82 -7.48 -46.74 38.50
CA LEU L 82 -6.51 -47.72 38.01
C LEU L 82 -6.92 -48.36 36.69
N PRO L 83 -8.13 -48.90 36.52
CA PRO L 83 -8.39 -49.67 35.29
C PRO L 83 -8.40 -48.85 34.02
N TYR L 84 -8.52 -47.52 34.10
CA TYR L 84 -8.47 -46.70 32.89
C TYR L 84 -7.07 -46.70 32.30
N TYR L 85 -6.05 -46.55 33.14
CA TYR L 85 -4.68 -46.41 32.66
C TYR L 85 -4.06 -47.76 32.31
N VAL L 86 -4.57 -48.86 32.85
CA VAL L 86 -4.13 -50.18 32.43
C VAL L 86 -4.57 -50.45 31.00
N ASN L 87 -5.79 -50.06 30.66
CA ASN L 87 -6.31 -50.30 29.32
C ASN L 87 -5.68 -49.36 28.30
N ALA L 88 -5.24 -48.18 28.74
CA ALA L 88 -4.66 -47.22 27.81
C ALA L 88 -3.26 -47.64 27.38
N LEU L 89 -2.42 -48.07 28.31
CA LEU L 89 -1.09 -48.54 27.96
C LEU L 89 -1.14 -49.81 27.14
N ALA L 90 -2.16 -50.65 27.35
CA ALA L 90 -2.28 -51.89 26.59
C ALA L 90 -2.57 -51.61 25.12
N ASP L 91 -3.44 -50.63 24.84
CA ASP L 91 -3.77 -50.33 23.46
C ASP L 91 -2.61 -49.67 22.73
N VAL L 92 -1.74 -48.97 23.45
CA VAL L 92 -0.55 -48.40 22.84
C VAL L 92 0.38 -49.50 22.35
N LEU L 93 0.55 -50.56 23.15
CA LEU L 93 1.40 -51.67 22.76
C LEU L 93 0.77 -52.57 21.72
N TYR L 94 -0.56 -52.49 21.54
CA TYR L 94 -1.30 -53.42 20.71
C TYR L 94 -1.65 -52.87 19.34
N LYS L 95 -2.23 -51.67 19.26
CA LYS L 95 -2.89 -51.19 18.05
C LYS L 95 -2.62 -49.71 17.79
N THR L 96 -1.36 -49.30 17.90
CA THR L 96 -0.97 -47.99 17.39
C THR L 96 -1.12 -47.96 15.87
N ALA L 97 -1.51 -46.81 15.35
CA ALA L 97 -1.98 -46.71 13.97
C ALA L 97 -0.84 -46.68 12.95
N PHE L 98 0.21 -45.89 13.22
CA PHE L 98 1.37 -45.78 12.33
C PHE L 98 0.98 -45.24 10.95
N LYS L 99 0.44 -43.99 10.94
CA LYS L 99 0.02 -43.34 9.71
C LYS L 99 1.16 -42.48 9.15
N PRO L 100 1.26 -42.31 7.82
CA PRO L 100 2.41 -41.58 7.28
C PRO L 100 2.45 -40.10 7.63
N HIS L 101 1.30 -39.44 7.77
CA HIS L 101 1.34 -38.01 8.08
C HIS L 101 1.73 -37.72 9.52
N GLU L 102 1.62 -38.70 10.41
CA GLU L 102 2.13 -38.53 11.76
C GLU L 102 3.65 -38.52 11.78
N LEU L 103 4.26 -39.41 11.00
CA LEU L 103 5.71 -39.40 10.85
C LEU L 103 6.22 -38.05 10.32
N THR L 104 5.54 -37.49 9.33
CA THR L 104 6.02 -36.26 8.70
C THR L 104 5.78 -35.04 9.58
N GLU L 105 4.63 -34.97 10.25
CA GLU L 105 4.22 -33.77 10.96
C GLU L 105 4.64 -33.73 12.42
N SER L 106 4.68 -34.87 13.11
CA SER L 106 4.90 -34.92 14.54
C SER L 106 6.19 -35.60 14.94
N VAL L 107 6.47 -36.79 14.42
CA VAL L 107 7.52 -37.63 14.98
C VAL L 107 8.90 -37.15 14.55
N LEU L 108 9.09 -36.89 13.26
CA LEU L 108 10.40 -36.51 12.76
C LEU L 108 10.84 -35.13 13.23
N PRO L 109 9.97 -34.12 13.27
CA PRO L 109 10.40 -32.83 13.85
C PRO L 109 10.76 -32.91 15.32
N ALA L 110 10.19 -33.85 16.07
CA ALA L 110 10.53 -34.02 17.47
C ALA L 110 11.87 -34.71 17.64
N ALA L 111 12.13 -35.74 16.83
CA ALA L 111 13.42 -36.41 16.85
C ALA L 111 14.53 -35.46 16.38
N ARG L 112 14.24 -34.60 15.42
CA ARG L 112 15.20 -33.59 15.00
C ARG L 112 15.55 -32.65 16.15
N TYR L 113 14.57 -32.32 16.98
CA TYR L 113 14.82 -31.41 18.10
C TYR L 113 15.68 -32.08 19.16
N ASP L 114 15.39 -33.34 19.48
CA ASP L 114 16.18 -34.09 20.46
C ASP L 114 17.65 -34.16 20.05
N TYR L 115 17.91 -34.46 18.78
CA TYR L 115 19.29 -34.57 18.31
C TYR L 115 20.01 -33.22 18.36
N ALA L 116 19.36 -32.17 17.86
CA ALA L 116 19.99 -30.86 17.82
C ALA L 116 20.31 -30.32 19.20
N VAL L 117 19.51 -30.68 20.20
CA VAL L 117 19.78 -30.27 21.58
C VAL L 117 21.00 -31.02 22.11
N ALA L 118 21.09 -32.32 21.81
CA ALA L 118 22.14 -33.14 22.40
C ALA L 118 23.51 -32.86 21.79
N GLU L 119 23.56 -32.52 20.50
CA GLU L 119 24.84 -32.31 19.83
C GLU L 119 25.47 -30.96 20.13
N GLN L 120 24.87 -30.15 21.01
CA GLN L 120 25.51 -28.96 21.53
C GLN L 120 26.21 -29.19 22.87
N CYS L 121 26.17 -30.41 23.40
CA CYS L 121 26.79 -30.76 24.67
C CYS L 121 28.04 -31.61 24.43
N PRO L 122 29.25 -31.15 24.75
CA PRO L 122 30.44 -31.99 24.47
C PRO L 122 30.60 -33.17 25.40
N VAL L 123 30.02 -33.16 26.61
CA VAL L 123 30.14 -34.31 27.50
C VAL L 123 29.34 -35.49 26.97
N LYS L 124 28.17 -35.21 26.39
CA LYS L 124 27.36 -36.28 25.82
C LYS L 124 27.99 -36.83 24.55
N SER L 125 28.74 -36.01 23.82
CA SER L 125 29.47 -36.50 22.66
C SER L 125 30.60 -37.44 23.07
N ALA L 126 31.35 -37.07 24.11
CA ALA L 126 32.41 -37.94 24.62
C ALA L 126 31.86 -39.28 25.11
N GLU L 127 30.63 -39.29 25.62
CA GLU L 127 30.07 -40.51 26.18
C GLU L 127 29.70 -41.51 25.08
N ASP L 128 29.09 -41.03 23.99
CA ASP L 128 28.81 -41.91 22.86
C ASP L 128 30.08 -42.48 22.25
N GLN L 129 31.15 -41.69 22.20
CA GLN L 129 32.39 -42.18 21.61
C GLN L 129 33.00 -43.30 22.46
N LEU L 130 33.00 -43.15 23.78
CA LEU L 130 33.52 -44.20 24.64
C LEU L 130 32.71 -45.47 24.51
N TYR L 131 31.41 -45.35 24.33
CA TYR L 131 30.57 -46.52 24.08
C TYR L 131 30.83 -47.13 22.71
N ALA L 132 31.31 -46.32 21.76
CA ALA L 132 31.50 -46.81 20.40
C ALA L 132 32.84 -47.50 20.21
N ILE L 133 33.88 -47.07 20.93
CA ILE L 133 35.18 -47.70 20.82
C ILE L 133 35.37 -48.84 21.81
N THR L 134 34.69 -48.80 22.96
CA THR L 134 34.79 -49.87 23.95
C THR L 134 33.97 -51.08 23.53
N PHE L 135 32.69 -50.89 23.30
CA PHE L 135 31.83 -51.85 22.63
C PHE L 135 31.57 -51.31 21.23
N ARG L 136 31.20 -52.20 20.32
CA ARG L 136 31.09 -51.82 18.90
C ARG L 136 29.67 -51.81 18.36
N LYS L 137 28.92 -52.90 18.48
CA LYS L 137 27.64 -53.05 17.80
C LYS L 137 26.46 -53.44 18.69
N GLY L 138 26.68 -53.58 19.99
CA GLY L 138 25.60 -53.75 20.94
C GLY L 138 25.38 -52.50 21.75
N LEU L 139 25.98 -52.45 22.94
CA LEU L 139 25.96 -51.26 23.78
C LEU L 139 26.53 -50.03 23.08
N GLY L 140 27.34 -50.20 22.04
CA GLY L 140 27.92 -49.10 21.31
C GLY L 140 27.12 -48.54 20.16
N ASN L 141 25.93 -49.07 19.90
CA ASN L 141 25.08 -48.50 18.86
C ASN L 141 24.69 -47.06 19.23
N PRO L 142 24.37 -46.22 18.25
CA PRO L 142 23.94 -44.86 18.57
C PRO L 142 22.60 -44.85 19.28
N LEU L 143 22.38 -43.82 20.08
CA LEU L 143 21.15 -43.63 20.82
C LEU L 143 20.09 -42.91 19.99
N LEU L 144 20.44 -41.77 19.40
CA LEU L 144 19.50 -40.92 18.69
C LEU L 144 19.67 -41.03 17.18
N TYR L 145 18.59 -40.73 16.47
CA TYR L 145 18.54 -40.74 15.02
C TYR L 145 19.09 -39.44 14.45
N ASP L 146 20.04 -39.57 13.51
CA ASP L 146 20.68 -38.42 12.87
C ASP L 146 20.53 -38.41 11.36
N GLY L 147 20.10 -39.52 10.73
CA GLY L 147 19.81 -39.55 9.32
C GLY L 147 20.89 -40.13 8.42
N VAL L 148 22.02 -40.58 8.96
CA VAL L 148 23.04 -41.20 8.12
C VAL L 148 22.59 -42.54 7.57
N GLU L 149 21.59 -43.16 8.19
CA GLU L 149 20.98 -44.39 7.70
C GLU L 149 19.48 -44.17 7.63
N ARG L 150 18.92 -44.22 6.44
CA ARG L 150 17.49 -43.95 6.18
C ARG L 150 16.52 -44.98 6.77
N VAL L 151 15.65 -44.62 7.66
CA VAL L 151 14.68 -45.44 8.40
C VAL L 151 13.29 -45.12 7.88
N SER L 152 12.62 -46.13 7.33
CA SER L 152 11.29 -45.99 6.77
C SER L 152 10.23 -46.41 7.79
N LEU L 153 8.97 -46.26 7.38
CA LEU L 153 7.86 -46.53 8.28
C LEU L 153 7.67 -48.02 8.51
N GLN L 154 7.94 -48.84 7.50
CA GLN L 154 7.85 -50.29 7.66
C GLN L 154 8.97 -50.82 8.55
N ASP L 155 10.12 -50.16 8.55
CA ASP L 155 11.20 -50.54 9.46
C ASP L 155 10.78 -50.33 10.91
N ILE L 156 10.13 -49.21 11.18
CA ILE L 156 9.62 -48.93 12.53
C ILE L 156 8.55 -49.94 12.91
N LYS L 157 7.64 -50.21 11.97
CA LYS L 157 6.55 -51.13 12.24
C LYS L 157 7.03 -52.57 12.44
N ASP L 158 8.17 -52.93 11.86
CA ASP L 158 8.72 -54.25 12.04
C ASP L 158 9.47 -54.38 13.36
N PHE L 159 10.06 -53.27 13.82
CA PHE L 159 10.73 -53.26 15.11
C PHE L 159 9.74 -53.39 16.25
N ALA L 160 8.59 -52.71 16.15
CA ALA L 160 7.57 -52.79 17.18
C ALA L 160 7.07 -54.22 17.35
N ASP L 161 6.86 -54.93 16.24
CA ASP L 161 6.44 -56.32 16.32
C ASP L 161 7.51 -57.21 16.95
N LYS L 162 8.78 -56.79 16.89
CA LYS L 162 9.87 -57.59 17.42
C LYS L 162 9.96 -57.47 18.95
N VAL L 163 9.82 -56.26 19.48
CA VAL L 163 10.09 -56.00 20.89
C VAL L 163 8.84 -55.99 21.77
N TYR L 164 7.66 -55.76 21.20
CA TYR L 164 6.41 -55.78 21.97
C TYR L 164 5.81 -57.18 21.97
N THR L 165 6.45 -58.03 22.75
CA THR L 165 6.09 -59.44 22.88
C THR L 165 6.06 -59.83 24.34
N LYS L 166 5.06 -60.64 24.68
CA LYS L 166 4.67 -60.90 26.07
C LYS L 166 5.81 -61.38 26.96
N GLU L 167 6.82 -62.07 26.42
CA GLU L 167 7.94 -62.54 27.22
C GLU L 167 9.09 -61.54 27.31
N ASN L 168 8.88 -60.31 26.84
CA ASN L 168 9.88 -59.25 26.86
C ASN L 168 9.46 -58.07 27.73
N LEU L 169 8.47 -58.26 28.59
CA LEU L 169 7.80 -57.18 29.30
C LEU L 169 7.97 -57.30 30.80
N GLU L 170 7.87 -56.15 31.48
CA GLU L 170 7.75 -56.08 32.93
C GLU L 170 6.73 -55.01 33.29
N VAL L 171 5.72 -55.39 34.06
CA VAL L 171 4.72 -54.47 34.60
C VAL L 171 5.01 -54.24 36.07
N SER L 172 5.03 -52.98 36.49
CA SER L 172 5.38 -52.59 37.85
C SER L 172 4.51 -51.44 38.30
N GLY L 173 4.11 -51.47 39.57
CA GLY L 173 3.29 -50.43 40.15
C GLY L 173 3.81 -49.96 41.49
N GLU L 174 3.72 -48.64 41.70
CA GLU L 174 4.01 -48.02 42.99
C GLU L 174 2.72 -47.50 43.60
N ASN L 175 2.45 -47.88 44.85
CA ASN L 175 1.21 -47.55 45.53
C ASN L 175 0.01 -48.10 44.75
N VAL L 176 0.00 -49.41 44.57
CA VAL L 176 -1.03 -50.10 43.81
C VAL L 176 -1.28 -51.45 44.49
N VAL L 177 -2.56 -51.83 44.57
CA VAL L 177 -2.92 -53.12 45.14
C VAL L 177 -2.55 -54.21 44.14
N GLU L 178 -1.57 -55.03 44.47
CA GLU L 178 -1.04 -56.01 43.52
C GLU L 178 -2.09 -57.04 43.11
N ALA L 179 -2.99 -57.41 44.02
CA ALA L 179 -4.02 -58.38 43.67
C ALA L 179 -5.00 -57.83 42.64
N ASP L 180 -5.20 -56.51 42.62
CA ASP L 180 -6.10 -55.89 41.67
C ASP L 180 -5.40 -55.57 40.35
N LEU L 181 -4.12 -55.23 40.40
CA LEU L 181 -3.34 -55.03 39.18
C LEU L 181 -3.26 -56.32 38.36
N LYS L 182 -3.05 -57.46 39.02
CA LYS L 182 -3.00 -58.73 38.31
C LYS L 182 -4.34 -59.05 37.65
N ARG L 183 -5.44 -58.69 38.30
CA ARG L 183 -6.76 -58.96 37.73
C ARG L 183 -7.03 -58.09 36.51
N PHE L 184 -6.68 -56.81 36.59
CA PHE L 184 -6.91 -55.92 35.45
C PHE L 184 -5.99 -56.23 34.29
N VAL L 185 -4.79 -56.77 34.55
CA VAL L 185 -3.84 -57.04 33.48
C VAL L 185 -4.27 -58.28 32.68
N ASP L 186 -4.75 -59.31 33.37
CA ASP L 186 -5.16 -60.52 32.67
C ASP L 186 -6.39 -60.31 31.79
N GLU L 187 -7.24 -59.34 32.13
CA GLU L 187 -8.43 -59.02 31.35
C GLU L 187 -8.20 -57.91 30.32
N SER L 188 -6.96 -57.42 30.19
CA SER L 188 -6.62 -56.39 29.24
C SER L 188 -6.09 -57.02 27.95
N LEU L 189 -5.77 -56.16 26.99
CA LEU L 189 -5.33 -56.62 25.69
C LEU L 189 -3.87 -57.02 25.64
N LEU L 190 -3.06 -56.62 26.63
CA LEU L 190 -1.67 -57.03 26.65
C LEU L 190 -1.50 -58.48 27.12
N SER L 191 -2.59 -59.16 27.48
CA SER L 191 -2.61 -60.60 27.63
C SER L 191 -2.85 -61.32 26.30
N THR L 192 -3.15 -60.58 25.23
CA THR L 192 -3.41 -61.12 23.90
C THR L 192 -2.23 -60.88 22.95
N LEU L 193 -1.21 -60.14 23.38
CA LEU L 193 -0.02 -59.93 22.56
C LEU L 193 0.59 -61.26 22.13
N PRO L 194 1.35 -61.28 21.03
CA PRO L 194 2.00 -62.53 20.61
C PRO L 194 3.14 -62.89 21.55
N ALA L 195 3.18 -64.16 21.93
CA ALA L 195 4.25 -64.70 22.76
C ALA L 195 5.46 -64.95 21.86
N GLY L 196 6.47 -64.10 22.00
CA GLY L 196 7.70 -64.24 21.25
C GLY L 196 8.80 -64.86 22.08
N LYS L 197 9.85 -64.08 22.35
CA LYS L 197 10.90 -64.52 23.26
C LYS L 197 11.60 -63.29 23.82
N SER L 198 12.34 -63.50 24.90
CA SER L 198 13.15 -62.45 25.47
C SER L 198 14.43 -62.28 24.68
N LEU L 199 14.91 -61.04 24.61
CA LEU L 199 16.09 -60.69 23.83
C LEU L 199 17.35 -60.50 24.68
N VAL L 200 17.25 -60.66 26.00
CA VAL L 200 18.45 -60.52 26.84
C VAL L 200 19.39 -61.69 26.56
N SER L 201 20.66 -61.37 26.36
CA SER L 201 21.70 -62.38 26.23
C SER L 201 22.32 -62.64 27.59
N LYS L 202 22.51 -63.91 27.89
CA LYS L 202 23.16 -64.34 29.12
C LYS L 202 24.64 -64.68 28.90
N SER L 203 25.14 -64.49 27.67
CA SER L 203 26.54 -64.26 27.37
C SER L 203 27.01 -62.94 27.98
N GLU L 204 28.35 -62.82 28.20
CA GLU L 204 28.86 -61.50 28.52
C GLU L 204 29.19 -60.76 27.22
N PRO L 205 29.23 -59.42 27.20
CA PRO L 205 29.61 -58.75 25.95
C PRO L 205 31.12 -58.75 25.75
N LYS L 206 31.50 -58.59 24.48
CA LYS L 206 32.90 -58.46 24.10
C LYS L 206 33.31 -57.00 24.15
N PHE L 207 34.48 -56.75 24.71
CA PHE L 207 35.01 -55.40 24.89
C PHE L 207 36.41 -55.31 24.32
N PHE L 208 36.90 -54.07 24.25
CA PHE L 208 38.19 -53.74 23.68
C PHE L 208 38.88 -52.71 24.57
N LEU L 209 40.20 -52.80 24.67
CA LEU L 209 41.00 -51.95 25.52
C LEU L 209 42.15 -51.34 24.73
N GLY L 210 42.52 -50.11 25.10
CA GLY L 210 43.62 -49.43 24.49
C GLY L 210 43.28 -48.59 23.27
N GLU L 211 42.03 -48.17 23.13
CA GLU L 211 41.56 -47.43 21.96
C GLU L 211 41.61 -45.93 22.21
N GLU L 212 41.34 -45.18 21.14
CA GLU L 212 41.46 -43.72 21.17
C GLU L 212 40.62 -43.14 20.04
N ASN L 213 40.15 -41.89 20.22
CA ASN L 213 39.39 -41.10 19.21
C ASN L 213 39.50 -39.62 19.58
N ARG L 214 39.65 -38.71 18.63
CA ARG L 214 39.68 -37.22 18.79
C ARG L 214 38.67 -36.55 17.83
N VAL L 215 37.88 -35.58 18.25
CA VAL L 215 36.81 -34.88 17.53
C VAL L 215 37.00 -33.38 17.72
N ARG L 216 36.96 -32.64 16.62
CA ARG L 216 37.04 -31.19 16.65
C ARG L 216 35.66 -30.58 16.92
N PHE L 217 35.64 -29.50 17.69
CA PHE L 217 34.39 -28.95 18.20
C PHE L 217 34.64 -27.52 18.69
N ILE L 218 33.69 -26.63 18.39
CA ILE L 218 33.73 -25.24 18.83
C ILE L 218 33.02 -25.15 20.17
N GLY L 219 33.74 -24.68 21.19
CA GLY L 219 33.20 -24.54 22.52
C GLY L 219 34.14 -24.98 23.62
N ASP L 220 33.63 -25.74 24.58
CA ASP L 220 34.43 -26.24 25.68
C ASP L 220 35.12 -27.54 25.28
N SER L 221 36.26 -27.79 25.92
CA SER L 221 37.08 -28.97 25.68
C SER L 221 36.84 -30.00 26.77
N VAL L 222 36.90 -31.28 26.38
CA VAL L 222 36.64 -32.40 27.28
C VAL L 222 37.72 -33.46 27.08
N ALA L 223 38.07 -34.13 28.18
CA ALA L 223 38.92 -35.31 28.16
C ALA L 223 38.32 -36.35 29.08
N ALA L 224 38.11 -37.56 28.55
CA ALA L 224 37.36 -38.60 29.24
C ALA L 224 38.05 -39.95 29.08
N ILE L 225 37.89 -40.81 30.10
CA ILE L 225 38.38 -42.18 30.07
C ILE L 225 37.24 -43.13 30.39
N GLY L 226 37.40 -44.39 29.99
CA GLY L 226 36.41 -45.42 30.19
C GLY L 226 37.02 -46.80 30.41
N ILE L 227 36.44 -47.57 31.32
CA ILE L 227 36.89 -48.93 31.66
C ILE L 227 35.69 -49.87 31.65
N PRO L 228 35.73 -51.02 30.98
CA PRO L 228 34.65 -51.99 31.15
C PRO L 228 34.79 -52.76 32.46
N VAL L 229 33.65 -53.19 33.00
CA VAL L 229 33.56 -53.82 34.30
C VAL L 229 32.67 -55.05 34.18
N ASN L 230 33.16 -56.18 34.68
CA ASN L 230 32.38 -57.40 34.74
C ASN L 230 31.59 -57.46 36.06
N LYS L 231 30.71 -58.45 36.17
CA LYS L 231 29.75 -58.49 37.28
C LYS L 231 30.42 -58.66 38.63
N ALA L 232 31.55 -59.35 38.71
CA ALA L 232 32.20 -59.60 39.97
C ALA L 232 32.94 -58.39 40.52
N SER L 233 33.40 -57.49 39.64
CA SER L 233 34.17 -56.32 40.04
C SER L 233 33.30 -55.08 40.20
N LEU L 234 31.99 -55.27 40.29
CA LEU L 234 31.05 -54.16 40.16
C LEU L 234 30.97 -53.31 41.42
N ALA L 235 30.99 -53.94 42.60
CA ALA L 235 30.95 -53.18 43.84
C ALA L 235 32.21 -52.35 44.04
N GLN L 236 33.36 -52.84 43.57
CA GLN L 236 34.60 -52.10 43.68
C GLN L 236 34.54 -50.76 42.96
N TYR L 237 33.97 -50.74 41.74
CA TYR L 237 33.99 -49.52 40.95
C TYR L 237 32.91 -48.54 41.39
N GLU L 238 31.83 -49.02 42.00
CA GLU L 238 30.83 -48.13 42.59
C GLU L 238 31.44 -47.31 43.72
N VAL L 239 32.26 -47.94 44.56
CA VAL L 239 32.92 -47.22 45.64
C VAL L 239 33.89 -46.19 45.07
N LEU L 240 34.60 -46.55 44.00
CA LEU L 240 35.53 -45.63 43.37
C LEU L 240 34.83 -44.39 42.84
N ALA L 241 33.68 -44.56 42.19
CA ALA L 241 32.95 -43.42 41.64
C ALA L 241 32.55 -42.43 42.72
N ASN L 242 31.93 -42.93 43.80
CA ASN L 242 31.50 -42.05 44.87
C ASN L 242 32.68 -41.52 45.68
N TYR L 243 33.78 -42.26 45.77
CA TYR L 243 34.99 -41.75 46.42
C TYR L 243 35.56 -40.55 45.69
N LEU L 244 35.63 -40.62 44.35
CA LEU L 244 36.31 -39.60 43.58
C LEU L 244 35.56 -38.28 43.50
N THR L 245 34.27 -38.27 43.77
CA THR L 245 33.47 -37.05 43.81
C THR L 245 33.25 -36.51 45.22
N SER L 246 33.36 -37.35 46.23
CA SER L 246 33.22 -36.92 47.62
C SER L 246 34.36 -36.01 48.04
N ALA L 247 34.22 -35.46 49.24
CA ALA L 247 35.27 -34.66 49.86
C ALA L 247 36.35 -35.49 50.51
N LEU L 248 36.29 -36.82 50.40
CA LEU L 248 37.37 -37.66 50.91
C LEU L 248 38.60 -37.63 49.99
N SER L 249 38.47 -37.09 48.78
CA SER L 249 39.51 -37.16 47.76
C SER L 249 40.20 -35.82 47.58
N GLU L 250 41.48 -35.87 47.24
CA GLU L 250 42.25 -34.65 46.99
C GLU L 250 42.00 -34.08 45.61
N LEU L 251 41.60 -34.92 44.65
CA LEU L 251 41.44 -34.53 43.26
C LEU L 251 39.98 -34.47 42.85
N SER L 252 39.07 -34.29 43.81
CA SER L 252 37.66 -34.18 43.49
C SER L 252 37.31 -32.82 42.92
N GLY L 253 38.17 -31.82 43.10
CA GLY L 253 37.98 -30.52 42.49
C GLY L 253 38.42 -30.43 41.05
N LEU L 254 39.25 -31.37 40.59
CA LEU L 254 39.69 -31.43 39.21
C LEU L 254 38.72 -32.20 38.30
N ILE L 255 37.81 -32.98 38.88
CA ILE L 255 36.89 -33.82 38.11
C ILE L 255 35.58 -33.08 37.96
N SER L 256 34.93 -33.29 36.82
CA SER L 256 33.59 -32.78 36.56
C SER L 256 32.50 -33.81 36.81
N SER L 257 32.78 -35.09 36.53
CA SER L 257 31.77 -36.12 36.59
C SER L 257 32.45 -37.47 36.72
N ALA L 258 31.78 -38.39 37.39
CA ALA L 258 32.22 -39.78 37.45
C ALA L 258 31.04 -40.63 37.87
N LYS L 259 30.87 -41.77 37.21
CA LYS L 259 29.75 -42.64 37.50
C LYS L 259 30.04 -44.04 36.97
N LEU L 260 29.17 -44.97 37.34
CA LEU L 260 29.18 -46.34 36.85
C LEU L 260 27.79 -46.66 36.34
N ASP L 261 27.70 -47.03 35.07
CA ASP L 261 26.44 -47.48 34.48
C ASP L 261 26.32 -48.98 34.64
N LYS L 262 25.19 -49.43 35.18
CA LYS L 262 24.99 -50.81 35.57
C LYS L 262 23.99 -51.47 34.64
N PHE L 263 24.36 -52.63 34.12
CA PHE L 263 23.50 -53.53 33.38
C PHE L 263 23.53 -54.89 34.06
N THR L 264 22.66 -55.78 33.63
CA THR L 264 22.62 -57.12 34.21
C THR L 264 23.78 -58.01 33.74
N ASP L 265 24.60 -57.54 32.80
CA ASP L 265 25.78 -58.27 32.34
C ASP L 265 27.02 -57.39 32.35
N GLY L 266 27.16 -56.51 33.33
CA GLY L 266 28.37 -55.77 33.55
C GLY L 266 28.08 -54.28 33.70
N GLY L 267 29.11 -53.48 33.44
CA GLY L 267 28.95 -52.04 33.49
C GLY L 267 30.12 -51.34 32.83
N LEU L 268 30.03 -50.02 32.81
CA LEU L 268 31.05 -49.15 32.25
C LEU L 268 31.29 -48.00 33.20
N PHE L 269 32.54 -47.88 33.67
CA PHE L 269 32.94 -46.74 34.49
C PHE L 269 33.39 -45.61 33.57
N THR L 270 32.98 -44.39 33.90
CA THR L 270 33.30 -43.21 33.10
C THR L 270 33.74 -42.08 34.00
N LEU L 271 34.62 -41.25 33.47
CA LEU L 271 35.18 -40.10 34.16
C LEU L 271 35.37 -38.99 33.14
N PHE L 272 35.14 -37.75 33.59
CA PHE L 272 35.12 -36.61 32.69
C PHE L 272 35.86 -35.43 33.31
N VAL L 273 36.57 -34.69 32.47
CA VAL L 273 37.28 -33.47 32.85
C VAL L 273 36.90 -32.40 31.84
N ARG L 274 36.28 -31.32 32.31
CA ARG L 274 35.76 -30.26 31.44
C ARG L 274 36.23 -28.91 31.93
N ASP L 275 36.60 -28.05 30.98
CA ASP L 275 37.01 -26.68 31.23
C ASP L 275 37.06 -25.95 29.89
N GLN L 276 37.12 -24.63 29.94
CA GLN L 276 37.21 -23.83 28.72
C GLN L 276 38.63 -23.67 28.21
N ASP L 277 39.59 -23.36 29.07
CA ASP L 277 40.99 -23.36 28.66
C ASP L 277 41.41 -24.80 28.43
N SER L 278 42.13 -25.05 27.34
CA SER L 278 42.52 -26.41 26.98
C SER L 278 43.81 -26.82 27.65
N ALA L 279 44.58 -25.88 28.20
CA ALA L 279 45.75 -26.23 28.98
C ALA L 279 45.36 -26.72 30.37
N VAL L 280 44.22 -26.25 30.89
CA VAL L 280 43.72 -26.74 32.17
C VAL L 280 43.27 -28.19 32.03
N VAL L 281 42.60 -28.52 30.93
CA VAL L 281 42.10 -29.86 30.72
C VAL L 281 43.25 -30.85 30.62
N SER L 282 44.35 -30.44 30.00
CA SER L 282 45.48 -31.33 29.80
C SER L 282 46.26 -31.53 31.09
N SER L 283 46.45 -30.45 31.85
CA SER L 283 47.19 -30.54 33.11
C SER L 283 46.45 -31.38 34.14
N ASN L 284 45.12 -31.36 34.12
CA ASN L 284 44.34 -32.10 35.10
C ASN L 284 44.34 -33.60 34.80
N ILE L 285 43.92 -33.97 33.59
CA ILE L 285 43.77 -35.38 33.22
C ILE L 285 45.07 -36.15 33.36
N LYS L 286 46.21 -35.46 33.23
CA LYS L 286 47.49 -36.13 33.42
C LYS L 286 47.77 -36.37 34.90
N LYS L 287 47.26 -35.51 35.78
CA LYS L 287 47.39 -35.74 37.22
C LYS L 287 46.45 -36.84 37.69
N ILE L 288 45.28 -36.96 37.07
CA ILE L 288 44.32 -37.98 37.49
C ILE L 288 44.89 -39.38 37.23
N VAL L 289 45.49 -39.57 36.05
CA VAL L 289 45.92 -40.89 35.63
C VAL L 289 47.22 -41.29 36.32
N ALA L 290 48.11 -40.33 36.56
CA ALA L 290 49.36 -40.62 37.26
C ALA L 290 49.11 -41.04 38.70
N ASP L 291 48.11 -40.46 39.34
CA ASP L 291 47.81 -40.79 40.73
C ASP L 291 47.02 -42.09 40.85
N LEU L 292 46.14 -42.38 39.89
CA LEU L 292 45.35 -43.60 39.97
C LEU L 292 46.17 -44.83 39.62
N LYS L 293 47.26 -44.67 38.86
CA LYS L 293 48.11 -45.79 38.52
C LYS L 293 48.94 -46.27 39.69
N LYS L 294 49.12 -45.44 40.72
CA LYS L 294 49.94 -45.78 41.87
C LYS L 294 49.18 -46.49 42.98
N GLY L 295 47.88 -46.22 43.13
CA GLY L 295 47.03 -46.94 44.07
C GLY L 295 46.28 -46.06 45.03
N LYS L 296 45.08 -46.50 45.41
CA LYS L 296 44.24 -45.81 46.37
C LYS L 296 43.53 -46.83 47.24
N ASP L 297 43.41 -46.51 48.53
CA ASP L 297 42.62 -47.30 49.47
C ASP L 297 41.23 -46.71 49.56
N LEU L 298 40.22 -47.59 49.46
CA LEU L 298 38.82 -47.20 49.32
C LEU L 298 37.97 -47.54 50.53
N SER L 299 38.53 -48.18 51.56
CA SER L 299 37.76 -48.57 52.74
C SER L 299 37.13 -47.39 53.48
N PRO L 300 37.69 -46.18 53.48
CA PRO L 300 37.00 -45.04 54.11
C PRO L 300 35.67 -44.66 53.48
N ALA L 301 35.36 -45.14 52.26
CA ALA L 301 34.17 -44.72 51.53
C ALA L 301 33.12 -45.82 51.42
N ILE L 302 33.15 -46.82 52.30
CA ILE L 302 32.18 -47.90 52.24
C ILE L 302 30.82 -47.45 52.75
N ASN L 303 30.80 -46.75 53.89
CA ASN L 303 29.53 -46.35 54.49
C ASN L 303 28.91 -45.16 53.76
N TYR L 304 29.74 -44.28 53.18
CA TYR L 304 29.23 -43.19 52.37
C TYR L 304 28.60 -43.70 51.08
N THR L 305 29.12 -44.82 50.55
CA THR L 305 28.55 -45.40 49.34
C THR L 305 27.24 -46.12 49.63
N LYS L 306 27.12 -46.71 50.82
CA LYS L 306 25.87 -47.39 51.20
C LYS L 306 24.72 -46.40 51.27
N LEU L 307 24.97 -45.20 51.77
CA LEU L 307 23.97 -44.15 51.81
C LEU L 307 23.52 -43.77 50.40
N LYS L 308 24.48 -43.37 49.55
CA LYS L 308 24.16 -42.92 48.20
C LYS L 308 23.43 -44.00 47.41
N ASN L 309 23.89 -45.24 47.50
CA ASN L 309 23.25 -46.33 46.76
C ASN L 309 21.80 -46.51 47.18
N ALA L 310 21.53 -46.45 48.49
CA ALA L 310 20.14 -46.54 48.95
C ALA L 310 19.31 -45.37 48.47
N VAL L 311 19.93 -44.21 48.27
CA VAL L 311 19.19 -43.03 47.85
C VAL L 311 18.77 -43.15 46.39
N GLN L 312 19.69 -43.54 45.51
CA GLN L 312 19.36 -43.61 44.09
C GLN L 312 18.59 -44.87 43.71
N ASN L 313 18.56 -45.89 44.57
CA ASN L 313 17.79 -47.10 44.33
C ASN L 313 16.39 -47.04 44.95
N GLU L 314 15.84 -45.84 45.15
CA GLU L 314 14.60 -45.69 45.91
C GLU L 314 13.40 -46.29 45.18
N SER L 315 13.21 -45.92 43.91
CA SER L 315 12.06 -46.36 43.11
C SER L 315 12.60 -47.15 41.92
N VAL L 316 12.94 -48.41 42.17
CA VAL L 316 13.78 -49.17 41.24
C VAL L 316 13.84 -50.62 41.74
N SER L 317 14.00 -51.59 40.82
CA SER L 317 14.05 -53.00 41.21
C SER L 317 15.47 -53.45 41.61
N SER L 318 16.48 -52.62 41.42
CA SER L 318 17.73 -52.68 42.16
C SER L 318 18.58 -53.93 41.92
N PRO L 319 19.37 -53.99 40.85
CA PRO L 319 20.40 -55.03 40.79
C PRO L 319 21.25 -54.98 42.05
N ILE L 320 21.13 -56.01 42.86
CA ILE L 320 21.57 -55.95 44.26
C ILE L 320 23.08 -56.19 44.26
N GLU L 321 23.82 -55.13 44.58
CA GLU L 321 25.27 -55.09 44.61
C GLU L 321 25.75 -54.95 46.06
N LEU L 322 25.05 -55.63 46.95
CA LEU L 322 25.25 -55.56 48.39
C LEU L 322 26.53 -56.29 48.83
N ASN L 323 27.68 -55.86 48.32
CA ASN L 323 28.96 -56.47 48.66
C ASN L 323 30.07 -55.44 48.81
N PHE L 324 29.75 -54.29 49.40
CA PHE L 324 30.76 -53.28 49.66
C PHE L 324 31.70 -53.67 50.80
N ASP L 325 31.43 -54.78 51.50
CA ASP L 325 32.26 -55.19 52.63
C ASP L 325 33.70 -55.47 52.22
N ALA L 326 33.89 -56.19 51.11
CA ALA L 326 35.20 -56.72 50.73
C ALA L 326 36.01 -55.78 49.85
N VAL L 327 35.65 -54.50 49.76
CA VAL L 327 36.31 -53.56 48.86
C VAL L 327 37.39 -52.81 49.64
N LYS L 328 38.62 -52.82 49.11
CA LYS L 328 39.71 -52.03 49.68
C LYS L 328 40.48 -51.20 48.68
N ASP L 329 40.81 -51.77 47.52
CA ASP L 329 41.99 -51.35 46.79
C ASP L 329 41.75 -51.41 45.29
N PHE L 330 42.29 -50.40 44.62
CA PHE L 330 42.15 -50.23 43.19
C PHE L 330 43.45 -49.68 42.64
N LYS L 331 43.87 -50.24 41.52
CA LYS L 331 45.01 -49.72 40.79
C LYS L 331 44.65 -49.77 39.31
N LEU L 332 44.93 -48.67 38.61
CA LEU L 332 44.49 -48.50 37.25
C LEU L 332 45.30 -49.38 36.31
N GLY L 333 44.60 -50.19 35.53
CA GLY L 333 45.23 -50.98 34.49
C GLY L 333 45.18 -50.31 33.14
N LYS L 334 44.36 -50.85 32.25
CA LYS L 334 44.23 -50.36 30.88
C LYS L 334 42.83 -49.81 30.64
N PHE L 335 42.75 -48.86 29.73
CA PHE L 335 41.55 -48.04 29.58
C PHE L 335 41.51 -47.45 28.18
N ASN L 336 40.39 -46.84 27.86
CA ASN L 336 40.17 -46.11 26.62
C ASN L 336 40.05 -44.62 26.91
N TYR L 337 40.14 -43.81 25.86
CA TYR L 337 40.30 -42.37 25.98
C TYR L 337 39.69 -41.69 24.77
N VAL L 338 39.05 -40.54 25.00
CA VAL L 338 38.53 -39.70 23.93
C VAL L 338 38.79 -38.24 24.29
N ALA L 339 38.95 -37.41 23.25
CA ALA L 339 39.16 -35.98 23.39
C ALA L 339 38.21 -35.25 22.45
N VAL L 340 37.61 -34.17 22.95
CA VAL L 340 36.66 -33.37 22.21
C VAL L 340 37.03 -31.90 22.39
N GLY L 341 37.05 -31.15 21.29
CA GLY L 341 37.32 -29.73 21.31
C GLY L 341 38.54 -29.30 20.54
N ASP L 342 39.40 -28.52 21.19
CA ASP L 342 40.65 -28.05 20.60
C ASP L 342 41.68 -29.18 20.71
N VAL L 343 41.50 -30.18 19.85
CA VAL L 343 42.30 -31.41 19.94
C VAL L 343 43.75 -31.21 19.53
N SER L 344 44.10 -30.09 18.92
CA SER L 344 45.50 -29.79 18.64
C SER L 344 46.30 -29.48 19.90
N ASN L 345 45.63 -29.23 21.03
CA ASN L 345 46.28 -28.87 22.28
C ASN L 345 45.90 -29.79 23.43
N LEU L 346 45.31 -30.96 23.15
CA LEU L 346 44.94 -31.95 24.17
C LEU L 346 45.84 -33.17 24.07
N PRO L 347 46.08 -33.90 25.17
CA PRO L 347 47.07 -34.97 25.14
C PRO L 347 46.61 -36.18 24.33
N TYR L 348 47.60 -37.01 24.00
CA TYR L 348 47.38 -38.29 23.33
C TYR L 348 47.45 -39.42 24.35
N LEU L 349 46.98 -40.59 23.93
CA LEU L 349 46.84 -41.72 24.85
C LEU L 349 48.17 -42.18 25.41
N ASP L 350 49.19 -42.35 24.56
CA ASP L 350 50.46 -42.91 24.97
C ASP L 350 51.42 -41.87 25.55
N GLU L 351 50.93 -40.69 25.93
CA GLU L 351 51.67 -39.78 26.78
C GLU L 351 50.95 -39.48 28.09
N LEU L 352 49.97 -40.32 28.46
CA LEU L 352 49.29 -40.21 29.73
C LEU L 352 49.93 -41.14 30.76
N MET M 1 -2.24 60.07 -0.01
CA MET M 1 -3.35 61.03 -0.10
C MET M 1 -3.33 61.97 1.09
N THR M 2 -3.86 63.18 0.89
CA THR M 2 -4.03 64.10 2.00
C THR M 2 -5.19 63.62 2.88
N ALA M 3 -5.35 64.32 4.02
CA ALA M 3 -6.39 63.95 4.96
C ALA M 3 -7.78 64.31 4.44
N ALA M 4 -7.89 65.33 3.60
CA ALA M 4 -9.19 65.71 3.05
C ALA M 4 -9.70 64.67 2.07
N GLU M 5 -8.83 64.22 1.16
CA GLU M 5 -9.22 63.21 0.17
C GLU M 5 -9.54 61.88 0.83
N HIS M 6 -9.01 61.62 2.03
CA HIS M 6 -9.34 60.42 2.78
C HIS M 6 -10.63 60.57 3.58
N GLY M 7 -10.83 61.74 4.20
CA GLY M 7 -11.94 61.97 5.10
C GLY M 7 -11.49 62.07 6.54
N LEU M 8 -12.32 62.71 7.35
CA LEU M 8 -12.04 62.83 8.77
C LEU M 8 -12.43 61.56 9.50
N HIS M 9 -11.62 61.20 10.49
CA HIS M 9 -11.84 59.99 11.26
C HIS M 9 -13.07 60.12 12.14
N ALA M 10 -13.93 59.12 12.10
CA ALA M 10 -15.11 59.14 12.95
C ALA M 10 -14.73 58.79 14.39
N PRO M 11 -15.40 59.38 15.39
CA PRO M 11 -15.03 59.07 16.78
C PRO M 11 -15.72 57.79 17.25
N ALA M 12 -15.48 57.47 18.51
CA ALA M 12 -16.03 56.28 19.15
C ALA M 12 -17.10 56.70 20.15
N TYR M 13 -18.36 56.54 19.76
CA TYR M 13 -19.48 56.79 20.63
C TYR M 13 -19.85 55.51 21.39
N ALA M 14 -20.54 55.67 22.51
CA ALA M 14 -20.83 54.56 23.42
C ALA M 14 -22.21 53.99 23.08
N TRP M 15 -22.24 53.15 22.06
CA TRP M 15 -23.49 52.53 21.63
C TRP M 15 -23.89 51.42 22.58
N SER M 16 -25.20 51.34 22.83
CA SER M 16 -25.76 50.43 23.81
C SER M 16 -25.74 48.96 23.38
N HIS M 17 -25.46 48.68 22.11
CA HIS M 17 -25.39 47.31 21.60
C HIS M 17 -23.94 46.84 21.41
N ASN M 18 -22.96 47.67 21.71
CA ASN M 18 -21.57 47.26 21.67
C ASN M 18 -21.21 46.53 22.96
N GLY M 19 -20.72 45.31 22.82
CA GLY M 19 -20.43 44.45 23.94
C GLY M 19 -20.83 43.03 23.62
N PRO M 20 -20.16 42.03 24.19
CA PRO M 20 -20.47 40.64 23.84
C PRO M 20 -21.76 40.11 24.45
N PHE M 21 -22.34 40.79 25.44
CA PHE M 21 -23.56 40.34 26.10
C PHE M 21 -24.75 41.28 25.87
N GLU M 22 -24.62 42.28 25.00
CA GLU M 22 -25.64 43.29 24.80
C GLU M 22 -26.54 42.96 23.61
N THR M 23 -27.75 43.51 23.64
CA THR M 23 -28.73 43.41 22.57
C THR M 23 -29.02 44.79 22.01
N PHE M 24 -29.79 44.82 20.91
CA PHE M 24 -30.34 46.06 20.40
C PHE M 24 -31.37 46.63 21.38
N ASP M 25 -31.41 47.96 21.46
CA ASP M 25 -32.50 48.66 22.14
C ASP M 25 -33.67 48.79 21.18
N HIS M 26 -34.76 48.08 21.48
CA HIS M 26 -35.86 47.94 20.54
C HIS M 26 -36.81 49.13 20.52
N ALA M 27 -36.75 50.01 21.52
CA ALA M 27 -37.51 51.24 21.48
C ALA M 27 -36.86 52.28 20.57
N SER M 28 -35.54 52.22 20.42
CA SER M 28 -34.84 53.07 19.48
C SER M 28 -35.03 52.61 18.03
N ILE M 29 -35.20 51.31 17.81
CA ILE M 29 -35.52 50.82 16.47
C ILE M 29 -36.90 51.32 16.04
N ARG M 30 -37.89 51.20 16.92
CA ARG M 30 -39.24 51.65 16.62
C ARG M 30 -39.28 53.13 16.29
N ARG M 31 -38.58 53.95 17.08
CA ARG M 31 -38.50 55.37 16.78
C ARG M 31 -37.70 55.64 15.51
N GLY M 32 -36.70 54.81 15.22
CA GLY M 32 -35.88 55.01 14.04
C GLY M 32 -36.63 54.80 12.74
N TYR M 33 -37.50 53.80 12.69
CA TYR M 33 -38.33 53.59 11.51
C TYR M 33 -39.23 54.79 11.22
N GLN M 34 -39.67 55.50 12.26
CA GLN M 34 -40.50 56.68 12.04
C GLN M 34 -39.71 57.80 11.38
N VAL M 35 -38.42 57.93 11.71
CA VAL M 35 -37.57 58.93 11.07
C VAL M 35 -37.31 58.53 9.62
N TYR M 36 -37.22 57.22 9.35
CA TYR M 36 -37.01 56.78 7.98
C TYR M 36 -38.23 57.11 7.11
N ARG M 37 -39.41 56.80 7.62
CA ARG M 37 -40.63 56.97 6.84
C ARG M 37 -40.92 58.43 6.52
N GLU M 38 -40.58 59.34 7.43
CA GLU M 38 -40.96 60.74 7.32
C GLU M 38 -39.85 61.65 6.80
N VAL M 39 -38.60 61.19 6.72
CA VAL M 39 -37.48 61.98 6.25
C VAL M 39 -36.72 61.31 5.12
N CYS M 40 -36.32 60.04 5.32
CA CYS M 40 -35.39 59.38 4.43
C CYS M 40 -36.05 58.82 3.18
N ALA M 41 -37.24 58.23 3.32
CA ALA M 41 -37.88 57.45 2.28
C ALA M 41 -38.29 58.26 1.05
N ALA M 42 -38.19 59.58 1.10
CA ALA M 42 -38.46 60.37 -0.09
C ALA M 42 -37.46 60.10 -1.21
N CYS M 43 -36.22 59.71 -0.85
CA CYS M 43 -35.16 59.56 -1.83
C CYS M 43 -34.25 58.36 -1.60
N HIS M 44 -34.59 57.45 -0.67
CA HIS M 44 -33.82 56.24 -0.42
C HIS M 44 -34.72 55.03 -0.37
N SER M 45 -34.23 53.92 -0.92
CA SER M 45 -34.92 52.64 -0.93
C SER M 45 -34.40 51.72 0.16
N LEU M 46 -35.20 50.71 0.46
CA LEU M 46 -34.92 49.70 1.50
C LEU M 46 -35.29 48.32 0.98
N ASP M 47 -34.79 47.99 -0.22
CA ASP M 47 -35.30 46.89 -1.03
C ASP M 47 -35.12 45.51 -0.42
N ARG M 48 -34.19 45.32 0.53
CA ARG M 48 -33.87 43.99 1.05
C ARG M 48 -34.56 43.65 2.36
N VAL M 49 -35.47 44.49 2.84
CA VAL M 49 -36.18 44.27 4.10
C VAL M 49 -37.65 44.04 3.79
N ALA M 50 -38.17 42.91 4.25
CA ALA M 50 -39.58 42.56 4.07
C ALA M 50 -40.42 43.03 5.26
N TRP M 51 -41.73 43.14 5.01
CA TRP M 51 -42.65 43.63 6.04
C TRP M 51 -42.69 42.71 7.24
N ARG M 52 -42.73 41.39 7.00
CA ARG M 52 -42.92 40.42 8.06
C ARG M 52 -41.80 40.46 9.11
N THR M 53 -40.61 40.87 8.73
CA THR M 53 -39.47 40.84 9.66
C THR M 53 -39.56 41.92 10.73
N LEU M 54 -40.51 42.85 10.64
CA LEU M 54 -40.70 43.86 11.67
C LEU M 54 -41.58 43.38 12.81
N VAL M 55 -42.39 42.35 12.58
CA VAL M 55 -43.28 41.84 13.61
C VAL M 55 -42.45 41.17 14.69
N GLY M 56 -42.67 41.56 15.94
CA GLY M 56 -41.94 41.04 17.06
C GLY M 56 -40.61 41.71 17.33
N VAL M 57 -40.27 42.77 16.60
CA VAL M 57 -39.01 43.48 16.73
C VAL M 57 -39.22 44.95 17.08
N SER M 58 -40.10 45.61 16.33
CA SER M 58 -40.43 47.02 16.55
C SER M 58 -41.91 47.32 16.50
N HIS M 59 -42.74 46.48 15.91
CA HIS M 59 -44.15 46.74 15.71
C HIS M 59 -44.94 45.46 15.90
N THR M 60 -46.23 45.62 16.14
CA THR M 60 -47.15 44.52 16.30
C THR M 60 -47.65 44.05 14.93
N ASN M 61 -48.14 42.80 14.90
CA ASN M 61 -48.68 42.23 13.67
C ASN M 61 -49.79 43.10 13.08
N GLU M 62 -50.72 43.57 13.90
CA GLU M 62 -51.80 44.40 13.40
C GLU M 62 -51.30 45.75 12.90
N GLU M 63 -50.23 46.27 13.49
CA GLU M 63 -49.66 47.53 13.01
C GLU M 63 -49.02 47.35 11.64
N VAL M 64 -48.31 46.26 11.41
CA VAL M 64 -47.55 46.10 10.18
C VAL M 64 -48.49 45.78 9.01
N ARG M 65 -49.59 45.08 9.27
CA ARG M 65 -50.57 44.83 8.22
C ARG M 65 -51.18 46.11 7.69
N ASN M 66 -51.30 47.14 8.54
CA ASN M 66 -51.89 48.41 8.13
C ASN M 66 -50.89 49.30 7.41
N MET M 67 -49.61 49.20 7.75
CA MET M 67 -48.60 49.96 7.03
C MET M 67 -48.43 49.45 5.61
N ALA M 68 -48.51 48.14 5.41
CA ALA M 68 -48.28 47.56 4.09
C ALA M 68 -49.43 47.84 3.14
N GLU M 69 -50.66 47.90 3.65
CA GLU M 69 -51.83 48.12 2.83
C GLU M 69 -51.93 49.54 2.28
N GLU M 70 -51.09 50.47 2.73
CA GLU M 70 -51.04 51.82 2.20
C GLU M 70 -50.26 51.94 0.89
N PHE M 71 -49.69 50.84 0.39
CA PHE M 71 -48.96 50.82 -0.87
C PHE M 71 -49.63 49.84 -1.83
N GLU M 72 -49.47 50.10 -3.12
CA GLU M 72 -50.03 49.29 -4.19
C GLU M 72 -48.93 48.47 -4.85
N TYR M 73 -49.24 47.21 -5.14
CA TYR M 73 -48.30 46.29 -5.74
C TYR M 73 -48.90 45.68 -7.00
N ASP M 74 -48.02 45.30 -7.92
CA ASP M 74 -48.46 44.67 -9.17
C ASP M 74 -49.03 43.28 -8.88
N ASP M 75 -50.27 43.06 -9.29
CA ASP M 75 -50.90 41.76 -9.26
C ASP M 75 -50.68 41.07 -10.59
N GLU M 76 -51.08 39.81 -10.67
CA GLU M 76 -50.96 39.09 -11.93
C GLU M 76 -52.13 39.46 -12.86
N PRO M 77 -51.98 39.34 -14.18
CA PRO M 77 -53.01 39.84 -15.08
C PRO M 77 -54.35 39.14 -14.92
N ASP M 78 -55.39 39.82 -15.39
CA ASP M 78 -56.77 39.36 -15.24
C ASP M 78 -57.09 38.31 -16.31
N GLU M 79 -58.37 37.94 -16.40
CA GLU M 79 -58.83 36.89 -17.30
C GLU M 79 -58.60 37.21 -18.77
N GLN M 80 -58.40 38.49 -19.12
CA GLN M 80 -58.15 38.92 -20.49
C GLN M 80 -56.73 39.41 -20.73
N GLY M 81 -55.85 39.28 -19.74
CA GLY M 81 -54.45 39.63 -19.91
C GLY M 81 -54.10 41.07 -19.62
N ASN M 82 -55.01 41.84 -19.05
CA ASN M 82 -54.71 43.22 -18.70
C ASN M 82 -54.15 43.32 -17.28
N PRO M 83 -53.25 44.25 -16.99
CA PRO M 83 -52.63 44.27 -15.67
C PRO M 83 -53.57 44.79 -14.59
N LYS M 84 -53.34 44.32 -13.37
CA LYS M 84 -54.10 44.71 -12.20
C LYS M 84 -53.14 45.22 -11.12
N LYS M 85 -53.72 45.75 -10.05
CA LYS M 85 -53.00 46.19 -8.86
C LYS M 85 -53.66 45.58 -7.64
N ARG M 86 -52.97 45.66 -6.50
CA ARG M 86 -53.50 45.17 -5.24
C ARG M 86 -52.76 45.88 -4.11
N PRO M 87 -53.30 45.86 -2.89
CA PRO M 87 -52.56 46.39 -1.74
C PRO M 87 -51.51 45.42 -1.24
N GLY M 88 -50.67 45.93 -0.34
CA GLY M 88 -49.55 45.15 0.17
C GLY M 88 -49.96 44.11 1.19
N LYS M 89 -49.10 43.10 1.31
CA LYS M 89 -49.24 42.04 2.30
C LYS M 89 -47.90 41.84 2.98
N LEU M 90 -47.87 40.93 3.95
CA LEU M 90 -46.71 40.79 4.82
C LEU M 90 -45.51 40.20 4.10
N SER M 91 -45.73 39.38 3.08
CA SER M 91 -44.66 38.77 2.32
C SER M 91 -44.05 39.70 1.27
N ASP M 92 -44.51 40.94 1.17
CA ASP M 92 -43.98 41.90 0.23
C ASP M 92 -42.79 42.63 0.83
N TYR M 93 -42.03 43.29 -0.03
CA TYR M 93 -40.86 44.06 0.35
C TYR M 93 -41.16 45.55 0.31
N ILE M 94 -40.45 46.30 1.17
CA ILE M 94 -40.68 47.72 1.35
C ILE M 94 -40.38 48.46 0.05
N PRO M 95 -41.30 49.23 -0.53
CA PRO M 95 -41.06 49.80 -1.85
C PRO M 95 -40.25 51.09 -1.79
N GLY M 96 -39.60 51.39 -2.92
CA GLY M 96 -38.80 52.57 -3.06
C GLY M 96 -39.50 53.68 -3.82
N PRO M 97 -38.96 54.90 -3.77
CA PRO M 97 -39.65 56.03 -4.39
C PRO M 97 -39.61 56.06 -5.91
N TYR M 98 -38.54 55.59 -6.53
CA TYR M 98 -38.32 55.77 -7.96
C TYR M 98 -38.48 54.45 -8.71
N PRO M 99 -38.85 54.48 -10.02
CA PRO M 99 -38.99 53.23 -10.76
C PRO M 99 -37.72 52.76 -11.46
N ASN M 100 -36.74 53.65 -11.64
CA ASN M 100 -35.50 53.27 -12.30
C ASN M 100 -34.41 54.27 -11.91
N GLU M 101 -33.18 53.95 -12.33
CA GLU M 101 -32.03 54.77 -11.99
C GLU M 101 -32.05 56.12 -12.70
N GLN M 102 -32.62 56.19 -13.90
CA GLN M 102 -32.65 57.45 -14.63
C GLN M 102 -33.53 58.47 -13.92
N ALA M 103 -34.67 58.04 -13.41
CA ALA M 103 -35.57 58.95 -12.70
C ALA M 103 -35.00 59.37 -11.36
N ALA M 104 -34.17 58.52 -10.75
CA ALA M 104 -33.53 58.89 -9.48
C ALA M 104 -32.48 59.96 -9.68
N ARG M 105 -31.66 59.83 -10.73
CA ARG M 105 -30.65 60.84 -11.01
C ARG M 105 -31.28 62.14 -11.49
N ALA M 106 -32.39 62.05 -12.20
CA ALA M 106 -33.10 63.24 -12.66
C ALA M 106 -33.58 64.08 -11.49
N ALA M 107 -34.04 63.44 -10.42
CA ALA M 107 -34.59 64.13 -9.26
C ALA M 107 -33.54 64.56 -8.25
N ASN M 108 -32.25 64.28 -8.51
CA ASN M 108 -31.18 64.61 -7.56
C ASN M 108 -29.97 65.19 -8.29
N GLN M 109 -30.21 65.87 -9.42
CA GLN M 109 -29.17 66.61 -10.12
C GLN M 109 -28.04 65.71 -10.60
N GLY M 110 -28.41 64.54 -11.11
CA GLY M 110 -27.46 63.60 -11.68
C GLY M 110 -26.93 62.56 -10.72
N ALA M 111 -26.94 62.83 -9.42
CA ALA M 111 -26.42 61.88 -8.44
C ALA M 111 -27.49 60.85 -8.08
N LEU M 112 -27.01 59.69 -7.68
CA LEU M 112 -27.84 58.55 -7.33
C LEU M 112 -27.74 58.26 -5.84
N PRO M 113 -28.81 58.37 -5.05
CA PRO M 113 -28.72 57.98 -3.64
C PRO M 113 -28.74 56.47 -3.47
N PRO M 114 -27.78 55.90 -2.71
CA PRO M 114 -27.67 54.43 -2.53
C PRO M 114 -28.73 53.74 -1.68
N ASP M 115 -29.09 52.52 -1.91
CA ASP M 115 -29.90 51.71 -1.00
C ASP M 115 -29.20 51.58 0.35
N LEU M 116 -30.01 51.56 1.41
CA LEU M 116 -29.51 51.65 2.78
C LEU M 116 -29.63 50.35 3.56
N SER M 117 -30.00 49.24 2.90
CA SER M 117 -30.17 47.97 3.61
C SER M 117 -28.86 47.45 4.19
N LEU M 118 -27.71 47.74 3.55
CA LEU M 118 -26.42 47.23 3.97
C LEU M 118 -25.39 48.33 4.17
N ILE M 119 -25.82 49.56 4.40
CA ILE M 119 -24.90 50.68 4.45
C ILE M 119 -24.04 50.71 5.70
N VAL M 120 -24.49 50.09 6.79
CA VAL M 120 -23.67 50.05 8.00
C VAL M 120 -22.50 49.09 7.84
N LYS M 121 -22.71 47.99 7.13
CA LYS M 121 -21.65 47.01 6.90
C LYS M 121 -20.75 47.34 5.72
N ALA M 122 -21.18 48.26 4.84
CA ALA M 122 -20.49 48.57 3.61
C ALA M 122 -19.72 49.88 3.68
N ARG M 123 -19.38 50.34 4.87
CA ARG M 123 -18.63 51.57 5.07
C ARG M 123 -17.69 51.38 6.25
N HIS M 124 -16.47 51.87 6.09
CA HIS M 124 -15.49 51.84 7.17
C HIS M 124 -15.90 52.84 8.24
N GLY M 125 -16.04 52.34 9.47
CA GLY M 125 -16.47 53.14 10.61
C GLY M 125 -17.78 52.66 11.19
N GLY M 126 -18.63 52.07 10.35
CA GLY M 126 -19.92 51.58 10.81
C GLY M 126 -20.83 52.68 11.30
N CYS M 127 -21.46 52.42 12.45
CA CYS M 127 -22.48 53.32 12.97
C CYS M 127 -21.90 54.68 13.36
N ASP M 128 -20.62 54.70 13.74
CA ASP M 128 -19.99 55.96 14.11
C ASP M 128 -19.85 56.89 12.91
N TYR M 129 -19.73 56.33 11.70
CA TYR M 129 -19.59 57.16 10.51
C TYR M 129 -20.94 57.67 10.04
N ILE M 130 -21.98 56.84 10.13
CA ILE M 130 -23.31 57.25 9.72
C ILE M 130 -23.82 58.37 10.62
N PHE M 131 -23.63 58.24 11.93
CA PHE M 131 -24.04 59.28 12.87
C PHE M 131 -23.26 60.57 12.65
N SER M 132 -21.93 60.46 12.53
CA SER M 132 -21.10 61.65 12.42
C SER M 132 -21.35 62.38 11.10
N LEU M 133 -21.75 61.65 10.06
CA LEU M 133 -22.07 62.27 8.78
C LEU M 133 -23.30 63.18 8.91
N LEU M 134 -24.39 62.64 9.43
CA LEU M 134 -25.65 63.37 9.49
C LEU M 134 -25.57 64.58 10.41
N THR M 135 -24.70 64.53 11.42
CA THR M 135 -24.56 65.60 12.40
C THR M 135 -23.30 66.45 12.18
N GLY M 136 -22.72 66.38 10.98
CA GLY M 136 -21.42 66.98 10.73
C GLY M 136 -21.41 68.14 9.75
N TYR M 137 -22.55 68.51 9.21
CA TYR M 137 -22.62 69.61 8.27
C TYR M 137 -22.32 70.92 8.97
N PRO M 138 -21.26 71.66 8.61
CA PRO M 138 -21.00 72.93 9.30
C PRO M 138 -21.92 74.05 8.83
N ASP M 139 -21.77 75.20 9.48
CA ASP M 139 -22.49 76.40 9.06
C ASP M 139 -21.94 76.95 7.76
N GLU M 140 -20.64 77.22 7.71
CA GLU M 140 -19.93 77.66 6.53
C GLU M 140 -18.87 76.63 6.18
N PRO M 141 -18.58 76.39 4.90
CA PRO M 141 -17.40 75.60 4.56
C PRO M 141 -16.14 76.36 4.92
N PRO M 142 -15.02 75.68 5.13
CA PRO M 142 -13.79 76.39 5.51
C PRO M 142 -13.31 77.28 4.38
N ALA M 143 -12.77 78.44 4.76
CA ALA M 143 -12.45 79.48 3.79
C ALA M 143 -11.36 79.01 2.85
N GLY M 144 -11.68 78.93 1.56
CA GLY M 144 -10.74 78.54 0.54
C GLY M 144 -11.26 77.46 -0.38
N VAL M 145 -12.02 76.53 0.20
CA VAL M 145 -12.56 75.43 -0.57
C VAL M 145 -13.62 75.98 -1.53
N ALA M 146 -13.51 75.61 -2.80
CA ALA M 146 -14.43 76.04 -3.84
C ALA M 146 -15.35 74.87 -4.18
N LEU M 147 -16.59 74.92 -3.70
CA LEU M 147 -17.55 73.88 -4.00
C LEU M 147 -18.17 74.11 -5.37
N PRO M 148 -18.53 73.05 -6.10
CA PRO M 148 -19.33 73.26 -7.29
C PRO M 148 -20.68 73.76 -6.87
N PRO M 149 -21.44 74.41 -7.77
CA PRO M 149 -22.85 74.64 -7.52
C PRO M 149 -23.63 73.33 -7.49
N GLY M 150 -24.36 73.11 -6.39
CA GLY M 150 -25.13 71.91 -6.20
C GLY M 150 -24.48 70.85 -5.33
N SER M 151 -23.44 71.21 -4.59
CA SER M 151 -22.77 70.29 -3.68
C SER M 151 -22.65 70.95 -2.31
N ASN M 152 -22.58 70.11 -1.29
CA ASN M 152 -22.53 70.55 0.09
C ASN M 152 -21.30 69.96 0.78
N TYR M 153 -20.76 70.72 1.73
CA TYR M 153 -19.53 70.36 2.44
C TYR M 153 -19.84 69.72 3.78
N ASN M 154 -19.24 68.55 4.03
CA ASN M 154 -19.06 68.08 5.39
C ASN M 154 -17.83 67.18 5.39
N PRO M 155 -16.98 67.25 6.42
CA PRO M 155 -15.63 66.70 6.33
C PRO M 155 -15.53 65.19 6.51
N TYR M 156 -16.61 64.49 6.84
CA TYR M 156 -16.56 63.05 7.00
C TYR M 156 -16.66 62.30 5.68
N PHE M 157 -17.08 62.96 4.61
CA PHE M 157 -17.17 62.33 3.31
C PHE M 157 -15.82 62.46 2.60
N PRO M 158 -15.30 61.40 1.98
CA PRO M 158 -14.02 61.55 1.26
C PRO M 158 -14.09 62.54 0.12
N GLY M 159 -13.16 63.49 0.14
CA GLY M 159 -13.12 64.57 -0.82
C GLY M 159 -13.58 65.90 -0.24
N GLY M 160 -14.62 65.85 0.59
CA GLY M 160 -15.15 67.01 1.27
C GLY M 160 -16.49 67.49 0.75
N SER M 161 -16.87 67.10 -0.47
CA SER M 161 -18.10 67.56 -1.09
C SER M 161 -19.01 66.36 -1.33
N ILE M 162 -20.26 66.50 -0.89
CA ILE M 162 -21.26 65.45 -1.00
C ILE M 162 -22.52 66.05 -1.62
N ALA M 163 -23.22 65.21 -2.38
CA ALA M 163 -24.42 65.64 -3.09
C ALA M 163 -25.64 65.79 -2.20
N MET M 164 -25.63 65.21 -1.01
CA MET M 164 -26.71 65.36 -0.05
C MET M 164 -26.54 66.66 0.73
N ALA M 165 -27.66 67.35 0.96
CA ALA M 165 -27.70 68.49 1.86
C ALA M 165 -28.22 68.05 3.22
N ARG M 166 -27.99 68.90 4.22
CA ARG M 166 -28.51 68.62 5.55
C ARG M 166 -30.03 68.47 5.52
N VAL M 167 -30.51 67.42 6.15
CA VAL M 167 -31.94 67.09 6.15
C VAL M 167 -32.53 66.99 7.54
N LEU M 168 -31.73 67.12 8.60
CA LEU M 168 -32.20 66.96 9.97
C LEU M 168 -32.12 68.28 10.71
N PHE M 169 -33.14 68.55 11.51
CA PHE M 169 -33.37 69.82 12.20
C PHE M 169 -34.30 69.52 13.37
N ASP M 170 -34.31 70.40 14.34
CA ASP M 170 -34.98 70.11 15.60
C ASP M 170 -36.50 70.10 15.44
N ASP M 171 -37.13 69.12 16.08
CA ASP M 171 -38.58 69.06 16.28
C ASP M 171 -39.36 68.99 14.97
N MET M 172 -38.80 68.34 13.95
CA MET M 172 -39.58 68.08 12.74
C MET M 172 -40.44 66.83 12.85
N VAL M 173 -40.13 65.93 13.78
CA VAL M 173 -40.91 64.72 14.02
C VAL M 173 -41.44 64.78 15.43
N GLU M 174 -42.69 64.38 15.59
CA GLU M 174 -43.36 64.27 16.87
C GLU M 174 -43.42 62.79 17.23
N TYR M 175 -42.66 62.39 18.23
CA TYR M 175 -42.60 60.99 18.61
C TYR M 175 -43.83 60.58 19.42
N GLU M 176 -44.25 59.34 19.21
CA GLU M 176 -45.44 58.82 19.89
C GLU M 176 -45.23 58.63 21.39
N ASP M 177 -44.00 58.39 21.83
CA ASP M 177 -43.70 58.10 23.21
C ASP M 177 -43.21 59.32 23.99
N GLY M 178 -43.22 60.50 23.36
CA GLY M 178 -42.92 61.73 24.08
C GLY M 178 -41.45 62.03 24.26
N THR M 179 -40.60 61.53 23.38
CA THR M 179 -39.17 61.83 23.45
C THR M 179 -38.89 63.17 22.77
N PRO M 180 -38.02 64.03 23.31
CA PRO M 180 -37.66 65.24 22.58
C PRO M 180 -36.90 64.91 21.30
N ALA M 181 -37.43 65.37 20.16
CA ALA M 181 -36.92 65.01 18.85
C ALA M 181 -35.90 66.05 18.37
N THR M 182 -34.78 66.09 19.10
CA THR M 182 -33.64 66.89 18.69
C THR M 182 -32.93 66.26 17.50
N THR M 183 -31.95 66.98 16.96
CA THR M 183 -31.21 66.50 15.81
C THR M 183 -30.44 65.23 16.12
N SER M 184 -29.72 65.21 17.25
CA SER M 184 -28.92 64.05 17.61
C SER M 184 -29.80 62.85 17.95
N GLN M 185 -30.94 63.10 18.58
CA GLN M 185 -31.83 62.02 19.00
C GLN M 185 -32.33 61.24 17.79
N MET M 186 -32.75 61.96 16.74
CA MET M 186 -33.25 61.28 15.55
C MET M 186 -32.14 60.58 14.78
N ALA M 187 -30.94 61.19 14.76
CA ALA M 187 -29.81 60.56 14.10
C ALA M 187 -29.43 59.25 14.76
N LYS M 188 -29.47 59.21 16.09
CA LYS M 188 -29.14 57.98 16.82
C LYS M 188 -30.15 56.88 16.53
N ASP M 189 -31.43 57.20 16.51
CA ASP M 189 -32.46 56.19 16.29
C ASP M 189 -32.44 55.71 14.84
N VAL M 190 -32.09 56.58 13.90
CA VAL M 190 -31.97 56.19 12.50
C VAL M 190 -30.86 55.16 12.33
N THR M 191 -29.70 55.43 12.91
CA THR M 191 -28.56 54.53 12.74
C THR M 191 -28.82 53.18 13.41
N THR M 192 -29.52 53.18 14.54
CA THR M 192 -29.85 51.92 15.20
C THR M 192 -30.81 51.08 14.38
N PHE M 193 -31.82 51.71 13.79
CA PHE M 193 -32.72 51.00 12.88
C PHE M 193 -31.97 50.44 11.69
N LEU M 194 -31.02 51.21 11.14
CA LEU M 194 -30.32 50.77 9.95
C LEU M 194 -29.35 49.63 10.24
N ASN M 195 -28.75 49.61 11.42
CA ASN M 195 -27.91 48.48 11.79
C ASN M 195 -28.72 47.19 11.92
N TRP M 196 -29.92 47.28 12.47
CA TRP M 196 -30.79 46.11 12.49
C TRP M 196 -31.13 45.64 11.07
N CYS M 197 -31.30 46.58 10.15
CA CYS M 197 -31.58 46.22 8.75
C CYS M 197 -30.44 45.42 8.14
N ALA M 198 -29.20 45.71 8.54
CA ALA M 198 -28.04 44.99 8.01
C ALA M 198 -27.80 43.68 8.75
N GLU M 199 -28.02 43.66 10.07
CA GLU M 199 -27.72 42.50 10.92
C GLU M 199 -28.95 42.12 11.73
N PRO M 200 -29.92 41.42 11.13
CA PRO M 200 -31.11 41.01 11.88
C PRO M 200 -30.93 39.74 12.71
N GLU M 201 -29.72 39.17 12.77
CA GLU M 201 -29.41 38.01 13.59
C GLU M 201 -28.53 38.37 14.79
N HIS M 202 -28.36 39.67 15.06
CA HIS M 202 -27.41 40.15 16.05
C HIS M 202 -27.69 39.61 17.45
N ASP M 203 -28.96 39.56 17.85
CA ASP M 203 -29.28 39.19 19.22
C ASP M 203 -29.22 37.68 19.44
N GLU M 204 -29.66 36.89 18.46
CA GLU M 204 -29.55 35.44 18.55
C GLU M 204 -28.10 34.99 18.47
N ARG M 205 -27.30 35.63 17.62
CA ARG M 205 -25.92 35.22 17.41
C ARG M 205 -25.09 35.35 18.68
N LYS M 206 -25.32 36.42 19.45
CA LYS M 206 -24.50 36.71 20.60
C LYS M 206 -24.78 35.82 21.80
N ARG M 207 -25.88 35.12 21.76
CA ARG M 207 -26.40 34.25 22.82
C ARG M 207 -26.00 32.79 22.52
N LEU M 208 -25.97 32.36 21.28
CA LEU M 208 -25.43 31.06 20.86
C LEU M 208 -23.92 31.02 20.96
N GLY M 209 -23.26 32.19 20.92
CA GLY M 209 -21.82 32.23 21.07
C GLY M 209 -21.40 32.17 22.52
N LEU M 210 -22.31 32.48 23.43
CA LEU M 210 -22.03 32.30 24.85
C LEU M 210 -22.08 30.83 25.22
N LYS M 211 -23.02 30.09 24.61
CA LYS M 211 -23.10 28.65 24.83
C LYS M 211 -21.88 27.94 24.26
N THR M 212 -21.45 28.34 23.07
CA THR M 212 -20.39 27.63 22.36
C THR M 212 -19.03 27.88 23.00
N VAL M 213 -18.82 29.09 23.52
CA VAL M 213 -17.52 29.46 24.08
C VAL M 213 -17.35 28.86 25.48
N ILE M 214 -18.44 28.67 26.21
CA ILE M 214 -18.36 28.05 27.53
C ILE M 214 -18.06 26.56 27.41
N ILE M 215 -18.71 25.89 26.46
CA ILE M 215 -18.50 24.45 26.28
C ILE M 215 -17.09 24.17 25.82
N LEU M 216 -16.61 24.91 24.83
CA LEU M 216 -15.29 24.63 24.26
C LEU M 216 -14.16 25.04 25.19
N SER M 217 -14.41 26.00 26.07
CA SER M 217 -13.37 26.43 27.00
C SER M 217 -13.11 25.38 28.07
N SER M 218 -14.14 24.63 28.47
CA SER M 218 -13.96 23.59 29.49
C SER M 218 -13.37 22.32 28.90
N LEU M 219 -13.75 21.99 27.67
CA LEU M 219 -13.11 20.88 26.97
C LEU M 219 -11.62 21.10 26.78
N TYR M 220 -11.19 22.34 26.62
CA TYR M 220 -9.79 22.63 26.42
C TYR M 220 -8.99 22.44 27.71
N LEU M 221 -9.61 22.73 28.85
CA LEU M 221 -8.95 22.54 30.13
C LEU M 221 -8.96 21.07 30.53
N LEU M 222 -10.04 20.36 30.22
CA LEU M 222 -10.11 18.93 30.50
C LEU M 222 -9.10 18.17 29.66
N SER M 223 -8.86 18.60 28.43
CA SER M 223 -7.89 17.93 27.56
C SER M 223 -6.46 18.10 28.07
N ILE M 224 -6.16 19.23 28.71
CA ILE M 224 -4.82 19.43 29.27
C ILE M 224 -4.61 18.52 30.47
N TRP M 225 -5.64 18.34 31.29
CA TRP M 225 -5.55 17.44 32.43
C TRP M 225 -5.27 16.01 31.96
N VAL M 226 -6.08 15.52 31.03
CA VAL M 226 -6.01 14.12 30.62
C VAL M 226 -4.67 13.82 29.96
N LYS M 227 -4.12 14.77 29.22
CA LYS M 227 -2.85 14.56 28.54
C LYS M 227 -1.71 14.39 29.54
N LYS M 228 -1.65 15.28 30.53
CA LYS M 228 -0.55 15.25 31.48
C LYS M 228 -0.59 14.01 32.36
N PHE M 229 -1.75 13.39 32.53
CA PHE M 229 -1.86 12.15 33.28
C PHE M 229 -1.32 10.98 32.48
N LYS M 230 -1.72 10.88 31.21
CA LYS M 230 -1.29 9.79 30.34
C LYS M 230 0.16 9.91 29.88
N TRP M 231 0.83 11.02 30.16
CA TRP M 231 2.22 11.25 29.78
C TRP M 231 3.18 11.21 30.94
N ALA M 232 2.71 10.84 32.14
CA ALA M 232 3.54 10.97 33.33
C ALA M 232 4.58 9.86 33.44
N GLY M 233 4.30 8.70 32.84
CA GLY M 233 5.29 7.65 32.80
C GLY M 233 6.51 8.01 31.98
N ILE M 234 6.32 8.64 30.82
CA ILE M 234 7.41 8.99 29.93
C ILE M 234 8.26 10.12 30.50
N LYS M 235 7.65 11.09 31.18
CA LYS M 235 8.37 12.27 31.66
C LYS M 235 9.30 11.98 32.84
N THR M 236 9.02 10.96 33.64
CA THR M 236 9.83 10.63 34.81
C THR M 236 10.64 9.35 34.64
N ARG M 237 10.58 8.72 33.47
CA ARG M 237 11.39 7.55 33.18
C ARG M 237 12.88 7.87 33.25
N LYS M 238 13.66 6.91 33.73
CA LYS M 238 15.08 7.08 34.00
C LYS M 238 15.92 6.02 33.29
N PHE M 239 17.16 6.40 32.96
CA PHE M 239 18.10 5.57 32.22
C PHE M 239 19.44 5.47 32.95
N VAL M 240 20.06 4.31 32.84
CA VAL M 240 21.37 4.04 33.42
C VAL M 240 22.21 3.28 32.39
N PHE M 241 23.51 3.55 32.35
CA PHE M 241 24.44 2.88 31.43
C PHE M 241 25.57 2.25 32.22
N ASN M 242 25.84 0.98 31.94
CA ASN M 242 27.00 0.26 32.47
C ASN M 242 27.82 -0.26 31.28
N PRO M 243 29.02 0.25 31.01
CA PRO M 243 29.73 -0.13 29.77
C PRO M 243 30.03 -1.62 29.73
N PRO M 244 29.56 -2.35 28.70
CA PRO M 244 29.84 -3.78 28.66
C PRO M 244 31.29 -4.08 28.31
N LYS M 245 31.61 -5.34 28.24
CA LYS M 245 32.94 -5.79 27.86
C LYS M 245 33.01 -5.95 26.34
N PRO M 246 34.07 -5.45 25.66
CA PRO M 246 34.04 -5.41 24.19
C PRO M 246 34.47 -6.73 23.53
N ARG M 247 34.49 -7.82 24.33
CA ARG M 247 34.64 -9.18 23.83
C ARG M 247 33.99 -9.40 22.47
N LYS M 248 32.72 -9.07 22.35
CA LYS M 248 31.88 -9.35 21.18
C LYS M 248 32.56 -9.20 19.81
N LYS N 1 27.66 -0.61 39.24
CA LYS N 1 26.36 -0.58 39.90
C LYS N 1 25.49 -1.73 39.40
N SER N 2 24.67 -2.26 40.30
CA SER N 2 23.83 -3.39 39.98
C SER N 2 22.51 -2.94 39.36
N THR N 3 21.94 -3.81 38.55
CA THR N 3 20.66 -3.56 37.91
C THR N 3 19.48 -3.83 38.83
N TYR N 4 19.70 -4.44 39.99
CA TYR N 4 18.64 -4.69 40.95
C TYR N 4 18.32 -3.47 41.82
N ARG N 5 19.12 -2.41 41.76
CA ARG N 5 18.84 -1.18 42.49
C ARG N 5 17.96 -0.30 41.61
N THR N 6 16.72 -0.09 42.04
CA THR N 6 15.84 0.83 41.35
C THR N 6 16.23 2.27 41.68
N PRO N 7 16.22 3.21 40.69
CA PRO N 7 16.55 4.61 41.02
C PRO N 7 15.45 5.34 41.77
N ASN N 8 15.70 6.62 42.04
CA ASN N 8 14.86 7.44 42.91
C ASN N 8 13.61 7.90 42.17
N PHE N 9 12.44 7.57 42.72
CA PHE N 9 11.15 8.01 42.17
C PHE N 9 10.33 8.76 43.21
N ASP N 10 10.96 9.25 44.28
CA ASP N 10 10.22 9.84 45.39
C ASP N 10 9.77 11.27 45.14
N ASP N 11 10.16 11.89 44.03
CA ASP N 11 9.63 13.20 43.67
C ASP N 11 8.20 13.14 43.16
N VAL N 12 7.79 12.00 42.59
CA VAL N 12 6.57 11.92 41.80
C VAL N 12 5.52 10.99 42.41
N LEU N 13 5.83 10.24 43.46
CA LEU N 13 4.91 9.23 43.96
C LEU N 13 3.86 9.86 44.90
N LYS N 14 2.87 9.04 45.26
CA LYS N 14 1.60 9.50 45.83
C LYS N 14 1.63 9.43 47.36
N GLU N 15 0.51 9.85 47.96
CA GLU N 15 0.20 9.63 49.38
C GLU N 15 0.45 8.18 49.80
N ASN N 16 -0.48 7.32 49.28
CA ASN N 16 -0.40 5.86 49.23
C ASN N 16 -1.05 5.62 47.85
N ASN N 17 -0.65 4.70 46.92
CA ASN N 17 -1.23 4.64 45.57
C ASN N 17 -2.75 4.61 45.61
N ASP N 18 -3.33 3.77 46.48
CA ASP N 18 -4.75 3.81 46.81
C ASP N 18 -5.62 3.67 45.55
N ALA N 19 -5.54 2.48 44.93
CA ALA N 19 -6.16 2.23 43.63
C ALA N 19 -7.65 2.51 43.61
N ASP N 20 -8.31 2.51 44.73
CA ASP N 20 -9.71 2.98 44.78
C ASP N 20 -9.80 4.44 44.27
N LYS N 21 -8.79 5.28 44.55
CA LYS N 21 -8.77 6.72 44.21
C LYS N 21 -8.00 7.15 42.98
N GLY N 22 -6.86 6.49 42.69
CA GLY N 22 -6.10 6.87 41.50
C GLY N 22 -6.89 6.70 40.22
N ARG N 23 -7.84 5.77 40.21
CA ARG N 23 -8.73 5.58 39.07
C ARG N 23 -9.92 6.53 39.12
N SER N 24 -10.25 7.05 40.29
CA SER N 24 -11.42 7.92 40.43
C SER N 24 -11.28 9.18 39.59
N TYR N 25 -10.15 9.87 39.74
CA TYR N 25 -10.04 11.24 39.21
C TYR N 25 -9.71 11.24 37.72
N ALA N 26 -9.04 10.19 37.24
CA ALA N 26 -8.70 10.14 35.82
C ALA N 26 -9.91 9.86 34.97
N TYR N 27 -10.86 9.11 35.50
CA TYR N 27 -12.00 8.67 34.71
C TYR N 27 -13.19 9.60 34.85
N PHE N 28 -13.21 10.48 35.85
CA PHE N 28 -14.17 11.56 35.88
C PHE N 28 -13.88 12.56 34.78
N MET N 29 -12.61 12.83 34.53
CA MET N 29 -12.20 13.77 33.50
C MET N 29 -12.37 13.19 32.11
N VAL N 30 -12.12 11.89 31.94
CA VAL N 30 -12.33 11.24 30.65
C VAL N 30 -13.82 11.11 30.37
N GLY N 31 -14.64 11.02 31.41
CA GLY N 31 -16.08 10.96 31.21
C GLY N 31 -16.68 12.31 30.86
N ALA N 32 -16.20 13.37 31.51
CA ALA N 32 -16.68 14.72 31.21
C ALA N 32 -16.34 15.12 29.78
N MET N 33 -15.14 14.75 29.31
CA MET N 33 -14.73 15.11 27.96
C MET N 33 -15.56 14.37 26.92
N GLY N 34 -16.04 13.17 27.26
CA GLY N 34 -16.90 12.44 26.35
C GLY N 34 -18.34 12.92 26.37
N LEU N 35 -18.76 13.47 27.51
CA LEU N 35 -20.12 14.00 27.62
C LEU N 35 -20.27 15.30 26.82
N LEU N 36 -19.31 16.21 26.96
CA LEU N 36 -19.40 17.49 26.28
C LEU N 36 -19.23 17.35 24.78
N SER N 37 -18.39 16.41 24.34
CA SER N 37 -18.11 16.28 22.91
C SER N 37 -19.21 15.50 22.20
N SER N 38 -20.00 14.72 22.93
CA SER N 38 -21.16 14.06 22.33
C SER N 38 -22.33 15.01 22.20
N ALA N 39 -22.45 15.97 23.13
CA ALA N 39 -23.44 17.03 23.00
C ALA N 39 -23.08 17.99 21.89
N GLY N 40 -21.80 18.36 21.80
CA GLY N 40 -21.34 19.21 20.73
C GLY N 40 -21.49 18.60 19.35
N ALA N 41 -21.30 17.27 19.25
CA ALA N 41 -21.44 16.61 17.96
C ALA N 41 -22.88 16.62 17.49
N LYS N 42 -23.77 16.49 18.44
CA LYS N 42 -25.23 16.49 18.19
C LYS N 42 -25.77 17.87 17.81
N SER N 43 -25.23 18.98 18.26
CA SER N 43 -25.58 20.34 17.86
C SER N 43 -25.02 20.69 16.49
N THR N 44 -23.84 20.16 16.17
CA THR N 44 -23.24 20.39 14.85
C THR N 44 -24.04 19.70 13.76
N VAL N 45 -24.44 18.45 13.99
CA VAL N 45 -25.18 17.70 12.97
C VAL N 45 -26.56 18.31 12.76
N GLU N 46 -27.22 18.76 13.82
CA GLU N 46 -28.56 19.31 13.70
C GLU N 46 -28.54 20.71 13.08
N THR N 47 -27.42 21.41 13.20
CA THR N 47 -27.28 22.71 12.53
C THR N 47 -27.17 22.54 11.02
N PHE N 48 -26.46 21.50 10.57
CA PHE N 48 -26.28 21.29 9.14
C PHE N 48 -27.55 20.75 8.50
N ILE N 49 -28.27 19.88 9.22
CA ILE N 49 -29.44 19.23 8.67
C ILE N 49 -30.62 20.19 8.61
N SER N 50 -30.73 21.11 9.56
CA SER N 50 -31.83 22.07 9.56
C SER N 50 -31.69 23.12 8.46
N SER N 51 -30.48 23.33 7.94
CA SER N 51 -30.29 24.26 6.83
C SER N 51 -31.02 23.81 5.56
N MET N 52 -31.36 22.53 5.46
CA MET N 52 -32.08 22.00 4.31
C MET N 52 -33.59 22.12 4.45
N THR N 53 -34.10 22.69 5.53
CA THR N 53 -35.53 22.91 5.66
C THR N 53 -35.95 24.17 4.90
N ALA N 54 -37.26 24.32 4.75
CA ALA N 54 -37.85 25.42 4.00
C ALA N 54 -37.35 26.77 4.50
N THR N 55 -37.01 27.63 3.54
CA THR N 55 -36.50 28.95 3.83
C THR N 55 -37.62 29.89 4.23
N ALA N 56 -37.23 31.10 4.66
CA ALA N 56 -38.19 32.08 5.15
C ALA N 56 -39.15 32.54 4.06
N ASP N 57 -38.63 32.77 2.85
CA ASP N 57 -39.48 33.20 1.75
C ASP N 57 -40.45 32.10 1.30
N VAL N 58 -40.09 30.83 1.47
CA VAL N 58 -40.98 29.75 1.09
C VAL N 58 -42.09 29.58 2.11
N LEU N 59 -41.78 29.83 3.39
CA LEU N 59 -42.79 29.78 4.44
C LEU N 59 -43.70 30.99 4.43
N ALA N 60 -43.25 32.12 3.90
CA ALA N 60 -44.09 33.30 3.81
C ALA N 60 -45.21 33.10 2.81
N MET N 61 -44.93 32.41 1.70
CA MET N 61 -45.92 32.05 0.71
C MET N 61 -46.65 30.76 1.05
N ALA N 62 -46.56 30.29 2.30
CA ALA N 62 -47.18 29.03 2.67
C ALA N 62 -48.70 29.13 2.71
N LYS N 63 -49.22 30.33 2.89
CA LYS N 63 -50.66 30.59 2.78
C LYS N 63 -50.86 31.69 1.73
N VAL N 64 -51.27 31.27 0.54
CA VAL N 64 -51.89 32.18 -0.42
C VAL N 64 -53.37 32.16 -0.11
N GLU N 65 -53.80 32.85 0.96
CA GLU N 65 -55.22 32.82 1.42
C GLU N 65 -56.09 33.96 0.87
N VAL N 66 -56.76 33.73 -0.28
CA VAL N 66 -57.72 34.66 -0.84
C VAL N 66 -58.70 35.11 0.25
N ASN N 67 -59.41 36.20 -0.05
CA ASN N 67 -60.54 36.63 0.75
C ASN N 67 -61.82 36.60 -0.11
N LEU N 68 -62.95 37.07 0.44
CA LEU N 68 -64.25 36.47 0.27
C LEU N 68 -65.02 36.98 -0.95
N ALA N 69 -64.85 38.25 -1.32
CA ALA N 69 -65.65 38.86 -2.38
C ALA N 69 -64.91 38.89 -3.71
N ALA N 70 -64.03 37.93 -3.95
CA ALA N 70 -63.18 37.97 -5.14
C ALA N 70 -63.80 37.32 -6.37
N ILE N 71 -64.01 36.00 -6.38
CA ILE N 71 -64.27 35.28 -7.62
C ILE N 71 -65.78 34.98 -7.72
N PRO N 72 -66.47 35.39 -8.81
CA PRO N 72 -67.93 35.45 -8.81
C PRO N 72 -68.65 34.15 -9.23
N LEU N 73 -69.94 34.34 -9.58
CA LEU N 73 -70.89 33.31 -9.99
C LEU N 73 -70.26 32.23 -10.86
N GLY N 74 -69.90 32.57 -12.09
CA GLY N 74 -69.57 31.60 -13.12
C GLY N 74 -68.08 31.38 -13.20
N LYS N 75 -67.46 31.14 -12.05
CA LYS N 75 -66.02 31.26 -11.90
C LYS N 75 -65.54 30.19 -10.94
N ASN N 76 -64.73 29.27 -11.45
CA ASN N 76 -64.12 28.19 -10.67
C ASN N 76 -62.63 28.22 -10.97
N VAL N 77 -61.91 29.12 -10.27
CA VAL N 77 -60.55 29.43 -10.64
C VAL N 77 -59.61 28.45 -9.94
N VAL N 78 -58.55 28.07 -10.64
CA VAL N 78 -57.53 27.16 -10.14
C VAL N 78 -56.34 27.99 -9.70
N VAL N 79 -56.05 27.97 -8.40
CA VAL N 79 -54.94 28.73 -7.85
C VAL N 79 -53.75 27.80 -7.65
N LYS N 80 -52.59 28.43 -7.54
CA LYS N 80 -51.37 27.76 -7.09
C LYS N 80 -51.07 28.15 -5.63
N TRP N 81 -51.86 27.57 -4.74
CA TRP N 81 -51.64 27.69 -3.31
C TRP N 81 -50.64 26.61 -2.88
N GLN N 82 -49.53 27.01 -2.31
CA GLN N 82 -48.52 26.04 -1.84
C GLN N 82 -48.13 25.21 -3.08
N GLY N 83 -48.01 25.86 -4.26
CA GLY N 83 -47.66 25.12 -5.45
C GLY N 83 -48.56 23.93 -5.72
N LYS N 84 -49.75 23.91 -5.13
CA LYS N 84 -50.73 22.82 -5.33
C LYS N 84 -51.79 23.19 -6.32
N PRO N 85 -52.18 22.29 -7.25
CA PRO N 85 -53.40 22.58 -8.02
C PRO N 85 -54.61 22.54 -7.11
N VAL N 86 -55.12 23.73 -6.76
CA VAL N 86 -56.23 23.87 -5.83
C VAL N 86 -57.41 24.45 -6.60
N PHE N 87 -58.61 23.92 -6.34
CA PHE N 87 -59.84 24.37 -6.97
C PHE N 87 -60.63 25.15 -5.93
N ILE N 88 -61.02 26.38 -6.27
CA ILE N 88 -61.94 27.18 -5.47
C ILE N 88 -63.18 27.48 -6.29
N ARG N 89 -64.35 27.34 -5.68
CA ARG N 89 -65.64 27.57 -6.32
C ARG N 89 -66.47 28.51 -5.46
N HIS N 90 -67.52 29.04 -6.06
CA HIS N 90 -68.44 29.98 -5.42
C HIS N 90 -69.80 29.29 -5.27
N ARG N 91 -70.54 29.66 -4.22
CA ARG N 91 -71.82 29.04 -3.91
C ARG N 91 -72.99 30.01 -3.83
N THR N 92 -74.17 29.39 -3.69
CA THR N 92 -75.50 29.96 -3.56
C THR N 92 -76.27 29.04 -2.61
N PRO N 93 -77.04 29.58 -1.66
CA PRO N 93 -77.43 28.75 -0.48
C PRO N 93 -78.29 27.52 -0.79
N HIS N 94 -78.93 27.46 -1.95
CA HIS N 94 -79.77 26.32 -2.35
C HIS N 94 -78.97 25.05 -2.63
N GLU N 95 -77.65 25.14 -2.65
CA GLU N 95 -76.82 24.23 -3.42
C GLU N 95 -75.85 23.38 -2.58
N ILE N 96 -76.29 22.70 -1.53
CA ILE N 96 -75.53 21.53 -1.05
C ILE N 96 -76.46 20.32 -0.90
N GLN N 97 -77.78 20.57 -0.86
CA GLN N 97 -78.74 19.54 -1.28
C GLN N 97 -78.38 19.02 -2.66
N GLU N 98 -77.78 19.99 -3.39
CA GLU N 98 -77.24 19.79 -4.74
C GLU N 98 -76.11 18.75 -4.69
N ALA N 99 -75.36 18.72 -3.59
CA ALA N 99 -74.30 17.73 -3.40
C ALA N 99 -74.84 16.40 -2.91
N ASN N 100 -75.49 16.38 -1.75
CA ASN N 100 -76.13 15.16 -1.25
C ASN N 100 -77.54 15.04 -1.79
N SER N 101 -77.65 14.94 -3.11
CA SER N 101 -78.89 14.53 -3.75
C SER N 101 -79.11 13.03 -3.62
N VAL N 102 -78.08 12.28 -3.23
CA VAL N 102 -78.04 10.83 -3.41
C VAL N 102 -77.99 10.16 -2.05
N ASP N 103 -78.17 8.83 -2.08
CA ASP N 103 -77.71 7.97 -1.00
C ASP N 103 -76.31 7.45 -1.32
N MET N 104 -75.72 6.71 -0.39
CA MET N 104 -74.29 6.46 -0.33
C MET N 104 -73.92 5.06 -0.80
N SER N 105 -74.83 4.09 -0.68
CA SER N 105 -74.52 2.73 -1.11
C SER N 105 -74.20 2.67 -2.61
N ALA N 106 -74.68 3.65 -3.37
CA ALA N 106 -74.21 3.90 -4.72
C ALA N 106 -72.72 4.22 -4.79
N LEU N 107 -72.15 4.77 -3.72
CA LEU N 107 -70.81 5.33 -3.69
C LEU N 107 -69.98 4.51 -2.69
N LYS N 108 -68.74 4.94 -2.44
CA LYS N 108 -67.81 4.13 -1.68
C LYS N 108 -67.86 4.43 -0.18
N ASP N 109 -67.69 5.70 0.22
CA ASP N 109 -67.35 5.99 1.61
C ASP N 109 -68.47 6.93 2.07
N PRO N 110 -69.27 6.58 3.11
CA PRO N 110 -70.35 7.49 3.52
C PRO N 110 -69.81 8.78 4.13
N GLN N 111 -69.98 9.91 3.41
CA GLN N 111 -69.56 11.25 3.93
C GLN N 111 -70.62 12.31 3.60
N THR N 112 -70.74 13.36 4.41
CA THR N 112 -71.83 14.35 4.37
C THR N 112 -71.28 15.76 4.16
N ASP N 113 -72.17 16.65 3.65
CA ASP N 113 -71.91 18.09 3.60
C ASP N 113 -71.23 18.61 4.85
N ALA N 114 -71.77 18.31 6.03
CA ALA N 114 -71.20 18.78 7.28
C ALA N 114 -69.75 18.34 7.47
N ASP N 115 -69.34 17.23 6.87
CA ASP N 115 -67.94 16.82 6.82
C ASP N 115 -67.19 17.32 5.59
N ARG N 116 -67.90 17.73 4.53
CA ARG N 116 -67.25 18.19 3.29
C ARG N 116 -66.39 19.41 3.55
N VAL N 117 -67.04 20.51 3.91
CA VAL N 117 -66.44 21.83 4.05
C VAL N 117 -67.25 22.50 5.16
N LYS N 118 -66.58 23.28 6.00
CA LYS N 118 -67.19 23.65 7.27
C LYS N 118 -68.44 24.50 7.05
N ASP N 119 -68.27 25.66 6.42
CA ASP N 119 -69.33 26.59 6.06
C ASP N 119 -69.44 26.46 4.56
N PRO N 120 -70.15 25.45 4.05
CA PRO N 120 -69.91 24.98 2.67
C PRO N 120 -70.28 25.98 1.58
N GLN N 121 -70.87 27.13 1.92
CA GLN N 121 -71.33 28.05 0.88
C GLN N 121 -70.20 28.87 0.26
N TRP N 122 -68.94 28.57 0.57
CA TRP N 122 -67.81 28.92 -0.29
C TRP N 122 -66.86 27.73 -0.29
N LEU N 123 -66.59 27.17 -1.46
CA LEU N 123 -65.92 25.88 -1.54
C LEU N 123 -64.44 26.00 -1.88
N ILE N 124 -63.67 25.08 -1.32
CA ILE N 124 -62.25 24.92 -1.60
C ILE N 124 -61.97 23.42 -1.59
N MET N 125 -61.48 22.81 -2.71
CA MET N 125 -61.06 21.36 -2.82
C MET N 125 -59.74 21.20 -3.60
N LEU N 126 -58.78 20.42 -3.11
CA LEU N 126 -57.49 20.21 -3.73
C LEU N 126 -57.57 19.10 -4.78
N GLY N 127 -56.83 19.28 -5.87
CA GLY N 127 -56.93 18.42 -7.04
C GLY N 127 -55.84 17.40 -7.20
N ILE N 128 -55.15 17.01 -6.12
CA ILE N 128 -54.10 16.01 -6.22
C ILE N 128 -54.78 14.65 -6.20
N CYS N 129 -55.17 14.20 -7.40
CA CYS N 129 -55.65 12.81 -7.52
C CYS N 129 -54.47 12.03 -6.91
N THR N 130 -54.71 11.15 -5.93
CA THR N 130 -53.62 10.47 -5.22
C THR N 130 -52.84 9.55 -6.15
N HIS N 131 -53.54 8.88 -7.06
CA HIS N 131 -52.94 7.90 -7.97
C HIS N 131 -52.78 8.45 -9.38
N LEU N 132 -53.26 9.66 -9.64
CA LEU N 132 -52.94 10.41 -10.85
C LEU N 132 -52.13 11.67 -10.60
N GLY N 133 -52.69 12.66 -9.96
CA GLY N 133 -52.14 14.03 -9.94
C GLY N 133 -52.89 14.74 -11.06
N CYS N 134 -54.15 14.39 -11.35
CA CYS N 134 -54.87 14.92 -12.50
C CYS N 134 -55.73 16.13 -12.10
N VAL N 135 -56.23 16.81 -13.11
CA VAL N 135 -56.77 18.17 -12.99
C VAL N 135 -58.17 18.20 -13.60
N PRO N 136 -59.20 17.93 -12.79
CA PRO N 136 -60.59 18.03 -13.30
C PRO N 136 -60.93 19.40 -13.87
N ILE N 137 -61.64 19.38 -15.00
CA ILE N 137 -62.03 20.58 -15.73
C ILE N 137 -63.33 21.11 -15.15
N GLY N 138 -63.36 22.40 -14.80
CA GLY N 138 -64.62 23.05 -14.50
C GLY N 138 -65.49 23.17 -15.73
N GLU N 139 -66.68 23.74 -15.52
CA GLU N 139 -67.59 24.10 -16.61
C GLU N 139 -68.02 22.87 -17.41
N ALA N 140 -68.06 21.71 -16.77
CA ALA N 140 -68.34 20.47 -17.48
C ALA N 140 -68.69 19.39 -16.47
N GLY N 141 -69.20 18.28 -16.97
CA GLY N 141 -69.66 17.19 -16.14
C GLY N 141 -70.98 16.63 -16.58
N ASP N 142 -71.75 16.18 -15.60
CA ASP N 142 -73.10 15.71 -15.81
C ASP N 142 -74.11 16.48 -14.98
N PHE N 143 -73.70 17.03 -13.84
CA PHE N 143 -74.58 17.69 -12.88
C PHE N 143 -74.27 19.18 -12.74
N GLY N 144 -73.60 19.77 -13.73
CA GLY N 144 -73.11 21.12 -13.59
C GLY N 144 -71.89 21.27 -12.72
N GLY N 145 -71.15 20.18 -12.49
CA GLY N 145 -69.97 20.17 -11.65
C GLY N 145 -68.68 19.94 -12.40
N TRP N 146 -68.34 18.66 -12.50
CA TRP N 146 -66.98 18.34 -12.90
C TRP N 146 -66.82 17.24 -13.90
N PHE N 147 -65.91 17.48 -14.84
CA PHE N 147 -65.42 16.36 -15.62
C PHE N 147 -63.93 16.56 -15.85
N CYS N 148 -63.18 15.47 -15.79
CA CYS N 148 -61.82 15.43 -16.31
C CYS N 148 -61.80 14.44 -17.47
N PRO N 149 -61.03 14.69 -18.54
CA PRO N 149 -60.87 13.64 -19.57
C PRO N 149 -59.87 12.56 -19.19
N CYS N 150 -59.59 12.41 -17.89
CA CYS N 150 -58.43 11.70 -17.37
C CYS N 150 -58.62 10.19 -17.53
N HIS N 151 -59.64 9.66 -16.84
CA HIS N 151 -60.09 8.29 -16.98
C HIS N 151 -61.61 8.21 -17.13
N GLY N 152 -62.29 9.36 -17.24
CA GLY N 152 -63.69 9.44 -16.89
C GLY N 152 -63.83 9.72 -15.42
N SER N 153 -62.93 10.55 -14.87
CA SER N 153 -62.95 10.91 -13.46
C SER N 153 -64.04 11.96 -13.25
N HIS N 154 -65.29 11.51 -13.20
CA HIS N 154 -66.39 12.40 -12.88
C HIS N 154 -66.41 12.60 -11.37
N TYR N 155 -66.58 13.85 -10.95
CA TYR N 155 -66.85 14.19 -9.57
C TYR N 155 -68.24 14.80 -9.48
N ASP N 156 -68.73 14.91 -8.24
CA ASP N 156 -69.98 15.64 -8.00
C ASP N 156 -69.59 17.07 -7.60
N ILE N 157 -70.52 18.03 -7.53
CA ILE N 157 -70.32 19.43 -7.18
C ILE N 157 -69.46 19.58 -5.93
N SER N 158 -69.85 18.92 -4.84
CA SER N 158 -69.03 18.90 -3.63
C SER N 158 -67.65 18.31 -3.84
N GLY N 159 -67.51 17.45 -4.84
CA GLY N 159 -66.24 16.87 -5.18
C GLY N 159 -65.99 15.47 -4.68
N ARG N 160 -66.88 14.55 -5.07
CA ARG N 160 -66.78 13.13 -4.65
C ARG N 160 -66.80 12.26 -5.92
N ILE N 161 -65.75 11.45 -6.17
CA ILE N 161 -65.65 10.64 -7.38
C ILE N 161 -66.98 9.98 -7.62
N ARG N 162 -67.31 9.64 -8.88
CA ARG N 162 -68.66 9.10 -9.17
C ARG N 162 -68.71 8.08 -10.31
N LYS N 163 -67.64 7.96 -11.12
CA LYS N 163 -67.79 7.15 -12.30
C LYS N 163 -66.45 6.93 -12.95
N GLY N 164 -65.40 7.06 -12.15
CA GLY N 164 -64.04 6.94 -12.58
C GLY N 164 -63.37 6.03 -11.59
N PRO N 165 -62.35 5.31 -12.00
CA PRO N 165 -61.85 4.22 -11.13
C PRO N 165 -60.93 4.68 -10.01
N ALA N 166 -60.93 5.97 -9.68
CA ALA N 166 -60.02 6.47 -8.66
C ALA N 166 -60.55 6.12 -7.27
N PRO N 167 -59.68 5.74 -6.31
CA PRO N 167 -60.18 5.12 -5.07
C PRO N 167 -60.87 6.06 -4.07
N LEU N 168 -60.49 7.33 -3.98
CA LEU N 168 -61.06 8.20 -2.95
C LEU N 168 -61.15 9.65 -3.40
N ASN N 169 -62.06 10.35 -2.73
CA ASN N 169 -62.30 11.78 -2.88
C ASN N 169 -61.34 12.55 -2.00
N LEU N 170 -60.92 13.71 -2.49
CA LEU N 170 -59.62 14.22 -2.11
C LEU N 170 -59.69 15.32 -1.06
N GLU N 171 -58.51 15.76 -0.67
CA GLU N 171 -58.29 16.46 0.59
C GLU N 171 -58.82 17.89 0.53
N ILE N 172 -59.58 18.25 1.55
CA ILE N 172 -60.11 19.60 1.72
C ILE N 172 -59.15 20.34 2.64
N PRO N 173 -58.67 21.54 2.28
CA PRO N 173 -57.59 22.14 3.05
C PRO N 173 -58.05 22.57 4.43
N ALA N 174 -57.12 22.54 5.38
CA ALA N 174 -57.40 22.95 6.75
C ALA N 174 -57.41 24.48 6.83
N TYR N 175 -58.40 25.06 6.16
CA TYR N 175 -58.63 26.49 6.13
C TYR N 175 -59.65 26.85 7.20
N GLU N 176 -59.38 27.92 7.96
CA GLU N 176 -60.28 28.38 9.03
C GLU N 176 -60.85 29.76 8.71
N PHE N 177 -61.66 30.29 9.63
CA PHE N 177 -62.41 31.53 9.43
C PHE N 177 -62.17 32.45 10.63
N ASP N 178 -61.83 33.70 10.34
CA ASP N 178 -61.51 34.66 11.38
C ASP N 178 -61.93 36.11 11.06
N GLY N 179 -62.55 36.38 9.89
CA GLY N 179 -63.25 37.63 9.64
C GLY N 179 -62.45 38.68 8.87
N ASP N 180 -62.74 38.85 7.58
CA ASP N 180 -61.76 39.25 6.57
C ASP N 180 -60.63 38.24 6.53
N LYS N 181 -60.96 36.96 6.69
CA LYS N 181 -59.96 35.92 6.90
C LYS N 181 -60.57 34.62 6.40
N VAL N 182 -59.84 33.88 5.56
CA VAL N 182 -59.99 32.43 5.48
C VAL N 182 -58.60 31.84 5.34
N ILE N 183 -58.06 31.28 6.42
CA ILE N 183 -56.63 30.99 6.45
C ILE N 183 -56.37 29.67 5.73
N VAL N 184 -56.47 29.64 4.39
CA VAL N 184 -56.20 28.42 3.53
C VAL N 184 -54.75 28.06 3.77
N GLY N 185 -54.47 27.08 4.62
CA GLY N 185 -53.15 26.66 5.09
C GLY N 185 -53.08 25.16 5.38
N GLY O 1 2.38 -8.42 -3.31
CA GLY O 1 3.13 -7.59 -4.23
C GLY O 1 4.63 -7.78 -4.09
N PRO O 2 5.42 -7.04 -4.87
CA PRO O 2 6.87 -7.13 -4.79
C PRO O 2 7.41 -6.13 -3.79
N PRO O 3 8.64 -6.34 -3.29
CA PRO O 3 9.25 -5.33 -2.42
C PRO O 3 9.87 -4.20 -3.21
N SER O 4 9.74 -2.99 -2.67
CA SER O 4 10.20 -1.78 -3.32
C SER O 4 11.55 -1.36 -2.74
N GLY O 5 12.00 -0.17 -3.10
CA GLY O 5 13.28 0.32 -2.65
C GLY O 5 13.23 0.77 -1.21
N LYS O 6 14.18 0.26 -0.43
CA LYS O 6 14.08 0.33 1.01
C LYS O 6 14.59 1.69 1.51
N THR O 7 14.43 1.92 2.79
CA THR O 7 14.28 3.19 3.45
C THR O 7 15.43 3.38 4.43
N TYR O 8 15.29 4.42 5.27
CA TYR O 8 16.11 4.60 6.44
C TYR O 8 15.31 4.42 7.73
N MET O 9 14.10 3.90 7.72
CA MET O 9 13.27 3.54 8.88
C MET O 9 12.53 2.23 8.63
N GLY O 10 12.54 1.29 9.53
CA GLY O 10 11.82 0.02 9.49
C GLY O 10 10.55 0.05 10.31
N TRP O 11 10.30 -1.07 11.00
CA TRP O 11 9.11 -1.25 11.83
C TRP O 11 9.52 -1.88 13.16
N TRP O 12 8.55 -2.17 14.01
CA TRP O 12 8.80 -2.72 15.34
C TRP O 12 9.50 -4.07 15.25
N GLY O 13 10.70 -4.15 15.84
CA GLY O 13 11.55 -5.30 15.79
C GLY O 13 12.76 -5.15 14.90
N HIS O 14 12.62 -4.40 13.81
CA HIS O 14 13.69 -4.18 12.83
C HIS O 14 13.73 -2.70 12.43
N MET O 15 13.74 -1.81 13.42
CA MET O 15 13.64 -0.38 13.15
C MET O 15 14.84 0.16 12.37
N GLY O 16 15.99 -0.49 12.46
CA GLY O 16 17.13 -0.15 11.65
C GLY O 16 18.15 0.77 12.27
N GLY O 17 18.32 0.72 13.59
CA GLY O 17 19.37 1.45 14.25
C GLY O 17 20.53 0.57 14.63
N PRO O 18 21.45 1.10 15.42
CA PRO O 18 22.58 0.30 15.88
C PRO O 18 22.18 -0.63 17.02
N LYS O 19 22.96 -1.70 17.18
CA LYS O 19 22.73 -2.64 18.26
C LYS O 19 23.07 -2.01 19.60
N GLN O 20 22.19 -2.22 20.57
CA GLN O 20 22.32 -1.67 21.91
C GLN O 20 22.68 -2.76 22.91
N LYS O 21 23.54 -2.41 23.86
CA LYS O 21 23.96 -3.30 24.92
C LYS O 21 24.39 -2.45 26.10
N GLY O 22 23.87 -2.79 27.28
CA GLY O 22 24.29 -2.15 28.51
C GLY O 22 23.46 -0.98 28.98
N ILE O 23 22.26 -0.78 28.43
CA ILE O 23 21.36 0.30 28.81
C ILE O 23 20.16 -0.29 29.51
N THR O 24 19.79 0.28 30.65
CA THR O 24 18.64 -0.12 31.45
C THR O 24 17.67 1.04 31.61
N SER O 25 16.37 0.74 31.49
CA SER O 25 15.29 1.71 31.59
C SER O 25 14.36 1.35 32.75
N TYR O 26 13.93 2.37 33.51
CA TYR O 26 12.97 2.22 34.60
C TYR O 26 11.83 3.22 34.43
N ALA O 27 10.65 2.84 34.93
CA ALA O 27 9.46 3.68 34.83
C ALA O 27 8.45 3.30 35.90
N VAL O 28 7.51 4.22 36.17
CA VAL O 28 6.45 4.04 37.15
C VAL O 28 5.11 4.36 36.48
N SER O 29 4.07 3.68 36.94
CA SER O 29 2.74 3.83 36.37
C SER O 29 2.19 5.23 36.60
N PRO O 30 1.36 5.77 35.70
CA PRO O 30 0.74 7.08 35.97
C PRO O 30 -0.36 7.02 37.02
N TYR O 31 -1.10 5.91 37.12
CA TYR O 31 -2.08 5.74 38.18
C TYR O 31 -1.46 5.80 39.56
N ALA O 32 -0.17 5.54 39.70
CA ALA O 32 0.51 5.51 40.98
C ALA O 32 1.23 6.80 41.33
N GLN O 33 1.16 7.81 40.47
CA GLN O 33 1.72 9.13 40.73
C GLN O 33 0.61 10.17 40.58
N LYS O 34 0.89 11.38 41.10
CA LYS O 34 -0.07 12.47 41.10
C LYS O 34 0.11 13.35 39.88
N PRO O 35 -0.91 13.62 39.06
CA PRO O 35 -0.75 14.57 37.96
C PRO O 35 -1.06 16.01 38.40
N LEU O 36 -0.70 16.94 37.52
CA LEU O 36 -0.61 18.36 37.86
C LEU O 36 0.14 18.54 39.18
N GLN O 37 1.44 18.31 39.10
CA GLN O 37 2.32 18.17 40.25
C GLN O 37 3.23 19.36 40.48
N GLY O 38 3.74 19.98 39.41
CA GLY O 38 4.72 21.05 39.52
C GLY O 38 4.63 22.17 38.49
N ILE O 39 3.45 22.43 37.92
CA ILE O 39 3.41 23.26 36.72
C ILE O 39 3.52 24.76 37.05
N PHE O 40 3.68 25.13 38.32
CA PHE O 40 4.59 26.21 38.68
C PHE O 40 5.79 25.60 39.39
N HIS O 41 6.96 26.22 39.15
CA HIS O 41 8.24 25.54 38.92
C HIS O 41 8.32 25.02 37.48
N ASN O 42 7.35 25.37 36.62
CA ASN O 42 7.41 25.13 35.19
C ASN O 42 7.24 26.40 34.38
N ALA O 43 6.16 27.16 34.59
CA ALA O 43 5.91 28.37 33.81
C ALA O 43 6.78 29.54 34.24
N VAL O 44 7.45 29.43 35.39
CA VAL O 44 8.21 30.50 36.01
C VAL O 44 9.68 30.13 36.01
N PHE O 45 9.98 28.83 36.02
CA PHE O 45 11.36 28.33 35.95
C PHE O 45 11.72 28.10 34.49
N ASN O 46 11.04 27.18 33.82
CA ASN O 46 11.48 26.70 32.51
C ASN O 46 11.06 27.61 31.36
N SER O 47 9.84 28.14 31.40
CA SER O 47 9.42 29.07 30.35
C SER O 47 10.27 30.32 30.35
N PHE O 48 10.59 30.83 31.54
CA PHE O 48 11.46 32.01 31.64
C PHE O 48 12.88 31.66 31.25
N ARG O 49 13.31 30.43 31.51
CA ARG O 49 14.63 29.98 31.07
C ARG O 49 14.68 29.80 29.56
N ARG O 50 13.60 29.25 28.98
CA ARG O 50 13.55 29.06 27.53
C ARG O 50 13.39 30.39 26.82
N PHE O 51 12.62 31.31 27.39
CA PHE O 51 12.50 32.65 26.83
C PHE O 51 13.84 33.37 26.80
N LYS O 52 14.51 33.41 27.96
CA LYS O 52 15.76 34.16 28.10
C LYS O 52 16.82 33.72 27.10
N SER O 53 16.79 32.47 26.67
CA SER O 53 17.74 32.00 25.67
C SER O 53 17.40 32.51 24.28
N GLN O 54 16.22 32.14 23.78
CA GLN O 54 15.81 32.46 22.42
C GLN O 54 14.86 33.65 22.40
N PHE O 55 15.43 34.83 22.69
CA PHE O 55 14.71 36.09 22.50
C PHE O 55 15.53 37.18 21.82
N LEU O 56 16.85 37.12 21.84
CA LEU O 56 17.66 38.05 21.08
C LEU O 56 17.78 37.67 19.61
N TYR O 57 17.40 36.44 19.23
CA TYR O 57 17.35 36.06 17.83
C TYR O 57 16.06 36.47 17.15
N VAL O 58 15.01 36.77 17.92
CA VAL O 58 13.73 37.17 17.38
C VAL O 58 13.49 38.68 17.44
N LEU O 59 14.09 39.38 18.40
CA LEU O 59 13.74 40.77 18.67
C LEU O 59 14.65 41.79 18.01
N ILE O 60 15.89 41.43 17.70
CA ILE O 60 16.78 42.34 17.00
C ILE O 60 16.33 42.44 15.55
N PRO O 61 15.97 41.34 14.87
CA PRO O 61 15.32 41.50 13.57
C PRO O 61 14.03 42.29 13.60
N ALA O 62 13.16 42.02 14.58
CA ALA O 62 11.89 42.73 14.68
C ALA O 62 12.07 44.22 14.87
N GLY O 63 13.13 44.62 15.59
CA GLY O 63 13.41 46.02 15.81
C GLY O 63 13.92 46.76 14.60
N ILE O 64 14.56 46.05 13.66
CA ILE O 64 15.09 46.70 12.48
C ILE O 64 13.99 46.95 11.45
N TYR O 65 13.06 45.99 11.32
CA TYR O 65 12.01 46.10 10.32
C TYR O 65 10.91 47.06 10.76
N TRP O 66 10.68 47.16 12.07
CA TRP O 66 9.64 48.06 12.57
C TRP O 66 10.10 49.52 12.52
N TYR O 67 11.37 49.77 12.85
CA TYR O 67 11.94 51.09 12.67
C TYR O 67 11.85 51.54 11.21
N TRP O 68 12.02 50.61 10.28
CA TRP O 68 11.99 50.95 8.86
C TRP O 68 10.59 51.36 8.41
N TRP O 69 9.58 50.62 8.86
CA TRP O 69 8.21 50.96 8.55
C TRP O 69 7.83 52.31 9.12
N LYS O 70 8.43 52.65 10.26
CA LYS O 70 8.12 53.92 10.91
C LYS O 70 8.61 55.12 10.10
N ASN O 71 9.91 55.17 9.84
CA ASN O 71 10.49 56.31 9.16
C ASN O 71 9.88 56.52 7.77
N GLY O 72 9.37 55.46 7.16
CA GLY O 72 8.67 55.61 5.90
C GLY O 72 7.28 56.20 6.08
N ASN O 73 6.53 55.70 7.06
CA ASN O 73 5.18 56.20 7.30
C ASN O 73 5.21 57.64 7.78
N GLU O 74 6.20 58.00 8.58
CA GLU O 74 6.36 59.39 9.00
C GLU O 74 6.65 60.31 7.83
N TYR O 75 7.51 59.87 6.90
CA TYR O 75 7.93 60.71 5.79
C TYR O 75 6.79 60.88 4.78
N ASN O 76 5.99 59.83 4.58
CA ASN O 76 4.87 59.91 3.65
C ASN O 76 3.85 60.95 4.11
N GLU O 77 3.50 60.93 5.40
CA GLU O 77 2.53 61.89 5.91
C GLU O 77 3.04 63.33 5.80
N PHE O 78 4.36 63.52 5.82
CA PHE O 78 4.91 64.85 5.62
C PHE O 78 4.77 65.29 4.16
N LEU O 79 4.97 64.36 3.24
CA LEU O 79 4.92 64.69 1.81
C LEU O 79 3.56 65.22 1.41
N TYR O 80 2.50 64.68 1.98
CA TYR O 80 1.14 65.02 1.59
C TYR O 80 0.48 66.02 2.53
N SER O 81 1.25 66.62 3.45
CA SER O 81 0.81 67.81 4.15
C SER O 81 1.04 69.02 3.25
N LYS O 82 0.68 70.20 3.75
CA LYS O 82 0.91 71.44 3.02
C LYS O 82 2.31 71.99 3.24
N ALA O 83 2.97 71.61 4.33
CA ALA O 83 4.35 71.98 4.56
C ALA O 83 5.33 71.14 3.75
N GLY O 84 4.87 70.07 3.11
CA GLY O 84 5.72 69.19 2.33
C GLY O 84 5.25 68.98 0.91
N ARG O 85 4.65 70.02 0.33
CA ARG O 85 4.20 69.97 -1.05
C ARG O 85 5.32 70.30 -2.02
N GLU O 86 6.31 71.06 -1.56
CA GLU O 86 7.45 71.39 -2.39
C GLU O 86 8.35 70.17 -2.55
N GLU O 87 8.48 69.36 -1.50
CA GLU O 87 9.31 68.17 -1.58
C GLU O 87 8.63 67.11 -2.43
N LEU O 88 7.29 67.05 -2.35
CA LEU O 88 6.52 66.06 -3.11
C LEU O 88 6.75 66.23 -4.61
N GLU O 89 6.65 67.46 -5.10
CA GLU O 89 6.86 67.78 -6.51
C GLU O 89 8.32 67.64 -6.91
N ARG O 90 9.25 67.55 -5.96
CA ARG O 90 10.63 67.22 -6.26
C ARG O 90 10.83 65.71 -6.40
N VAL O 91 10.35 64.92 -5.44
CA VAL O 91 10.60 63.48 -5.43
C VAL O 91 9.68 62.69 -6.35
N ASN O 92 8.47 63.18 -6.62
CA ASN O 92 7.54 62.46 -7.47
C ASN O 92 7.90 62.56 -8.95
N VAL O 93 8.80 63.46 -9.31
CA VAL O 93 9.20 63.64 -10.70
C VAL O 93 10.39 62.73 -11.00
N GLU P 1 -37.54 73.82 23.37
CA GLU P 1 -37.07 73.58 24.73
C GLU P 1 -35.65 73.03 24.71
N VAL P 2 -35.50 71.74 24.50
CA VAL P 2 -34.17 71.12 24.44
C VAL P 2 -33.54 71.40 23.09
N THR P 3 -32.37 72.00 23.10
CA THR P 3 -31.59 72.16 21.89
C THR P 3 -30.78 70.89 21.65
N ASP P 4 -30.18 70.81 20.47
CA ASP P 4 -29.28 69.71 20.13
C ASP P 4 -28.19 69.57 21.18
N GLN P 5 -28.15 68.42 21.85
CA GLN P 5 -27.22 68.21 22.95
C GLN P 5 -25.79 68.22 22.46
N LEU P 6 -25.53 67.66 21.28
CA LEU P 6 -24.19 67.69 20.70
C LEU P 6 -23.74 69.12 20.46
N GLU P 7 -24.65 69.97 19.99
CA GLU P 7 -24.34 71.37 19.75
C GLU P 7 -23.97 72.09 21.04
N ASP P 8 -24.48 71.66 22.19
CA ASP P 8 -24.11 72.26 23.46
C ASP P 8 -22.69 71.90 23.88
N LEU P 9 -22.35 70.61 23.87
CA LEU P 9 -20.99 70.20 24.25
C LEU P 9 -19.98 70.63 23.20
N ARG P 10 -20.35 70.57 21.92
CA ARG P 10 -19.50 71.12 20.87
C ARG P 10 -19.19 72.58 21.15
N GLU P 11 -20.18 73.32 21.64
CA GLU P 11 -20.03 74.74 21.95
C GLU P 11 -19.28 74.98 23.25
N HIS P 12 -19.36 74.05 24.21
CA HIS P 12 -18.70 74.24 25.49
C HIS P 12 -17.18 74.08 25.35
N PHE P 13 -16.72 73.00 24.73
CA PHE P 13 -15.29 72.74 24.61
C PHE P 13 -14.57 73.72 23.70
N LYS P 14 -15.28 74.59 22.98
CA LYS P 14 -14.65 75.70 22.27
C LYS P 14 -14.31 76.86 23.20
N ASN P 15 -14.45 76.69 24.51
CA ASN P 15 -14.04 77.67 25.50
C ASN P 15 -13.05 77.06 26.51
N THR P 16 -12.23 76.12 26.05
CA THR P 16 -11.04 75.67 26.76
C THR P 16 -9.81 76.10 25.96
N GLU P 17 -8.63 75.96 26.56
CA GLU P 17 -7.42 76.51 25.99
C GLU P 17 -6.72 75.59 25.00
N GLU P 18 -7.04 74.30 25.01
CA GLU P 18 -6.82 73.47 23.84
C GLU P 18 -8.01 73.47 22.90
N GLY P 19 -8.94 74.43 23.08
CA GLY P 19 -10.00 74.71 22.14
C GLY P 19 -9.68 75.94 21.31
N LYS P 20 -9.21 77.00 21.96
CA LYS P 20 -8.89 78.24 21.25
C LYS P 20 -7.46 78.26 20.72
N ALA P 21 -6.60 77.37 21.21
CA ALA P 21 -5.33 77.14 20.53
C ALA P 21 -5.52 76.47 19.17
N LEU P 22 -6.73 75.98 18.88
CA LEU P 22 -7.08 75.39 17.60
C LEU P 22 -8.07 76.24 16.81
N VAL P 23 -8.85 77.08 17.48
CA VAL P 23 -9.76 78.00 16.77
C VAL P 23 -8.96 79.08 16.07
N HIS P 24 -8.07 79.74 16.80
CA HIS P 24 -7.32 80.86 16.26
C HIS P 24 -6.44 80.42 15.09
N HIS P 25 -5.69 79.33 15.25
CA HIS P 25 -4.82 78.87 14.17
C HIS P 25 -5.64 78.61 12.91
N TYR P 26 -6.83 78.02 13.07
CA TYR P 26 -7.72 77.81 11.93
C TYR P 26 -8.08 79.14 11.28
N GLU P 27 -8.35 80.17 12.07
CA GLU P 27 -8.81 81.46 11.48
C GLU P 27 -7.80 82.33 10.69
N GLU P 28 -6.70 82.63 11.46
CA GLU P 28 -5.71 83.63 11.03
C GLU P 28 -5.25 83.05 9.74
N CYS P 29 -5.60 81.82 9.57
CA CYS P 29 -5.37 81.22 8.27
C CYS P 29 -6.48 81.85 7.43
N ALA P 30 -7.70 81.92 7.95
CA ALA P 30 -8.88 82.43 7.21
C ALA P 30 -8.73 83.90 6.93
N GLU P 31 -7.94 84.58 7.70
CA GLU P 31 -7.55 85.96 7.42
C GLU P 31 -6.52 85.76 6.32
N ARG P 32 -5.21 85.81 6.65
CA ARG P 32 -4.12 85.49 5.68
C ARG P 32 -4.69 85.08 4.32
N VAL P 33 -5.64 84.14 4.22
CA VAL P 33 -6.26 83.87 2.88
C VAL P 33 -6.96 85.15 2.48
N LYS P 34 -8.27 85.16 2.23
CA LYS P 34 -8.83 86.46 1.80
C LYS P 34 -7.89 87.07 0.76
N ILE P 35 -7.05 87.97 1.21
CA ILE P 35 -6.00 88.50 0.33
C ILE P 35 -5.34 87.39 -0.51
N GLN P 36 -4.85 86.29 0.08
CA GLN P 36 -4.03 85.26 -0.65
C GLN P 36 -4.66 84.72 -1.93
N GLN P 37 -5.96 84.88 -2.16
CA GLN P 37 -6.48 84.48 -3.51
C GLN P 37 -7.37 85.62 -4.01
N GLN P 38 -7.67 86.66 -3.18
CA GLN P 38 -8.40 87.85 -3.72
C GLN P 38 -7.60 88.40 -4.93
N GLN P 39 -6.76 89.45 -4.80
CA GLN P 39 -5.76 89.93 -5.83
C GLN P 39 -5.97 89.75 -7.33
N PRO P 40 -4.90 89.86 -8.19
CA PRO P 40 -4.99 89.51 -9.64
C PRO P 40 -4.80 88.02 -9.96
N GLY P 41 -4.44 87.69 -11.21
CA GLY P 41 -4.26 86.29 -11.68
C GLY P 41 -4.67 85.19 -10.71
N TYR P 42 -5.86 85.24 -10.12
CA TYR P 42 -6.28 84.25 -9.10
C TYR P 42 -6.96 83.11 -9.82
N ALA P 43 -7.84 83.46 -10.75
CA ALA P 43 -8.41 82.42 -11.58
C ALA P 43 -7.15 81.85 -12.22
N ASP P 44 -6.10 82.63 -12.20
CA ASP P 44 -4.81 82.26 -12.83
C ASP P 44 -3.76 81.99 -11.75
N LEU P 45 -4.16 81.60 -10.53
CA LEU P 45 -3.14 81.23 -9.51
C LEU P 45 -2.62 79.86 -9.93
N GLU P 46 -1.49 79.49 -9.39
CA GLU P 46 -1.10 78.08 -9.63
C GLU P 46 -1.63 77.29 -8.41
N HIS P 47 -1.13 77.56 -7.21
CA HIS P 47 -1.71 76.92 -5.99
C HIS P 47 -2.35 77.99 -5.09
N LYS P 48 -3.66 77.92 -4.91
CA LYS P 48 -4.35 78.81 -3.95
C LYS P 48 -4.40 78.17 -2.55
N GLU P 49 -3.93 78.81 -1.49
CA GLU P 49 -3.94 78.11 -0.16
C GLU P 49 -5.29 78.12 0.54
N ASP P 50 -5.63 77.07 1.29
CA ASP P 50 -6.96 76.89 1.90
C ASP P 50 -6.85 76.68 3.40
N CYS P 51 -7.93 76.19 3.98
CA CYS P 51 -7.82 75.82 5.40
C CYS P 51 -8.54 74.49 5.76
N VAL P 52 -8.44 73.31 5.05
CA VAL P 52 -9.06 72.12 5.60
C VAL P 52 -8.25 71.50 6.74
N GLU P 53 -6.93 71.67 6.71
CA GLU P 53 -6.07 70.95 7.66
C GLU P 53 -6.32 71.41 9.09
N GLU P 54 -6.47 72.71 9.27
CA GLU P 54 -6.56 73.30 10.59
C GLU P 54 -7.98 73.25 11.13
N PHE P 55 -8.96 73.28 10.23
CA PHE P 55 -10.32 72.88 10.57
C PHE P 55 -10.33 71.46 11.11
N PHE P 56 -9.68 70.53 10.40
CA PHE P 56 -9.65 69.13 10.83
C PHE P 56 -9.02 68.98 12.21
N HIS P 57 -7.97 69.73 12.49
CA HIS P 57 -7.35 69.66 13.81
C HIS P 57 -8.35 70.04 14.89
N LEU P 58 -9.10 71.12 14.67
CA LEU P 58 -10.09 71.58 15.65
C LEU P 58 -11.20 70.57 15.85
N GLN P 59 -11.71 70.00 14.76
CA GLN P 59 -12.83 69.07 14.82
C GLN P 59 -12.41 67.63 15.08
N HIS P 60 -11.11 67.37 15.27
CA HIS P 60 -10.67 66.06 15.75
C HIS P 60 -10.54 66.05 17.26
N TYR P 61 -9.90 67.08 17.81
CA TYR P 61 -9.83 67.24 19.25
C TYR P 61 -11.21 67.32 19.86
N LEU P 62 -12.05 68.18 19.28
CA LEU P 62 -13.38 68.45 19.83
C LEU P 62 -14.27 67.22 19.80
N ASP P 63 -14.10 66.34 18.81
CA ASP P 63 -14.99 65.19 18.69
C ASP P 63 -14.61 64.08 19.67
N THR P 64 -13.32 63.71 19.71
CA THR P 64 -12.87 62.68 20.62
C THR P 64 -12.69 63.19 22.06
N ALA P 65 -13.00 64.46 22.30
CA ALA P 65 -13.27 64.95 23.65
C ALA P 65 -14.75 64.94 23.99
N THR P 66 -15.63 64.94 22.98
CA THR P 66 -17.07 64.94 23.17
C THR P 66 -17.70 63.57 22.94
N ALA P 67 -16.97 62.63 22.33
CA ALA P 67 -17.54 61.32 22.02
C ALA P 67 -17.98 60.54 23.25
N PRO P 68 -17.19 60.41 24.32
CA PRO P 68 -17.60 59.54 25.43
C PRO P 68 -18.57 60.17 26.43
N ARG P 69 -19.21 61.28 26.08
CA ARG P 69 -20.02 62.04 27.02
C ARG P 69 -21.39 62.46 26.49
N LEU P 70 -21.76 62.02 25.29
CA LEU P 70 -23.01 62.46 24.65
C LEU P 70 -24.16 61.51 24.92
N PHE P 71 -23.98 60.23 24.60
CA PHE P 71 -25.08 59.27 24.67
C PHE P 71 -25.57 59.04 26.10
N ASP P 72 -24.83 59.52 27.11
CA ASP P 72 -25.36 59.57 28.47
C ASP P 72 -26.61 60.43 28.57
N LYS P 73 -26.75 61.44 27.71
CA LYS P 73 -27.85 62.39 27.77
C LYS P 73 -28.92 62.15 26.72
N LEU P 74 -28.58 61.56 25.58
CA LEU P 74 -29.57 61.23 24.59
C LEU P 74 -30.33 59.98 25.01
N LYS P 75 -31.64 60.07 25.03
CA LYS P 75 -32.49 58.96 25.40
C LYS P 75 -32.31 57.77 24.46
N PRO Q 1 25.62 18.24 -0.18
CA PRO Q 1 26.35 19.05 0.79
C PRO Q 1 27.85 19.08 0.58
N GLN Q 2 28.51 19.91 1.37
CA GLN Q 2 29.94 20.09 1.27
C GLN Q 2 30.67 18.86 1.81
N SER Q 3 31.78 18.53 1.17
CA SER Q 3 32.58 17.37 1.55
C SER Q 3 33.46 17.70 2.74
N PHE Q 4 33.67 16.68 3.59
CA PHE Q 4 34.62 16.81 4.69
C PHE Q 4 36.05 16.93 4.19
N THR Q 5 36.34 16.49 2.98
CA THR Q 5 37.65 16.73 2.37
C THR Q 5 37.86 18.21 2.10
N SER Q 6 36.82 18.89 1.61
CA SER Q 6 36.89 20.33 1.40
C SER Q 6 36.87 21.11 2.70
N ILE Q 7 36.12 20.64 3.70
CA ILE Q 7 36.07 21.30 4.99
C ILE Q 7 37.44 21.26 5.64
N ALA Q 8 38.13 20.13 5.50
CA ALA Q 8 39.44 19.96 6.12
C ALA Q 8 40.51 20.74 5.37
N ARG Q 9 40.37 20.87 4.05
CA ARG Q 9 41.32 21.65 3.26
C ARG Q 9 41.29 23.12 3.65
N ILE Q 10 40.10 23.68 3.82
CA ILE Q 10 39.98 25.09 4.21
C ILE Q 10 40.43 25.27 5.64
N GLY Q 11 40.02 24.38 6.53
CA GLY Q 11 40.38 24.51 7.93
C GLY Q 11 41.87 24.43 8.17
N ASP Q 12 42.53 23.44 7.57
CA ASP Q 12 43.97 23.30 7.73
C ASP Q 12 44.72 24.53 7.23
N TYR Q 13 44.26 25.12 6.13
CA TYR Q 13 44.89 26.35 5.64
C TYR Q 13 44.75 27.48 6.65
N ILE Q 14 43.58 27.59 7.28
CA ILE Q 14 43.37 28.63 8.28
C ILE Q 14 44.26 28.39 9.49
N LEU Q 15 44.41 27.12 9.89
CA LEU Q 15 45.10 26.80 11.12
C LEU Q 15 46.61 26.92 10.99
N LYS Q 16 47.18 26.47 9.87
CA LYS Q 16 48.61 26.62 9.62
C LYS Q 16 49.02 28.08 9.54
N SER Q 17 48.15 28.96 9.12
CA SER Q 17 48.47 30.38 8.99
C SER Q 17 48.41 31.05 10.36
N PRO Q 18 49.46 31.75 10.81
CA PRO Q 18 49.39 32.34 12.16
C PRO Q 18 48.39 33.46 12.29
N VAL Q 19 48.37 34.39 11.32
CA VAL Q 19 47.51 35.57 11.45
C VAL Q 19 46.03 35.18 11.39
N LEU Q 20 45.68 34.25 10.50
CA LEU Q 20 44.28 33.87 10.37
C LEU Q 20 43.80 33.08 11.57
N SER Q 21 44.67 32.28 12.18
CA SER Q 21 44.26 31.48 13.32
C SER Q 21 44.04 32.36 14.55
N LYS Q 22 44.86 33.39 14.73
CA LYS Q 22 44.66 34.34 15.82
C LYS Q 22 43.42 35.20 15.63
N LEU Q 23 42.80 35.18 14.44
CA LEU Q 23 41.68 36.03 14.11
C LEU Q 23 40.37 35.27 13.96
N CYS Q 24 40.41 33.97 13.64
CA CYS Q 24 39.22 33.18 13.36
C CYS Q 24 38.93 32.10 14.40
N VAL Q 25 39.87 31.80 15.30
CA VAL Q 25 39.69 30.71 16.25
C VAL Q 25 38.81 31.16 17.43
N PRO Q 26 39.03 32.33 18.03
CA PRO Q 26 38.13 32.74 19.13
C PRO Q 26 36.67 32.88 18.71
N VAL Q 27 36.42 33.31 17.47
CA VAL Q 27 35.05 33.33 16.95
C VAL Q 27 34.48 31.93 16.92
N ALA Q 28 35.32 30.94 16.55
CA ALA Q 28 34.83 29.58 16.42
C ALA Q 28 34.58 28.92 17.77
N ASN Q 29 35.38 29.26 18.78
CA ASN Q 29 35.15 28.69 20.11
C ASN Q 29 33.84 29.16 20.71
N GLN Q 30 33.52 30.44 20.57
CA GLN Q 30 32.30 30.97 21.18
C GLN Q 30 31.08 30.65 20.33
N PHE Q 31 31.27 30.33 19.05
CA PHE Q 31 30.21 29.72 18.26
C PHE Q 31 29.86 28.35 18.78
N ILE Q 32 30.83 27.64 19.38
CA ILE Q 32 30.57 26.31 19.91
C ILE Q 32 29.82 26.40 21.23
N ASN Q 33 30.22 27.33 22.10
CA ASN Q 33 29.59 27.46 23.40
C ASN Q 33 28.16 28.00 23.29
N LEU Q 34 27.90 28.89 22.34
CA LEU Q 34 26.55 29.40 22.13
C LEU Q 34 25.61 28.40 21.49
N ALA Q 35 26.14 27.40 20.78
CA ALA Q 35 25.28 26.39 20.15
C ALA Q 35 24.56 25.56 21.20
N GLY Q 36 25.31 25.02 22.16
CA GLY Q 36 24.71 24.35 23.29
C GLY Q 36 24.42 22.87 23.14
N TYR Q 37 25.21 22.15 22.35
CA TYR Q 37 25.03 20.70 22.21
C TYR Q 37 25.71 19.91 23.33
N LYS Q 38 26.74 20.47 23.96
CA LYS Q 38 27.36 19.83 25.11
C LYS Q 38 26.44 19.80 26.31
N LYS Q 39 25.56 20.79 26.46
CA LYS Q 39 24.65 20.85 27.59
C LYS Q 39 23.59 19.77 27.55
N LEU Q 40 23.38 19.14 26.40
CA LEU Q 40 22.54 17.96 26.27
C LEU Q 40 23.34 16.66 26.31
N GLY Q 41 24.65 16.73 26.43
CA GLY Q 41 25.48 15.56 26.50
C GLY Q 41 25.82 14.93 25.18
N LEU Q 42 26.18 15.75 24.18
CA LEU Q 42 26.52 15.28 22.86
C LEU Q 42 27.86 15.85 22.43
N LYS Q 43 28.61 15.03 21.69
CA LYS Q 43 29.77 15.48 20.94
C LYS Q 43 29.32 15.87 19.53
N PHE Q 44 30.17 16.61 18.82
CA PHE Q 44 29.74 17.17 17.54
C PHE Q 44 29.45 16.07 16.51
N ASP Q 45 30.28 15.03 16.47
CA ASP Q 45 30.08 13.96 15.50
C ASP Q 45 28.80 13.18 15.72
N ASP Q 46 28.14 13.34 16.86
CA ASP Q 46 26.79 12.80 17.05
C ASP Q 46 25.76 13.52 16.19
N LEU Q 47 26.04 14.76 15.79
CA LEU Q 47 25.08 15.62 15.10
C LEU Q 47 25.07 15.43 13.60
N ILE Q 48 26.12 14.84 13.02
CA ILE Q 48 26.23 14.68 11.58
C ILE Q 48 25.12 13.77 11.08
N ALA Q 49 24.45 14.20 10.02
CA ALA Q 49 23.37 13.43 9.42
C ALA Q 49 23.88 12.16 8.79
N GLU Q 50 23.15 11.06 9.00
CA GLU Q 50 23.63 9.71 8.75
C GLU Q 50 22.91 9.00 7.62
N GLU Q 51 22.02 9.67 6.90
CA GLU Q 51 21.22 9.04 5.85
C GLU Q 51 21.88 9.21 4.49
N ASN Q 52 23.09 8.68 4.34
CA ASN Q 52 23.83 8.71 3.10
C ASN Q 52 24.88 7.61 3.12
N PRO Q 53 25.30 7.09 1.97
CA PRO Q 53 26.13 5.88 1.97
C PRO Q 53 27.53 6.05 2.55
N ILE Q 54 28.17 7.21 2.38
CA ILE Q 54 29.49 7.39 2.95
C ILE Q 54 29.44 7.35 4.46
N MET Q 55 28.35 7.83 5.04
CA MET Q 55 28.21 7.90 6.49
C MET Q 55 27.74 6.58 7.07
N GLN Q 56 26.96 5.81 6.31
CA GLN Q 56 26.61 4.45 6.73
C GLN Q 56 27.83 3.55 6.75
N THR Q 57 28.77 3.75 5.84
CA THR Q 57 30.01 2.98 5.81
C THR Q 57 30.88 3.28 7.02
N ALA Q 58 31.02 4.57 7.37
CA ALA Q 58 31.84 4.95 8.51
C ALA Q 58 31.35 4.37 9.83
N LEU Q 59 30.04 4.19 9.98
CA LEU Q 59 29.49 3.70 11.24
C LEU Q 59 29.64 2.20 11.42
N ARG Q 60 29.72 1.44 10.32
CA ARG Q 60 30.05 0.01 10.41
C ARG Q 60 31.49 -0.22 10.84
N ARG Q 61 32.43 0.56 10.32
CA ARG Q 61 33.84 0.41 10.65
C ARG Q 61 34.18 0.88 12.06
N LEU Q 62 33.23 1.42 12.80
CA LEU Q 62 33.49 1.94 14.13
C LEU Q 62 33.59 0.79 15.14
N PRO Q 63 34.50 0.85 16.11
CA PRO Q 63 34.59 -0.23 17.10
C PRO Q 63 33.32 -0.34 17.95
N GLU Q 64 33.15 -1.53 18.54
CA GLU Q 64 31.94 -1.84 19.29
C GLU Q 64 31.80 -0.98 20.54
N ASP Q 65 32.90 -0.75 21.25
CA ASP Q 65 32.83 0.01 22.50
C ASP Q 65 32.48 1.47 22.27
N GLU Q 66 32.99 2.08 21.20
CA GLU Q 66 32.64 3.46 20.88
C GLU Q 66 31.21 3.55 20.35
N SER Q 67 30.71 2.47 19.76
CA SER Q 67 29.36 2.49 19.18
C SER Q 67 28.28 2.34 20.24
N TYR Q 68 28.54 1.60 21.32
CA TYR Q 68 27.55 1.47 22.37
C TYR Q 68 27.36 2.77 23.13
N ALA Q 69 28.45 3.51 23.34
CA ALA Q 69 28.38 4.78 24.04
C ALA Q 69 27.64 5.84 23.22
N ARG Q 70 27.83 5.83 21.90
CA ARG Q 70 27.13 6.78 21.04
C ARG Q 70 25.62 6.61 21.12
N ALA Q 71 25.15 5.36 21.17
CA ALA Q 71 23.72 5.08 21.26
C ALA Q 71 23.13 5.61 22.57
N TYR Q 72 23.91 5.56 23.66
CA TYR Q 72 23.40 6.00 24.94
C TYR Q 72 23.32 7.52 25.02
N ARG Q 73 24.33 8.21 24.49
CA ARG Q 73 24.30 9.67 24.47
C ARG Q 73 23.12 10.20 23.67
N ILE Q 74 22.71 9.48 22.63
CA ILE Q 74 21.63 9.95 21.77
C ILE Q 74 20.28 9.73 22.43
N ILE Q 75 20.12 8.61 23.14
CA ILE Q 75 18.88 8.34 23.87
C ILE Q 75 18.73 9.30 25.04
N ARG Q 76 19.82 9.54 25.78
CA ARG Q 76 19.79 10.47 26.90
C ARG Q 76 19.41 11.89 26.45
N ALA Q 77 19.82 12.29 25.25
CA ALA Q 77 19.54 13.65 24.79
C ALA Q 77 18.09 13.81 24.35
N HIS Q 78 17.52 12.78 23.71
CA HIS Q 78 16.10 12.84 23.37
C HIS Q 78 15.23 12.97 24.62
N GLN Q 79 15.56 12.22 25.68
CA GLN Q 79 14.79 12.27 26.91
C GLN Q 79 14.96 13.61 27.61
N THR Q 80 16.14 14.19 27.55
CA THR Q 80 16.37 15.51 28.14
C THR Q 80 15.56 16.59 27.46
N GLU Q 81 15.25 16.42 26.17
CA GLU Q 81 14.62 17.46 25.38
C GLU Q 81 13.10 17.42 25.43
N LEU Q 82 12.51 16.24 25.57
CA LEU Q 82 11.06 16.14 25.74
C LEU Q 82 10.59 16.63 27.11
N THR Q 83 11.47 16.68 28.10
CA THR Q 83 11.16 17.24 29.41
C THR Q 83 11.43 18.75 29.49
N HIS Q 84 12.09 19.32 28.48
CA HIS Q 84 12.41 20.74 28.43
C HIS Q 84 13.27 21.18 29.61
N HIS Q 85 14.23 20.35 29.95
CA HIS Q 85 15.25 20.65 30.95
C HIS Q 85 16.63 20.49 30.30
N LEU Q 86 17.66 20.83 31.06
CA LEU Q 86 19.04 20.54 30.71
C LEU Q 86 19.60 19.54 31.71
N LEU Q 87 20.74 18.95 31.34
CA LEU Q 87 21.38 17.99 32.21
C LEU Q 87 22.11 18.71 33.34
N PRO Q 88 22.45 17.99 34.41
CA PRO Q 88 23.30 18.60 35.43
C PRO Q 88 24.66 19.01 34.88
N ARG Q 89 25.16 20.12 35.39
CA ARG Q 89 26.42 20.70 34.93
C ARG Q 89 27.62 19.80 35.12
N ASN Q 90 27.53 18.77 35.98
CA ASN Q 90 28.59 17.78 36.12
C ASN Q 90 28.45 16.62 35.13
N GLU Q 91 27.47 16.67 34.23
CA GLU Q 91 27.31 15.70 33.16
C GLU Q 91 27.48 16.33 31.78
N TRP Q 92 27.94 17.58 31.70
CA TRP Q 92 28.18 18.23 30.42
C TRP Q 92 29.47 17.73 29.81
N ILE Q 93 29.47 17.59 28.48
CA ILE Q 93 30.70 17.25 27.77
C ILE Q 93 31.70 18.37 27.95
N LYS Q 94 32.92 18.01 28.32
CA LYS Q 94 34.01 18.95 28.42
C LYS Q 94 34.72 19.08 27.08
N ALA Q 95 35.54 20.13 26.97
CA ALA Q 95 36.20 20.43 25.70
C ALA Q 95 37.19 19.33 25.31
N GLN Q 96 37.95 18.81 26.27
CA GLN Q 96 38.93 17.76 25.98
C GLN Q 96 38.29 16.43 25.57
N GLU Q 97 37.01 16.24 25.83
CA GLU Q 97 36.30 15.03 25.40
C GLU Q 97 35.61 15.17 24.05
N ASP Q 98 35.44 16.39 23.55
CA ASP Q 98 34.75 16.63 22.28
C ASP Q 98 35.76 16.45 21.14
N VAL Q 99 36.07 15.18 20.88
CA VAL Q 99 37.10 14.81 19.92
C VAL Q 99 36.44 14.34 18.63
N PRO Q 100 37.08 14.53 17.46
CA PRO Q 100 36.52 13.94 16.23
C PRO Q 100 36.83 12.45 16.10
N TYR Q 101 35.99 11.65 16.74
CA TYR Q 101 36.19 10.21 16.79
C TYR Q 101 35.82 9.50 15.50
N LEU Q 102 35.05 10.14 14.62
CA LEU Q 102 34.52 9.52 13.42
C LEU Q 102 35.09 10.08 12.13
N LEU Q 103 35.80 11.20 12.18
CA LEU Q 103 36.36 11.86 11.01
C LEU Q 103 37.31 10.97 10.21
N PRO Q 104 38.26 10.26 10.83
CA PRO Q 104 39.14 9.39 10.03
C PRO Q 104 38.41 8.31 9.24
N TYR Q 105 37.32 7.76 9.78
CA TYR Q 105 36.54 6.79 9.04
C TYR Q 105 35.79 7.43 7.87
N ILE Q 106 35.49 8.73 7.98
CA ILE Q 106 34.77 9.43 6.91
C ILE Q 106 35.72 9.78 5.78
N LEU Q 107 36.90 10.30 6.11
CA LEU Q 107 37.85 10.72 5.09
C LEU Q 107 38.38 9.53 4.31
N GLU Q 108 38.45 8.37 4.94
CA GLU Q 108 38.89 7.16 4.26
C GLU Q 108 37.85 6.66 3.27
N ALA Q 109 36.57 6.71 3.65
CA ALA Q 109 35.50 6.30 2.74
C ALA Q 109 35.32 7.30 1.60
N GLU Q 110 35.60 8.58 1.83
CA GLU Q 110 35.45 9.57 0.77
C GLU Q 110 36.56 9.44 -0.26
N ALA Q 111 37.80 9.22 0.18
CA ALA Q 111 38.92 9.11 -0.74
C ALA Q 111 38.80 7.89 -1.64
N ALA Q 112 38.16 6.82 -1.16
CA ALA Q 112 37.98 5.64 -1.97
C ALA Q 112 36.88 5.81 -3.01
N ALA Q 113 35.86 6.60 -2.68
CA ALA Q 113 34.78 6.84 -3.64
C ALA Q 113 35.24 7.75 -4.77
N LYS Q 114 36.18 8.66 -4.51
CA LYS Q 114 36.72 9.50 -5.56
C LYS Q 114 37.66 8.74 -6.47
N GLU Q 115 38.50 7.86 -5.91
CA GLU Q 115 39.38 7.04 -6.72
C GLU Q 115 38.60 6.08 -7.61
N LYS Q 116 37.56 5.43 -7.07
CA LYS Q 116 36.74 4.54 -7.88
C LYS Q 116 36.08 5.29 -9.03
N ASP Q 117 35.67 6.52 -8.77
CA ASP Q 117 34.83 7.26 -9.68
C ASP Q 117 35.63 7.95 -10.77
N GLU Q 118 36.88 8.34 -10.48
CA GLU Q 118 37.79 8.74 -11.55
C GLU Q 118 38.12 7.59 -12.48
N LEU Q 119 38.25 6.37 -11.96
CA LEU Q 119 38.64 5.22 -12.77
C LEU Q 119 37.53 4.77 -13.72
N ASP Q 120 36.29 5.16 -13.45
CA ASP Q 120 35.15 4.78 -14.28
C ASP Q 120 34.89 5.76 -15.43
N ASN Q 121 35.65 6.84 -15.54
CA ASN Q 121 35.47 7.85 -16.58
C ASN Q 121 36.81 8.32 -17.12
N ILE Q 122 37.76 7.40 -17.30
CA ILE Q 122 39.13 7.76 -17.64
C ILE Q 122 39.25 8.04 -19.12
N GLU Q 123 40.13 8.98 -19.45
CA GLU Q 123 40.55 9.25 -20.82
C GLU Q 123 41.91 8.60 -21.03
N VAL Q 124 41.97 7.67 -21.96
CA VAL Q 124 43.17 6.87 -22.19
C VAL Q 124 43.97 7.49 -23.33
N SER Q 125 45.29 7.40 -23.22
CA SER Q 125 46.20 7.80 -24.28
C SER Q 125 46.47 6.60 -25.18
N LYS Q 126 47.08 6.83 -26.34
CA LYS Q 126 47.53 5.76 -27.22
C LYS Q 126 49.02 5.94 -27.50
N SER R 1 -13.62 3.81 46.41
CA SER R 1 -14.58 2.89 47.00
C SER R 1 -15.11 1.94 45.95
N SER R 2 -16.30 1.37 46.16
CA SER R 2 -16.93 0.51 45.17
C SER R 2 -17.73 1.29 44.13
N LEU R 3 -17.40 2.56 43.89
CA LEU R 3 -17.93 3.23 42.71
C LEU R 3 -17.43 2.54 41.43
N TYR R 4 -16.35 1.75 41.50
CA TYR R 4 -15.76 1.18 40.31
C TYR R 4 -16.76 0.31 39.53
N LYS R 5 -17.29 -0.74 40.17
CA LYS R 5 -18.14 -1.64 39.40
C LYS R 5 -19.59 -1.20 39.29
N THR R 6 -19.87 0.09 39.47
CA THR R 6 -21.15 0.69 39.11
C THR R 6 -21.00 1.95 38.25
N PHE R 7 -19.89 2.68 38.41
CA PHE R 7 -19.65 3.95 37.69
C PHE R 7 -18.60 3.78 36.60
N PHE R 8 -17.46 3.20 36.96
CA PHE R 8 -16.28 3.18 36.08
C PHE R 8 -16.22 1.93 35.21
N LYS R 9 -16.37 0.75 35.85
CA LYS R 9 -16.18 -0.53 35.17
C LYS R 9 -17.10 -0.70 33.98
N ARG R 10 -18.41 -0.69 34.24
CA ARG R 10 -19.38 -1.14 33.25
C ARG R 10 -19.40 -0.15 32.12
N ASN R 11 -18.59 -0.41 31.09
CA ASN R 11 -18.60 0.49 29.96
C ASN R 11 -19.89 0.45 29.18
N ALA R 12 -20.68 -0.61 29.31
CA ALA R 12 -21.98 -0.68 28.63
C ALA R 12 -22.88 0.46 29.07
N VAL R 13 -22.85 0.79 30.37
CA VAL R 13 -23.64 1.90 30.90
C VAL R 13 -22.81 3.16 31.07
N PHE R 14 -21.48 3.07 30.94
CA PHE R 14 -20.69 4.29 30.80
C PHE R 14 -21.09 5.03 29.54
N VAL R 15 -20.85 4.43 28.36
CA VAL R 15 -21.27 5.06 27.09
C VAL R 15 -22.76 5.35 27.11
N GLY R 16 -23.54 4.51 27.77
CA GLY R 16 -24.93 4.84 28.03
C GLY R 16 -25.07 6.10 28.86
N THR R 17 -24.36 6.17 29.99
CA THR R 17 -24.47 7.32 30.87
C THR R 17 -23.87 8.57 30.24
N ILE R 18 -22.88 8.41 29.35
CA ILE R 18 -22.34 9.56 28.62
C ILE R 18 -23.44 10.18 27.75
N PHE R 19 -24.17 9.34 27.02
CA PHE R 19 -25.20 9.85 26.12
C PHE R 19 -26.44 10.29 26.89
N ALA R 20 -26.88 9.51 27.87
CA ALA R 20 -28.05 9.88 28.66
C ALA R 20 -27.87 11.22 29.36
N GLY R 21 -26.66 11.52 29.81
CA GLY R 21 -26.37 12.80 30.43
C GLY R 21 -26.19 13.91 29.42
N ALA R 22 -25.83 13.55 28.18
CA ALA R 22 -25.67 14.55 27.14
C ALA R 22 -27.00 15.20 26.79
N PHE R 23 -28.07 14.40 26.78
CA PHE R 23 -29.39 14.94 26.48
C PHE R 23 -29.92 15.80 27.62
N VAL R 24 -29.73 15.35 28.86
CA VAL R 24 -30.23 16.10 30.00
C VAL R 24 -29.44 17.40 30.17
N PHE R 25 -28.13 17.34 29.92
CA PHE R 25 -27.28 18.52 30.08
C PHE R 25 -27.71 19.64 29.14
N GLN R 26 -28.12 19.29 27.93
CA GLN R 26 -28.45 20.28 26.92
C GLN R 26 -29.68 21.07 27.32
N THR R 27 -30.70 20.38 27.83
CA THR R 27 -31.96 21.01 28.18
C THR R 27 -31.77 22.02 29.31
N VAL R 28 -31.06 21.65 30.36
CA VAL R 28 -30.89 22.54 31.50
C VAL R 28 -29.87 23.63 31.20
N PHE R 29 -28.84 23.30 30.41
CA PHE R 29 -27.85 24.29 30.04
C PHE R 29 -28.45 25.37 29.16
N ASP R 30 -29.35 24.98 28.25
CA ASP R 30 -30.04 25.95 27.40
C ASP R 30 -30.89 26.89 28.23
N THR R 31 -31.75 26.33 29.10
CA THR R 31 -32.66 27.14 29.91
C THR R 31 -31.90 28.11 30.80
N ALA R 32 -30.74 27.72 31.30
CA ALA R 32 -30.00 28.56 32.23
C ALA R 32 -29.36 29.75 31.52
N ILE R 33 -28.77 29.52 30.34
CA ILE R 33 -28.09 30.60 29.63
C ILE R 33 -29.10 31.60 29.09
N THR R 34 -30.24 31.17 28.56
CA THR R 34 -31.32 32.01 28.01
C THR R 34 -32.00 32.80 29.12
N SER R 35 -31.98 32.36 30.35
CA SER R 35 -32.49 33.18 31.43
C SER R 35 -31.51 34.26 31.86
N TRP R 36 -30.21 33.95 31.84
CA TRP R 36 -29.21 34.94 32.21
C TRP R 36 -29.11 36.05 31.17
N TYR R 37 -29.22 35.68 29.89
CA TYR R 37 -29.11 36.67 28.82
C TYR R 37 -30.30 37.62 28.80
N GLU R 38 -31.51 37.06 28.88
CA GLU R 38 -32.72 37.87 28.88
C GLU R 38 -32.83 38.78 30.11
N ASN R 39 -32.19 38.43 31.22
CA ASN R 39 -32.21 39.27 32.41
C ASN R 39 -31.13 40.34 32.39
N HIS R 40 -29.97 40.05 31.79
CA HIS R 40 -28.91 41.04 31.70
C HIS R 40 -29.30 42.21 30.79
N ASN R 41 -30.20 41.97 29.84
CA ASN R 41 -30.64 42.96 28.86
C ASN R 41 -32.09 43.39 29.10
N LYS R 42 -32.46 43.55 30.37
CA LYS R 42 -33.83 43.90 30.74
C LYS R 42 -34.09 45.38 30.46
N GLY R 43 -35.19 45.66 29.77
CA GLY R 43 -35.57 47.00 29.38
C GLY R 43 -35.32 47.31 27.92
N LYS R 44 -34.54 46.48 27.23
CA LYS R 44 -34.30 46.63 25.80
C LYS R 44 -35.17 45.72 24.95
N LEU R 45 -35.63 44.60 25.50
CA LEU R 45 -36.27 43.58 24.70
C LEU R 45 -37.62 44.07 24.19
N TRP R 46 -38.14 43.37 23.17
CA TRP R 46 -39.41 43.77 22.58
C TRP R 46 -40.58 43.43 23.50
N LYS R 47 -40.50 42.31 24.22
CA LYS R 47 -41.61 41.90 25.06
C LYS R 47 -41.83 42.85 26.24
N ASP R 48 -40.84 43.66 26.59
CA ASP R 48 -40.97 44.68 27.62
C ASP R 48 -41.36 46.04 27.06
N VAL R 49 -40.74 46.44 25.94
CA VAL R 49 -41.18 47.65 25.25
C VAL R 49 -42.65 47.55 24.89
N LYS R 50 -43.07 46.39 24.39
CA LYS R 50 -44.47 46.15 24.02
C LYS R 50 -45.42 46.42 25.18
N ALA R 51 -44.98 46.17 26.41
CA ALA R 51 -45.82 46.43 27.57
C ALA R 51 -45.83 47.91 27.92
N ARG R 52 -44.71 48.60 27.71
CA ARG R 52 -44.65 50.02 28.02
C ARG R 52 -45.45 50.86 27.04
N ILE R 53 -45.56 50.43 25.78
CA ILE R 53 -46.45 51.10 24.81
C ILE R 53 -47.80 50.42 24.94
N ALA R 54 -48.51 50.78 26.00
CA ALA R 54 -49.80 50.18 26.32
C ALA R 54 -50.94 51.08 25.84
N LYS S 1 -21.29 -34.99 26.30
CA LYS S 1 -22.27 -33.99 25.87
C LYS S 1 -21.54 -32.72 25.43
N THR S 2 -22.10 -32.08 24.40
CA THR S 2 -21.57 -30.83 23.88
C THR S 2 -22.72 -29.97 23.39
N GLY S 3 -22.82 -28.75 23.91
CA GLY S 3 -23.75 -27.79 23.37
C GLY S 3 -23.32 -27.32 21.99
N LEU S 4 -24.27 -27.33 21.05
CA LEU S 4 -23.99 -26.94 19.68
C LEU S 4 -23.71 -25.45 19.62
N HIS S 5 -22.69 -25.09 18.82
CA HIS S 5 -22.07 -23.73 18.88
C HIS S 5 -22.26 -22.81 17.64
N PHE S 6 -22.84 -23.24 16.52
CA PHE S 6 -23.11 -22.34 15.38
C PHE S 6 -21.82 -21.73 14.81
N GLY S 7 -20.74 -22.49 14.79
CA GLY S 7 -19.44 -21.95 14.43
C GLY S 7 -18.78 -21.18 15.58
N ARG S 8 -18.85 -19.85 15.51
CA ARG S 8 -18.18 -19.00 16.48
C ARG S 8 -19.06 -18.76 17.72
N LEU S 9 -20.32 -18.40 17.52
CA LEU S 9 -21.20 -17.90 18.59
C LEU S 9 -21.95 -19.07 19.20
N SER S 10 -21.44 -19.54 20.34
CA SER S 10 -21.99 -20.73 20.99
C SER S 10 -23.18 -20.37 21.87
N LEU S 11 -23.85 -21.41 22.38
CA LEU S 11 -24.98 -21.21 23.28
C LEU S 11 -24.54 -20.68 24.63
N ARG S 12 -23.32 -21.03 25.06
CA ARG S 12 -22.76 -20.42 26.26
C ARG S 12 -22.17 -19.06 25.96
N SER S 13 -21.86 -18.77 24.69
CA SER S 13 -21.40 -17.45 24.30
C SER S 13 -22.53 -16.43 24.25
N LEU S 14 -23.77 -16.86 24.06
CA LEU S 14 -24.91 -15.94 24.00
C LEU S 14 -25.57 -15.71 25.36
N THR S 15 -25.29 -16.54 26.36
CA THR S 15 -25.88 -16.40 27.68
C THR S 15 -25.01 -15.60 28.65
N ALA S 16 -23.69 -15.63 28.48
CA ALA S 16 -22.80 -14.80 29.27
C ALA S 16 -22.70 -13.37 28.75
N TYR S 17 -23.32 -13.07 27.60
CA TYR S 17 -23.38 -11.72 27.06
C TYR S 17 -24.79 -11.18 26.92
N ALA S 18 -25.82 -11.99 27.18
CA ALA S 18 -27.19 -11.49 27.10
C ALA S 18 -27.46 -10.33 28.05
N PRO S 19 -27.00 -10.34 29.31
CA PRO S 19 -27.08 -9.10 30.10
C PRO S 19 -26.30 -7.94 29.49
N ASN S 20 -25.12 -8.23 28.93
CA ASN S 20 -24.37 -7.19 28.23
C ASN S 20 -25.11 -6.71 26.99
N LEU S 21 -25.80 -7.60 26.28
CA LEU S 21 -26.57 -7.19 25.12
C LEU S 21 -27.73 -6.29 25.51
N MET S 22 -28.32 -6.54 26.68
CA MET S 22 -29.41 -5.70 27.14
C MET S 22 -28.92 -4.31 27.54
N LEU S 23 -27.66 -4.21 27.98
CA LEU S 23 -27.09 -2.92 28.36
C LEU S 23 -26.48 -2.19 27.17
N TRP S 24 -26.12 -2.90 26.10
CA TRP S 24 -25.81 -2.27 24.82
C TRP S 24 -27.05 -2.08 23.97
N GLY S 25 -28.09 -2.89 24.19
CA GLY S 25 -29.41 -2.54 23.74
C GLY S 25 -30.01 -1.34 24.45
N GLY S 26 -29.42 -0.94 25.57
CA GLY S 26 -29.71 0.33 26.20
C GLY S 26 -28.75 1.43 25.75
N ALA S 27 -27.51 1.06 25.45
CA ALA S 27 -26.48 2.04 25.12
C ALA S 27 -26.85 2.89 23.91
N SER S 28 -27.72 2.39 23.02
CA SER S 28 -28.26 3.17 21.91
C SER S 28 -29.67 3.69 22.15
N MET S 29 -30.42 3.12 23.10
CA MET S 29 -31.57 3.84 23.64
C MET S 29 -31.11 5.19 24.19
N LEU S 30 -29.93 5.19 24.80
CA LEU S 30 -29.37 6.38 25.42
C LEU S 30 -28.69 7.27 24.38
N GLY S 31 -28.20 6.67 23.29
CA GLY S 31 -27.72 7.46 22.17
C GLY S 31 -28.86 8.04 21.34
N LEU S 32 -30.01 7.35 21.33
CA LEU S 32 -31.14 7.82 20.55
C LEU S 32 -31.71 9.12 21.10
N PHE S 33 -31.75 9.26 22.43
CA PHE S 33 -32.34 10.45 23.04
C PHE S 33 -31.47 11.67 22.86
N VAL S 34 -30.20 11.41 22.62
CA VAL S 34 -29.27 12.48 22.28
C VAL S 34 -29.24 12.59 20.75
N PHE S 35 -29.71 11.61 19.94
CA PHE S 35 -29.60 11.58 18.48
C PHE S 35 -30.53 12.57 17.80
N THR S 36 -31.77 12.70 18.29
CA THR S 36 -32.81 13.45 17.60
C THR S 36 -33.52 14.52 18.41
N GLU S 37 -33.43 14.47 19.73
CA GLU S 37 -34.03 15.51 20.57
C GLU S 37 -33.46 16.85 20.06
N GLY S 38 -34.28 17.73 19.51
CA GLY S 38 -33.71 18.92 18.92
C GLY S 38 -34.37 19.21 17.58
N TRP S 39 -34.94 18.17 16.96
CA TRP S 39 -36.02 18.34 16.01
C TRP S 39 -37.12 17.40 16.49
N PRO S 40 -38.41 17.78 16.40
CA PRO S 40 -39.43 17.09 17.20
C PRO S 40 -39.62 15.61 16.84
N LYS S 41 -39.24 14.73 17.76
CA LYS S 41 -39.53 13.30 17.66
C LYS S 41 -39.52 12.74 19.07
N PHE S 42 -40.70 12.63 19.69
CA PHE S 42 -40.81 12.23 21.08
C PHE S 42 -40.93 10.71 21.21
N GLN S 43 -40.47 10.20 22.35
CA GLN S 43 -40.43 8.77 22.64
C GLN S 43 -41.70 8.31 23.33
N ASP S 44 -42.10 7.08 23.02
CA ASP S 44 -43.03 6.30 23.82
C ASP S 44 -43.04 4.86 23.32
N THR T 2 43.51 10.97 -18.62
CA THR T 2 43.23 10.48 -17.28
C THR T 2 41.93 11.06 -16.75
N GLY T 3 41.71 12.35 -17.03
CA GLY T 3 40.63 13.11 -16.42
C GLY T 3 39.56 13.50 -17.42
N LEU T 4 38.33 13.14 -17.10
CA LEU T 4 37.15 13.71 -17.72
C LEU T 4 36.15 14.07 -16.63
N HIS T 5 35.47 15.19 -16.82
CA HIS T 5 34.67 15.81 -15.78
C HIS T 5 33.19 15.50 -15.96
N PHE T 6 32.45 15.58 -14.87
CA PHE T 6 31.13 14.96 -14.82
C PHE T 6 30.42 15.41 -13.56
N GLY T 7 29.09 15.35 -13.62
CA GLY T 7 28.24 15.51 -12.46
C GLY T 7 27.26 14.36 -12.40
N ARG T 8 27.77 13.15 -12.71
CA ARG T 8 27.02 11.94 -13.06
C ARG T 8 26.60 11.97 -14.54
N LEU T 9 27.02 12.98 -15.30
CA LEU T 9 26.57 13.24 -16.67
C LEU T 9 27.76 13.57 -17.58
N SER T 10 28.75 12.67 -17.64
CA SER T 10 30.06 12.90 -18.24
C SER T 10 30.07 13.62 -19.59
N LEU T 11 31.12 14.41 -19.83
CA LEU T 11 31.23 15.26 -21.02
C LEU T 11 31.04 14.46 -22.32
N ARG T 12 31.57 13.24 -22.40
CA ARG T 12 31.28 12.39 -23.55
C ARG T 12 30.13 11.42 -23.29
N SER T 13 29.52 11.47 -22.11
CA SER T 13 28.12 11.06 -21.97
C SER T 13 27.16 12.15 -22.40
N LEU T 14 27.65 13.37 -22.69
CA LEU T 14 26.82 14.41 -23.28
C LEU T 14 26.73 14.30 -24.80
N THR T 15 27.83 13.93 -25.47
CA THR T 15 27.91 13.98 -26.93
C THR T 15 27.82 12.60 -27.58
N ALA T 16 27.49 11.56 -26.80
CA ALA T 16 26.92 10.33 -27.34
C ALA T 16 25.40 10.36 -27.32
N TYR T 17 24.81 11.39 -26.69
CA TYR T 17 23.37 11.62 -26.70
C TYR T 17 23.03 12.99 -27.30
N ALA T 18 24.02 13.84 -27.58
CA ALA T 18 23.73 15.17 -28.14
C ALA T 18 23.05 15.12 -29.50
N PRO T 19 23.41 14.23 -30.43
CA PRO T 19 22.55 14.10 -31.63
C PRO T 19 21.11 13.75 -31.28
N ASN T 20 20.91 12.73 -30.45
CA ASN T 20 19.58 12.33 -30.04
C ASN T 20 18.86 13.43 -29.26
N LEU T 21 19.59 14.38 -28.66
CA LEU T 21 18.94 15.57 -28.11
C LEU T 21 18.35 16.42 -29.22
N MET T 22 19.11 16.61 -30.30
CA MET T 22 18.57 17.31 -31.47
C MET T 22 17.36 16.58 -32.02
N LEU T 23 17.40 15.24 -31.99
CA LEU T 23 16.33 14.45 -32.58
C LEU T 23 15.07 14.49 -31.71
N TRP T 24 15.24 14.50 -30.38
CA TRP T 24 14.10 14.60 -29.47
C TRP T 24 13.68 16.05 -29.23
N GLY T 25 14.59 17.00 -29.42
CA GLY T 25 14.15 18.36 -29.63
C GLY T 25 13.21 18.46 -30.81
N GLY T 26 13.50 17.70 -31.88
CA GLY T 26 12.54 17.53 -32.95
C GLY T 26 11.29 16.81 -32.50
N ALA T 27 11.44 15.69 -31.76
CA ALA T 27 10.29 14.88 -31.37
C ALA T 27 9.25 15.67 -30.58
N SER T 28 9.66 16.78 -29.96
CA SER T 28 8.73 17.71 -29.34
C SER T 28 8.30 18.83 -30.29
N MET T 29 9.16 19.23 -31.23
CA MET T 29 8.71 20.06 -32.33
C MET T 29 7.60 19.34 -33.10
N LEU T 30 7.85 18.07 -33.38
CA LEU T 30 6.84 17.22 -34.02
C LEU T 30 5.59 17.12 -33.16
N GLY T 31 5.74 17.23 -31.83
CA GLY T 31 4.67 16.88 -30.93
C GLY T 31 3.65 17.97 -30.68
N LEU T 32 3.99 19.23 -30.98
CA LEU T 32 3.08 20.35 -30.70
C LEU T 32 2.56 21.06 -31.94
N PHE T 33 3.28 21.04 -33.07
CA PHE T 33 2.71 21.61 -34.29
C PHE T 33 1.73 20.65 -34.92
N VAL T 34 1.67 19.41 -34.43
CA VAL T 34 0.41 18.68 -34.51
C VAL T 34 -0.61 19.31 -33.56
N PHE T 35 -0.22 19.50 -32.30
CA PHE T 35 -1.15 19.76 -31.21
C PHE T 35 -1.96 21.05 -31.33
N THR T 36 -1.46 22.10 -32.02
CA THR T 36 -2.08 23.42 -31.93
C THR T 36 -2.37 24.07 -33.28
N GLU T 37 -2.59 23.29 -34.33
CA GLU T 37 -3.30 23.82 -35.49
C GLU T 37 -4.80 23.66 -35.26
N GLY T 38 -5.56 24.69 -35.66
CA GLY T 38 -6.95 24.84 -35.29
C GLY T 38 -7.15 25.83 -34.17
N TRP T 39 -6.21 25.88 -33.24
CA TRP T 39 -6.06 27.02 -32.36
C TRP T 39 -5.90 28.27 -33.23
N PRO T 40 -6.80 29.28 -33.14
CA PRO T 40 -6.77 30.35 -34.16
C PRO T 40 -5.51 31.20 -34.22
N LYS T 41 -4.57 31.04 -33.29
CA LYS T 41 -3.39 31.91 -33.28
C LYS T 41 -2.37 31.50 -34.33
N PHE T 42 -1.80 30.30 -34.17
CA PHE T 42 -0.58 29.96 -34.90
C PHE T 42 -0.81 29.76 -36.39
N GLN T 43 -2.07 29.76 -36.85
CA GLN T 43 -2.45 29.64 -38.26
C GLN T 43 -1.62 30.49 -39.23
N ASP T 44 -1.06 31.59 -38.73
CA ASP T 44 -0.26 32.53 -39.55
C ASP T 44 0.75 31.74 -40.39
N THR T 45 1.53 30.86 -39.76
CA THR T 45 2.62 30.11 -40.45
C THR T 45 2.47 28.60 -40.19
N LEU T 46 1.26 28.06 -40.12
CA LEU T 46 1.06 26.61 -40.03
C LEU T 46 0.47 26.02 -41.29
N TYR T 47 -0.17 26.82 -42.15
CA TYR T 47 -0.50 26.45 -43.51
C TYR T 47 0.26 27.32 -44.52
N LYS T 48 1.50 27.65 -44.18
CA LYS T 48 2.45 28.14 -45.18
C LYS T 48 2.92 27.03 -46.11
N LYS T 49 2.55 25.77 -45.84
CA LYS T 49 3.02 24.63 -46.62
C LYS T 49 2.67 24.76 -48.09
N ILE T 50 3.26 23.90 -48.91
CA ILE T 50 3.14 24.01 -50.36
C ILE T 50 1.70 23.66 -50.77
N PRO T 51 1.13 22.51 -50.35
CA PRO T 51 -0.31 22.32 -50.50
C PRO T 51 -1.07 22.74 -49.25
N LEU T 52 -2.40 22.70 -49.32
CA LEU T 52 -3.24 22.83 -48.14
C LEU T 52 -3.09 24.19 -47.46
#